data_1UW6
#
_entry.id   1UW6
#
_cell.length_a   233.000
_cell.length_b   267.422
_cell.length_c   73.139
_cell.angle_alpha   90.00
_cell.angle_beta   90.00
_cell.angle_gamma   90.00
#
_symmetry.space_group_name_H-M   'P 21 21 2'
#
loop_
_entity.id
_entity.type
_entity.pdbx_description
1 polymer 'ACETYLCHOLINE-BINDING PROTEIN'
2 non-polymer (S)-3-(1-METHYLPYRROLIDIN-2-YL)PYRIDINE
3 water water
#
_entity_poly.entity_id   1
_entity_poly.type   'polypeptide(L)'
_entity_poly.pdbx_seq_one_letter_code
;EFDRADILYNIRQTSRPDVIPTQRDRPVAVSVSLKFINILEVNEITNEVDVVFWQQTTWSDRTLAWNSSHSPDQVSVPIS
SLWVPDLAAYNAISKPEVLTPQLARVVSDGEVLYMPSIRQRFSCDVSGVDTESGATCRIKIGSWTHHSREISVDPTTENS
DDSEYFSQYSRFEILDVTQKKNSVTYSCCPEAYEDVEVSLNFRKKGRSEIL
;
_entity_poly.pdbx_strand_id   A,B,C,D,E,F,G,H,I,J,K,L,M,N,O,P,Q,R,S,T
#
# COMPACT_ATOMS: atom_id res chain seq x y z
N GLU A 1 23.24 -62.85 9.60
CA GLU A 1 23.30 -61.53 8.88
C GLU A 1 22.86 -60.29 9.69
N PHE A 2 23.74 -59.31 9.71
CA PHE A 2 23.44 -57.98 10.23
C PHE A 2 23.45 -57.06 9.02
N ASP A 3 22.61 -56.04 9.01
CA ASP A 3 22.81 -54.98 8.02
C ASP A 3 23.60 -53.82 8.65
N ARG A 4 23.86 -52.81 7.83
CA ARG A 4 24.66 -51.68 8.28
C ARG A 4 24.06 -51.01 9.49
N ALA A 5 22.75 -50.83 9.47
CA ALA A 5 22.01 -50.25 10.60
C ALA A 5 22.25 -51.03 11.90
N ASP A 6 22.19 -52.36 11.84
CA ASP A 6 22.45 -53.22 13.00
C ASP A 6 23.90 -53.07 13.51
N ILE A 7 24.84 -53.13 12.58
CA ILE A 7 26.25 -53.00 12.93
C ILE A 7 26.49 -51.69 13.66
N LEU A 8 25.99 -50.61 13.07
CA LEU A 8 26.19 -49.29 13.65
C LEU A 8 25.47 -49.08 14.98
N TYR A 9 24.25 -49.60 15.09
CA TYR A 9 23.54 -49.58 16.34
C TYR A 9 24.37 -50.29 17.44
N ASN A 10 24.79 -51.51 17.14
CA ASN A 10 25.52 -52.30 18.11
C ASN A 10 26.79 -51.62 18.59
N ILE A 11 27.49 -50.97 17.67
CA ILE A 11 28.72 -50.24 17.98
C ILE A 11 28.36 -49.01 18.81
N ARG A 12 27.38 -48.25 18.38
CA ARG A 12 27.00 -47.10 19.18
C ARG A 12 26.61 -47.52 20.60
N GLN A 13 25.81 -48.59 20.71
CA GLN A 13 25.36 -49.07 22.01
C GLN A 13 26.52 -49.59 22.89
N THR A 14 27.62 -50.06 22.32
CA THR A 14 28.64 -50.77 23.14
C THR A 14 30.10 -50.33 23.04
N SER A 15 30.38 -49.36 22.18
CA SER A 15 31.71 -48.77 22.11
C SER A 15 31.83 -48.03 23.46
N ARG A 16 32.97 -48.23 24.10
CA ARG A 16 33.30 -47.41 25.25
C ARG A 16 34.41 -46.47 24.78
N PRO A 17 34.03 -45.31 24.28
CA PRO A 17 34.99 -44.38 23.64
C PRO A 17 36.11 -43.82 24.54
N ASP A 18 35.87 -43.86 25.84
CA ASP A 18 36.89 -43.42 26.78
C ASP A 18 37.71 -44.59 27.31
N VAL A 19 37.51 -45.78 26.74
CA VAL A 19 38.24 -46.97 27.19
C VAL A 19 39.27 -47.46 26.15
N ILE A 20 40.56 -47.34 26.46
CA ILE A 20 41.62 -47.84 25.60
C ILE A 20 41.47 -49.36 25.44
N PRO A 21 41.44 -49.86 24.20
CA PRO A 21 41.14 -51.28 23.92
C PRO A 21 42.33 -52.19 24.14
N THR A 22 42.84 -52.12 25.35
CA THR A 22 43.98 -52.90 25.76
C THR A 22 43.53 -54.38 25.88
N GLN A 23 44.32 -55.33 25.44
CA GLN A 23 44.00 -56.74 25.59
C GLN A 23 45.14 -57.37 26.38
N ARG A 24 44.85 -57.89 27.57
CA ARG A 24 45.80 -58.68 28.39
C ARG A 24 47.13 -57.96 28.75
N ASP A 25 46.97 -56.69 29.17
CA ASP A 25 48.10 -55.81 29.55
C ASP A 25 49.19 -55.61 28.47
N ARG A 26 48.75 -55.59 27.20
CA ARG A 26 49.64 -55.35 26.07
C ARG A 26 49.33 -53.94 25.65
N PRO A 27 50.30 -53.23 25.10
CA PRO A 27 50.00 -51.93 24.53
C PRO A 27 49.10 -52.04 23.29
N VAL A 28 48.24 -51.05 23.05
CA VAL A 28 47.57 -50.92 21.77
C VAL A 28 48.62 -50.45 20.77
N ALA A 29 48.88 -51.27 19.76
CA ALA A 29 49.75 -50.87 18.65
C ALA A 29 49.02 -49.90 17.72
N VAL A 30 49.51 -48.66 17.66
CA VAL A 30 48.97 -47.63 16.77
C VAL A 30 49.98 -47.34 15.66
N SER A 31 49.56 -47.44 14.40
CA SER A 31 50.40 -47.00 13.28
C SER A 31 50.01 -45.61 12.85
N VAL A 32 51.01 -44.76 12.59
CA VAL A 32 50.77 -43.40 12.12
C VAL A 32 51.67 -43.15 10.96
N SER A 33 51.17 -42.36 10.02
CA SER A 33 51.90 -42.02 8.81
C SER A 33 51.22 -40.75 8.33
N LEU A 34 52.03 -39.75 7.95
CA LEU A 34 51.53 -38.46 7.48
C LEU A 34 51.70 -38.46 5.97
N LYS A 35 50.62 -38.17 5.24
CA LYS A 35 50.72 -37.98 3.80
C LYS A 35 50.57 -36.50 3.57
N PHE A 36 51.66 -35.83 3.20
CA PHE A 36 51.64 -34.41 2.98
C PHE A 36 50.87 -34.03 1.72
N ILE A 37 49.97 -33.07 1.89
CA ILE A 37 49.15 -32.57 0.77
C ILE A 37 49.59 -31.19 0.29
N ASN A 38 50.03 -30.36 1.23
CA ASN A 38 50.38 -28.99 0.91
C ASN A 38 51.27 -28.35 1.98
N ILE A 39 52.11 -27.43 1.56
CA ILE A 39 52.85 -26.58 2.48
C ILE A 39 52.43 -25.18 2.11
N LEU A 40 51.76 -24.51 3.04
CA LEU A 40 51.03 -23.28 2.73
C LEU A 40 51.84 -22.04 3.01
N GLU A 41 52.65 -22.11 4.05
CA GLU A 41 53.40 -20.94 4.48
C GLU A 41 54.62 -21.44 5.20
N VAL A 42 55.71 -20.73 4.97
CA VAL A 42 56.98 -21.06 5.56
C VAL A 42 57.59 -19.73 5.96
N ASN A 43 58.22 -19.71 7.13
CA ASN A 43 58.88 -18.52 7.60
C ASN A 43 60.25 -18.89 8.13
N GLU A 44 61.28 -18.50 7.38
CA GLU A 44 62.65 -18.85 7.73
C GLU A 44 63.20 -18.04 8.92
N ILE A 45 62.61 -16.87 9.17
CA ILE A 45 62.99 -16.05 10.32
C ILE A 45 62.46 -16.69 11.62
N THR A 46 61.16 -17.01 11.66
CA THR A 46 60.56 -17.54 12.87
C THR A 46 60.66 -19.04 13.02
N ASN A 47 61.16 -19.73 12.00
CA ASN A 47 61.14 -21.19 11.96
C ASN A 47 59.76 -21.81 12.16
N GLU A 48 58.80 -21.38 11.37
CA GLU A 48 57.44 -21.86 11.51
C GLU A 48 56.99 -22.30 10.13
N VAL A 49 56.14 -23.34 10.06
CA VAL A 49 55.55 -23.83 8.82
C VAL A 49 54.07 -24.15 9.04
N ASP A 50 53.29 -23.92 7.99
CA ASP A 50 51.85 -24.19 7.97
C ASP A 50 51.64 -25.32 6.94
N VAL A 51 51.15 -26.47 7.39
CA VAL A 51 51.09 -27.67 6.53
C VAL A 51 49.71 -28.35 6.50
N VAL A 52 49.41 -29.06 5.41
CA VAL A 52 48.19 -29.86 5.34
C VAL A 52 48.64 -31.31 5.09
N PHE A 53 48.20 -32.25 5.92
CA PHE A 53 48.60 -33.64 5.78
C PHE A 53 47.43 -34.54 6.13
N TRP A 54 47.34 -35.69 5.47
CA TRP A 54 46.44 -36.75 5.92
C TRP A 54 47.14 -37.56 7.04
N GLN A 55 46.55 -37.60 8.22
CA GLN A 55 47.19 -38.32 9.30
C GLN A 55 46.63 -39.73 9.39
N GLN A 56 47.24 -40.64 8.64
CA GLN A 56 46.71 -41.97 8.51
C GLN A 56 46.95 -42.72 9.82
N THR A 57 45.87 -43.18 10.45
CA THR A 57 45.98 -43.74 11.79
C THR A 57 45.24 -45.05 11.89
N THR A 58 45.94 -46.04 12.41
CA THR A 58 45.49 -47.38 12.31
C THR A 58 45.70 -48.08 13.65
N TRP A 59 44.69 -48.83 14.07
CA TRP A 59 44.78 -49.65 15.27
C TRP A 59 43.68 -50.70 15.30
N SER A 60 43.81 -51.61 16.25
CA SER A 60 42.83 -52.66 16.42
C SER A 60 42.00 -52.51 17.70
N ASP A 61 40.68 -52.68 17.58
CA ASP A 61 39.79 -52.67 18.76
C ASP A 61 38.80 -53.83 18.63
N ARG A 62 39.13 -54.92 19.31
CA ARG A 62 38.39 -56.17 19.26
C ARG A 62 36.96 -56.10 19.81
N THR A 63 36.68 -55.10 20.65
CA THR A 63 35.32 -54.91 21.15
C THR A 63 34.38 -54.44 20.03
N LEU A 64 34.92 -54.00 18.90
CA LEU A 64 34.08 -53.52 17.80
C LEU A 64 33.72 -54.64 16.84
N ALA A 65 34.42 -55.78 16.96
CA ALA A 65 34.28 -56.86 16.00
C ALA A 65 32.87 -57.42 15.91
N TRP A 66 32.53 -57.93 14.73
CA TRP A 66 31.27 -58.62 14.53
C TRP A 66 31.44 -59.72 13.48
N ASN A 67 30.55 -60.69 13.53
CA ASN A 67 30.56 -61.80 12.57
C ASN A 67 30.01 -61.35 11.20
N SER A 68 30.83 -61.36 10.16
CA SER A 68 30.39 -60.89 8.86
C SER A 68 30.43 -61.93 7.76
N SER A 69 30.20 -63.21 8.10
CA SER A 69 30.12 -64.26 7.09
C SER A 69 28.99 -63.94 6.10
N HIS A 70 27.92 -63.35 6.61
CA HIS A 70 26.80 -62.95 5.75
C HIS A 70 26.35 -61.50 5.98
N SER A 71 27.31 -60.62 6.26
CA SER A 71 27.07 -59.21 6.56
C SER A 71 28.14 -58.31 5.88
N PRO A 72 27.86 -57.02 5.70
CA PRO A 72 28.93 -56.08 5.31
C PRO A 72 30.11 -56.20 6.28
N ASP A 73 31.32 -56.13 5.75
CA ASP A 73 32.49 -56.35 6.59
C ASP A 73 33.24 -55.05 6.95
N GLN A 74 32.71 -53.91 6.49
CA GLN A 74 33.22 -52.57 6.86
C GLN A 74 32.11 -51.56 6.97
N VAL A 75 32.28 -50.62 7.88
CA VAL A 75 31.36 -49.50 7.99
C VAL A 75 32.14 -48.22 8.30
N SER A 76 31.53 -47.08 8.02
CA SER A 76 32.01 -45.79 8.51
C SER A 76 31.31 -45.42 9.83
N VAL A 77 32.09 -44.99 10.81
CA VAL A 77 31.60 -44.73 12.16
C VAL A 77 32.12 -43.36 12.65
N PRO A 78 31.22 -42.50 13.17
CA PRO A 78 31.64 -41.22 13.74
C PRO A 78 32.69 -41.50 14.86
N ILE A 79 33.80 -40.79 14.89
CA ILE A 79 34.81 -41.04 15.92
C ILE A 79 34.29 -40.78 17.34
N SER A 80 33.20 -40.04 17.46
CA SER A 80 32.57 -39.85 18.75
C SER A 80 32.02 -41.15 19.32
N SER A 81 31.80 -42.15 18.48
CA SER A 81 31.34 -43.46 18.95
C SER A 81 32.48 -44.48 19.19
N LEU A 82 33.71 -44.08 18.96
CA LEU A 82 34.88 -44.98 19.03
C LEU A 82 35.93 -44.43 19.99
N TRP A 83 36.68 -45.29 20.65
CA TRP A 83 37.95 -44.87 21.23
C TRP A 83 38.92 -44.55 20.10
N VAL A 84 39.61 -43.43 20.24
CA VAL A 84 40.60 -42.97 19.26
C VAL A 84 41.87 -42.64 20.05
N PRO A 85 43.04 -42.97 19.51
CA PRO A 85 44.29 -42.68 20.24
C PRO A 85 44.43 -41.17 20.47
N ASP A 86 44.90 -40.77 21.65
CA ASP A 86 45.05 -39.38 22.01
C ASP A 86 46.40 -38.81 21.50
N LEU A 87 46.58 -38.86 20.17
CA LEU A 87 47.82 -38.40 19.55
C LEU A 87 47.93 -36.88 19.55
N ALA A 88 49.14 -36.38 19.70
CA ALA A 88 49.37 -34.95 19.56
C ALA A 88 50.72 -34.71 18.93
N ALA A 89 50.84 -33.63 18.16
CA ALA A 89 52.14 -33.25 17.62
C ALA A 89 52.78 -32.37 18.70
N TYR A 90 53.97 -32.77 19.19
CA TYR A 90 54.69 -32.04 20.27
C TYR A 90 55.24 -30.65 19.91
N ASN A 91 55.49 -30.41 18.63
CA ASN A 91 55.98 -29.10 18.18
C ASN A 91 54.91 -28.28 17.42
N ALA A 92 53.64 -28.68 17.56
CA ALA A 92 52.56 -27.91 16.96
C ALA A 92 52.39 -26.60 17.77
N ILE A 93 52.14 -25.53 17.04
CA ILE A 93 51.92 -24.22 17.63
C ILE A 93 50.56 -23.69 17.26
N SER A 94 49.73 -24.52 16.64
CA SER A 94 48.31 -24.18 16.52
C SER A 94 47.52 -25.45 16.75
N LYS A 95 46.22 -25.29 16.95
CA LYS A 95 45.47 -26.52 17.13
C LYS A 95 45.20 -27.16 15.78
N PRO A 96 45.08 -28.47 15.81
CA PRO A 96 44.89 -29.25 14.58
C PRO A 96 43.51 -28.89 14.02
N GLU A 97 43.48 -28.22 12.88
CA GLU A 97 42.25 -27.98 12.15
C GLU A 97 41.94 -29.21 11.27
N VAL A 98 40.91 -29.97 11.62
CA VAL A 98 40.46 -31.11 10.83
C VAL A 98 39.56 -30.63 9.68
N LEU A 99 39.98 -30.92 8.46
CA LEU A 99 39.28 -30.40 7.30
C LEU A 99 38.18 -31.33 6.77
N THR A 100 38.13 -32.58 7.24
CA THR A 100 37.33 -33.63 6.64
C THR A 100 36.28 -34.13 7.63
N PRO A 101 35.20 -34.78 7.12
CA PRO A 101 34.23 -35.46 8.02
C PRO A 101 34.95 -36.42 9.00
N GLN A 102 34.52 -36.38 10.24
CA GLN A 102 35.25 -37.08 11.29
C GLN A 102 34.70 -38.50 11.49
N LEU A 103 34.93 -39.33 10.48
CA LEU A 103 34.45 -40.70 10.41
C LEU A 103 35.65 -41.60 10.33
N ALA A 104 35.59 -42.72 11.04
CA ALA A 104 36.59 -43.76 10.86
C ALA A 104 35.98 -44.93 10.12
N ARG A 105 36.82 -45.69 9.43
CA ARG A 105 36.41 -46.91 8.82
C ARG A 105 36.74 -48.11 9.73
N VAL A 106 35.74 -48.92 10.05
CA VAL A 106 35.87 -50.04 10.98
C VAL A 106 35.61 -51.34 10.21
N VAL A 107 36.56 -52.27 10.30
CA VAL A 107 36.44 -53.58 9.65
C VAL A 107 35.89 -54.56 10.66
N SER A 108 35.20 -55.60 10.19
CA SER A 108 34.54 -56.57 11.11
C SER A 108 35.44 -57.33 12.06
N ASP A 109 36.76 -57.33 11.82
CA ASP A 109 37.69 -57.94 12.77
C ASP A 109 38.15 -56.96 13.86
N GLY A 110 37.66 -55.72 13.79
CA GLY A 110 37.99 -54.69 14.75
C GLY A 110 39.12 -53.76 14.33
N GLU A 111 39.63 -53.88 13.11
CA GLU A 111 40.64 -52.91 12.61
C GLU A 111 39.96 -51.59 12.30
N VAL A 112 40.61 -50.51 12.68
CA VAL A 112 40.10 -49.16 12.49
C VAL A 112 41.12 -48.38 11.68
N LEU A 113 40.64 -47.62 10.70
CA LEU A 113 41.43 -46.65 9.97
C LEU A 113 40.75 -45.29 10.12
N TYR A 114 41.45 -44.35 10.75
CA TYR A 114 40.97 -42.98 10.84
C TYR A 114 42.00 -42.14 10.12
N MET A 115 41.58 -41.37 9.11
CA MET A 115 42.52 -40.61 8.27
C MET A 115 42.01 -39.22 7.98
N PRO A 116 42.04 -38.34 8.98
CA PRO A 116 41.59 -36.97 8.80
C PRO A 116 42.62 -36.15 8.00
N SER A 117 42.17 -35.16 7.23
CA SER A 117 43.05 -34.18 6.63
C SER A 117 43.17 -33.05 7.64
N ILE A 118 44.39 -32.72 8.01
CA ILE A 118 44.64 -31.74 9.08
C ILE A 118 45.47 -30.60 8.56
N ARG A 119 45.04 -29.37 8.87
CA ARG A 119 45.89 -28.21 8.71
C ARG A 119 46.43 -27.77 10.06
N GLN A 120 47.75 -27.64 10.17
CA GLN A 120 48.34 -27.29 11.48
C GLN A 120 49.65 -26.53 11.26
N ARG A 121 50.02 -25.65 12.20
CA ARG A 121 51.32 -24.97 12.16
C ARG A 121 52.37 -25.56 13.15
N PHE A 122 53.61 -25.66 12.69
CA PHE A 122 54.68 -26.25 13.49
C PHE A 122 55.84 -25.31 13.68
N SER A 123 56.53 -25.51 14.79
CA SER A 123 57.82 -24.91 15.01
C SER A 123 58.86 -25.98 14.63
N CYS A 124 59.73 -25.64 13.67
CA CYS A 124 60.73 -26.59 13.19
C CYS A 124 61.76 -25.88 12.31
N ASP A 125 62.81 -26.61 11.95
CA ASP A 125 63.95 -26.07 11.23
C ASP A 125 63.59 -25.75 9.77
N VAL A 126 63.47 -24.47 9.46
CA VAL A 126 63.10 -24.04 8.11
C VAL A 126 64.35 -23.59 7.32
N SER A 127 65.50 -23.65 7.96
CA SER A 127 66.73 -23.19 7.35
C SER A 127 67.08 -24.03 6.10
N GLY A 128 67.52 -23.36 5.05
CA GLY A 128 67.84 -24.02 3.80
C GLY A 128 66.67 -24.23 2.86
N VAL A 129 65.49 -23.75 3.22
CA VAL A 129 64.28 -23.99 2.41
C VAL A 129 64.41 -23.54 0.93
N ASP A 130 65.13 -22.46 0.64
CA ASP A 130 65.30 -22.04 -0.77
C ASP A 130 66.65 -22.43 -1.35
N THR A 131 67.21 -23.54 -0.91
CA THR A 131 68.38 -24.09 -1.59
C THR A 131 67.95 -25.44 -2.11
N GLU A 132 68.87 -26.12 -2.79
CA GLU A 132 68.62 -27.39 -3.46
C GLU A 132 68.62 -28.56 -2.51
N SER A 133 69.35 -28.42 -1.41
CA SER A 133 69.36 -29.42 -0.36
C SER A 133 68.07 -29.31 0.45
N GLY A 134 67.44 -28.14 0.43
CA GLY A 134 66.17 -27.90 1.10
C GLY A 134 66.24 -27.85 2.62
N ALA A 135 65.07 -27.68 3.24
CA ALA A 135 64.94 -27.64 4.69
C ALA A 135 64.46 -29.00 5.15
N THR A 136 64.74 -29.34 6.41
CA THR A 136 64.18 -30.55 7.04
C THR A 136 63.38 -30.21 8.31
N CYS A 137 62.07 -30.27 8.18
CA CYS A 137 61.15 -30.01 9.27
C CYS A 137 60.77 -31.35 9.92
N ARG A 138 60.99 -31.46 11.22
CA ARG A 138 60.72 -32.68 11.97
C ARG A 138 59.42 -32.51 12.73
N ILE A 139 58.50 -33.46 12.56
CA ILE A 139 57.23 -33.39 13.28
C ILE A 139 57.15 -34.61 14.23
N LYS A 140 56.92 -34.33 15.51
CA LYS A 140 56.97 -35.36 16.53
C LYS A 140 55.55 -35.65 17.03
N ILE A 141 55.07 -36.88 16.81
CA ILE A 141 53.70 -37.27 17.16
C ILE A 141 53.71 -38.45 18.10
N GLY A 142 52.94 -38.38 19.18
CA GLY A 142 52.84 -39.48 20.10
C GLY A 142 51.63 -39.37 20.97
N SER A 143 51.32 -40.40 21.75
CA SER A 143 50.22 -40.31 22.70
C SER A 143 50.53 -39.26 23.75
N TRP A 144 49.56 -38.42 24.04
CA TRP A 144 49.75 -37.39 25.02
C TRP A 144 49.78 -37.92 26.45
N THR A 145 48.96 -38.93 26.76
CA THR A 145 48.79 -39.42 28.13
C THR A 145 49.01 -40.91 28.32
N HIS A 146 49.27 -41.67 27.25
CA HIS A 146 49.47 -43.12 27.42
C HIS A 146 50.93 -43.51 27.21
N HIS A 147 51.60 -44.00 28.24
CA HIS A 147 52.99 -44.45 28.10
C HIS A 147 53.11 -45.74 27.29
N SER A 148 54.34 -46.22 27.15
CA SER A 148 54.66 -47.33 26.24
C SER A 148 54.04 -48.68 26.58
N ARG A 149 53.57 -48.86 27.80
CA ARG A 149 52.89 -50.11 28.14
C ARG A 149 51.41 -50.07 27.73
N GLU A 150 50.95 -48.90 27.25
CA GLU A 150 49.54 -48.71 26.94
C GLU A 150 49.34 -48.42 25.46
N ILE A 151 50.23 -47.59 24.89
CA ILE A 151 50.23 -47.29 23.47
C ILE A 151 51.66 -47.33 22.94
N SER A 152 51.88 -48.16 21.91
CA SER A 152 53.08 -48.00 21.09
C SER A 152 52.68 -47.33 19.78
N VAL A 153 53.60 -46.51 19.27
CA VAL A 153 53.37 -45.83 18.00
C VAL A 153 54.47 -46.25 17.06
N ASP A 154 54.06 -46.61 15.86
CA ASP A 154 54.97 -47.23 14.95
C ASP A 154 54.70 -46.63 13.59
N PRO A 155 55.75 -46.21 12.89
CA PRO A 155 55.60 -45.76 11.51
C PRO A 155 55.33 -46.96 10.63
N THR A 156 54.53 -46.78 9.60
CA THR A 156 54.39 -47.80 8.56
C THR A 156 54.65 -47.20 7.19
N THR A 157 55.15 -48.02 6.27
CA THR A 157 55.57 -47.56 4.94
C THR A 157 54.79 -48.26 3.84
N GLU A 158 54.49 -47.50 2.79
CA GLU A 158 54.07 -48.06 1.51
C GLU A 158 55.14 -47.71 0.47
N ASN A 159 55.11 -48.36 -0.70
CA ASN A 159 56.06 -48.08 -1.77
C ASN A 159 55.73 -46.84 -2.57
N SER A 160 54.66 -46.15 -2.18
CA SER A 160 54.19 -44.95 -2.88
C SER A 160 55.17 -43.79 -2.74
N ASP A 161 55.20 -42.91 -3.76
CA ASP A 161 55.98 -41.68 -3.75
C ASP A 161 55.39 -40.72 -2.70
N ASP A 162 56.26 -39.94 -2.05
CA ASP A 162 55.83 -39.09 -0.93
C ASP A 162 54.93 -37.98 -1.44
N SER A 163 54.98 -37.73 -2.74
CA SER A 163 54.27 -36.65 -3.42
C SER A 163 52.97 -37.13 -4.10
N GLU A 164 52.63 -38.40 -3.93
CA GLU A 164 51.51 -39.00 -4.66
C GLU A 164 50.28 -38.10 -4.59
N TYR A 165 50.01 -37.64 -3.38
CA TYR A 165 48.95 -36.68 -3.15
C TYR A 165 49.44 -35.27 -2.83
N PHE A 166 50.75 -34.96 -2.91
CA PHE A 166 51.19 -33.59 -2.67
C PHE A 166 50.69 -32.75 -3.83
N SER A 167 50.12 -31.60 -3.52
CA SER A 167 49.67 -30.65 -4.54
C SER A 167 50.73 -30.16 -5.53
N GLN A 168 50.46 -30.32 -6.82
CA GLN A 168 51.38 -29.85 -7.88
C GLN A 168 51.37 -28.32 -8.01
N TYR A 169 50.47 -27.69 -7.24
CA TYR A 169 50.28 -26.24 -7.28
C TYR A 169 50.84 -25.54 -6.07
N SER A 170 51.34 -26.30 -5.11
CA SER A 170 52.19 -25.75 -4.09
C SER A 170 53.43 -25.00 -4.63
N ARG A 171 53.92 -24.06 -3.83
CA ARG A 171 55.16 -23.32 -4.10
C ARG A 171 56.38 -24.10 -3.66
N PHE A 172 56.12 -25.21 -2.96
CA PHE A 172 57.16 -26.10 -2.46
C PHE A 172 57.06 -27.48 -3.11
N GLU A 173 58.17 -28.20 -3.09
CA GLU A 173 58.26 -29.58 -3.53
C GLU A 173 58.90 -30.39 -2.40
N ILE A 174 58.48 -31.66 -2.32
CA ILE A 174 59.01 -32.58 -1.32
C ILE A 174 60.14 -33.36 -1.91
N LEU A 175 61.26 -33.38 -1.22
CA LEU A 175 62.44 -34.13 -1.62
C LEU A 175 62.45 -35.50 -1.01
N ASP A 176 62.04 -35.59 0.25
CA ASP A 176 62.06 -36.84 1.00
C ASP A 176 61.22 -36.74 2.28
N VAL A 177 60.59 -37.86 2.64
CA VAL A 177 59.93 -38.04 3.94
C VAL A 177 60.49 -39.31 4.61
N THR A 178 61.10 -39.15 5.79
CA THR A 178 61.56 -40.29 6.60
C THR A 178 60.96 -40.25 8.02
N GLN A 179 61.02 -41.36 8.75
CA GLN A 179 60.41 -41.44 10.08
C GLN A 179 61.22 -42.28 11.04
N LYS A 180 61.28 -41.83 12.29
CA LYS A 180 62.09 -42.47 13.34
C LYS A 180 61.14 -42.72 14.50
N LYS A 181 61.31 -43.82 15.21
CA LYS A 181 60.51 -44.08 16.39
C LYS A 181 61.36 -43.68 17.59
N ASN A 182 60.74 -43.06 18.60
CA ASN A 182 61.46 -42.78 19.83
C ASN A 182 60.68 -43.12 21.06
N SER A 183 61.39 -43.25 22.15
CA SER A 183 60.84 -43.56 23.46
C SER A 183 61.43 -42.51 24.39
N VAL A 184 60.59 -41.60 24.88
CA VAL A 184 61.09 -40.51 25.71
C VAL A 184 60.46 -40.47 27.10
N THR A 185 61.25 -40.06 28.09
CA THR A 185 60.85 -39.88 29.49
C THR A 185 60.87 -38.36 29.75
N TYR A 186 59.77 -37.86 30.31
CA TYR A 186 59.63 -36.42 30.54
C TYR A 186 59.75 -36.17 32.03
N SER A 187 59.82 -34.92 32.45
CA SER A 187 60.14 -34.66 33.85
C SER A 187 58.94 -34.92 34.74
N CYS A 188 57.75 -34.72 34.18
CA CYS A 188 56.48 -34.86 34.91
C CYS A 188 56.21 -36.27 35.48
N CYS A 189 56.78 -37.27 34.80
CA CYS A 189 56.33 -38.67 34.92
C CYS A 189 57.47 -39.66 34.81
N PRO A 190 57.37 -40.79 35.51
CA PRO A 190 58.41 -41.84 35.49
C PRO A 190 58.35 -42.83 34.30
N GLU A 191 57.38 -42.69 33.40
CA GLU A 191 57.29 -43.69 32.34
C GLU A 191 57.78 -43.17 31.00
N ALA A 192 58.13 -44.09 30.09
CA ALA A 192 58.52 -43.74 28.73
C ALA A 192 57.28 -43.60 27.85
N TYR A 193 57.28 -42.58 27.01
CA TYR A 193 56.20 -42.38 26.02
C TYR A 193 56.78 -42.49 24.65
N GLU A 194 56.09 -43.24 23.78
CA GLU A 194 56.59 -43.41 22.40
C GLU A 194 56.15 -42.27 21.49
N ASP A 195 57.01 -41.93 20.54
CA ASP A 195 56.65 -41.00 19.50
C ASP A 195 57.16 -41.46 18.13
N VAL A 196 56.54 -40.98 17.07
CA VAL A 196 57.16 -41.08 15.75
C VAL A 196 57.59 -39.68 15.35
N GLU A 197 58.83 -39.53 14.92
CA GLU A 197 59.33 -38.31 14.29
C GLU A 197 59.28 -38.40 12.78
N VAL A 198 58.55 -37.47 12.18
CA VAL A 198 58.43 -37.45 10.73
C VAL A 198 59.26 -36.32 10.13
N SER A 199 60.25 -36.67 9.32
CA SER A 199 61.17 -35.67 8.79
C SER A 199 60.84 -35.33 7.35
N LEU A 200 60.36 -34.11 7.14
CA LEU A 200 59.90 -33.64 5.84
C LEU A 200 61.02 -32.82 5.25
N ASN A 201 61.63 -33.34 4.19
CA ASN A 201 62.69 -32.64 3.48
C ASN A 201 62.06 -31.97 2.26
N PHE A 202 62.07 -30.63 2.26
CA PHE A 202 61.36 -29.90 1.23
C PHE A 202 62.08 -28.64 0.86
N ARG A 203 61.76 -28.12 -0.33
CA ARG A 203 62.32 -26.85 -0.76
C ARG A 203 61.32 -26.04 -1.57
N LYS A 204 61.66 -24.77 -1.76
CA LYS A 204 60.84 -23.88 -2.56
C LYS A 204 61.04 -24.21 -4.02
N LYS A 205 59.97 -24.23 -4.79
CA LYS A 205 60.12 -24.47 -6.22
C LYS A 205 60.84 -23.27 -6.81
N GLY A 206 61.37 -23.46 -8.01
CA GLY A 206 61.88 -22.33 -8.78
C GLY A 206 60.78 -21.26 -8.72
N ARG A 207 61.17 -20.02 -8.43
CA ARG A 207 60.21 -18.94 -8.38
C ARG A 207 59.50 -18.63 -9.72
N SER A 208 60.08 -19.09 -10.84
CA SER A 208 59.50 -18.82 -12.17
C SER A 208 58.69 -19.99 -12.75
N GLU B 1 39.64 -57.75 41.08
CA GLU B 1 40.25 -57.23 39.82
C GLU B 1 39.24 -56.30 39.15
N PHE B 2 39.62 -55.04 39.01
CA PHE B 2 38.94 -54.16 38.10
C PHE B 2 39.81 -54.08 36.87
N ASP B 3 39.22 -54.09 35.70
CA ASP B 3 39.97 -53.74 34.50
C ASP B 3 39.74 -52.25 34.19
N ARG B 4 40.45 -51.72 33.18
CA ARG B 4 40.34 -50.32 32.83
C ARG B 4 38.90 -49.88 32.52
N ALA B 5 38.16 -50.73 31.83
CA ALA B 5 36.75 -50.45 31.58
C ALA B 5 35.95 -50.23 32.84
N ASP B 6 36.13 -51.08 33.85
CA ASP B 6 35.46 -50.97 35.16
C ASP B 6 35.85 -49.72 35.88
N ILE B 7 37.15 -49.43 35.95
CA ILE B 7 37.65 -48.19 36.58
C ILE B 7 36.98 -46.97 35.93
N LEU B 8 37.02 -46.89 34.62
CA LEU B 8 36.52 -45.73 33.92
C LEU B 8 35.00 -45.61 33.98
N TYR B 9 34.31 -46.75 34.01
CA TYR B 9 32.87 -46.79 34.23
C TYR B 9 32.53 -46.20 35.59
N ASN B 10 33.20 -46.69 36.63
CA ASN B 10 32.94 -46.26 38.01
C ASN B 10 33.20 -44.76 38.21
N ILE B 11 34.31 -44.25 37.66
CA ILE B 11 34.60 -42.83 37.68
C ILE B 11 33.51 -42.02 36.95
N ARG B 12 33.23 -42.41 35.72
CA ARG B 12 32.24 -41.71 34.92
C ARG B 12 30.86 -41.71 35.59
N GLN B 13 30.41 -42.88 36.07
CA GLN B 13 29.05 -43.00 36.65
C GLN B 13 28.88 -42.25 37.94
N THR B 14 29.97 -42.03 38.67
CA THR B 14 29.86 -41.39 40.00
C THR B 14 30.48 -40.04 40.00
N SER B 15 30.97 -39.62 38.84
CA SER B 15 31.75 -38.37 38.72
C SER B 15 30.87 -37.17 39.06
N ARG B 16 31.44 -36.25 39.84
CA ARG B 16 30.73 -35.02 40.15
C ARG B 16 31.68 -33.88 39.83
N PRO B 17 31.79 -33.57 38.55
CA PRO B 17 32.81 -32.62 38.08
C PRO B 17 32.57 -31.23 38.62
N ASP B 18 31.36 -30.97 39.09
CA ASP B 18 30.99 -29.69 39.65
C ASP B 18 31.48 -29.54 41.12
N VAL B 19 31.96 -30.61 41.73
CA VAL B 19 32.17 -30.59 43.18
C VAL B 19 33.64 -30.58 43.54
N ILE B 20 34.11 -29.45 44.06
CA ILE B 20 35.50 -29.34 44.53
C ILE B 20 35.82 -30.44 45.60
N PRO B 21 36.86 -31.25 45.40
CA PRO B 21 37.11 -32.40 46.25
C PRO B 21 37.77 -32.02 47.56
N THR B 22 37.10 -31.11 48.25
CA THR B 22 37.53 -30.64 49.56
C THR B 22 37.54 -31.84 50.55
N GLN B 23 38.73 -32.06 51.12
CA GLN B 23 39.03 -33.11 52.11
C GLN B 23 38.92 -32.53 53.54
N ARG B 24 37.81 -32.82 54.20
CA ARG B 24 37.53 -32.34 55.57
C ARG B 24 37.69 -30.79 55.75
N ASP B 25 38.57 -30.34 56.65
CA ASP B 25 38.71 -28.88 56.90
C ASP B 25 39.69 -28.06 55.97
N ARG B 26 39.90 -28.51 54.73
CA ARG B 26 41.12 -28.16 54.02
C ARG B 26 40.89 -27.66 52.61
N PRO B 27 41.71 -26.70 52.18
CA PRO B 27 41.75 -26.32 50.76
C PRO B 27 42.34 -27.46 49.94
N VAL B 28 41.82 -27.64 48.73
CA VAL B 28 42.47 -28.52 47.74
C VAL B 28 43.80 -27.90 47.32
N ALA B 29 44.88 -28.62 47.58
CA ALA B 29 46.23 -28.16 47.23
C ALA B 29 46.49 -28.44 45.77
N VAL B 30 46.60 -27.36 44.98
CA VAL B 30 46.81 -27.50 43.55
C VAL B 30 48.24 -27.06 43.25
N SER B 31 48.97 -27.86 42.45
CA SER B 31 50.31 -27.46 42.03
C SER B 31 50.26 -27.12 40.57
N VAL B 32 50.91 -26.02 40.23
CA VAL B 32 50.96 -25.51 38.86
C VAL B 32 52.38 -25.22 38.48
N SER B 33 52.68 -25.50 37.23
CA SER B 33 54.00 -25.26 36.67
C SER B 33 53.82 -25.10 35.14
N LEU B 34 54.44 -24.06 34.57
CA LEU B 34 54.35 -23.81 33.15
C LEU B 34 55.64 -24.22 32.49
N LYS B 35 55.57 -25.14 31.54
CA LYS B 35 56.75 -25.57 30.80
C LYS B 35 56.66 -24.90 29.45
N PHE B 36 57.54 -23.94 29.22
CA PHE B 36 57.48 -23.14 28.02
C PHE B 36 58.05 -23.88 26.84
N ILE B 37 57.30 -23.88 25.75
CA ILE B 37 57.64 -24.63 24.55
C ILE B 37 58.04 -23.66 23.45
N ASN B 38 57.28 -22.59 23.31
CA ASN B 38 57.54 -21.63 22.27
C ASN B 38 57.03 -20.24 22.54
N ILE B 39 57.74 -19.26 22.02
CA ILE B 39 57.31 -17.89 22.09
C ILE B 39 57.12 -17.54 20.61
N LEU B 40 55.87 -17.33 20.21
CA LEU B 40 55.54 -17.12 18.80
C LEU B 40 55.51 -15.69 18.31
N GLU B 41 55.22 -14.75 19.21
CA GLU B 41 55.14 -13.36 18.84
C GLU B 41 55.34 -12.49 20.07
N VAL B 42 56.05 -11.40 19.85
CA VAL B 42 56.40 -10.49 20.89
C VAL B 42 56.19 -9.09 20.28
N ASN B 43 55.57 -8.20 21.05
CA ASN B 43 55.40 -6.84 20.60
C ASN B 43 55.80 -5.86 21.67
N GLU B 44 56.93 -5.17 21.45
CA GLU B 44 57.54 -4.32 22.46
C GLU B 44 56.78 -3.00 22.59
N ILE B 45 56.12 -2.59 21.51
CA ILE B 45 55.26 -1.40 21.54
C ILE B 45 53.99 -1.64 22.37
N THR B 46 53.31 -2.76 22.16
CA THR B 46 52.04 -3.03 22.83
C THR B 46 52.23 -3.81 24.11
N ASN B 47 53.41 -4.37 24.32
CA ASN B 47 53.68 -5.16 25.55
C ASN B 47 52.80 -6.43 25.57
N GLU B 48 52.83 -7.17 24.48
CA GLU B 48 52.01 -8.35 24.32
C GLU B 48 52.88 -9.46 23.82
N VAL B 49 52.64 -10.68 24.29
CA VAL B 49 53.39 -11.84 23.87
C VAL B 49 52.40 -12.97 23.60
N ASP B 50 52.71 -13.80 22.64
CA ASP B 50 51.95 -15.02 22.26
C ASP B 50 52.84 -16.20 22.61
N VAL B 51 52.35 -17.11 23.46
CA VAL B 51 53.19 -18.20 23.99
C VAL B 51 52.52 -19.57 23.97
N VAL B 52 53.32 -20.62 23.88
CA VAL B 52 52.84 -21.98 23.98
C VAL B 52 53.54 -22.67 25.12
N PHE B 53 52.75 -23.23 26.04
CA PHE B 53 53.32 -23.91 27.20
C PHE B 53 52.49 -25.09 27.61
N TRP B 54 53.13 -26.06 28.23
CA TRP B 54 52.43 -27.12 28.93
C TRP B 54 52.10 -26.69 30.36
N GLN B 55 50.81 -26.66 30.69
CA GLN B 55 50.39 -26.23 32.03
C GLN B 55 50.25 -27.46 32.93
N GLN B 56 51.35 -27.87 33.55
CA GLN B 56 51.36 -29.02 34.42
C GLN B 56 50.55 -28.73 35.70
N THR B 57 49.43 -29.43 35.85
CA THR B 57 48.50 -29.21 36.94
C THR B 57 48.21 -30.47 37.71
N THR B 58 48.37 -30.37 39.01
CA THR B 58 48.35 -31.53 39.87
C THR B 58 47.47 -31.25 41.09
N TRP B 59 46.69 -32.25 41.49
CA TRP B 59 45.85 -32.17 42.69
C TRP B 59 45.34 -33.53 43.02
N SER B 60 44.74 -33.63 44.19
CA SER B 60 44.27 -34.91 44.68
C SER B 60 42.74 -34.88 44.77
N ASP B 61 42.13 -35.97 44.36
CA ASP B 61 40.68 -36.15 44.54
C ASP B 61 40.41 -37.57 45.01
N ARG B 62 40.20 -37.74 46.32
CA ARG B 62 40.04 -39.08 46.90
C ARG B 62 38.73 -39.76 46.47
N THR B 63 37.73 -39.00 46.05
CA THR B 63 36.51 -39.66 45.51
C THR B 63 36.82 -40.53 44.26
N LEU B 64 37.95 -40.30 43.60
CA LEU B 64 38.32 -41.05 42.39
C LEU B 64 39.05 -42.38 42.72
N ALA B 65 39.50 -42.51 43.95
CA ALA B 65 40.37 -43.60 44.35
C ALA B 65 39.73 -44.97 44.19
N TRP B 66 40.55 -45.96 43.90
CA TRP B 66 40.09 -47.35 43.86
C TRP B 66 41.20 -48.26 44.37
N ASN B 67 40.81 -49.43 44.84
CA ASN B 67 41.76 -50.45 45.25
C ASN B 67 42.41 -51.10 44.04
N SER B 68 43.70 -50.88 43.86
CA SER B 68 44.40 -51.50 42.75
C SER B 68 45.48 -52.50 43.18
N SER B 69 45.16 -53.30 44.19
CA SER B 69 46.01 -54.43 44.59
C SER B 69 46.16 -55.45 43.44
N HIS B 70 45.07 -55.63 42.70
CA HIS B 70 45.09 -56.53 41.57
C HIS B 70 44.49 -55.88 40.32
N SER B 71 44.74 -54.57 40.13
CA SER B 71 44.17 -53.77 39.02
C SER B 71 45.20 -52.76 38.48
N PRO B 72 44.98 -52.23 37.26
CA PRO B 72 45.79 -51.10 36.77
C PRO B 72 45.74 -49.99 37.80
N ASP B 73 46.84 -49.30 38.01
CA ASP B 73 46.84 -48.28 39.04
C ASP B 73 46.73 -46.84 38.50
N GLN B 74 46.60 -46.70 37.18
CA GLN B 74 46.45 -45.39 36.51
C GLN B 74 45.58 -45.53 35.29
N VAL B 75 44.80 -44.51 34.98
CA VAL B 75 44.04 -44.44 33.75
C VAL B 75 44.01 -42.99 33.22
N SER B 76 43.73 -42.86 31.94
CA SER B 76 43.45 -41.56 31.32
C SER B 76 41.94 -41.28 31.31
N VAL B 77 41.54 -40.11 31.76
CA VAL B 77 40.13 -39.78 31.94
C VAL B 77 39.79 -38.45 31.28
N PRO B 78 38.69 -38.40 30.51
CA PRO B 78 38.30 -37.12 29.91
C PRO B 78 38.11 -36.11 31.06
N ILE B 79 38.57 -34.89 30.91
CA ILE B 79 38.37 -33.92 32.00
C ILE B 79 36.91 -33.55 32.26
N SER B 80 36.01 -33.78 31.27
CA SER B 80 34.59 -33.63 31.48
C SER B 80 34.02 -34.62 32.50
N SER B 81 34.74 -35.70 32.77
CA SER B 81 34.32 -36.59 33.84
C SER B 81 34.98 -36.26 35.21
N LEU B 82 35.79 -35.23 35.26
CA LEU B 82 36.55 -34.94 36.50
C LEU B 82 36.26 -33.55 36.98
N TRP B 83 36.32 -33.31 38.30
CA TRP B 83 36.50 -31.90 38.74
C TRP B 83 37.90 -31.44 38.38
N VAL B 84 38.01 -30.20 37.92
CA VAL B 84 39.28 -29.61 37.50
C VAL B 84 39.31 -28.21 38.10
N PRO B 85 40.46 -27.77 38.60
CA PRO B 85 40.55 -26.44 39.20
C PRO B 85 40.24 -25.37 38.16
N ASP B 86 39.52 -24.33 38.58
CA ASP B 86 39.10 -23.24 37.69
C ASP B 86 40.25 -22.20 37.60
N LEU B 87 41.41 -22.63 37.15
CA LEU B 87 42.52 -21.73 36.97
C LEU B 87 42.37 -20.72 35.85
N ALA B 88 42.82 -19.50 36.13
CA ALA B 88 42.87 -18.52 35.03
C ALA B 88 44.14 -17.71 35.07
N ALA B 89 44.64 -17.30 33.90
CA ALA B 89 45.78 -16.36 33.88
C ALA B 89 45.20 -14.97 33.89
N TYR B 90 45.52 -14.20 34.94
CA TYR B 90 44.91 -12.88 35.15
C TYR B 90 45.32 -11.83 34.10
N ASN B 91 46.48 -12.02 33.50
CA ASN B 91 46.92 -11.04 32.48
C ASN B 91 46.75 -11.55 31.04
N ALA B 92 45.99 -12.63 30.89
CA ALA B 92 45.71 -13.18 29.55
C ALA B 92 44.80 -12.21 28.76
N ILE B 93 45.09 -12.05 27.48
CA ILE B 93 44.25 -11.21 26.63
C ILE B 93 43.64 -12.04 25.48
N SER B 94 43.81 -13.36 25.55
CA SER B 94 43.05 -14.25 24.68
C SER B 94 42.57 -15.40 25.52
N LYS B 95 41.53 -16.13 25.12
CA LYS B 95 41.13 -17.28 25.94
C LYS B 95 42.05 -18.45 25.63
N PRO B 96 42.38 -19.30 26.60
CA PRO B 96 43.37 -20.39 26.36
C PRO B 96 42.94 -21.32 25.19
N GLU B 97 43.85 -21.53 24.25
CA GLU B 97 43.68 -22.45 23.13
C GLU B 97 44.41 -23.73 23.56
N VAL B 98 43.64 -24.76 23.89
CA VAL B 98 44.19 -26.06 24.23
C VAL B 98 44.56 -26.86 22.94
N LEU B 99 45.81 -27.21 22.80
CA LEU B 99 46.27 -27.87 21.58
C LEU B 99 46.26 -29.40 21.65
N THR B 100 46.02 -29.97 22.82
CA THR B 100 46.18 -31.39 23.03
C THR B 100 44.87 -32.04 23.46
N PRO B 101 44.77 -33.36 23.31
CA PRO B 101 43.61 -34.11 23.83
C PRO B 101 43.34 -33.81 25.31
N GLN B 102 42.07 -33.56 25.64
CA GLN B 102 41.72 -33.08 26.96
C GLN B 102 41.48 -34.24 27.93
N LEU B 103 42.59 -34.94 28.23
CA LEU B 103 42.59 -36.08 29.12
C LEU B 103 43.49 -35.83 30.33
N ALA B 104 43.05 -36.26 31.50
CA ALA B 104 43.88 -36.23 32.66
C ALA B 104 44.34 -37.67 33.01
N ARG B 105 45.43 -37.76 33.74
CA ARG B 105 45.93 -39.03 34.21
C ARG B 105 45.53 -39.12 35.68
N VAL B 106 44.85 -40.20 36.03
CA VAL B 106 44.35 -40.38 37.37
C VAL B 106 44.94 -41.66 37.97
N VAL B 107 45.59 -41.52 39.13
CA VAL B 107 46.21 -42.61 39.84
C VAL B 107 45.22 -43.19 40.83
N SER B 108 45.38 -44.47 41.20
CA SER B 108 44.43 -45.14 42.08
C SER B 108 44.28 -44.55 43.50
N ASP B 109 45.21 -43.70 43.91
CA ASP B 109 45.07 -43.04 45.22
C ASP B 109 44.31 -41.71 45.09
N GLY B 110 43.91 -41.35 43.88
CA GLY B 110 43.18 -40.13 43.69
C GLY B 110 44.01 -38.97 43.18
N GLU B 111 45.31 -39.18 42.95
CA GLU B 111 46.18 -38.11 42.40
C GLU B 111 45.87 -37.91 40.94
N VAL B 112 45.77 -36.66 40.53
CA VAL B 112 45.44 -36.34 39.16
C VAL B 112 46.52 -35.47 38.59
N LEU B 113 46.88 -35.73 37.33
CA LEU B 113 47.77 -34.88 36.54
C LEU B 113 47.03 -34.49 35.26
N TYR B 114 46.84 -33.20 35.08
CA TYR B 114 46.27 -32.66 33.85
C TYR B 114 47.33 -31.71 33.29
N MET B 115 47.86 -32.01 32.11
CA MET B 115 48.94 -31.23 31.52
C MET B 115 48.68 -30.83 30.05
N PRO B 116 47.71 -29.94 29.81
CA PRO B 116 47.40 -29.51 28.42
C PRO B 116 48.53 -28.64 27.84
N SER B 117 48.77 -28.73 26.54
CA SER B 117 49.51 -27.69 25.83
C SER B 117 48.57 -26.53 25.47
N ILE B 118 48.95 -25.32 25.85
CA ILE B 118 48.11 -24.14 25.74
C ILE B 118 48.84 -23.07 24.92
N ARG B 119 48.11 -22.49 23.98
CA ARG B 119 48.57 -21.30 23.31
C ARG B 119 47.72 -20.14 23.82
N GLN B 120 48.36 -19.08 24.28
CA GLN B 120 47.59 -17.98 24.82
C GLN B 120 48.37 -16.71 24.64
N ARG B 121 47.69 -15.58 24.65
CA ARG B 121 48.36 -14.30 24.49
C ARG B 121 48.32 -13.51 25.85
N PHE B 122 49.35 -12.75 26.16
CA PHE B 122 49.40 -12.13 27.48
C PHE B 122 49.83 -10.68 27.30
N SER B 123 49.40 -9.84 28.26
CA SER B 123 49.85 -8.49 28.44
C SER B 123 50.92 -8.57 29.53
N CYS B 124 52.14 -8.14 29.22
CA CYS B 124 53.23 -8.12 30.19
C CYS B 124 54.38 -7.29 29.69
N ASP B 125 55.43 -7.19 30.52
CA ASP B 125 56.59 -6.35 30.26
C ASP B 125 57.51 -6.99 29.22
N VAL B 126 57.43 -6.48 28.00
CA VAL B 126 58.26 -6.93 26.90
C VAL B 126 59.51 -6.06 26.71
N SER B 127 59.66 -4.99 27.49
CA SER B 127 60.84 -4.12 27.36
C SER B 127 62.12 -4.89 27.65
N GLY B 128 63.14 -4.62 26.84
CA GLY B 128 64.43 -5.24 26.94
C GLY B 128 64.56 -6.59 26.26
N VAL B 129 63.52 -7.01 25.55
CA VAL B 129 63.49 -8.32 24.91
C VAL B 129 64.62 -8.47 23.88
N ASP B 130 64.98 -7.36 23.27
CA ASP B 130 66.06 -7.38 22.32
C ASP B 130 67.36 -6.87 22.94
N THR B 131 67.57 -7.12 24.24
CA THR B 131 68.85 -6.76 24.90
C THR B 131 69.51 -8.01 25.50
N GLU B 132 70.77 -7.90 25.98
CA GLU B 132 71.42 -9.04 26.65
C GLU B 132 70.72 -9.55 27.95
N SER B 133 70.15 -8.67 28.77
CA SER B 133 69.49 -9.12 30.01
C SER B 133 68.07 -9.55 29.77
N GLY B 134 67.56 -9.25 28.58
CA GLY B 134 66.26 -9.73 28.15
C GLY B 134 65.04 -9.07 28.79
N ALA B 135 63.87 -9.53 28.36
CA ALA B 135 62.64 -9.05 28.97
C ALA B 135 62.24 -10.02 30.10
N THR B 136 61.41 -9.56 31.02
CA THR B 136 60.83 -10.44 32.02
C THR B 136 59.30 -10.28 31.99
N CYS B 137 58.63 -11.31 31.46
CA CYS B 137 57.19 -11.36 31.35
C CYS B 137 56.63 -12.18 32.50
N ARG B 138 55.71 -11.57 33.24
CA ARG B 138 55.13 -12.21 34.40
C ARG B 138 53.73 -12.70 34.10
N ILE B 139 53.50 -14.00 34.34
CA ILE B 139 52.20 -14.58 34.17
C ILE B 139 51.59 -15.00 35.49
N LYS B 140 50.39 -14.48 35.78
CA LYS B 140 49.76 -14.68 37.08
C LYS B 140 48.59 -15.67 36.96
N ILE B 141 48.70 -16.80 37.64
CA ILE B 141 47.67 -17.84 37.54
C ILE B 141 47.08 -18.19 38.87
N GLY B 142 45.73 -18.24 38.93
CA GLY B 142 45.07 -18.59 40.17
C GLY B 142 43.65 -19.06 39.98
N SER B 143 43.02 -19.52 41.07
CA SER B 143 41.65 -19.98 40.92
C SER B 143 40.85 -18.71 40.73
N TRP B 144 39.99 -18.71 39.72
CA TRP B 144 39.09 -17.60 39.44
C TRP B 144 38.02 -17.36 40.48
N THR B 145 37.42 -18.43 41.03
CA THR B 145 36.35 -18.27 42.02
C THR B 145 36.54 -18.92 43.40
N HIS B 146 37.68 -19.55 43.68
CA HIS B 146 37.83 -20.28 44.95
C HIS B 146 38.93 -19.61 45.77
N HIS B 147 38.54 -19.11 46.92
CA HIS B 147 39.47 -18.40 47.76
C HIS B 147 40.45 -19.33 48.52
N SER B 148 41.29 -18.72 49.39
CA SER B 148 42.42 -19.48 49.98
C SER B 148 41.98 -20.66 50.84
N ARG B 149 40.77 -20.67 51.34
CA ARG B 149 40.33 -21.82 52.15
C ARG B 149 39.77 -22.99 51.31
N GLU B 150 39.65 -22.77 50.00
CA GLU B 150 39.06 -23.76 49.12
C GLU B 150 40.10 -24.30 48.15
N ILE B 151 40.91 -23.41 47.58
CA ILE B 151 42.06 -23.77 46.78
C ILE B 151 43.35 -23.02 47.22
N SER B 152 44.42 -23.77 47.44
CA SER B 152 45.75 -23.19 47.47
C SER B 152 46.54 -23.55 46.22
N VAL B 153 47.28 -22.58 45.70
CA VAL B 153 48.12 -22.83 44.55
C VAL B 153 49.57 -22.72 44.92
N ASP B 154 50.33 -23.75 44.58
CA ASP B 154 51.77 -23.76 44.77
C ASP B 154 52.47 -24.15 43.47
N PRO B 155 53.72 -23.70 43.29
CA PRO B 155 54.52 -24.23 42.18
C PRO B 155 54.86 -25.68 42.51
N THR B 156 54.87 -26.56 41.51
CA THR B 156 55.35 -27.94 41.67
C THR B 156 56.67 -27.92 42.42
N THR B 157 56.77 -28.78 43.43
CA THR B 157 57.83 -28.71 44.44
C THR B 157 59.25 -29.07 43.93
N GLU B 158 59.30 -29.70 42.75
CA GLU B 158 60.54 -30.01 42.03
C GLU B 158 61.44 -28.78 41.81
N ASN B 159 62.76 -29.01 41.79
CA ASN B 159 63.76 -28.02 41.36
C ASN B 159 63.55 -27.58 39.90
N SER B 160 62.64 -28.27 39.18
CA SER B 160 62.75 -28.52 37.74
C SER B 160 62.91 -27.31 36.80
N ASP B 161 63.52 -27.59 35.64
CA ASP B 161 63.70 -26.61 34.58
C ASP B 161 62.41 -26.43 33.76
N ASP B 162 61.74 -25.29 33.94
CA ASP B 162 60.59 -24.97 33.11
C ASP B 162 60.93 -24.47 31.68
N SER B 163 62.21 -24.42 31.34
CA SER B 163 62.61 -24.04 29.99
C SER B 163 63.26 -25.20 29.24
N GLU B 164 63.15 -26.39 29.83
CA GLU B 164 63.81 -27.60 29.31
C GLU B 164 63.33 -28.06 27.92
N TYR B 165 62.03 -27.91 27.64
CA TYR B 165 61.38 -28.46 26.45
C TYR B 165 61.16 -27.36 25.41
N PHE B 166 61.81 -26.24 25.63
CA PHE B 166 61.65 -25.08 24.77
C PHE B 166 62.24 -25.35 23.40
N SER B 167 61.54 -24.90 22.36
CA SER B 167 61.96 -25.19 20.99
C SER B 167 63.34 -24.58 20.65
N GLN B 168 64.24 -25.40 20.10
CA GLN B 168 65.52 -24.88 19.59
C GLN B 168 65.38 -24.02 18.32
N TYR B 169 64.19 -24.03 17.72
CA TYR B 169 63.95 -23.33 16.47
C TYR B 169 63.32 -21.98 16.68
N SER B 170 62.85 -21.73 17.90
CA SER B 170 62.38 -20.41 18.27
C SER B 170 63.37 -19.30 17.94
N ARG B 171 62.83 -18.10 17.74
CA ARG B 171 63.61 -16.91 17.51
C ARG B 171 64.13 -16.40 18.85
N PHE B 172 63.61 -17.00 19.93
CA PHE B 172 63.88 -16.52 21.29
C PHE B 172 64.69 -17.55 22.05
N GLU B 173 65.31 -17.14 23.14
CA GLU B 173 65.85 -18.09 24.09
C GLU B 173 65.44 -17.69 25.50
N ILE B 174 65.21 -18.69 26.35
CA ILE B 174 64.83 -18.48 27.72
C ILE B 174 66.07 -18.42 28.61
N LEU B 175 66.18 -17.37 29.40
CA LEU B 175 67.33 -17.18 30.28
C LEU B 175 67.06 -17.76 31.65
N ASP B 176 65.81 -17.68 32.09
CA ASP B 176 65.39 -18.07 33.43
C ASP B 176 63.87 -18.08 33.56
N VAL B 177 63.38 -19.02 34.35
CA VAL B 177 62.01 -19.07 34.81
C VAL B 177 61.98 -19.15 36.35
N THR B 178 61.34 -18.17 37.01
CA THR B 178 61.11 -18.25 38.46
C THR B 178 59.64 -18.15 38.81
N GLN B 179 59.29 -18.59 40.02
CA GLN B 179 57.91 -18.56 40.53
C GLN B 179 57.83 -17.94 41.93
N LYS B 180 56.67 -17.36 42.26
CA LYS B 180 56.45 -16.78 43.59
C LYS B 180 54.97 -16.96 43.87
N LYS B 181 54.61 -17.39 45.07
CA LYS B 181 53.19 -17.45 45.42
C LYS B 181 52.81 -16.07 45.90
N ASN B 182 51.61 -15.61 45.54
CA ASN B 182 51.04 -14.42 46.18
C ASN B 182 49.68 -14.75 46.69
N SER B 183 49.07 -13.85 47.47
CA SER B 183 47.69 -14.03 47.85
C SER B 183 47.05 -12.67 47.96
N VAL B 184 45.97 -12.47 47.21
CA VAL B 184 45.42 -11.13 47.09
C VAL B 184 43.92 -11.05 47.32
N THR B 185 43.53 -9.86 47.75
CA THR B 185 42.16 -9.51 47.95
C THR B 185 41.74 -8.63 46.76
N TYR B 186 40.46 -8.72 46.38
CA TYR B 186 39.88 -7.91 45.30
C TYR B 186 38.74 -7.18 45.86
N SER B 187 38.40 -6.04 45.24
CA SER B 187 37.32 -5.18 45.71
C SER B 187 35.98 -5.89 45.82
N CYS B 188 35.82 -6.94 45.03
CA CYS B 188 34.55 -7.61 44.90
C CYS B 188 34.14 -8.45 46.11
N CYS B 189 35.13 -8.92 46.87
CA CYS B 189 34.93 -10.07 47.74
C CYS B 189 35.82 -9.96 48.97
N PRO B 190 35.38 -10.46 50.12
CA PRO B 190 36.16 -10.27 51.36
C PRO B 190 37.34 -11.25 51.55
N GLU B 191 37.45 -12.28 50.73
CA GLU B 191 38.53 -13.23 51.02
C GLU B 191 39.77 -13.16 50.12
N ALA B 192 40.82 -13.77 50.58
CA ALA B 192 42.06 -13.78 49.83
C ALA B 192 42.05 -14.92 48.81
N TYR B 193 42.60 -14.62 47.64
CA TYR B 193 42.74 -15.62 46.56
C TYR B 193 44.22 -15.89 46.29
N GLU B 194 44.59 -17.14 46.17
CA GLU B 194 45.97 -17.46 45.86
C GLU B 194 46.31 -17.48 44.37
N ASP B 195 47.53 -17.04 44.08
CA ASP B 195 48.06 -17.13 42.74
C ASP B 195 49.52 -17.56 42.70
N VAL B 196 49.91 -18.14 41.56
CA VAL B 196 51.34 -18.24 41.29
C VAL B 196 51.72 -17.24 40.18
N GLU B 197 52.80 -16.50 40.41
CA GLU B 197 53.37 -15.63 39.38
C GLU B 197 54.54 -16.29 38.76
N VAL B 198 54.48 -16.53 37.46
CA VAL B 198 55.58 -17.16 36.73
C VAL B 198 56.30 -16.10 35.91
N SER B 199 57.56 -15.87 36.26
CA SER B 199 58.40 -14.87 35.60
C SER B 199 59.31 -15.52 34.56
N LEU B 200 59.02 -15.23 33.29
CA LEU B 200 59.73 -15.76 32.16
C LEU B 200 60.74 -14.68 31.67
N ASN B 201 62.01 -14.96 31.89
CA ASN B 201 63.09 -14.08 31.47
C ASN B 201 63.62 -14.62 30.14
N PHE B 202 63.39 -13.86 29.07
CA PHE B 202 63.74 -14.30 27.72
C PHE B 202 64.25 -13.14 26.84
N ARG B 203 64.86 -13.43 25.69
CA ARG B 203 65.29 -12.38 24.75
C ARG B 203 65.34 -12.91 23.30
N LYS B 204 65.37 -12.03 22.30
CA LYS B 204 65.57 -12.53 20.94
C LYS B 204 67.03 -13.02 20.78
N LYS B 205 67.23 -13.95 19.84
CA LYS B 205 68.54 -14.45 19.55
C LYS B 205 69.16 -13.45 18.58
N GLY B 206 70.47 -13.57 18.36
CA GLY B 206 71.18 -12.74 17.38
C GLY B 206 71.09 -13.35 15.99
N GLU C 1 22.02 -29.98 57.71
CA GLU C 1 23.42 -30.28 57.27
C GLU C 1 23.49 -30.73 55.79
N PHE C 2 24.20 -29.93 54.98
CA PHE C 2 24.53 -30.27 53.61
C PHE C 2 26.03 -30.11 53.42
N ASP C 3 26.62 -30.97 52.60
CA ASP C 3 27.97 -30.70 52.12
C ASP C 3 27.88 -30.03 50.74
N ARG C 4 29.03 -29.65 50.20
CA ARG C 4 29.09 -28.97 48.92
C ARG C 4 28.39 -29.78 47.83
N ALA C 5 28.64 -31.09 47.77
CA ALA C 5 28.00 -32.01 46.85
C ALA C 5 26.48 -31.93 46.89
N ASP C 6 25.92 -31.92 48.11
CA ASP C 6 24.47 -31.80 48.25
C ASP C 6 23.93 -30.45 47.77
N ILE C 7 24.57 -29.37 48.23
CA ILE C 7 24.22 -28.03 47.75
C ILE C 7 24.20 -27.96 46.21
N LEU C 8 25.30 -28.38 45.57
CA LEU C 8 25.40 -28.35 44.12
C LEU C 8 24.44 -29.31 43.40
N TYR C 9 24.21 -30.47 43.97
CA TYR C 9 23.22 -31.40 43.42
C TYR C 9 21.83 -30.74 43.46
N ASN C 10 21.46 -30.23 44.64
CA ASN C 10 20.18 -29.57 44.76
C ASN C 10 20.00 -28.40 43.81
N ILE C 11 21.04 -27.59 43.65
CA ILE C 11 20.97 -26.50 42.68
C ILE C 11 20.80 -27.05 41.26
N ARG C 12 21.61 -28.04 40.90
CA ARG C 12 21.55 -28.62 39.55
C ARG C 12 20.17 -29.26 39.24
N GLN C 13 19.56 -29.89 40.24
CA GLN C 13 18.34 -30.66 40.02
C GLN C 13 17.13 -29.77 39.90
N THR C 14 17.13 -28.65 40.61
CA THR C 14 15.95 -27.79 40.64
C THR C 14 16.28 -26.49 39.91
N SER C 15 17.44 -26.49 39.21
CA SER C 15 17.81 -25.34 38.37
C SER C 15 16.72 -25.04 37.38
N ARG C 16 16.39 -23.76 37.29
CA ARG C 16 15.50 -23.27 36.23
C ARG C 16 16.25 -22.11 35.55
N PRO C 17 17.31 -22.41 34.77
CA PRO C 17 18.18 -21.36 34.20
C PRO C 17 17.46 -20.37 33.26
N ASP C 18 16.40 -20.84 32.60
CA ASP C 18 15.58 -20.01 31.71
C ASP C 18 14.56 -19.12 32.43
N VAL C 19 14.44 -19.23 33.77
CA VAL C 19 13.40 -18.49 34.51
C VAL C 19 13.97 -17.33 35.33
N ILE C 20 13.57 -16.11 34.97
CA ILE C 20 14.00 -14.93 35.69
C ILE C 20 13.49 -14.97 37.12
N PRO C 21 14.37 -14.83 38.11
CA PRO C 21 13.99 -15.04 39.51
C PRO C 21 13.25 -13.83 40.11
N THR C 22 12.18 -13.44 39.43
CA THR C 22 11.29 -12.37 39.84
C THR C 22 10.59 -12.76 41.17
N GLN C 23 10.57 -11.84 42.14
CA GLN C 23 9.96 -12.09 43.45
C GLN C 23 9.08 -10.90 43.87
N ARG C 24 7.81 -11.19 44.20
CA ARG C 24 6.75 -10.22 44.55
C ARG C 24 6.48 -9.18 43.47
N ASP C 25 6.56 -9.61 42.21
CA ASP C 25 6.29 -8.77 41.03
C ASP C 25 7.22 -7.55 40.92
N ARG C 26 8.35 -7.60 41.63
CA ARG C 26 9.37 -6.56 41.58
C ARG C 26 10.45 -6.99 40.59
N PRO C 27 11.05 -6.04 39.87
CA PRO C 27 12.12 -6.34 38.94
C PRO C 27 13.30 -7.01 39.68
N VAL C 28 14.04 -7.89 39.00
CA VAL C 28 15.33 -8.37 39.51
C VAL C 28 16.33 -7.22 39.45
N ALA C 29 16.85 -6.85 40.62
CA ALA C 29 17.83 -5.79 40.73
C ALA C 29 19.22 -6.33 40.39
N VAL C 30 19.76 -5.91 39.25
CA VAL C 30 21.06 -6.35 38.82
C VAL C 30 22.07 -5.20 38.97
N SER C 31 23.21 -5.45 39.60
CA SER C 31 24.29 -4.49 39.69
C SER C 31 25.34 -4.91 38.72
N VAL C 32 25.85 -3.93 37.98
CA VAL C 32 26.95 -4.17 37.05
C VAL C 32 28.01 -3.11 37.27
N SER C 33 29.24 -3.49 37.00
CA SER C 33 30.36 -2.60 37.18
C SER C 33 31.46 -3.23 36.33
N LEU C 34 32.14 -2.41 35.53
CA LEU C 34 33.23 -2.92 34.69
C LEU C 34 34.55 -2.55 35.31
N LYS C 35 35.44 -3.53 35.49
CA LYS C 35 36.77 -3.24 36.03
C LYS C 35 37.73 -3.39 34.87
N PHE C 36 38.24 -2.27 34.38
CA PHE C 36 39.11 -2.27 33.23
C PHE C 36 40.48 -2.81 33.56
N ILE C 37 40.93 -3.76 32.73
CA ILE C 37 42.20 -4.45 32.93
C ILE C 37 43.19 -4.01 31.87
N ASN C 38 42.68 -3.81 30.66
CA ASN C 38 43.56 -3.47 29.56
C ASN C 38 42.82 -2.86 28.41
N ILE C 39 43.51 -1.93 27.74
CA ILE C 39 43.06 -1.39 26.47
C ILE C 39 44.12 -1.83 25.46
N LEU C 40 43.72 -2.70 24.55
CA LEU C 40 44.69 -3.36 23.69
C LEU C 40 44.91 -2.67 22.35
N GLU C 41 43.86 -2.03 21.84
CA GLU C 41 43.95 -1.37 20.55
C GLU C 41 42.92 -0.26 20.51
N VAL C 42 43.31 0.83 19.87
CA VAL C 42 42.51 2.03 19.77
C VAL C 42 42.72 2.54 18.35
N ASN C 43 41.65 3.00 17.72
CA ASN C 43 41.73 3.53 16.36
C ASN C 43 40.97 4.82 16.30
N GLU C 44 41.68 5.92 16.19
CA GLU C 44 41.08 7.23 16.23
C GLU C 44 40.36 7.55 14.91
N ILE C 45 40.78 6.90 13.82
CA ILE C 45 40.11 7.07 12.53
C ILE C 45 38.74 6.38 12.54
N THR C 46 38.71 5.11 12.98
CA THR C 46 37.45 4.34 12.92
C THR C 46 36.60 4.51 14.17
N ASN C 47 37.15 5.11 15.22
CA ASN C 47 36.45 5.23 16.50
C ASN C 47 36.09 3.87 17.08
N GLU C 48 37.09 3.00 17.16
CA GLU C 48 36.92 1.65 17.70
C GLU C 48 37.99 1.42 18.77
N VAL C 49 37.64 0.63 19.76
CA VAL C 49 38.56 0.25 20.83
C VAL C 49 38.37 -1.21 21.19
N ASP C 50 39.48 -1.86 21.51
CA ASP C 50 39.53 -3.27 21.90
C ASP C 50 39.94 -3.28 23.40
N VAL C 51 39.09 -3.85 24.26
CA VAL C 51 39.25 -3.70 25.73
C VAL C 51 39.04 -5.02 26.45
N VAL C 52 39.72 -5.18 27.59
CA VAL C 52 39.56 -6.33 28.51
C VAL C 52 39.12 -5.78 29.87
N PHE C 53 38.01 -6.32 30.39
CA PHE C 53 37.39 -5.87 31.60
C PHE C 53 36.76 -7.06 32.32
N TRP C 54 36.70 -6.96 33.66
CA TRP C 54 35.95 -7.87 34.49
C TRP C 54 34.59 -7.29 34.66
N GLN C 55 33.58 -8.02 34.18
CA GLN C 55 32.21 -7.51 34.23
C GLN C 55 31.55 -8.02 35.51
N GLN C 56 31.75 -7.26 36.60
CA GLN C 56 31.24 -7.63 37.91
C GLN C 56 29.72 -7.51 37.91
N THR C 57 29.05 -8.64 38.04
CA THR C 57 27.61 -8.74 37.98
C THR C 57 26.99 -9.47 39.15
N THR C 58 25.98 -8.86 39.72
CA THR C 58 25.48 -9.22 41.01
C THR C 58 23.96 -9.15 40.98
N TRP C 59 23.31 -10.13 41.65
CA TRP C 59 21.84 -10.18 41.72
C TRP C 59 21.43 -11.25 42.73
N SER C 60 20.16 -11.27 43.03
CA SER C 60 19.63 -12.19 44.00
C SER C 60 18.64 -13.19 43.39
N ASP C 61 18.84 -14.47 43.71
CA ASP C 61 17.94 -15.53 43.27
C ASP C 61 17.59 -16.41 44.46
N ARG C 62 16.46 -16.13 45.06
CA ARG C 62 16.03 -16.80 46.26
C ARG C 62 15.73 -18.28 46.10
N THR C 63 15.39 -18.71 44.87
CA THR C 63 15.23 -20.16 44.57
C THR C 63 16.54 -20.95 44.79
N LEU C 64 17.69 -20.28 44.89
CA LEU C 64 18.99 -20.95 45.07
C LEU C 64 19.30 -21.14 46.56
N ALA C 65 18.57 -20.44 47.39
CA ALA C 65 18.87 -20.35 48.82
C ALA C 65 18.82 -21.70 49.51
N TRP C 66 19.71 -21.90 50.50
CA TRP C 66 19.64 -23.08 51.33
C TRP C 66 20.00 -22.66 52.76
N ASN C 67 19.56 -23.46 53.73
CA ASN C 67 19.91 -23.28 55.10
C ASN C 67 21.36 -23.63 55.34
N SER C 68 22.18 -22.64 55.71
CA SER C 68 23.61 -22.88 55.97
C SER C 68 24.12 -22.73 57.42
N SER C 69 23.33 -23.14 58.41
CA SER C 69 23.73 -22.99 59.81
C SER C 69 24.82 -24.01 60.21
N HIS C 70 24.76 -25.15 59.52
CA HIS C 70 25.73 -26.21 59.61
C HIS C 70 26.00 -26.69 58.18
N SER C 71 26.35 -25.75 57.31
CA SER C 71 26.78 -26.07 55.97
C SER C 71 27.68 -24.97 55.44
N PRO C 72 28.46 -25.26 54.41
CA PRO C 72 29.16 -24.20 53.67
C PRO C 72 28.14 -23.14 53.26
N ASP C 73 28.53 -21.88 53.32
CA ASP C 73 27.57 -20.86 52.97
C ASP C 73 27.75 -20.23 51.56
N GLN C 74 28.71 -20.74 50.78
CA GLN C 74 29.00 -20.32 49.44
C GLN C 74 29.51 -21.49 48.56
N VAL C 75 29.11 -21.52 47.32
CA VAL C 75 29.67 -22.50 46.37
C VAL C 75 29.93 -21.83 45.03
N SER C 76 30.79 -22.44 44.22
CA SER C 76 30.93 -22.08 42.82
C SER C 76 30.07 -22.96 41.93
N VAL C 77 29.34 -22.34 41.01
CA VAL C 77 28.32 -23.03 40.22
C VAL C 77 28.51 -22.67 38.71
N PRO C 78 28.55 -23.69 37.83
CA PRO C 78 28.58 -23.42 36.37
C PRO C 78 27.41 -22.51 36.02
N ILE C 79 27.60 -21.43 35.27
CA ILE C 79 26.46 -20.55 34.93
C ILE C 79 25.37 -21.28 34.08
N SER C 80 25.70 -22.41 33.47
CA SER C 80 24.71 -23.21 32.77
C SER C 80 23.68 -23.80 33.74
N SER C 81 24.01 -23.89 35.03
CA SER C 81 23.02 -24.29 36.02
C SER C 81 22.25 -23.16 36.66
N LEU C 82 22.51 -21.91 36.27
CA LEU C 82 21.87 -20.74 36.90
C LEU C 82 21.15 -19.88 35.86
N TRP C 83 20.12 -19.17 36.27
CA TRP C 83 19.65 -18.04 35.46
C TRP C 83 20.73 -16.97 35.63
N VAL C 84 21.03 -16.32 34.53
CA VAL C 84 21.98 -15.21 34.45
C VAL C 84 21.32 -14.07 33.63
N PRO C 85 21.47 -12.80 34.04
CA PRO C 85 20.86 -11.71 33.26
C PRO C 85 21.36 -11.64 31.82
N ASP C 86 20.43 -11.36 30.89
CA ASP C 86 20.76 -11.32 29.46
C ASP C 86 21.39 -9.97 29.06
N LEU C 87 22.50 -9.60 29.73
CA LEU C 87 23.10 -8.28 29.51
C LEU C 87 23.80 -8.24 28.17
N ALA C 88 23.71 -7.10 27.51
CA ALA C 88 24.45 -6.89 26.27
C ALA C 88 25.05 -5.49 26.24
N ALA C 89 26.18 -5.31 25.57
CA ALA C 89 26.72 -3.97 25.37
C ALA C 89 26.18 -3.50 24.06
N TYR C 90 25.41 -2.41 24.09
CA TYR C 90 24.72 -1.89 22.89
C TYR C 90 25.68 -1.40 21.79
N ASN C 91 26.87 -0.91 22.18
CA ASN C 91 27.79 -0.40 21.15
C ASN C 91 28.97 -1.37 20.90
N ALA C 92 28.80 -2.63 21.29
CA ALA C 92 29.77 -3.66 20.98
C ALA C 92 29.74 -3.98 19.49
N ILE C 93 30.91 -4.20 18.92
CA ILE C 93 31.02 -4.56 17.50
C ILE C 93 31.67 -5.95 17.32
N SER C 94 31.91 -6.62 18.44
CA SER C 94 32.34 -8.01 18.41
C SER C 94 31.60 -8.71 19.51
N LYS C 95 31.56 -10.03 19.45
CA LYS C 95 30.87 -10.76 20.49
C LYS C 95 31.77 -10.90 21.73
N PRO C 96 31.18 -10.83 22.91
CA PRO C 96 32.02 -10.86 24.13
C PRO C 96 32.86 -12.14 24.09
N GLU C 97 34.20 -12.03 24.20
CA GLU C 97 35.09 -13.18 24.37
C GLU C 97 35.34 -13.34 25.90
N VAL C 98 34.80 -14.39 26.50
CA VAL C 98 34.96 -14.73 27.90
C VAL C 98 36.29 -15.45 28.13
N LEU C 99 37.18 -14.82 28.86
CA LEU C 99 38.53 -15.37 29.03
C LEU C 99 38.71 -16.29 30.26
N THR C 100 37.70 -16.35 31.14
CA THR C 100 37.82 -17.05 32.43
C THR C 100 36.85 -18.21 32.53
N PRO C 101 37.06 -19.11 33.51
CA PRO C 101 36.09 -20.18 33.79
C PRO C 101 34.69 -19.64 34.04
N GLN C 102 33.70 -20.23 33.39
CA GLN C 102 32.34 -19.69 33.47
C GLN C 102 31.60 -20.18 34.72
N LEU C 103 32.03 -19.69 35.88
CA LEU C 103 31.48 -20.11 37.17
C LEU C 103 31.00 -18.90 37.90
N ALA C 104 29.88 -19.06 38.59
CA ALA C 104 29.38 -17.97 39.43
C ALA C 104 29.54 -18.39 40.86
N ARG C 105 29.60 -17.43 41.74
CA ARG C 105 29.71 -17.71 43.16
C ARG C 105 28.31 -17.47 43.71
N VAL C 106 27.73 -18.47 44.37
CA VAL C 106 26.40 -18.37 44.96
C VAL C 106 26.47 -18.47 46.50
N VAL C 107 25.84 -17.51 47.19
CA VAL C 107 25.80 -17.45 48.68
C VAL C 107 24.49 -18.10 49.13
N SER C 108 24.46 -18.61 50.36
CA SER C 108 23.30 -19.40 50.82
C SER C 108 22.00 -18.62 50.91
N ASP C 109 22.05 -17.30 50.90
CA ASP C 109 20.83 -16.51 50.88
C ASP C 109 20.33 -16.25 49.46
N GLY C 110 21.02 -16.81 48.46
CA GLY C 110 20.63 -16.59 47.07
C GLY C 110 21.36 -15.47 46.34
N GLU C 111 22.34 -14.84 46.96
CA GLU C 111 23.10 -13.79 46.27
C GLU C 111 24.07 -14.48 45.32
N VAL C 112 24.14 -13.97 44.10
CA VAL C 112 25.03 -14.47 43.10
C VAL C 112 26.01 -13.38 42.68
N LEU C 113 27.26 -13.78 42.47
CA LEU C 113 28.29 -12.94 41.83
C LEU C 113 28.83 -13.68 40.64
N TYR C 114 28.64 -13.10 39.47
CA TYR C 114 29.27 -13.61 38.26
C TYR C 114 30.19 -12.53 37.70
N MET C 115 31.48 -12.85 37.53
CA MET C 115 32.49 -11.84 37.20
C MET C 115 33.48 -12.37 36.16
N PRO C 116 33.01 -12.51 34.91
CA PRO C 116 33.88 -12.96 33.84
C PRO C 116 34.86 -11.88 33.39
N SER C 117 36.05 -12.28 32.95
CA SER C 117 36.94 -11.37 32.27
C SER C 117 36.53 -11.44 30.80
N ILE C 118 36.26 -10.27 30.22
CA ILE C 118 35.76 -10.20 28.87
C ILE C 118 36.67 -9.35 27.98
N ARG C 119 37.00 -9.88 26.81
CA ARG C 119 37.61 -9.08 25.75
C ARG C 119 36.55 -8.76 24.67
N GLN C 120 36.42 -7.50 24.34
CA GLN C 120 35.37 -7.06 23.43
C GLN C 120 35.81 -5.72 22.83
N ARG C 121 35.31 -5.46 21.61
CA ARG C 121 35.62 -4.29 20.84
C ARG C 121 34.35 -3.43 20.77
N PHE C 122 34.50 -2.12 20.80
CA PHE C 122 33.39 -1.23 20.96
C PHE C 122 33.56 -0.10 19.96
N SER C 123 32.44 0.43 19.48
CA SER C 123 32.38 1.65 18.73
C SER C 123 32.10 2.79 19.71
N CYS C 124 33.02 3.75 19.78
CA CYS C 124 32.86 4.89 20.68
C CYS C 124 33.81 6.03 20.34
N ASP C 125 33.72 7.11 21.11
CA ASP C 125 34.49 8.32 20.83
C ASP C 125 35.93 8.16 21.24
N VAL C 126 36.80 7.99 20.26
CA VAL C 126 38.24 7.83 20.51
C VAL C 126 39.00 9.15 20.34
N SER C 127 38.30 10.21 19.94
CA SER C 127 38.96 11.50 19.72
C SER C 127 39.59 12.03 21.02
N GLY C 128 40.78 12.62 20.89
CA GLY C 128 41.51 13.13 22.04
C GLY C 128 42.34 12.12 22.81
N VAL C 129 42.37 10.87 22.38
CA VAL C 129 43.13 9.84 23.07
C VAL C 129 44.60 10.25 23.31
N ASP C 130 45.08 11.16 22.45
CA ASP C 130 46.48 11.65 22.40
C ASP C 130 46.72 13.03 23.04
N THR C 131 45.65 13.71 23.47
CA THR C 131 45.78 14.93 24.27
C THR C 131 45.83 14.55 25.75
N GLU C 132 46.09 15.51 26.61
CA GLU C 132 46.20 15.27 28.04
C GLU C 132 44.85 15.01 28.68
N SER C 133 43.79 15.65 28.18
CA SER C 133 42.46 15.38 28.72
C SER C 133 41.92 14.02 28.27
N GLY C 134 42.55 13.43 27.26
CA GLY C 134 42.23 12.08 26.84
C GLY C 134 40.92 11.92 26.10
N ALA C 135 40.63 10.68 25.73
CA ALA C 135 39.37 10.34 25.09
C ALA C 135 38.39 9.89 26.16
N THR C 136 37.09 10.02 25.87
CA THR C 136 36.07 9.38 26.71
C THR C 136 35.22 8.40 25.90
N CYS C 137 35.45 7.10 26.14
CA CYS C 137 34.69 6.04 25.50
C CYS C 137 33.51 5.62 26.37
N ARG C 138 32.31 5.65 25.81
CA ARG C 138 31.12 5.28 26.54
C ARG C 138 30.61 3.89 26.19
N ILE C 139 30.45 3.03 27.20
CA ILE C 139 29.95 1.68 26.97
C ILE C 139 28.56 1.53 27.63
N LYS C 140 27.56 1.19 26.83
CA LYS C 140 26.19 1.08 27.30
C LYS C 140 25.79 -0.39 27.48
N ILE C 141 25.37 -0.74 28.70
CA ILE C 141 25.06 -2.14 29.01
C ILE C 141 23.70 -2.27 29.66
N GLY C 142 22.90 -3.21 29.16
CA GLY C 142 21.60 -3.43 29.78
C GLY C 142 21.05 -4.77 29.34
N SER C 143 19.94 -5.17 29.94
CA SER C 143 19.23 -6.36 29.53
C SER C 143 18.77 -6.21 28.08
N TRP C 144 19.00 -7.24 27.29
CA TRP C 144 18.61 -7.22 25.89
C TRP C 144 17.11 -7.34 25.71
N THR C 145 16.42 -8.18 26.53
CA THR C 145 15.02 -8.53 26.33
C THR C 145 14.08 -8.28 27.51
N HIS C 146 14.63 -7.89 28.67
CA HIS C 146 13.80 -7.64 29.87
C HIS C 146 13.70 -6.15 30.15
N HIS C 147 12.48 -5.63 30.14
CA HIS C 147 12.23 -4.24 30.40
C HIS C 147 12.31 -3.90 31.89
N SER C 148 12.02 -2.63 32.22
CA SER C 148 12.27 -2.09 33.55
C SER C 148 11.46 -2.72 34.68
N ARG C 149 10.35 -3.39 34.36
CA ARG C 149 9.58 -4.07 35.42
C ARG C 149 10.10 -5.48 35.68
N GLU C 150 11.10 -5.89 34.91
CA GLU C 150 11.64 -7.22 35.00
C GLU C 150 13.07 -7.18 35.44
N ILE C 151 13.85 -6.28 34.86
CA ILE C 151 15.25 -6.14 35.26
C ILE C 151 15.57 -4.66 35.41
N SER C 152 16.06 -4.25 36.58
CA SER C 152 16.68 -2.95 36.74
C SER C 152 18.20 -3.14 36.80
N VAL C 153 18.94 -2.18 36.28
CA VAL C 153 20.40 -2.26 36.29
C VAL C 153 20.90 -1.04 37.00
N ASP C 154 21.92 -1.27 37.81
CA ASP C 154 22.47 -0.22 38.65
C ASP C 154 23.98 -0.41 38.71
N PRO C 155 24.74 0.67 38.90
CA PRO C 155 26.17 0.55 39.20
C PRO C 155 26.39 -0.22 40.50
N THR C 156 27.37 -1.13 40.53
CA THR C 156 27.79 -1.75 41.80
C THR C 156 28.05 -0.63 42.85
N THR C 157 27.54 -0.78 44.07
CA THR C 157 27.66 0.32 45.04
C THR C 157 29.09 0.69 45.47
N GLU C 158 29.85 -0.30 45.97
CA GLU C 158 31.18 -0.08 46.60
C GLU C 158 32.04 1.01 45.89
N ASN C 159 32.35 2.09 46.60
CA ASN C 159 33.06 3.25 46.04
C ASN C 159 34.12 2.86 45.00
N SER C 160 33.79 3.12 43.73
CA SER C 160 34.53 2.58 42.60
C SER C 160 35.86 3.29 42.32
N ASP C 161 36.96 2.53 42.42
CA ASP C 161 38.30 3.04 42.10
C ASP C 161 38.60 2.66 40.65
N ASP C 162 39.21 3.59 39.90
CA ASP C 162 39.31 3.50 38.43
C ASP C 162 40.43 2.56 37.95
N SER C 163 41.67 2.95 38.17
CA SER C 163 42.85 2.17 37.77
C SER C 163 43.08 0.84 38.56
N GLU C 164 42.20 0.52 39.50
CA GLU C 164 42.47 -0.53 40.49
C GLU C 164 43.33 -1.69 40.02
N TYR C 165 42.82 -2.43 39.04
CA TYR C 165 43.49 -3.59 38.52
C TYR C 165 44.03 -3.40 37.11
N PHE C 166 43.91 -2.19 36.56
CA PHE C 166 44.37 -1.90 35.20
C PHE C 166 45.87 -2.20 35.02
N SER C 167 46.22 -2.81 33.90
CA SER C 167 47.61 -3.19 33.64
C SER C 167 48.59 -2.00 33.62
N GLN C 168 49.68 -2.12 34.37
CA GLN C 168 50.75 -1.11 34.36
C GLN C 168 51.55 -1.19 33.05
N TYR C 169 51.29 -2.23 32.26
CA TYR C 169 52.05 -2.46 31.03
C TYR C 169 51.31 -2.00 29.79
N SER C 170 50.04 -1.65 29.94
CA SER C 170 49.30 -0.98 28.88
C SER C 170 49.97 0.27 28.32
N ARG C 171 49.66 0.55 27.07
CA ARG C 171 50.14 1.75 26.39
C ARG C 171 49.32 2.97 26.79
N PHE C 172 48.19 2.69 27.44
CA PHE C 172 47.22 3.68 27.86
C PHE C 172 47.14 3.72 29.37
N GLU C 173 46.64 4.84 29.88
CA GLU C 173 46.35 5.00 31.30
C GLU C 173 44.93 5.50 31.45
N ILE C 174 44.30 5.14 32.56
CA ILE C 174 42.94 5.55 32.85
C ILE C 174 42.94 6.81 33.70
N LEU C 175 42.21 7.81 33.24
CA LEU C 175 42.09 9.04 34.00
C LEU C 175 40.91 8.99 34.97
N ASP C 176 39.80 8.43 34.49
CA ASP C 176 38.54 8.40 35.24
C ASP C 176 37.54 7.41 34.65
N VAL C 177 36.74 6.80 35.52
CA VAL C 177 35.64 5.94 35.12
C VAL C 177 34.42 6.44 35.88
N THR C 178 33.39 6.87 35.14
CA THR C 178 32.09 7.22 35.75
C THR C 178 30.94 6.38 35.20
N GLN C 179 29.91 6.20 36.02
CA GLN C 179 28.69 5.53 35.57
C GLN C 179 27.42 6.33 35.75
N LYS C 180 26.48 6.04 34.88
CA LYS C 180 25.19 6.71 34.84
C LYS C 180 24.16 5.64 34.44
N LYS C 181 23.09 5.49 35.21
CA LYS C 181 22.03 4.58 34.78
C LYS C 181 21.00 5.33 33.94
N ASN C 182 20.54 4.74 32.84
CA ASN C 182 19.47 5.34 32.06
C ASN C 182 18.30 4.41 31.94
N SER C 183 17.19 4.97 31.50
CA SER C 183 15.96 4.25 31.24
C SER C 183 15.50 4.68 29.84
N VAL C 184 15.57 3.77 28.87
CA VAL C 184 15.28 4.11 27.46
C VAL C 184 14.08 3.34 26.86
N THR C 185 13.28 4.07 26.11
CA THR C 185 12.18 3.50 25.32
C THR C 185 12.59 3.44 23.81
N TYR C 186 12.68 2.23 23.24
CA TYR C 186 12.98 2.02 21.80
C TYR C 186 11.68 1.82 20.97
N SER C 187 11.75 2.09 19.67
CA SER C 187 10.58 1.97 18.80
C SER C 187 10.10 0.52 18.63
N CYS C 188 10.96 -0.46 18.85
CA CYS C 188 10.54 -1.84 18.69
C CYS C 188 9.42 -2.18 19.65
N CYS C 189 9.51 -1.57 20.84
CA CYS C 189 8.75 -2.00 22.01
C CYS C 189 8.22 -0.84 22.85
N PRO C 190 7.09 -1.06 23.51
CA PRO C 190 6.43 0.02 24.26
C PRO C 190 7.00 0.25 25.67
N GLU C 191 7.76 -0.69 26.19
CA GLU C 191 8.28 -0.56 27.57
C GLU C 191 9.68 0.05 27.58
N ALA C 192 10.04 0.61 28.73
CA ALA C 192 11.37 1.18 28.93
C ALA C 192 12.36 0.11 29.36
N TYR C 193 13.60 0.21 28.85
CA TYR C 193 14.66 -0.74 29.17
C TYR C 193 15.76 0.02 29.85
N GLU C 194 16.29 -0.55 30.92
CA GLU C 194 17.32 0.16 31.68
C GLU C 194 18.71 -0.20 31.19
N ASP C 195 19.60 0.78 31.30
CA ASP C 195 20.98 0.53 30.99
C ASP C 195 21.91 1.26 31.98
N VAL C 196 23.13 0.78 32.05
CA VAL C 196 24.20 1.56 32.65
C VAL C 196 25.17 2.01 31.57
N GLU C 197 25.51 3.28 31.59
CA GLU C 197 26.52 3.84 30.69
C GLU C 197 27.79 4.02 31.45
N VAL C 198 28.83 3.31 31.01
CA VAL C 198 30.14 3.41 31.64
C VAL C 198 31.09 4.28 30.82
N SER C 199 31.50 5.41 31.39
CA SER C 199 32.38 6.34 30.68
C SER C 199 33.82 6.16 31.08
N LEU C 200 34.62 5.64 30.15
CA LEU C 200 36.05 5.41 30.35
C LEU C 200 36.85 6.57 29.77
N ASN C 201 37.42 7.36 30.66
CA ASN C 201 38.31 8.49 30.28
C ASN C 201 39.75 7.98 30.32
N PHE C 202 40.40 7.95 29.18
CA PHE C 202 41.72 7.35 29.07
C PHE C 202 42.57 8.10 28.03
N ARG C 203 43.88 7.91 28.09
CA ARG C 203 44.76 8.54 27.13
C ARG C 203 46.00 7.69 26.92
N LYS C 204 46.71 7.96 25.84
CA LYS C 204 47.95 7.30 25.59
C LYS C 204 49.00 7.91 26.54
N LYS C 205 49.82 7.03 27.13
CA LYS C 205 50.98 7.42 27.91
C LYS C 205 51.95 8.24 27.07
N GLY C 206 52.73 9.12 27.73
CA GLY C 206 53.73 9.95 27.05
C GLY C 206 53.63 11.41 27.45
N GLU D 1 -4.12 -19.96 36.50
CA GLU D 1 -2.99 -19.04 36.80
C GLU D 1 -1.64 -19.71 36.57
N PHE D 2 -0.78 -19.05 35.79
CA PHE D 2 0.56 -19.57 35.59
C PHE D 2 1.53 -18.51 36.03
N ASP D 3 2.67 -18.93 36.58
CA ASP D 3 3.76 -17.99 36.76
C ASP D 3 4.77 -18.18 35.60
N ARG D 4 5.80 -17.36 35.57
CA ARG D 4 6.78 -17.43 34.50
C ARG D 4 7.38 -18.82 34.38
N ALA D 5 7.69 -19.43 35.52
CA ALA D 5 8.27 -20.76 35.53
C ALA D 5 7.37 -21.77 34.81
N ASP D 6 6.05 -21.70 35.07
CA ASP D 6 5.07 -22.60 34.45
C ASP D 6 5.01 -22.38 32.90
N ILE D 7 4.90 -21.11 32.49
CA ILE D 7 4.85 -20.75 31.09
C ILE D 7 6.08 -21.32 30.36
N LEU D 8 7.25 -21.08 30.95
CA LEU D 8 8.51 -21.49 30.35
C LEU D 8 8.69 -23.01 30.33
N TYR D 9 8.27 -23.67 31.38
CA TYR D 9 8.22 -25.12 31.41
C TYR D 9 7.29 -25.69 30.29
N ASN D 10 6.07 -25.16 30.20
CA ASN D 10 5.13 -25.64 29.20
C ASN D 10 5.67 -25.41 27.80
N ILE D 11 6.34 -24.28 27.57
CA ILE D 11 6.88 -24.00 26.25
C ILE D 11 8.04 -24.96 25.95
N ARG D 12 8.93 -25.16 26.91
CA ARG D 12 10.06 -26.04 26.67
C ARG D 12 9.55 -27.44 26.33
N GLN D 13 8.55 -27.91 27.08
CA GLN D 13 8.01 -29.26 26.84
C GLN D 13 7.21 -29.46 25.53
N THR D 14 6.74 -28.38 24.88
CA THR D 14 5.75 -28.57 23.81
C THR D 14 5.89 -27.74 22.53
N SER D 15 6.74 -26.71 22.56
CA SER D 15 7.06 -26.02 21.34
C SER D 15 7.92 -27.01 20.54
N ARG D 16 7.61 -27.09 19.26
CA ARG D 16 8.34 -28.01 18.42
C ARG D 16 9.24 -27.15 17.55
N PRO D 17 10.45 -26.92 18.01
CA PRO D 17 11.38 -25.98 17.36
C PRO D 17 11.76 -26.36 15.92
N ASP D 18 11.61 -27.63 15.53
CA ASP D 18 11.86 -27.99 14.14
C ASP D 18 10.60 -27.93 13.24
N VAL D 19 9.46 -27.57 13.81
CA VAL D 19 8.18 -27.59 13.08
C VAL D 19 7.67 -26.19 12.78
N ILE D 20 7.60 -25.86 11.50
CA ILE D 20 7.14 -24.52 11.08
C ILE D 20 5.66 -24.39 11.50
N PRO D 21 5.30 -23.29 12.20
CA PRO D 21 3.97 -23.17 12.81
C PRO D 21 2.91 -22.75 11.76
N THR D 22 2.85 -23.52 10.69
CA THR D 22 1.89 -23.32 9.63
C THR D 22 0.48 -23.62 10.16
N GLN D 23 -0.52 -22.89 9.70
CA GLN D 23 -1.90 -23.26 10.05
C GLN D 23 -2.74 -23.34 8.77
N ARG D 24 -3.59 -24.37 8.70
CA ARG D 24 -4.40 -24.71 7.52
C ARG D 24 -3.78 -24.32 6.15
N ASP D 25 -2.62 -24.93 5.82
CA ASP D 25 -1.97 -24.79 4.49
C ASP D 25 -1.71 -23.32 4.07
N ARG D 26 -1.39 -22.49 5.06
CA ARG D 26 -1.14 -21.07 4.82
C ARG D 26 0.26 -20.69 5.27
N PRO D 27 0.91 -19.75 4.56
CA PRO D 27 2.30 -19.42 4.90
C PRO D 27 2.38 -18.72 6.25
N VAL D 28 3.43 -19.00 7.02
CA VAL D 28 3.79 -18.19 8.18
C VAL D 28 4.27 -16.82 7.69
N ALA D 29 3.56 -15.77 8.06
CA ALA D 29 3.96 -14.39 7.74
C ALA D 29 5.10 -13.90 8.64
N VAL D 30 6.28 -13.71 8.06
CA VAL D 30 7.43 -13.24 8.82
C VAL D 30 7.77 -11.80 8.44
N SER D 31 7.84 -10.90 9.41
CA SER D 31 8.26 -9.53 9.14
C SER D 31 9.71 -9.40 9.52
N VAL D 32 10.48 -8.77 8.65
CA VAL D 32 11.90 -8.50 8.90
C VAL D 32 12.22 -7.06 8.63
N SER D 33 13.11 -6.52 9.43
CA SER D 33 13.48 -5.11 9.34
C SER D 33 14.86 -5.03 9.94
N LEU D 34 15.78 -4.36 9.23
CA LEU D 34 17.16 -4.24 9.70
C LEU D 34 17.33 -2.86 10.27
N LYS D 35 17.77 -2.78 11.51
CA LYS D 35 18.07 -1.46 12.09
C LYS D 35 19.56 -1.35 12.14
N PHE D 36 20.12 -0.47 11.32
CA PHE D 36 21.57 -0.35 11.19
C PHE D 36 22.18 0.38 12.37
N ILE D 37 23.21 -0.21 12.95
CA ILE D 37 23.87 0.37 14.12
C ILE D 37 25.23 0.93 13.74
N ASN D 38 25.96 0.19 12.92
CA ASN D 38 27.27 0.62 12.50
C ASN D 38 27.68 0.05 11.17
N ILE D 39 28.55 0.79 10.48
CA ILE D 39 29.23 0.32 9.29
C ILE D 39 30.71 0.40 9.64
N LEU D 40 31.37 -0.75 9.69
CA LEU D 40 32.69 -0.82 10.31
C LEU D 40 33.81 -0.75 9.28
N GLU D 41 33.52 -1.24 8.08
CA GLU D 41 34.53 -1.34 7.06
C GLU D 41 33.84 -1.38 5.71
N VAL D 42 34.43 -0.69 4.75
CA VAL D 42 33.90 -0.57 3.43
C VAL D 42 35.11 -0.64 2.52
N ASN D 43 34.97 -1.33 1.39
CA ASN D 43 36.07 -1.47 0.44
C ASN D 43 35.50 -1.29 -0.94
N GLU D 44 35.85 -0.17 -1.56
CA GLU D 44 35.29 0.21 -2.84
C GLU D 44 35.93 -0.60 -3.98
N ILE D 45 37.13 -1.14 -3.73
CA ILE D 45 37.79 -1.99 -4.73
C ILE D 45 37.09 -3.35 -4.79
N THR D 46 36.88 -3.98 -3.63
CA THR D 46 36.31 -5.33 -3.59
C THR D 46 34.80 -5.34 -3.57
N ASN D 47 34.18 -4.19 -3.34
CA ASN D 47 32.74 -4.08 -3.17
C ASN D 47 32.23 -4.92 -1.99
N GLU D 48 32.83 -4.71 -0.83
CA GLU D 48 32.51 -5.47 0.38
C GLU D 48 32.32 -4.47 1.49
N VAL D 49 31.38 -4.77 2.38
CA VAL D 49 31.06 -3.95 3.55
C VAL D 49 30.88 -4.84 4.76
N ASP D 50 31.33 -4.35 5.91
CA ASP D 50 31.19 -4.99 7.20
C ASP D 50 30.19 -4.14 8.00
N VAL D 51 29.10 -4.74 8.47
CA VAL D 51 27.99 -3.99 9.04
C VAL D 51 27.45 -4.65 10.31
N VAL D 52 26.92 -3.83 11.22
CA VAL D 52 26.22 -4.29 12.43
C VAL D 52 24.79 -3.81 12.36
N PHE D 53 23.81 -4.72 12.45
CA PHE D 53 22.41 -4.31 12.42
C PHE D 53 21.61 -5.13 13.45
N TRP D 54 20.49 -4.58 13.95
CA TRP D 54 19.52 -5.38 14.67
C TRP D 54 18.54 -5.96 13.65
N GLN D 55 18.44 -7.28 13.60
CA GLN D 55 17.53 -7.91 12.66
C GLN D 55 16.19 -8.18 13.35
N GLN D 56 15.32 -7.18 13.34
CA GLN D 56 14.01 -7.30 13.98
C GLN D 56 13.10 -8.26 13.21
N THR D 57 12.79 -9.38 13.85
CA THR D 57 12.10 -10.47 13.21
C THR D 57 10.87 -10.86 14.02
N THR D 58 9.74 -10.94 13.32
CA THR D 58 8.47 -11.05 13.96
C THR D 58 7.61 -12.07 13.22
N TRP D 59 6.86 -12.86 13.98
CA TRP D 59 5.96 -13.88 13.43
C TRP D 59 5.07 -14.39 14.55
N SER D 60 4.11 -15.18 14.15
CA SER D 60 3.14 -15.74 15.07
C SER D 60 3.29 -17.26 15.14
N ASP D 61 3.30 -17.79 16.36
CA ASP D 61 3.25 -19.24 16.55
C ASP D 61 2.22 -19.53 17.63
N ARG D 62 1.03 -19.89 17.20
CA ARG D 62 -0.08 -20.13 18.12
C ARG D 62 0.08 -21.37 19.01
N THR D 63 0.98 -22.31 18.67
CA THR D 63 1.30 -23.41 19.61
C THR D 63 1.98 -22.93 20.91
N LEU D 64 2.48 -21.69 20.90
CA LEU D 64 3.13 -21.11 22.08
C LEU D 64 2.16 -20.46 23.04
N ALA D 65 0.93 -20.21 22.57
CA ALA D 65 -0.04 -19.36 23.24
C ALA D 65 -0.49 -19.95 24.55
N TRP D 66 -0.82 -19.08 25.50
CA TRP D 66 -1.36 -19.51 26.79
C TRP D 66 -2.35 -18.48 27.25
N ASN D 67 -3.24 -18.90 28.15
CA ASN D 67 -4.25 -18.03 28.72
C ASN D 67 -3.57 -17.18 29.80
N SER D 68 -3.48 -15.88 29.56
CA SER D 68 -2.73 -15.03 30.48
C SER D 68 -3.68 -14.20 31.32
N SER D 69 -4.94 -14.65 31.41
CA SER D 69 -5.96 -13.93 32.17
C SER D 69 -5.62 -13.74 33.66
N HIS D 70 -4.78 -14.62 34.20
CA HIS D 70 -4.27 -14.43 35.56
C HIS D 70 -2.76 -14.58 35.58
N SER D 71 -2.10 -14.25 34.47
CA SER D 71 -0.69 -14.57 34.28
C SER D 71 0.10 -13.50 33.53
N PRO D 72 1.42 -13.53 33.66
CA PRO D 72 2.29 -12.67 32.84
C PRO D 72 1.92 -12.89 31.38
N ASP D 73 1.93 -11.85 30.58
CA ASP D 73 1.50 -12.02 29.21
C ASP D 73 2.65 -12.07 28.20
N GLN D 74 3.89 -12.00 28.72
CA GLN D 74 5.11 -12.06 27.89
C GLN D 74 6.24 -12.72 28.66
N VAL D 75 7.04 -13.51 27.96
CA VAL D 75 8.28 -14.04 28.55
C VAL D 75 9.42 -14.01 27.55
N SER D 76 10.65 -14.08 28.07
CA SER D 76 11.84 -14.27 27.23
C SER D 76 12.17 -15.77 27.15
N VAL D 77 12.38 -16.27 25.93
CA VAL D 77 12.58 -17.70 25.68
C VAL D 77 13.84 -17.92 24.87
N PRO D 78 14.69 -18.86 25.27
CA PRO D 78 15.87 -19.18 24.46
C PRO D 78 15.36 -19.61 23.07
N ILE D 79 15.98 -19.14 22.00
CA ILE D 79 15.51 -19.55 20.64
C ILE D 79 15.62 -21.05 20.38
N SER D 80 16.47 -21.76 21.12
CA SER D 80 16.59 -23.20 20.99
C SER D 80 15.31 -23.93 21.41
N SER D 81 14.46 -23.27 22.18
CA SER D 81 13.18 -23.83 22.55
C SER D 81 12.04 -23.41 21.57
N LEU D 82 12.34 -22.64 20.52
CA LEU D 82 11.29 -22.13 19.62
C LEU D 82 11.58 -22.48 18.18
N TRP D 83 10.56 -22.60 17.36
CA TRP D 83 10.82 -22.53 15.93
C TRP D 83 11.17 -21.08 15.57
N VAL D 84 12.20 -20.93 14.75
CA VAL D 84 12.66 -19.64 14.27
C VAL D 84 12.77 -19.73 12.74
N PRO D 85 12.40 -18.67 12.00
CA PRO D 85 12.49 -18.73 10.53
C PRO D 85 13.95 -18.91 10.10
N ASP D 86 14.17 -19.68 9.04
CA ASP D 86 15.51 -20.02 8.58
C ASP D 86 15.96 -18.94 7.57
N LEU D 87 16.02 -17.70 8.05
CA LEU D 87 16.39 -16.58 7.21
C LEU D 87 17.88 -16.57 6.89
N ALA D 88 18.21 -16.19 5.67
CA ALA D 88 19.61 -15.97 5.34
C ALA D 88 19.78 -14.74 4.45
N ALA D 89 20.90 -14.05 4.58
CA ALA D 89 21.25 -13.01 3.63
C ALA D 89 21.96 -13.63 2.45
N TYR D 90 21.38 -13.50 1.27
CA TYR D 90 21.88 -14.14 0.05
C TYR D 90 23.23 -13.60 -0.46
N ASN D 91 23.55 -12.35 -0.14
CA ASN D 91 24.82 -11.78 -0.54
C ASN D 91 25.82 -11.64 0.65
N ALA D 92 25.54 -12.34 1.75
CA ALA D 92 26.49 -12.43 2.87
C ALA D 92 27.73 -13.20 2.46
N ILE D 93 28.89 -12.71 2.84
CA ILE D 93 30.14 -13.40 2.55
C ILE D 93 30.86 -13.82 3.85
N SER D 94 30.16 -13.65 4.96
CA SER D 94 30.62 -14.22 6.23
C SER D 94 29.41 -14.78 6.96
N LYS D 95 29.61 -15.68 7.90
CA LYS D 95 28.49 -16.18 8.66
C LYS D 95 28.06 -15.09 9.67
N PRO D 96 26.76 -15.01 9.98
CA PRO D 96 26.27 -13.96 10.86
C PRO D 96 26.84 -14.14 12.25
N GLU D 97 27.50 -13.11 12.75
CA GLU D 97 28.00 -13.10 14.11
C GLU D 97 26.91 -12.46 14.98
N VAL D 98 26.27 -13.25 15.81
CA VAL D 98 25.24 -12.76 16.72
C VAL D 98 25.94 -12.19 17.99
N LEU D 99 25.68 -10.93 18.27
CA LEU D 99 26.39 -10.25 19.36
C LEU D 99 25.66 -10.27 20.69
N THR D 100 24.38 -10.64 20.67
CA THR D 100 23.48 -10.49 21.80
C THR D 100 22.97 -11.84 22.34
N PRO D 101 22.47 -11.88 23.59
CA PRO D 101 21.87 -13.11 24.13
C PRO D 101 20.76 -13.62 23.16
N GLN D 102 20.75 -14.91 22.88
CA GLN D 102 19.83 -15.46 21.86
C GLN D 102 18.47 -15.82 22.45
N LEU D 103 17.74 -14.78 22.83
CA LEU D 103 16.44 -14.92 23.50
C LEU D 103 15.41 -14.21 22.66
N ALA D 104 14.24 -14.82 22.53
CA ALA D 104 13.13 -14.16 21.83
C ALA D 104 12.11 -13.77 22.87
N ARG D 105 11.31 -12.77 22.55
CA ARG D 105 10.23 -12.35 23.42
C ARG D 105 8.95 -12.94 22.84
N VAL D 106 8.19 -13.66 23.67
CA VAL D 106 6.99 -14.37 23.24
C VAL D 106 5.80 -13.79 24.03
N VAL D 107 4.80 -13.31 23.31
CA VAL D 107 3.55 -12.83 23.90
C VAL D 107 2.56 -14.00 24.04
N SER D 108 1.66 -13.91 25.00
CA SER D 108 0.67 -14.97 25.30
C SER D 108 -0.27 -15.37 24.14
N ASP D 109 -0.40 -14.51 23.13
CA ASP D 109 -1.17 -14.87 21.94
C ASP D 109 -0.36 -15.62 20.88
N GLY D 110 0.92 -15.83 21.17
CA GLY D 110 1.79 -16.54 20.25
C GLY D 110 2.67 -15.63 19.39
N GLU D 111 2.54 -14.32 19.51
CA GLU D 111 3.42 -13.43 18.73
C GLU D 111 4.84 -13.52 19.29
N VAL D 112 5.81 -13.63 18.38
CA VAL D 112 7.21 -13.72 18.73
C VAL D 112 7.98 -12.52 18.15
N LEU D 113 8.94 -12.00 18.93
CA LEU D 113 9.89 -11.01 18.48
C LEU D 113 11.29 -11.49 18.80
N TYR D 114 12.09 -11.71 17.76
CA TYR D 114 13.47 -12.07 17.92
C TYR D 114 14.28 -10.98 17.20
N MET D 115 15.16 -10.32 17.94
CA MET D 115 15.87 -9.17 17.43
C MET D 115 17.33 -9.23 17.85
N PRO D 116 18.11 -10.10 17.23
CA PRO D 116 19.55 -10.16 17.52
C PRO D 116 20.31 -9.01 16.87
N SER D 117 21.41 -8.60 17.53
CA SER D 117 22.37 -7.71 16.94
C SER D 117 23.35 -8.59 16.15
N ILE D 118 23.52 -8.29 14.88
CA ILE D 118 24.33 -9.15 14.04
C ILE D 118 25.47 -8.36 13.41
N ARG D 119 26.67 -8.92 13.44
CA ARG D 119 27.74 -8.43 12.61
C ARG D 119 27.98 -9.39 11.43
N GLN D 120 27.99 -8.83 10.22
CA GLN D 120 28.08 -9.65 9.01
C GLN D 120 28.68 -8.83 7.87
N ARG D 121 29.39 -9.52 6.98
CA ARG D 121 30.01 -8.91 5.82
C ARG D 121 29.14 -9.25 4.58
N PHE D 122 29.12 -8.34 3.62
CA PHE D 122 28.25 -8.45 2.43
C PHE D 122 29.02 -8.07 1.19
N SER D 123 28.61 -8.64 0.08
CA SER D 123 29.09 -8.24 -1.23
C SER D 123 28.01 -7.36 -1.82
N CYS D 124 28.35 -6.12 -2.14
CA CYS D 124 27.37 -5.18 -2.65
C CYS D 124 28.03 -3.95 -3.25
N ASP D 125 27.22 -3.11 -3.88
CA ASP D 125 27.69 -1.92 -4.60
C ASP D 125 28.19 -0.83 -3.67
N VAL D 126 29.51 -0.69 -3.59
CA VAL D 126 30.13 0.28 -2.70
C VAL D 126 30.51 1.56 -3.48
N SER D 127 30.32 1.54 -4.80
CA SER D 127 30.67 2.70 -5.64
C SER D 127 29.91 3.96 -5.23
N GLY D 128 30.62 5.09 -5.21
CA GLY D 128 30.04 6.34 -4.76
C GLY D 128 30.00 6.60 -3.26
N VAL D 129 30.56 5.69 -2.46
CA VAL D 129 30.56 5.85 -1.00
C VAL D 129 31.18 7.17 -0.55
N ASP D 130 32.12 7.64 -1.37
CA ASP D 130 32.90 8.83 -1.09
C ASP D 130 32.28 10.11 -1.61
N THR D 131 31.23 10.00 -2.41
CA THR D 131 30.56 11.19 -2.94
C THR D 131 29.36 11.57 -2.11
N GLU D 132 28.70 12.64 -2.51
CA GLU D 132 27.59 13.22 -1.79
C GLU D 132 26.28 12.40 -1.92
N SER D 133 26.07 11.82 -3.09
CA SER D 133 24.91 10.96 -3.31
C SER D 133 25.09 9.59 -2.64
N GLY D 134 26.34 9.23 -2.33
CA GLY D 134 26.64 8.04 -1.54
C GLY D 134 26.54 6.73 -2.29
N ALA D 135 26.86 5.63 -1.60
CA ALA D 135 26.68 4.31 -2.17
C ALA D 135 25.33 3.72 -1.78
N THR D 136 24.88 2.72 -2.54
CA THR D 136 23.66 2.01 -2.22
C THR D 136 23.95 0.49 -2.19
N CYS D 137 24.10 -0.03 -0.98
CA CYS D 137 24.32 -1.44 -0.70
C CYS D 137 22.97 -2.12 -0.50
N ARG D 138 22.68 -3.13 -1.31
CA ARG D 138 21.45 -3.92 -1.21
C ARG D 138 21.70 -5.22 -0.45
N ILE D 139 20.89 -5.48 0.57
CA ILE D 139 20.97 -6.73 1.32
C ILE D 139 19.69 -7.55 1.11
N LYS D 140 19.85 -8.77 0.60
CA LYS D 140 18.73 -9.65 0.24
C LYS D 140 18.55 -10.72 1.32
N ILE D 141 17.39 -10.76 1.96
CA ILE D 141 17.12 -11.70 3.03
C ILE D 141 15.83 -12.46 2.81
N GLY D 142 15.88 -13.78 2.95
CA GLY D 142 14.69 -14.59 2.77
C GLY D 142 14.88 -15.95 3.40
N SER D 143 13.80 -16.76 3.44
CA SER D 143 13.93 -18.12 3.95
C SER D 143 14.81 -18.91 2.99
N TRP D 144 15.76 -19.65 3.55
CA TRP D 144 16.65 -20.49 2.74
C TRP D 144 15.94 -21.70 2.12
N THR D 145 15.00 -22.31 2.85
CA THR D 145 14.41 -23.57 2.46
C THR D 145 12.91 -23.61 2.40
N HIS D 146 12.23 -22.52 2.73
CA HIS D 146 10.78 -22.49 2.71
C HIS D 146 10.29 -21.55 1.59
N HIS D 147 9.57 -22.09 0.62
CA HIS D 147 9.02 -21.30 -0.47
C HIS D 147 7.77 -20.52 -0.04
N SER D 148 7.18 -19.79 -0.96
CA SER D 148 6.17 -18.79 -0.63
C SER D 148 4.88 -19.33 -0.05
N ARG D 149 4.54 -20.60 -0.30
CA ARG D 149 3.38 -21.18 0.39
C ARG D 149 3.64 -21.57 1.87
N GLU D 150 4.90 -21.50 2.30
CA GLU D 150 5.27 -21.86 3.69
C GLU D 150 5.73 -20.65 4.52
N ILE D 151 6.63 -19.82 3.97
CA ILE D 151 7.00 -18.54 4.56
C ILE D 151 6.83 -17.35 3.56
N SER D 152 6.07 -16.34 3.95
CA SER D 152 6.16 -15.02 3.30
C SER D 152 7.00 -14.04 4.13
N VAL D 153 7.79 -13.22 3.45
CA VAL D 153 8.60 -12.23 4.16
C VAL D 153 8.14 -10.86 3.74
N ASP D 154 7.92 -10.01 4.75
CA ASP D 154 7.41 -8.64 4.56
C ASP D 154 8.25 -7.58 5.33
N PRO D 155 8.44 -6.43 4.70
CA PRO D 155 9.06 -5.30 5.37
C PRO D 155 7.98 -4.42 5.96
N THR D 156 7.31 -4.89 7.01
CA THR D 156 6.14 -4.15 7.54
C THR D 156 6.56 -2.74 7.91
N THR D 157 5.74 -1.78 7.49
CA THR D 157 6.03 -0.35 7.64
C THR D 157 5.87 0.11 9.07
N GLU D 158 6.55 1.23 9.36
CA GLU D 158 6.32 2.03 10.54
C GLU D 158 6.45 3.51 10.13
N ASN D 159 6.87 4.35 11.06
CA ASN D 159 7.42 5.67 10.76
C ASN D 159 8.95 5.54 10.94
N SER D 160 9.34 4.34 11.39
CA SER D 160 10.70 3.93 11.78
C SER D 160 11.90 4.65 11.15
N ASP D 161 12.34 5.74 11.81
CA ASP D 161 13.56 6.52 11.49
C ASP D 161 14.73 5.69 10.93
N ASP D 162 15.65 6.34 10.24
CA ASP D 162 16.76 5.64 9.56
C ASP D 162 17.97 5.39 10.47
N SER D 163 18.62 6.50 10.88
CA SER D 163 19.69 6.45 11.90
C SER D 163 19.21 6.62 13.36
N GLU D 164 18.05 6.03 13.70
CA GLU D 164 17.55 6.17 15.06
C GLU D 164 18.52 5.49 15.99
N TYR D 165 19.03 4.33 15.59
CA TYR D 165 20.04 3.63 16.40
C TYR D 165 21.44 3.62 15.80
N PHE D 166 21.64 4.30 14.68
CA PHE D 166 22.96 4.30 14.03
C PHE D 166 23.95 5.10 14.83
N SER D 167 25.14 4.56 15.02
CA SER D 167 26.16 5.22 15.84
C SER D 167 26.60 6.59 15.30
N GLN D 168 26.61 7.59 16.18
CA GLN D 168 27.12 8.92 15.83
C GLN D 168 28.64 8.93 15.66
N TYR D 169 29.30 7.83 16.02
CA TYR D 169 30.75 7.76 16.05
C TYR D 169 31.31 7.05 14.85
N SER D 170 30.42 6.44 14.09
CA SER D 170 30.76 5.91 12.79
C SER D 170 31.41 6.94 11.86
N ARG D 171 32.25 6.46 10.96
CA ARG D 171 32.89 7.24 9.92
C ARG D 171 31.87 7.51 8.81
N PHE D 172 30.75 6.78 8.86
CA PHE D 172 29.74 6.83 7.83
C PHE D 172 28.46 7.43 8.36
N GLU D 173 27.63 7.94 7.45
CA GLU D 173 26.29 8.39 7.79
C GLU D 173 25.29 7.73 6.84
N ILE D 174 24.07 7.49 7.34
CA ILE D 174 23.03 6.90 6.53
C ILE D 174 22.17 7.98 5.91
N LEU D 175 21.99 7.90 4.61
CA LEU D 175 21.14 8.86 3.90
C LEU D 175 19.70 8.37 3.82
N ASP D 176 19.54 7.06 3.61
CA ASP D 176 18.24 6.45 3.38
C ASP D 176 18.27 4.93 3.48
N VAL D 177 17.18 4.36 3.99
CA VAL D 177 16.98 2.91 3.99
C VAL D 177 15.61 2.64 3.37
N THR D 178 15.59 1.90 2.27
CA THR D 178 14.33 1.45 1.68
C THR D 178 14.26 -0.09 1.63
N GLN D 179 13.06 -0.63 1.76
CA GLN D 179 12.92 -2.08 1.75
C GLN D 179 12.07 -2.44 0.52
N LYS D 180 12.49 -3.43 -0.25
CA LYS D 180 11.67 -3.90 -1.39
C LYS D 180 11.41 -5.41 -1.26
N LYS D 181 10.23 -5.89 -1.63
CA LYS D 181 10.03 -7.33 -1.55
C LYS D 181 9.77 -8.11 -2.84
N ASN D 182 10.46 -9.24 -2.95
CA ASN D 182 10.54 -9.98 -4.19
C ASN D 182 10.12 -11.41 -4.03
N SER D 183 9.89 -12.06 -5.16
CA SER D 183 9.37 -13.41 -5.25
C SER D 183 10.16 -14.02 -6.43
N VAL D 184 11.11 -14.92 -6.12
CA VAL D 184 12.05 -15.45 -7.12
C VAL D 184 11.97 -16.98 -7.25
N THR D 185 12.12 -17.47 -8.48
CA THR D 185 12.23 -18.91 -8.74
C THR D 185 13.69 -19.23 -9.08
N TYR D 186 14.33 -20.01 -8.21
CA TYR D 186 15.73 -20.40 -8.43
C TYR D 186 15.86 -21.70 -9.27
N SER D 187 16.96 -21.84 -10.01
CA SER D 187 17.16 -22.96 -10.93
C SER D 187 17.05 -24.35 -10.27
N CYS D 188 17.29 -24.40 -8.97
CA CYS D 188 17.32 -25.63 -8.20
C CYS D 188 15.94 -26.26 -8.01
N CYS D 189 14.89 -25.44 -8.00
CA CYS D 189 13.60 -25.82 -7.41
C CYS D 189 12.46 -25.10 -8.14
N PRO D 190 11.28 -25.70 -8.20
CA PRO D 190 10.19 -25.15 -9.04
C PRO D 190 9.31 -24.07 -8.39
N GLU D 191 9.32 -24.00 -7.05
CA GLU D 191 8.52 -23.01 -6.33
C GLU D 191 9.28 -21.69 -6.15
N ALA D 192 8.53 -20.63 -5.88
CA ALA D 192 9.04 -19.28 -5.68
C ALA D 192 9.36 -19.08 -4.20
N TYR D 193 10.45 -18.36 -3.93
CA TYR D 193 10.89 -18.03 -2.58
C TYR D 193 10.83 -16.53 -2.44
N GLU D 194 10.26 -16.06 -1.35
CA GLU D 194 10.19 -14.63 -1.10
C GLU D 194 11.43 -14.11 -0.40
N ASP D 195 11.80 -12.88 -0.73
CA ASP D 195 12.86 -12.18 -0.04
C ASP D 195 12.49 -10.70 0.17
N VAL D 196 13.12 -10.11 1.18
CA VAL D 196 13.14 -8.65 1.29
C VAL D 196 14.53 -8.11 0.88
N GLU D 197 14.53 -7.10 0.02
CA GLU D 197 15.76 -6.40 -0.35
C GLU D 197 15.82 -5.09 0.40
N VAL D 198 16.86 -4.95 1.23
CA VAL D 198 17.05 -3.75 2.04
C VAL D 198 18.18 -2.90 1.41
N SER D 199 17.82 -1.73 0.90
CA SER D 199 18.77 -0.85 0.25
C SER D 199 19.27 0.18 1.25
N LEU D 200 20.56 0.08 1.58
CA LEU D 200 21.18 1.02 2.49
C LEU D 200 21.94 2.05 1.70
N ASN D 201 21.45 3.30 1.72
CA ASN D 201 22.10 4.42 1.06
C ASN D 201 22.95 5.14 2.11
N PHE D 202 24.26 5.10 1.90
CA PHE D 202 25.15 5.66 2.90
C PHE D 202 26.38 6.31 2.29
N ARG D 203 27.11 7.10 3.06
CA ARG D 203 28.36 7.65 2.57
C ARG D 203 29.39 7.91 3.67
N LYS D 204 30.63 8.12 3.26
CA LYS D 204 31.70 8.42 4.21
C LYS D 204 31.68 9.87 4.60
N LYS D 205 31.66 10.13 5.89
CA LYS D 205 31.70 11.51 6.35
C LYS D 205 33.11 12.03 6.09
N GLY D 206 33.23 13.30 5.71
CA GLY D 206 34.51 14.01 5.61
C GLY D 206 34.92 14.55 6.99
N ARG D 207 36.21 14.78 7.20
CA ARG D 207 36.71 15.14 8.55
C ARG D 207 35.98 16.32 9.20
N SER D 208 35.78 17.40 8.45
CA SER D 208 34.90 18.50 8.87
C SER D 208 33.46 18.00 9.11
N GLU E 1 -3.37 -39.55 6.69
CA GLU E 1 -3.10 -38.08 6.90
C GLU E 1 -2.12 -37.76 8.05
N PHE E 2 -1.00 -37.16 7.66
CA PHE E 2 -0.03 -36.63 8.60
C PHE E 2 0.09 -35.14 8.40
N ASP E 3 0.27 -34.41 9.48
CA ASP E 3 0.69 -33.01 9.36
C ASP E 3 2.23 -32.90 9.49
N ARG E 4 2.74 -31.68 9.28
CA ARG E 4 4.18 -31.46 9.29
C ARG E 4 4.81 -31.92 10.58
N ALA E 5 4.10 -31.67 11.69
CA ALA E 5 4.56 -32.07 13.00
C ALA E 5 4.76 -33.59 13.09
N ASP E 6 3.81 -34.35 12.56
CA ASP E 6 3.87 -35.83 12.54
C ASP E 6 5.03 -36.31 11.67
N ILE E 7 5.12 -35.75 10.46
CA ILE E 7 6.20 -36.15 9.56
C ILE E 7 7.56 -35.91 10.25
N LEU E 8 7.72 -34.73 10.86
CA LEU E 8 9.01 -34.37 11.44
C LEU E 8 9.31 -35.18 12.70
N TYR E 9 8.29 -35.45 13.49
CA TYR E 9 8.39 -36.37 14.61
C TYR E 9 8.83 -37.75 14.18
N ASN E 10 8.15 -38.30 13.17
CA ASN E 10 8.49 -39.64 12.69
C ASN E 10 9.94 -39.75 12.17
N ILE E 11 10.37 -38.74 11.41
CA ILE E 11 11.73 -38.65 10.91
C ILE E 11 12.72 -38.53 12.06
N ARG E 12 12.45 -37.62 12.99
CA ARG E 12 13.30 -37.46 14.14
C ARG E 12 13.39 -38.74 14.98
N GLN E 13 12.28 -39.45 15.14
CA GLN E 13 12.27 -40.64 16.00
C GLN E 13 12.97 -41.86 15.40
N THR E 14 13.11 -41.86 14.09
CA THR E 14 13.69 -42.99 13.38
C THR E 14 14.84 -42.53 12.49
N SER E 15 15.24 -41.26 12.68
CA SER E 15 16.50 -40.75 12.14
C SER E 15 17.60 -41.74 12.47
N ARG E 16 18.20 -42.32 11.43
CA ARG E 16 19.39 -43.14 11.60
C ARG E 16 20.53 -42.36 10.92
N PRO E 17 20.94 -41.25 11.54
CA PRO E 17 21.86 -40.27 10.93
C PRO E 17 23.25 -40.81 10.51
N ASP E 18 23.71 -41.86 11.18
CA ASP E 18 24.98 -42.50 10.91
C ASP E 18 24.86 -43.64 9.93
N VAL E 19 23.67 -43.93 9.47
CA VAL E 19 23.52 -45.10 8.61
C VAL E 19 23.35 -44.64 7.18
N ILE E 20 24.32 -44.96 6.35
CA ILE E 20 24.20 -44.71 4.90
C ILE E 20 22.98 -45.50 4.32
N PRO E 21 22.09 -44.80 3.61
CA PRO E 21 20.83 -45.41 3.13
C PRO E 21 21.07 -46.23 1.87
N THR E 22 22.00 -47.16 1.99
CA THR E 22 22.27 -48.14 0.96
C THR E 22 21.05 -49.08 0.77
N GLN E 23 20.75 -49.45 -0.47
CA GLN E 23 19.73 -50.44 -0.75
C GLN E 23 20.42 -51.67 -1.33
N ARG E 24 20.09 -52.85 -0.83
CA ARG E 24 20.62 -54.09 -1.40
C ARG E 24 22.06 -53.95 -1.94
N ASP E 25 22.97 -53.46 -1.10
CA ASP E 25 24.43 -53.40 -1.42
C ASP E 25 24.88 -52.56 -2.66
N ARG E 26 24.05 -51.59 -3.05
CA ARG E 26 24.31 -50.79 -4.25
C ARG E 26 24.48 -49.33 -3.84
N PRO E 27 25.40 -48.61 -4.50
CA PRO E 27 25.88 -47.33 -3.96
C PRO E 27 24.75 -46.30 -3.87
N VAL E 28 24.80 -45.43 -2.88
CA VAL E 28 23.94 -44.27 -2.80
C VAL E 28 24.42 -43.28 -3.87
N ALA E 29 23.57 -42.97 -4.86
CA ALA E 29 23.92 -41.99 -5.89
C ALA E 29 23.73 -40.57 -5.38
N VAL E 30 24.84 -39.85 -5.29
CA VAL E 30 24.85 -38.50 -4.82
C VAL E 30 25.19 -37.55 -5.95
N SER E 31 24.38 -36.53 -6.14
CA SER E 31 24.66 -35.52 -7.14
C SER E 31 25.17 -34.29 -6.43
N VAL E 32 26.24 -33.73 -6.98
CA VAL E 32 26.82 -32.50 -6.48
C VAL E 32 27.03 -31.50 -7.59
N SER E 33 26.78 -30.25 -7.28
CA SER E 33 26.92 -29.16 -8.22
C SER E 33 27.24 -27.93 -7.41
N LEU E 34 28.26 -27.18 -7.83
CA LEU E 34 28.64 -25.97 -7.12
C LEU E 34 28.09 -24.78 -7.87
N LYS E 35 27.29 -23.94 -7.19
CA LYS E 35 26.85 -22.68 -7.78
C LYS E 35 27.64 -21.55 -7.19
N PHE E 36 28.55 -20.99 -7.99
CA PHE E 36 29.46 -19.98 -7.48
C PHE E 36 28.76 -18.66 -7.26
N ILE E 37 28.94 -18.11 -6.06
CA ILE E 37 28.31 -16.83 -5.71
C ILE E 37 29.30 -15.67 -5.73
N ASN E 38 30.49 -15.92 -5.19
CA ASN E 38 31.53 -14.92 -5.09
C ASN E 38 32.92 -15.51 -5.04
N ILE E 39 33.90 -14.75 -5.55
CA ILE E 39 35.31 -15.02 -5.38
C ILE E 39 35.86 -13.83 -4.61
N LEU E 40 36.29 -14.08 -3.38
CA LEU E 40 36.56 -12.99 -2.43
C LEU E 40 38.01 -12.58 -2.37
N GLU E 41 38.88 -13.55 -2.62
CA GLU E 41 40.31 -13.30 -2.57
C GLU E 41 41.04 -14.32 -3.43
N VAL E 42 42.00 -13.83 -4.18
CA VAL E 42 42.79 -14.63 -5.10
C VAL E 42 44.24 -14.19 -4.86
N ASN E 43 45.15 -15.15 -4.78
CA ASN E 43 46.56 -14.87 -4.62
C ASN E 43 47.34 -15.67 -5.64
N GLU E 44 47.89 -14.97 -6.63
CA GLU E 44 48.59 -15.63 -7.73
C GLU E 44 49.95 -16.18 -7.29
N ILE E 45 50.52 -15.59 -6.24
CA ILE E 45 51.81 -16.03 -5.71
C ILE E 45 51.65 -17.37 -5.00
N THR E 46 50.66 -17.46 -4.11
CA THR E 46 50.47 -18.65 -3.29
C THR E 46 49.55 -19.70 -3.92
N ASN E 47 48.88 -19.34 -5.01
CA ASN E 47 47.92 -20.21 -5.68
C ASN E 47 46.78 -20.61 -4.74
N GLU E 48 46.19 -19.60 -4.11
CA GLU E 48 45.11 -19.80 -3.18
C GLU E 48 43.92 -18.91 -3.57
N VAL E 49 42.71 -19.40 -3.35
CA VAL E 49 41.49 -18.68 -3.65
C VAL E 49 40.47 -18.88 -2.54
N ASP E 50 39.70 -17.84 -2.24
CA ASP E 50 38.69 -17.82 -1.18
C ASP E 50 37.37 -17.65 -1.94
N VAL E 51 36.48 -18.64 -1.80
CA VAL E 51 35.27 -18.66 -2.63
C VAL E 51 33.97 -18.88 -1.81
N VAL E 52 32.86 -18.33 -2.30
CA VAL E 52 31.55 -18.63 -1.75
C VAL E 52 30.72 -19.33 -2.82
N PHE E 53 30.15 -20.48 -2.45
CA PHE E 53 29.38 -21.33 -3.36
C PHE E 53 28.17 -22.03 -2.65
N TRP E 54 27.10 -22.24 -3.41
CA TRP E 54 26.04 -23.10 -2.94
C TRP E 54 26.37 -24.51 -3.40
N GLN E 55 26.44 -25.43 -2.44
CA GLN E 55 26.82 -26.79 -2.74
C GLN E 55 25.55 -27.58 -2.82
N GLN E 56 25.00 -27.63 -4.03
CA GLN E 56 23.75 -28.31 -4.23
C GLN E 56 24.00 -29.82 -4.19
N THR E 57 23.44 -30.47 -3.17
CA THR E 57 23.64 -31.88 -2.93
C THR E 57 22.34 -32.62 -2.84
N THR E 58 22.29 -33.74 -3.54
CA THR E 58 21.06 -34.42 -3.80
C THR E 58 21.30 -35.90 -3.66
N TRP E 59 20.37 -36.59 -2.97
CA TRP E 59 20.40 -38.04 -2.86
C TRP E 59 19.05 -38.58 -2.41
N SER E 60 18.92 -39.89 -2.45
CA SER E 60 17.70 -40.51 -2.03
C SER E 60 17.91 -41.32 -0.75
N ASP E 61 16.96 -41.22 0.18
CA ASP E 61 16.93 -42.04 1.39
C ASP E 61 15.52 -42.53 1.62
N ARG E 62 15.22 -43.73 1.15
CA ARG E 62 13.89 -44.31 1.23
C ARG E 62 13.36 -44.49 2.67
N THR E 63 14.24 -44.61 3.67
CA THR E 63 13.79 -44.73 5.07
C THR E 63 13.08 -43.44 5.56
N LEU E 64 13.19 -42.36 4.79
CA LEU E 64 12.56 -41.12 5.17
C LEU E 64 11.15 -40.99 4.58
N ALA E 65 10.85 -41.85 3.60
CA ALA E 65 9.61 -41.75 2.85
C ALA E 65 8.36 -41.88 3.70
N TRP E 66 7.31 -41.20 3.25
CA TRP E 66 6.01 -41.31 3.89
C TRP E 66 4.93 -41.15 2.83
N ASN E 67 3.76 -41.69 3.13
CA ASN E 67 2.59 -41.62 2.25
C ASN E 67 1.98 -40.22 2.29
N SER E 68 2.09 -39.49 1.18
CA SER E 68 1.63 -38.13 1.12
C SER E 68 0.45 -38.00 0.14
N SER E 69 -0.39 -39.02 0.11
CA SER E 69 -1.63 -38.91 -0.63
C SER E 69 -2.52 -37.77 -0.08
N HIS E 70 -2.56 -37.63 1.26
CA HIS E 70 -3.36 -36.62 1.95
C HIS E 70 -2.56 -35.80 2.97
N SER E 71 -1.27 -35.58 2.67
CA SER E 71 -0.33 -34.93 3.57
C SER E 71 0.60 -34.02 2.77
N PRO E 72 1.25 -33.06 3.43
CA PRO E 72 2.33 -32.29 2.81
C PRO E 72 3.36 -33.25 2.21
N ASP E 73 3.86 -32.93 1.03
CA ASP E 73 4.79 -33.84 0.39
C ASP E 73 6.28 -33.45 0.52
N GLN E 74 6.55 -32.36 1.25
CA GLN E 74 7.92 -31.90 1.49
C GLN E 74 8.02 -31.26 2.85
N VAL E 75 9.15 -31.46 3.53
CA VAL E 75 9.46 -30.74 4.78
C VAL E 75 10.94 -30.30 4.85
N SER E 76 11.20 -29.26 5.65
CA SER E 76 12.57 -28.89 5.98
C SER E 76 13.04 -29.61 7.25
N VAL E 77 14.20 -30.25 7.19
CA VAL E 77 14.68 -31.07 8.29
C VAL E 77 16.09 -30.67 8.71
N PRO E 78 16.35 -30.45 10.00
CA PRO E 78 17.73 -30.20 10.45
C PRO E 78 18.61 -31.35 10.01
N ILE E 79 19.79 -31.08 9.40
CA ILE E 79 20.64 -32.17 8.93
C ILE E 79 21.14 -33.11 10.02
N SER E 80 21.07 -32.67 11.28
CA SER E 80 21.38 -33.52 12.43
C SER E 80 20.42 -34.66 12.58
N SER E 81 19.26 -34.54 11.97
CA SER E 81 18.31 -35.64 11.98
C SER E 81 18.42 -36.53 10.74
N LEU E 82 19.36 -36.23 9.85
CA LEU E 82 19.41 -36.98 8.59
C LEU E 82 20.80 -37.57 8.37
N TRP E 83 20.89 -38.70 7.66
CA TRP E 83 22.20 -39.08 7.12
C TRP E 83 22.51 -38.12 6.00
N VAL E 84 23.75 -37.64 5.98
CA VAL E 84 24.22 -36.71 4.96
C VAL E 84 25.52 -37.27 4.42
N PRO E 85 25.78 -37.21 3.12
CA PRO E 85 27.02 -37.74 2.55
C PRO E 85 28.24 -37.01 3.13
N ASP E 86 29.30 -37.77 3.39
CA ASP E 86 30.51 -37.25 4.02
C ASP E 86 31.45 -36.66 2.96
N LEU E 87 30.95 -35.70 2.18
CA LEU E 87 31.73 -35.04 1.14
C LEU E 87 32.79 -34.11 1.69
N ALA E 88 33.93 -34.08 1.02
CA ALA E 88 35.01 -33.16 1.36
C ALA E 88 35.68 -32.67 0.10
N ALA E 89 36.13 -31.41 0.12
CA ALA E 89 36.94 -30.89 -0.96
C ALA E 89 38.38 -31.25 -0.66
N TYR E 90 39.01 -32.04 -1.54
CA TYR E 90 40.36 -32.57 -1.34
C TYR E 90 41.43 -31.49 -1.36
N ASN E 91 41.19 -30.38 -2.08
CA ASN E 91 42.17 -29.29 -2.14
C ASN E 91 41.77 -28.05 -1.31
N ALA E 92 40.82 -28.25 -0.41
CA ALA E 92 40.47 -27.20 0.55
C ALA E 92 41.57 -27.05 1.58
N ILE E 93 41.86 -25.81 1.94
CA ILE E 93 42.92 -25.51 2.92
C ILE E 93 42.30 -24.80 4.12
N SER E 94 40.97 -24.68 4.15
CA SER E 94 40.23 -24.25 5.35
C SER E 94 39.01 -25.19 5.53
N LYS E 95 38.51 -25.35 6.77
CA LYS E 95 37.27 -26.13 6.98
C LYS E 95 36.13 -25.33 6.37
N PRO E 96 35.11 -26.01 5.81
CA PRO E 96 33.98 -25.32 5.18
C PRO E 96 33.21 -24.40 6.13
N GLU E 97 33.12 -23.12 5.81
CA GLU E 97 32.31 -22.22 6.64
C GLU E 97 30.89 -22.21 6.03
N VAL E 98 29.93 -22.84 6.72
CA VAL E 98 28.52 -22.87 6.29
C VAL E 98 27.83 -21.58 6.69
N LEU E 99 27.32 -20.86 5.69
CA LEU E 99 26.74 -19.53 5.93
C LEU E 99 25.24 -19.55 6.16
N THR E 100 24.60 -20.67 5.85
CA THR E 100 23.15 -20.72 5.87
C THR E 100 22.60 -21.65 6.93
N PRO E 101 21.31 -21.53 7.29
CA PRO E 101 20.67 -22.51 8.19
C PRO E 101 20.88 -23.93 7.73
N GLN E 102 21.27 -24.83 8.63
CA GLN E 102 21.62 -26.20 8.22
C GLN E 102 20.40 -27.13 8.12
N LEU E 103 19.53 -26.85 7.15
CA LEU E 103 18.29 -27.59 6.93
C LEU E 103 18.31 -28.17 5.53
N ALA E 104 17.77 -29.38 5.39
CA ALA E 104 17.67 -30.00 4.08
C ALA E 104 16.17 -30.06 3.78
N ARG E 105 15.85 -30.16 2.50
CA ARG E 105 14.49 -30.31 2.07
C ARG E 105 14.27 -31.77 1.74
N VAL E 106 13.26 -32.40 2.33
CA VAL E 106 13.04 -33.84 2.17
C VAL E 106 11.66 -34.04 1.52
N VAL E 107 11.63 -34.73 0.37
CA VAL E 107 10.37 -35.03 -0.33
C VAL E 107 9.81 -36.36 0.21
N SER E 108 8.49 -36.55 0.16
CA SER E 108 7.84 -37.76 0.67
C SER E 108 8.33 -39.08 0.07
N ASP E 109 8.95 -39.04 -1.12
CA ASP E 109 9.47 -40.29 -1.70
C ASP E 109 10.88 -40.61 -1.19
N GLY E 110 11.45 -39.73 -0.36
CA GLY E 110 12.76 -39.94 0.19
C GLY E 110 13.86 -39.15 -0.48
N GLU E 111 13.51 -38.32 -1.45
CA GLU E 111 14.53 -37.48 -2.10
C GLU E 111 14.93 -36.36 -1.17
N VAL E 112 16.22 -36.07 -1.12
CA VAL E 112 16.72 -35.05 -0.23
C VAL E 112 17.49 -34.01 -1.06
N LEU E 113 17.28 -32.75 -0.77
CA LEU E 113 18.12 -31.67 -1.29
C LEU E 113 18.75 -30.91 -0.12
N TYR E 114 20.06 -30.97 -0.01
CA TYR E 114 20.77 -30.12 0.97
C TYR E 114 21.62 -29.12 0.17
N MET E 115 21.43 -27.83 0.38
CA MET E 115 22.13 -26.82 -0.43
C MET E 115 22.65 -25.68 0.44
N PRO E 116 23.71 -25.92 1.20
CA PRO E 116 24.29 -24.88 2.04
C PRO E 116 25.07 -23.84 1.18
N SER E 117 25.07 -22.58 1.60
CA SER E 117 26.10 -21.64 1.14
C SER E 117 27.36 -21.85 1.96
N ILE E 118 28.49 -22.03 1.28
CA ILE E 118 29.75 -22.35 1.92
C ILE E 118 30.80 -21.32 1.50
N ARG E 119 31.57 -20.86 2.49
CA ARG E 119 32.78 -20.12 2.23
C ARG E 119 33.97 -21.03 2.55
N GLN E 120 34.90 -21.14 1.62
CA GLN E 120 36.05 -22.04 1.78
C GLN E 120 37.24 -21.57 0.94
N ARG E 121 38.42 -21.85 1.48
CA ARG E 121 39.66 -21.47 0.87
C ARG E 121 40.20 -22.75 0.16
N PHE E 122 40.76 -22.60 -1.04
CA PHE E 122 41.28 -23.74 -1.80
C PHE E 122 42.71 -23.46 -2.34
N SER E 123 43.45 -24.54 -2.57
CA SER E 123 44.74 -24.50 -3.24
C SER E 123 44.48 -24.97 -4.66
N CYS E 124 44.81 -24.11 -5.62
CA CYS E 124 44.58 -24.40 -7.03
C CYS E 124 45.29 -23.40 -7.95
N ASP E 125 45.20 -23.66 -9.24
CA ASP E 125 45.91 -22.90 -10.25
C ASP E 125 45.31 -21.51 -10.48
N VAL E 126 45.96 -20.50 -9.91
CA VAL E 126 45.52 -19.11 -10.06
C VAL E 126 46.24 -18.37 -11.21
N SER E 127 47.21 -19.04 -11.84
CA SER E 127 47.94 -18.42 -12.96
C SER E 127 46.99 -18.00 -14.10
N GLY E 128 47.26 -16.82 -14.65
CA GLY E 128 46.47 -16.26 -15.73
C GLY E 128 45.21 -15.52 -15.30
N VAL E 129 44.98 -15.37 -14.00
CA VAL E 129 43.75 -14.77 -13.49
C VAL E 129 43.53 -13.36 -14.00
N ASP E 130 44.63 -12.64 -14.19
CA ASP E 130 44.59 -11.27 -14.69
C ASP E 130 44.99 -11.22 -16.18
N THR E 131 44.83 -12.34 -16.89
CA THR E 131 44.89 -12.37 -18.36
C THR E 131 43.48 -12.49 -18.89
N GLU E 132 43.33 -12.53 -20.21
CA GLU E 132 42.02 -12.59 -20.83
C GLU E 132 41.40 -14.00 -20.79
N SER E 133 42.22 -15.02 -21.04
CA SER E 133 41.80 -16.42 -21.01
C SER E 133 41.51 -16.88 -19.56
N GLY E 134 41.99 -16.11 -18.60
CA GLY E 134 41.69 -16.31 -17.19
C GLY E 134 42.42 -17.46 -16.52
N ALA E 135 42.11 -17.66 -15.25
CA ALA E 135 42.65 -18.79 -14.50
C ALA E 135 41.63 -19.93 -14.48
N THR E 136 42.13 -21.15 -14.27
CA THR E 136 41.24 -22.27 -14.05
C THR E 136 41.57 -23.00 -12.74
N CYS E 137 40.69 -22.81 -11.76
CA CYS E 137 40.80 -23.44 -10.45
C CYS E 137 39.93 -24.70 -10.43
N ARG E 138 40.56 -25.82 -10.09
CA ARG E 138 39.87 -27.09 -10.05
C ARG E 138 39.59 -27.49 -8.59
N ILE E 139 38.32 -27.72 -8.29
CA ILE E 139 37.92 -28.16 -6.95
C ILE E 139 37.48 -29.63 -7.03
N LYS E 140 38.14 -30.47 -6.24
CA LYS E 140 37.86 -31.90 -6.24
C LYS E 140 37.02 -32.29 -5.00
N ILE E 141 35.82 -32.80 -5.27
CA ILE E 141 34.94 -33.18 -4.17
C ILE E 141 34.49 -34.65 -4.23
N GLY E 142 34.64 -35.37 -3.13
CA GLY E 142 34.14 -36.74 -3.08
C GLY E 142 33.90 -37.17 -1.66
N SER E 143 33.38 -38.40 -1.52
CA SER E 143 33.11 -38.94 -0.22
C SER E 143 34.47 -39.22 0.45
N TRP E 144 34.61 -38.81 1.69
CA TRP E 144 35.88 -39.02 2.40
C TRP E 144 36.15 -40.49 2.78
N THR E 145 35.12 -41.21 3.18
CA THR E 145 35.27 -42.56 3.70
C THR E 145 34.48 -43.64 2.98
N HIS E 146 33.63 -43.27 2.01
CA HIS E 146 32.83 -44.27 1.33
C HIS E 146 33.30 -44.50 -0.09
N HIS E 147 33.75 -45.71 -0.39
CA HIS E 147 34.22 -46.04 -1.73
C HIS E 147 33.08 -46.19 -2.75
N SER E 148 33.45 -46.58 -3.98
CA SER E 148 32.53 -46.52 -5.12
C SER E 148 31.37 -47.51 -5.01
N ARG E 149 31.52 -48.57 -4.23
CA ARG E 149 30.37 -49.47 -4.02
C ARG E 149 29.40 -48.97 -2.98
N GLU E 150 29.72 -47.85 -2.34
CA GLU E 150 28.85 -47.31 -1.27
C GLU E 150 28.31 -45.91 -1.61
N ILE E 151 29.16 -45.07 -2.21
CA ILE E 151 28.73 -43.76 -2.71
C ILE E 151 29.28 -43.52 -4.12
N SER E 152 28.39 -43.19 -5.05
CA SER E 152 28.80 -42.65 -6.34
C SER E 152 28.52 -41.16 -6.39
N VAL E 153 29.44 -40.37 -6.90
CA VAL E 153 29.21 -38.92 -7.02
C VAL E 153 29.15 -38.56 -8.50
N ASP E 154 28.06 -37.89 -8.89
CA ASP E 154 27.82 -37.50 -10.29
C ASP E 154 27.52 -36.00 -10.36
N PRO E 155 28.06 -35.32 -11.36
CA PRO E 155 27.60 -33.96 -11.64
C PRO E 155 26.26 -34.01 -12.35
N THR E 156 25.20 -33.59 -11.67
CA THR E 156 24.00 -33.15 -12.39
C THR E 156 23.83 -31.64 -12.21
N THR E 157 24.16 -30.92 -13.28
CA THR E 157 24.06 -29.44 -13.38
C THR E 157 22.72 -28.99 -14.01
N GLU E 158 22.04 -29.95 -14.66
CA GLU E 158 20.72 -29.75 -15.29
C GLU E 158 20.75 -28.72 -16.43
N ASN E 159 21.95 -28.20 -16.70
CA ASN E 159 22.20 -27.13 -17.67
C ASN E 159 21.53 -25.78 -17.28
N SER E 160 22.03 -25.20 -16.17
CA SER E 160 21.67 -23.84 -15.79
C SER E 160 22.90 -22.92 -15.78
N ASP E 161 22.79 -21.79 -16.50
CA ASP E 161 23.85 -20.76 -16.71
C ASP E 161 24.90 -20.61 -15.59
N ASP E 162 26.16 -20.38 -15.99
CA ASP E 162 27.35 -20.44 -15.10
C ASP E 162 27.46 -19.27 -14.12
N SER E 163 27.46 -18.08 -14.68
CA SER E 163 27.43 -16.82 -13.93
C SER E 163 26.02 -16.52 -13.40
N GLU E 164 25.14 -17.53 -13.32
CA GLU E 164 23.72 -17.25 -13.07
C GLU E 164 23.50 -16.48 -11.75
N TYR E 165 24.01 -17.04 -10.64
CA TYR E 165 23.86 -16.43 -9.33
C TYR E 165 25.15 -15.79 -8.81
N PHE E 166 26.15 -15.67 -9.67
CA PHE E 166 27.39 -15.03 -9.29
C PHE E 166 27.21 -13.52 -9.12
N SER E 167 27.82 -12.96 -8.08
CA SER E 167 27.66 -11.54 -7.77
C SER E 167 28.15 -10.61 -8.88
N GLN E 168 27.31 -9.68 -9.30
CA GLN E 168 27.71 -8.65 -10.24
C GLN E 168 28.69 -7.65 -9.63
N TYR E 169 28.92 -7.74 -8.32
CA TYR E 169 29.77 -6.77 -7.61
C TYR E 169 31.17 -7.30 -7.32
N SER E 170 31.35 -8.58 -7.55
CA SER E 170 32.67 -9.18 -7.53
C SER E 170 33.66 -8.47 -8.45
N ARG E 171 34.92 -8.60 -8.08
CA ARG E 171 36.03 -8.06 -8.83
C ARG E 171 36.35 -8.99 -9.98
N PHE E 172 35.83 -10.21 -9.89
CA PHE E 172 36.13 -11.26 -10.85
C PHE E 172 34.86 -11.58 -11.64
N GLU E 173 35.01 -12.24 -12.79
CA GLU E 173 33.88 -12.72 -13.58
C GLU E 173 34.15 -14.16 -13.96
N ILE E 174 33.09 -14.93 -14.10
CA ILE E 174 33.21 -16.34 -14.45
C ILE E 174 33.07 -16.51 -15.95
N LEU E 175 34.05 -17.18 -16.55
CA LEU E 175 34.03 -17.44 -17.98
C LEU E 175 33.31 -18.76 -18.28
N ASP E 176 33.55 -19.76 -17.44
CA ASP E 176 33.05 -21.11 -17.67
C ASP E 176 33.20 -21.98 -16.43
N VAL E 177 32.24 -22.89 -16.25
CA VAL E 177 32.31 -23.93 -15.23
C VAL E 177 32.07 -25.28 -15.91
N THR E 178 33.04 -26.19 -15.79
CA THR E 178 32.86 -27.57 -16.26
C THR E 178 33.09 -28.60 -15.15
N GLN E 179 32.58 -29.82 -15.35
CA GLN E 179 32.78 -30.93 -14.42
C GLN E 179 33.29 -32.23 -15.07
N LYS E 180 34.04 -33.02 -14.30
CA LYS E 180 34.57 -34.34 -14.70
C LYS E 180 34.39 -35.30 -13.53
N LYS E 181 33.83 -36.48 -13.81
CA LYS E 181 33.71 -37.54 -12.82
C LYS E 181 35.00 -38.30 -12.83
N ASN E 182 35.58 -38.52 -11.64
CA ASN E 182 36.77 -39.35 -11.53
C ASN E 182 36.58 -40.55 -10.63
N SER E 183 37.50 -41.51 -10.74
CA SER E 183 37.53 -42.72 -9.94
C SER E 183 38.99 -43.10 -9.61
N VAL E 184 39.40 -42.78 -8.38
CA VAL E 184 40.80 -42.87 -7.96
C VAL E 184 40.94 -43.91 -6.86
N THR E 185 41.89 -44.85 -7.05
CA THR E 185 42.36 -45.74 -5.99
C THR E 185 43.55 -45.07 -5.26
N TYR E 186 43.47 -44.92 -3.93
CA TYR E 186 44.55 -44.32 -3.13
C TYR E 186 45.39 -45.41 -2.44
N SER E 187 46.66 -45.11 -2.19
CA SER E 187 47.58 -46.07 -1.59
C SER E 187 47.11 -46.73 -0.32
N CYS E 188 46.33 -46.01 0.48
CA CYS E 188 45.88 -46.47 1.79
C CYS E 188 45.03 -47.72 1.74
N CYS E 189 44.11 -47.73 0.78
CA CYS E 189 42.94 -48.61 0.80
C CYS E 189 42.72 -49.16 -0.61
N PRO E 190 42.25 -50.41 -0.72
CA PRO E 190 42.25 -51.15 -2.00
C PRO E 190 41.12 -50.81 -3.01
N GLU E 191 40.06 -50.16 -2.52
CA GLU E 191 38.87 -49.83 -3.29
C GLU E 191 39.00 -48.43 -3.83
N ALA E 192 38.24 -48.12 -4.88
CA ALA E 192 38.23 -46.82 -5.56
C ALA E 192 37.22 -45.88 -4.95
N TYR E 193 37.56 -44.57 -4.95
CA TYR E 193 36.68 -43.53 -4.40
C TYR E 193 36.35 -42.59 -5.51
N GLU E 194 35.09 -42.24 -5.64
CA GLU E 194 34.66 -41.33 -6.67
C GLU E 194 34.75 -39.87 -6.27
N ASP E 195 35.05 -39.02 -7.23
CA ASP E 195 35.05 -37.59 -6.98
C ASP E 195 34.49 -36.87 -8.18
N VAL E 196 34.01 -35.65 -7.99
CA VAL E 196 33.73 -34.74 -9.09
C VAL E 196 34.74 -33.60 -9.03
N GLU E 197 35.39 -33.33 -10.16
CA GLU E 197 36.25 -32.16 -10.32
C GLU E 197 35.47 -31.03 -10.98
N VAL E 198 35.38 -29.90 -10.29
CA VAL E 198 34.69 -28.73 -10.80
C VAL E 198 35.73 -27.68 -11.19
N SER E 199 35.77 -27.36 -12.49
CA SER E 199 36.76 -26.46 -13.03
C SER E 199 36.13 -25.10 -13.22
N LEU E 200 36.60 -24.14 -12.42
CA LEU E 200 36.14 -22.76 -12.46
C LEU E 200 37.12 -21.88 -13.29
N ASN E 201 36.69 -21.49 -14.48
CA ASN E 201 37.46 -20.61 -15.33
C ASN E 201 36.99 -19.18 -15.07
N PHE E 202 37.88 -18.36 -14.50
CA PHE E 202 37.49 -17.01 -14.10
C PHE E 202 38.63 -16.02 -14.31
N ARG E 203 38.33 -14.72 -14.24
CA ARG E 203 39.33 -13.66 -14.38
C ARG E 203 39.00 -12.39 -13.57
N LYS E 204 39.97 -11.48 -13.41
CA LYS E 204 39.68 -10.12 -12.92
C LYS E 204 39.08 -9.33 -14.08
N LYS E 205 38.00 -8.59 -13.82
CA LYS E 205 37.40 -7.70 -14.79
C LYS E 205 38.33 -6.54 -15.08
N GLY E 206 38.04 -5.80 -16.16
CA GLY E 206 38.87 -4.66 -16.54
C GLY E 206 38.18 -3.29 -16.44
N GLU F 1 -52.01 -20.47 -40.40
CA GLU F 1 -51.88 -18.97 -40.44
C GLU F 1 -51.20 -18.36 -39.21
N PHE F 2 -50.13 -17.59 -39.47
CA PHE F 2 -49.44 -16.79 -38.49
C PHE F 2 -49.47 -15.36 -38.97
N ASP F 3 -49.57 -14.42 -38.05
CA ASP F 3 -49.30 -13.04 -38.44
C ASP F 3 -47.87 -12.68 -38.04
N ARG F 4 -47.45 -11.48 -38.40
CA ARG F 4 -46.09 -11.01 -38.12
C ARG F 4 -45.79 -11.14 -36.62
N ALA F 5 -46.77 -10.81 -35.80
CA ALA F 5 -46.55 -10.85 -34.37
C ALA F 5 -46.23 -12.26 -33.92
N ASP F 6 -46.94 -13.26 -34.46
CA ASP F 6 -46.70 -14.67 -34.14
C ASP F 6 -45.32 -15.14 -34.62
N ILE F 7 -44.99 -14.81 -35.86
CA ILE F 7 -43.68 -15.17 -36.42
C ILE F 7 -42.56 -14.60 -35.54
N LEU F 8 -42.67 -13.32 -35.18
CA LEU F 8 -41.63 -12.67 -34.41
C LEU F 8 -41.55 -13.21 -32.96
N TYR F 9 -42.71 -13.46 -32.37
CA TYR F 9 -42.79 -14.11 -31.06
C TYR F 9 -42.12 -15.48 -31.07
N ASN F 10 -42.48 -16.30 -32.05
CA ASN F 10 -41.87 -17.62 -32.17
C ASN F 10 -40.34 -17.60 -32.38
N ILE F 11 -39.86 -16.75 -33.29
CA ILE F 11 -38.43 -16.49 -33.42
C ILE F 11 -37.81 -15.98 -32.10
N ARG F 12 -38.48 -15.03 -31.44
CA ARG F 12 -37.93 -14.44 -30.22
C ARG F 12 -37.88 -15.51 -29.13
N GLN F 13 -38.95 -16.29 -29.04
CA GLN F 13 -39.10 -17.32 -28.01
C GLN F 13 -38.17 -18.51 -28.13
N THR F 14 -37.85 -18.88 -29.37
CA THR F 14 -36.97 -20.01 -29.59
C THR F 14 -35.61 -19.54 -30.06
N SER F 15 -35.35 -18.23 -29.95
CA SER F 15 -34.05 -17.66 -30.40
C SER F 15 -32.93 -18.37 -29.72
N ARG F 16 -31.95 -18.80 -30.52
CA ARG F 16 -30.69 -19.27 -29.98
C ARG F 16 -29.57 -18.49 -30.68
N PRO F 17 -29.47 -17.19 -30.36
CA PRO F 17 -28.53 -16.24 -31.00
C PRO F 17 -27.05 -16.65 -30.90
N ASP F 18 -26.74 -17.58 -29.98
CA ASP F 18 -25.38 -18.02 -29.72
C ASP F 18 -25.03 -19.34 -30.36
N VAL F 19 -26.00 -20.00 -31.02
CA VAL F 19 -25.80 -21.32 -31.60
C VAL F 19 -25.66 -21.21 -33.13
N ILE F 20 -24.48 -21.53 -33.66
CA ILE F 20 -24.27 -21.59 -35.09
C ILE F 20 -25.21 -22.65 -35.72
N PRO F 21 -25.99 -22.25 -36.73
CA PRO F 21 -27.04 -23.12 -37.31
C PRO F 21 -26.45 -24.15 -38.28
N THR F 22 -25.50 -24.91 -37.75
CA THR F 22 -24.88 -25.99 -38.46
C THR F 22 -25.93 -27.11 -38.78
N GLN F 23 -25.99 -27.53 -40.04
CA GLN F 23 -26.96 -28.51 -40.50
C GLN F 23 -26.17 -29.71 -41.04
N ARG F 24 -26.52 -30.92 -40.59
CA ARG F 24 -25.86 -32.16 -41.02
C ARG F 24 -24.32 -32.13 -40.95
N ASP F 25 -23.78 -31.58 -39.86
CA ASP F 25 -22.31 -31.39 -39.66
C ASP F 25 -21.51 -30.75 -40.83
N ARG F 26 -22.18 -29.91 -41.62
CA ARG F 26 -21.58 -29.16 -42.72
C ARG F 26 -21.41 -27.71 -42.31
N PRO F 27 -20.47 -26.99 -42.95
CA PRO F 27 -20.27 -25.58 -42.63
C PRO F 27 -21.48 -24.74 -43.00
N VAL F 28 -21.73 -23.70 -42.22
CA VAL F 28 -22.70 -22.69 -42.59
C VAL F 28 -22.10 -21.87 -43.74
N ALA F 29 -22.78 -21.91 -44.89
CA ALA F 29 -22.29 -21.15 -46.05
C ALA F 29 -22.69 -19.69 -45.92
N VAL F 30 -21.73 -18.82 -45.68
CA VAL F 30 -21.99 -17.40 -45.58
C VAL F 30 -21.49 -16.67 -46.82
N SER F 31 -22.33 -15.81 -47.39
CA SER F 31 -21.92 -15.00 -48.53
C SER F 31 -21.72 -13.57 -48.05
N VAL F 32 -20.64 -12.94 -48.48
CA VAL F 32 -20.34 -11.57 -48.10
C VAL F 32 -19.99 -10.81 -49.33
N SER F 33 -20.44 -9.57 -49.36
CA SER F 33 -20.17 -8.69 -50.47
C SER F 33 -20.21 -7.27 -49.93
N LEU F 34 -19.22 -6.47 -50.28
CA LEU F 34 -19.13 -5.08 -49.80
C LEU F 34 -19.58 -4.17 -50.91
N LYS F 35 -20.60 -3.35 -50.62
CA LYS F 35 -21.04 -2.31 -51.54
C LYS F 35 -20.50 -0.98 -51.03
N PHE F 36 -19.48 -0.47 -51.70
CA PHE F 36 -18.84 0.76 -51.27
C PHE F 36 -19.72 1.99 -51.58
N ILE F 37 -19.85 2.85 -50.57
CA ILE F 37 -20.74 4.02 -50.61
C ILE F 37 -19.91 5.27 -50.64
N ASN F 38 -18.86 5.28 -49.83
CA ASN F 38 -17.99 6.43 -49.74
C ASN F 38 -16.60 6.09 -49.27
N ILE F 39 -15.63 6.88 -49.73
CA ILE F 39 -14.27 6.86 -49.22
C ILE F 39 -14.05 8.26 -48.66
N LEU F 40 -13.87 8.34 -47.35
CA LEU F 40 -13.94 9.63 -46.67
C LEU F 40 -12.56 10.24 -46.42
N GLU F 41 -11.56 9.38 -46.24
CA GLU F 41 -10.24 9.85 -45.93
C GLU F 41 -9.22 8.83 -46.38
N VAL F 42 -8.16 9.34 -46.98
CA VAL F 42 -7.11 8.52 -47.51
C VAL F 42 -5.82 9.18 -47.07
N ASN F 43 -4.85 8.38 -46.65
CA ASN F 43 -3.55 8.90 -46.23
C ASN F 43 -2.47 8.02 -46.87
N GLU F 44 -1.79 8.58 -47.85
CA GLU F 44 -0.76 7.85 -48.59
C GLU F 44 0.55 7.68 -47.79
N ILE F 45 0.78 8.55 -46.79
CA ILE F 45 1.92 8.39 -45.90
C ILE F 45 1.75 7.19 -44.95
N THR F 46 0.59 7.10 -44.28
CA THR F 46 0.33 6.09 -43.27
C THR F 46 -0.30 4.82 -43.83
N ASN F 47 -0.72 4.88 -45.09
CA ASN F 47 -1.42 3.76 -45.73
C ASN F 47 -2.71 3.38 -45.00
N GLU F 48 -3.56 4.38 -44.79
CA GLU F 48 -4.79 4.20 -44.05
C GLU F 48 -5.94 4.81 -44.84
N VAL F 49 -7.10 4.17 -44.76
CA VAL F 49 -8.29 4.66 -45.47
C VAL F 49 -9.49 4.53 -44.56
N ASP F 50 -10.41 5.48 -44.68
CA ASP F 50 -11.66 5.55 -43.92
C ASP F 50 -12.76 5.36 -44.97
N VAL F 51 -13.58 4.33 -44.82
CA VAL F 51 -14.54 3.97 -45.86
C VAL F 51 -15.93 3.66 -45.26
N VAL F 52 -16.97 3.82 -46.09
CA VAL F 52 -18.32 3.45 -45.73
C VAL F 52 -18.77 2.44 -46.75
N PHE F 53 -19.14 1.23 -46.27
CA PHE F 53 -19.69 0.19 -47.14
C PHE F 53 -20.94 -0.48 -46.55
N TRP F 54 -21.81 -1.01 -47.44
CA TRP F 54 -22.89 -1.89 -47.03
C TRP F 54 -22.33 -3.32 -47.03
N GLN F 55 -22.39 -3.99 -45.89
CA GLN F 55 -21.80 -5.32 -45.82
C GLN F 55 -22.89 -6.33 -45.99
N GLN F 56 -23.12 -6.74 -47.24
CA GLN F 56 -24.23 -7.58 -47.57
C GLN F 56 -23.91 -9.00 -47.15
N THR F 57 -24.65 -9.53 -46.19
CA THR F 57 -24.32 -10.80 -45.57
C THR F 57 -25.52 -11.70 -45.58
N THR F 58 -25.27 -12.93 -46.00
CA THR F 58 -26.34 -13.82 -46.36
C THR F 58 -26.02 -15.23 -45.84
N TRP F 59 -27.02 -15.93 -45.32
CA TRP F 59 -26.83 -17.30 -44.85
C TRP F 59 -28.16 -17.93 -44.55
N SER F 60 -28.12 -19.20 -44.30
CA SER F 60 -29.33 -19.95 -44.04
C SER F 60 -29.39 -20.49 -42.60
N ASP F 61 -30.54 -20.36 -41.95
CA ASP F 61 -30.76 -20.88 -40.61
C ASP F 61 -32.13 -21.48 -40.60
N ARG F 62 -32.21 -22.80 -40.75
CA ARG F 62 -33.52 -23.43 -40.87
C ARG F 62 -34.27 -23.55 -39.54
N THR F 63 -33.63 -23.22 -38.41
CA THR F 63 -34.36 -23.18 -37.13
C THR F 63 -35.31 -21.98 -37.09
N LEU F 64 -35.13 -21.03 -38.01
CA LEU F 64 -35.96 -19.85 -38.12
C LEU F 64 -37.22 -20.07 -38.99
N ALA F 65 -37.20 -21.14 -39.79
CA ALA F 65 -38.21 -21.38 -40.81
C ALA F 65 -39.61 -21.54 -40.24
N TRP F 66 -40.59 -21.09 -41.02
CA TRP F 66 -41.97 -21.30 -40.65
C TRP F 66 -42.78 -21.56 -41.92
N ASN F 67 -43.92 -22.22 -41.73
CA ASN F 67 -44.87 -22.47 -42.82
C ASN F 67 -45.60 -21.19 -43.24
N SER F 68 -45.38 -20.77 -44.47
CA SER F 68 -46.01 -19.55 -44.97
C SER F 68 -46.92 -19.73 -46.17
N SER F 69 -47.56 -20.89 -46.28
CA SER F 69 -48.67 -21.09 -47.23
C SER F 69 -49.76 -20.02 -47.08
N HIS F 70 -50.07 -19.65 -45.83
CA HIS F 70 -51.07 -18.62 -45.54
C HIS F 70 -50.57 -17.61 -44.51
N SER F 71 -49.33 -17.15 -44.66
CA SER F 71 -48.72 -16.17 -43.76
C SER F 71 -47.72 -15.27 -44.52
N PRO F 72 -47.35 -14.12 -43.95
CA PRO F 72 -46.21 -13.33 -44.46
C PRO F 72 -44.98 -14.21 -44.60
N ASP F 73 -44.22 -14.06 -45.66
CA ASP F 73 -43.11 -14.96 -45.90
C ASP F 73 -41.74 -14.33 -45.55
N GLN F 74 -41.74 -13.08 -45.09
CA GLN F 74 -40.53 -12.36 -44.64
C GLN F 74 -40.84 -11.43 -43.47
N VAL F 75 -39.93 -11.36 -42.52
CA VAL F 75 -40.01 -10.38 -41.45
C VAL F 75 -38.67 -9.72 -41.18
N SER F 76 -38.68 -8.53 -40.58
CA SER F 76 -37.46 -7.91 -40.09
C SER F 76 -37.29 -8.27 -38.62
N VAL F 77 -36.08 -8.70 -38.25
CA VAL F 77 -35.80 -9.24 -36.93
C VAL F 77 -34.54 -8.58 -36.36
N PRO F 78 -34.59 -8.10 -35.10
CA PRO F 78 -33.39 -7.50 -34.47
C PRO F 78 -32.28 -8.56 -34.49
N ILE F 79 -31.04 -8.24 -34.83
CA ILE F 79 -29.98 -9.27 -34.83
C ILE F 79 -29.71 -9.87 -33.45
N SER F 80 -30.11 -9.16 -32.39
CA SER F 80 -29.96 -9.71 -31.03
C SER F 80 -30.80 -10.99 -30.83
N SER F 81 -31.83 -11.16 -31.68
CA SER F 81 -32.66 -12.37 -31.63
C SER F 81 -32.20 -13.45 -32.60
N LEU F 82 -31.12 -13.23 -33.33
CA LEU F 82 -30.64 -14.19 -34.33
C LEU F 82 -29.19 -14.54 -34.10
N TRP F 83 -28.77 -15.73 -34.52
CA TRP F 83 -27.35 -15.98 -34.70
C TRP F 83 -26.88 -15.22 -35.92
N VAL F 84 -25.69 -14.64 -35.82
CA VAL F 84 -25.11 -13.84 -36.89
C VAL F 84 -23.62 -14.26 -36.98
N PRO F 85 -23.11 -14.44 -38.19
CA PRO F 85 -21.70 -14.87 -38.36
C PRO F 85 -20.73 -13.86 -37.71
N ASP F 86 -19.65 -14.38 -37.09
CA ASP F 86 -18.77 -13.51 -36.29
C ASP F 86 -17.68 -12.95 -37.21
N LEU F 87 -18.09 -12.24 -38.25
CA LEU F 87 -17.16 -11.76 -39.26
C LEU F 87 -16.32 -10.59 -38.78
N ALA F 88 -15.08 -10.57 -39.20
CA ALA F 88 -14.19 -9.46 -38.83
C ALA F 88 -13.32 -9.07 -39.99
N ALA F 89 -13.01 -7.79 -40.10
CA ALA F 89 -12.04 -7.37 -41.14
C ALA F 89 -10.69 -7.42 -40.49
N TYR F 90 -9.79 -8.23 -41.04
CA TYR F 90 -8.46 -8.50 -40.40
C TYR F 90 -7.48 -7.34 -40.44
N ASN F 91 -7.61 -6.46 -41.42
CA ASN F 91 -6.78 -5.25 -41.47
C ASN F 91 -7.50 -3.95 -41.00
N ALA F 92 -8.65 -4.10 -40.35
CA ALA F 92 -9.32 -2.96 -39.71
C ALA F 92 -8.46 -2.41 -38.59
N ILE F 93 -8.46 -1.08 -38.47
CA ILE F 93 -7.72 -0.40 -37.43
C ILE F 93 -8.66 0.46 -36.60
N SER F 94 -9.96 0.31 -36.84
CA SER F 94 -10.97 0.89 -35.94
C SER F 94 -12.06 -0.14 -35.79
N LYS F 95 -12.82 0.00 -34.71
CA LYS F 95 -13.93 -0.90 -34.47
C LYS F 95 -15.05 -0.48 -35.43
N PRO F 96 -15.75 -1.45 -36.03
CA PRO F 96 -16.76 -1.15 -37.05
C PRO F 96 -17.87 -0.24 -36.47
N GLU F 97 -18.15 0.88 -37.15
CA GLU F 97 -19.25 1.76 -36.76
C GLU F 97 -20.47 1.39 -37.64
N VAL F 98 -21.49 0.81 -37.02
CA VAL F 98 -22.74 0.50 -37.70
C VAL F 98 -23.64 1.75 -37.79
N LEU F 99 -23.96 2.16 -39.02
CA LEU F 99 -24.71 3.38 -39.20
C LEU F 99 -26.22 3.18 -39.30
N THR F 100 -26.66 1.93 -39.44
CA THR F 100 -28.05 1.68 -39.72
C THR F 100 -28.72 0.89 -38.61
N PRO F 101 -30.07 0.85 -38.57
CA PRO F 101 -30.81 -0.03 -37.63
C PRO F 101 -30.37 -1.50 -37.77
N GLN F 102 -30.14 -2.15 -36.64
CA GLN F 102 -29.53 -3.48 -36.64
C GLN F 102 -30.59 -4.58 -36.74
N LEU F 103 -31.24 -4.61 -37.91
CA LEU F 103 -32.29 -5.54 -38.23
C LEU F 103 -31.83 -6.36 -39.41
N ALA F 104 -32.14 -7.65 -39.36
CA ALA F 104 -31.94 -8.54 -40.50
C ALA F 104 -33.29 -8.89 -41.11
N ARG F 105 -33.26 -9.29 -42.36
CA ARG F 105 -34.47 -9.71 -43.03
C ARG F 105 -34.46 -11.25 -43.06
N VAL F 106 -35.53 -11.86 -42.56
CA VAL F 106 -35.60 -13.31 -42.48
C VAL F 106 -36.74 -13.82 -43.35
N VAL F 107 -36.43 -14.72 -44.28
CA VAL F 107 -37.41 -15.37 -45.15
C VAL F 107 -37.93 -16.67 -44.50
N SER F 108 -39.19 -17.02 -44.75
CA SER F 108 -39.82 -18.22 -44.15
C SER F 108 -39.11 -19.57 -44.38
N ASP F 109 -38.20 -19.65 -45.34
CA ASP F 109 -37.43 -20.86 -45.51
C ASP F 109 -36.13 -20.86 -44.64
N GLY F 110 -35.88 -19.75 -43.95
CA GLY F 110 -34.73 -19.63 -43.09
C GLY F 110 -33.57 -18.87 -43.69
N GLU F 111 -33.77 -18.28 -44.87
CA GLU F 111 -32.74 -17.42 -45.45
C GLU F 111 -32.68 -16.09 -44.72
N VAL F 112 -31.47 -15.62 -44.44
CA VAL F 112 -31.29 -14.38 -43.71
C VAL F 112 -30.44 -13.43 -44.54
N LEU F 113 -30.85 -12.17 -44.58
CA LEU F 113 -30.03 -11.10 -45.13
C LEU F 113 -29.80 -10.05 -44.05
N TYR F 114 -28.53 -9.79 -43.78
CA TYR F 114 -28.16 -8.74 -42.85
C TYR F 114 -27.21 -7.81 -43.60
N MET F 115 -27.59 -6.55 -43.75
CA MET F 115 -26.86 -5.62 -44.62
C MET F 115 -26.71 -4.26 -43.93
N PRO F 116 -25.83 -4.21 -42.94
CA PRO F 116 -25.58 -2.95 -42.23
C PRO F 116 -24.66 -2.01 -43.07
N SER F 117 -24.87 -0.70 -42.91
CA SER F 117 -23.92 0.26 -43.40
C SER F 117 -22.85 0.46 -42.31
N ILE F 118 -21.60 0.31 -42.71
CA ILE F 118 -20.49 0.32 -41.80
C ILE F 118 -19.47 1.38 -42.17
N ARG F 119 -19.09 2.19 -41.19
CA ARG F 119 -17.94 3.05 -41.36
C ARG F 119 -16.75 2.42 -40.61
N GLN F 120 -15.62 2.25 -41.30
CA GLN F 120 -14.45 1.63 -40.68
C GLN F 120 -13.16 2.06 -41.39
N ARG F 121 -12.05 1.96 -40.65
CA ARG F 121 -10.73 2.32 -41.12
C ARG F 121 -9.81 1.11 -41.19
N PHE F 122 -9.05 1.04 -42.28
CA PHE F 122 -8.27 -0.09 -42.71
C PHE F 122 -6.88 0.36 -43.04
N SER F 123 -5.96 -0.53 -42.75
CA SER F 123 -4.58 -0.37 -43.11
C SER F 123 -4.46 -1.13 -44.41
N CYS F 124 -4.04 -0.43 -45.46
CA CYS F 124 -3.90 -1.06 -46.77
C CYS F 124 -3.09 -0.18 -47.73
N ASP F 125 -2.83 -0.70 -48.93
CA ASP F 125 -1.96 -0.03 -49.91
C ASP F 125 -2.69 1.17 -50.53
N VAL F 126 -2.31 2.36 -50.09
CA VAL F 126 -2.86 3.58 -50.62
C VAL F 126 -1.97 4.17 -51.74
N SER F 127 -0.82 3.56 -52.03
CA SER F 127 0.05 4.07 -53.07
C SER F 127 -0.64 4.13 -54.44
N GLY F 128 -0.34 5.18 -55.19
CA GLY F 128 -0.89 5.39 -56.52
C GLY F 128 -2.30 5.99 -56.54
N VAL F 129 -2.83 6.34 -55.36
CA VAL F 129 -4.20 6.86 -55.28
C VAL F 129 -4.47 8.09 -56.17
N ASP F 130 -3.47 8.95 -56.37
CA ASP F 130 -3.67 10.10 -57.23
C ASP F 130 -3.02 9.90 -58.59
N THR F 131 -3.28 8.75 -59.20
CA THR F 131 -2.73 8.42 -60.53
C THR F 131 -3.81 7.77 -61.35
N GLU F 132 -3.55 7.62 -62.66
CA GLU F 132 -4.50 7.03 -63.60
C GLU F 132 -4.90 5.60 -63.21
N SER F 133 -3.93 4.83 -62.75
CA SER F 133 -4.16 3.43 -62.45
C SER F 133 -4.71 3.24 -61.03
N GLY F 134 -4.58 4.27 -60.20
CA GLY F 134 -5.18 4.31 -58.88
C GLY F 134 -4.50 3.42 -57.86
N ALA F 135 -5.07 3.38 -56.66
CA ALA F 135 -4.57 2.55 -55.59
C ALA F 135 -5.45 1.31 -55.52
N THR F 136 -4.93 0.24 -54.94
CA THR F 136 -5.73 -0.93 -54.69
C THR F 136 -5.63 -1.35 -53.21
N CYS F 137 -6.71 -1.08 -52.50
CA CYS F 137 -6.84 -1.38 -51.08
C CYS F 137 -7.55 -2.74 -50.93
N ARG F 138 -6.91 -3.66 -50.23
CA ARG F 138 -7.40 -5.03 -50.04
C ARG F 138 -8.03 -5.12 -48.64
N ILE F 139 -9.30 -5.53 -48.54
CA ILE F 139 -9.94 -5.76 -47.24
C ILE F 139 -10.22 -7.24 -47.08
N LYS F 140 -9.72 -7.80 -45.99
CA LYS F 140 -9.84 -9.21 -45.73
C LYS F 140 -10.93 -9.44 -44.69
N ILE F 141 -11.95 -10.23 -45.04
CA ILE F 141 -13.06 -10.49 -44.08
C ILE F 141 -13.27 -11.98 -43.92
N GLY F 142 -13.41 -12.44 -42.66
CA GLY F 142 -13.65 -13.86 -42.40
C GLY F 142 -14.20 -14.04 -41.00
N SER F 143 -14.61 -15.26 -40.69
CA SER F 143 -15.04 -15.54 -39.36
C SER F 143 -13.84 -15.43 -38.41
N TRP F 144 -14.03 -14.71 -37.32
CA TRP F 144 -12.99 -14.60 -36.32
C TRP F 144 -12.69 -15.90 -35.58
N THR F 145 -13.72 -16.70 -35.25
CA THR F 145 -13.50 -17.90 -34.41
C THR F 145 -14.01 -19.22 -35.01
N HIS F 146 -14.59 -19.23 -36.21
CA HIS F 146 -15.14 -20.47 -36.77
C HIS F 146 -14.28 -20.87 -37.95
N HIS F 147 -13.67 -22.03 -37.88
CA HIS F 147 -12.85 -22.52 -38.97
C HIS F 147 -13.70 -23.08 -40.11
N SER F 148 -13.04 -23.61 -41.14
CA SER F 148 -13.68 -23.92 -42.42
C SER F 148 -14.74 -25.03 -42.36
N ARG F 149 -14.72 -25.82 -41.30
CA ARG F 149 -15.70 -26.90 -41.17
C ARG F 149 -17.00 -26.37 -40.55
N GLU F 150 -16.97 -25.12 -40.06
CA GLU F 150 -18.09 -24.50 -39.38
C GLU F 150 -18.65 -23.30 -40.15
N ILE F 151 -17.75 -22.52 -40.76
CA ILE F 151 -18.18 -21.42 -41.61
C ILE F 151 -17.36 -21.37 -42.87
N SER F 152 -18.04 -21.38 -44.02
CA SER F 152 -17.36 -21.03 -45.24
C SER F 152 -17.82 -19.65 -45.70
N VAL F 153 -16.91 -18.88 -46.28
CA VAL F 153 -17.25 -17.54 -46.76
C VAL F 153 -16.98 -17.49 -48.25
N ASP F 154 -17.96 -17.01 -49.02
CA ASP F 154 -17.80 -16.85 -50.47
C ASP F 154 -18.32 -15.48 -50.89
N PRO F 155 -17.79 -14.93 -51.98
CA PRO F 155 -18.42 -13.78 -52.64
C PRO F 155 -19.84 -14.08 -53.09
N THR F 156 -20.72 -13.08 -53.12
CA THR F 156 -22.03 -13.19 -53.78
C THR F 156 -21.89 -13.28 -55.32
N THR F 157 -22.99 -13.56 -56.00
CA THR F 157 -22.98 -13.85 -57.43
C THR F 157 -23.19 -12.64 -58.39
N GLU F 158 -24.11 -11.74 -58.05
CA GLU F 158 -24.71 -10.76 -59.00
C GLU F 158 -23.79 -9.92 -59.94
N ASN F 159 -24.36 -9.51 -61.08
CA ASN F 159 -23.63 -8.85 -62.19
C ASN F 159 -23.77 -7.32 -62.30
N SER F 160 -23.44 -6.60 -61.21
CA SER F 160 -23.39 -5.12 -61.22
C SER F 160 -22.07 -4.58 -60.60
N ASP F 161 -21.44 -3.61 -61.28
CA ASP F 161 -20.16 -3.06 -60.80
C ASP F 161 -20.32 -1.81 -59.91
N ASP F 162 -19.36 -1.59 -59.01
CA ASP F 162 -19.64 -0.99 -57.68
C ASP F 162 -19.97 0.49 -57.48
N SER F 163 -19.53 1.39 -58.37
CA SER F 163 -20.02 2.78 -58.29
C SER F 163 -21.57 2.83 -58.18
N GLU F 164 -22.21 1.67 -58.46
CA GLU F 164 -23.66 1.49 -58.34
C GLU F 164 -24.29 2.28 -57.21
N TYR F 165 -23.76 2.10 -56.00
CA TYR F 165 -24.22 2.87 -54.85
C TYR F 165 -23.21 3.87 -54.34
N PHE F 166 -22.07 3.99 -55.02
CA PHE F 166 -21.00 4.87 -54.58
C PHE F 166 -21.41 6.32 -54.77
N SER F 167 -21.11 7.15 -53.79
CA SER F 167 -21.43 8.57 -53.85
C SER F 167 -20.80 9.32 -55.05
N GLN F 168 -21.63 10.04 -55.80
CA GLN F 168 -21.15 10.94 -56.86
C GLN F 168 -20.42 12.17 -56.31
N TYR F 169 -20.54 12.40 -55.01
CA TYR F 169 -19.99 13.59 -54.38
C TYR F 169 -18.65 13.34 -53.72
N SER F 170 -18.26 12.08 -53.62
CA SER F 170 -16.94 11.70 -53.17
C SER F 170 -15.82 12.36 -53.96
N ARG F 171 -14.67 12.52 -53.32
CA ARG F 171 -13.48 13.07 -53.94
C ARG F 171 -12.81 11.99 -54.79
N PHE F 172 -13.29 10.75 -54.61
CA PHE F 172 -12.70 9.58 -55.20
C PHE F 172 -13.68 8.88 -56.14
N GLU F 173 -13.13 8.08 -57.02
CA GLU F 173 -13.95 7.26 -57.91
C GLU F 173 -13.43 5.83 -57.84
N ILE F 174 -14.32 4.89 -58.02
CA ILE F 174 -13.98 3.49 -58.01
C ILE F 174 -13.77 3.02 -59.43
N LEU F 175 -12.62 2.40 -59.66
CA LEU F 175 -12.28 1.86 -60.97
C LEU F 175 -12.73 0.42 -61.09
N ASP F 176 -12.58 -0.34 -60.01
CA ASP F 176 -12.88 -1.76 -60.02
C ASP F 176 -12.93 -2.32 -58.61
N VAL F 177 -13.79 -3.31 -58.42
CA VAL F 177 -13.88 -4.12 -57.20
C VAL F 177 -13.80 -5.61 -57.61
N THR F 178 -12.84 -6.34 -57.04
CA THR F 178 -12.75 -7.78 -57.27
C THR F 178 -12.66 -8.47 -55.93
N GLN F 179 -13.11 -9.72 -55.90
CA GLN F 179 -13.05 -10.51 -54.69
C GLN F 179 -12.32 -11.81 -54.89
N LYS F 180 -11.69 -12.28 -53.83
CA LYS F 180 -10.87 -13.49 -53.90
C LYS F 180 -11.10 -14.26 -52.60
N LYS F 181 -11.29 -15.57 -52.67
CA LYS F 181 -11.45 -16.34 -51.45
C LYS F 181 -10.15 -17.00 -51.06
N ASN F 182 -9.91 -17.07 -49.76
CA ASN F 182 -8.72 -17.69 -49.24
C ASN F 182 -9.05 -18.58 -48.09
N SER F 183 -8.14 -19.50 -47.81
CA SER F 183 -8.26 -20.39 -46.68
C SER F 183 -6.93 -20.36 -45.96
N VAL F 184 -6.89 -19.70 -44.79
CA VAL F 184 -5.67 -19.42 -44.05
C VAL F 184 -5.61 -20.18 -42.72
N THR F 185 -4.42 -20.67 -42.39
CA THR F 185 -4.09 -21.35 -41.14
C THR F 185 -3.18 -20.43 -40.31
N TYR F 186 -3.59 -20.15 -39.09
CA TYR F 186 -2.87 -19.21 -38.22
C TYR F 186 -2.03 -19.96 -37.22
N SER F 187 -0.92 -19.34 -36.78
CA SER F 187 -0.04 -19.89 -35.73
C SER F 187 -0.78 -20.41 -34.52
N CYS F 188 -1.92 -19.82 -34.23
CA CYS F 188 -2.61 -20.00 -32.96
C CYS F 188 -3.38 -21.29 -32.87
N CYS F 189 -3.86 -21.78 -34.01
CA CYS F 189 -4.83 -22.87 -33.99
C CYS F 189 -4.56 -23.88 -35.16
N PRO F 190 -4.95 -25.14 -35.02
CA PRO F 190 -4.68 -26.14 -36.07
C PRO F 190 -5.47 -25.96 -37.39
N GLU F 191 -6.64 -25.35 -37.33
CA GLU F 191 -7.57 -25.45 -38.43
C GLU F 191 -7.37 -24.32 -39.44
N ALA F 192 -7.97 -24.46 -40.63
CA ALA F 192 -7.97 -23.42 -41.64
C ALA F 192 -9.22 -22.56 -41.50
N TYR F 193 -9.03 -21.26 -41.71
CA TYR F 193 -10.13 -20.28 -41.59
C TYR F 193 -10.32 -19.56 -42.91
N GLU F 194 -11.58 -19.40 -43.31
CA GLU F 194 -11.84 -18.90 -44.65
C GLU F 194 -12.02 -17.42 -44.59
N ASP F 195 -11.55 -16.76 -45.63
CA ASP F 195 -11.77 -15.34 -45.75
C ASP F 195 -12.12 -14.96 -47.19
N VAL F 196 -12.75 -13.79 -47.33
CA VAL F 196 -12.84 -13.13 -48.63
C VAL F 196 -11.95 -11.88 -48.64
N GLU F 197 -11.14 -11.75 -49.68
CA GLU F 197 -10.36 -10.54 -49.89
C GLU F 197 -11.05 -9.69 -50.93
N VAL F 198 -11.41 -8.48 -50.51
CA VAL F 198 -12.04 -7.52 -51.40
C VAL F 198 -11.03 -6.45 -51.81
N SER F 199 -10.71 -6.43 -53.09
CA SER F 199 -9.77 -5.45 -53.68
C SER F 199 -10.50 -4.26 -54.27
N LEU F 200 -10.35 -3.11 -53.61
CA LEU F 200 -10.95 -1.87 -54.03
C LEU F 200 -9.93 -1.04 -54.82
N ASN F 201 -10.11 -0.95 -56.14
CA ASN F 201 -9.26 -0.14 -57.01
C ASN F 201 -9.93 1.20 -57.19
N PHE F 202 -9.32 2.25 -56.63
CA PHE F 202 -9.91 3.58 -56.65
C PHE F 202 -8.85 4.68 -56.85
N ARG F 203 -9.29 5.88 -57.24
CA ARG F 203 -8.39 7.01 -57.45
C ARG F 203 -9.09 8.33 -57.19
N LYS F 204 -8.31 9.40 -57.04
CA LYS F 204 -8.88 10.75 -56.92
C LYS F 204 -9.39 11.22 -58.29
N LYS F 205 -10.53 11.88 -58.26
CA LYS F 205 -11.14 12.42 -59.47
C LYS F 205 -10.27 13.51 -60.06
N GLY F 206 -10.29 13.65 -61.38
CA GLY F 206 -9.61 14.73 -62.05
C GLY F 206 -10.23 16.08 -61.70
N ARG F 207 -9.46 17.13 -61.92
CA ARG F 207 -9.80 18.49 -61.47
C ARG F 207 -10.98 19.15 -62.22
N SER F 208 -11.66 18.38 -63.08
CA SER F 208 -12.75 18.88 -63.93
C SER F 208 -13.99 19.34 -63.16
N GLU G 1 -24.37 -37.76 -26.65
CA GLU G 1 -24.51 -36.95 -27.91
C GLU G 1 -25.18 -35.64 -27.53
N PHE G 2 -24.33 -34.64 -27.28
CA PHE G 2 -24.78 -33.28 -27.16
C PHE G 2 -24.54 -32.65 -28.49
N ASP G 3 -25.44 -31.76 -28.90
CA ASP G 3 -25.14 -30.94 -30.06
C ASP G 3 -24.65 -29.57 -29.58
N ARG G 4 -24.31 -28.70 -30.53
CA ARG G 4 -23.77 -27.40 -30.16
C ARG G 4 -24.74 -26.63 -29.28
N ALA G 5 -26.02 -26.67 -29.64
CA ALA G 5 -27.05 -26.01 -28.84
C ALA G 5 -27.07 -26.48 -27.40
N ASP G 6 -26.96 -27.79 -27.16
CA ASP G 6 -26.90 -28.35 -25.82
C ASP G 6 -25.67 -27.91 -25.06
N ILE G 7 -24.51 -27.98 -25.69
CA ILE G 7 -23.26 -27.56 -25.05
C ILE G 7 -23.37 -26.09 -24.62
N LEU G 8 -23.85 -25.23 -25.53
CA LEU G 8 -23.93 -23.79 -25.24
C LEU G 8 -25.00 -23.42 -24.19
N TYR G 9 -26.13 -24.11 -24.24
CA TYR G 9 -27.13 -24.00 -23.20
C TYR G 9 -26.54 -24.38 -21.82
N ASN G 10 -25.88 -25.53 -21.74
CA ASN G 10 -25.32 -25.99 -20.45
C ASN G 10 -24.29 -25.02 -19.91
N ILE G 11 -23.45 -24.48 -20.80
CA ILE G 11 -22.45 -23.47 -20.42
C ILE G 11 -23.14 -22.19 -19.91
N ARG G 12 -24.12 -21.68 -20.66
CA ARG G 12 -24.87 -20.49 -20.22
C ARG G 12 -25.56 -20.65 -18.85
N GLN G 13 -26.13 -21.83 -18.59
CA GLN G 13 -26.91 -22.05 -17.36
C GLN G 13 -26.07 -22.22 -16.08
N THR G 14 -24.84 -22.71 -16.23
CA THR G 14 -24.04 -23.06 -15.07
C THR G 14 -22.77 -22.21 -15.02
N SER G 15 -22.49 -21.48 -16.12
CA SER G 15 -21.40 -20.49 -16.15
C SER G 15 -21.40 -19.74 -14.84
N ARG G 16 -20.23 -19.56 -14.28
CA ARG G 16 -20.17 -18.62 -13.17
C ARG G 16 -19.09 -17.61 -13.50
N PRO G 17 -19.44 -16.57 -14.26
CA PRO G 17 -18.43 -15.66 -14.88
C PRO G 17 -17.65 -14.83 -13.87
N ASP G 18 -18.22 -14.66 -12.69
CA ASP G 18 -17.58 -13.89 -11.66
C ASP G 18 -16.69 -14.79 -10.79
N VAL G 19 -16.66 -16.09 -11.07
CA VAL G 19 -15.90 -17.06 -10.26
C VAL G 19 -14.60 -17.57 -10.92
N ILE G 20 -13.46 -17.17 -10.37
CA ILE G 20 -12.17 -17.61 -10.89
C ILE G 20 -12.09 -19.14 -10.77
N PRO G 21 -11.79 -19.83 -11.86
CA PRO G 21 -11.83 -21.31 -11.89
C PRO G 21 -10.59 -21.90 -11.24
N THR G 22 -10.38 -21.53 -10.00
CA THR G 22 -9.30 -22.02 -9.21
C THR G 22 -9.59 -23.49 -8.90
N GLN G 23 -8.58 -24.35 -9.03
CA GLN G 23 -8.71 -25.70 -8.50
C GLN G 23 -7.54 -26.15 -7.63
N ARG G 24 -7.91 -26.69 -6.47
CA ARG G 24 -7.00 -27.25 -5.46
C ARG G 24 -6.07 -26.20 -4.88
N ASP G 25 -6.59 -24.99 -4.67
CA ASP G 25 -5.81 -23.87 -4.10
C ASP G 25 -4.61 -23.38 -4.96
N ARG G 26 -4.53 -23.92 -6.19
CA ARG G 26 -3.53 -23.52 -7.17
C ARG G 26 -3.99 -22.31 -8.01
N PRO G 27 -3.05 -21.46 -8.39
CA PRO G 27 -3.37 -20.33 -9.25
C PRO G 27 -3.88 -20.79 -10.62
N VAL G 28 -4.78 -20.06 -11.23
CA VAL G 28 -5.15 -20.27 -12.64
C VAL G 28 -3.98 -19.83 -13.54
N ALA G 29 -3.45 -20.75 -14.35
CA ALA G 29 -2.29 -20.45 -15.18
C ALA G 29 -2.77 -19.84 -16.48
N VAL G 30 -2.49 -18.53 -16.64
CA VAL G 30 -2.92 -17.81 -17.80
C VAL G 30 -1.70 -17.53 -18.68
N SER G 31 -1.78 -17.93 -19.96
CA SER G 31 -0.79 -17.55 -20.94
C SER G 31 -1.27 -16.35 -21.75
N VAL G 32 -0.36 -15.40 -21.97
CA VAL G 32 -0.61 -14.24 -22.78
C VAL G 32 0.51 -14.03 -23.78
N SER G 33 0.13 -13.60 -24.96
CA SER G 33 1.04 -13.35 -26.02
C SER G 33 0.42 -12.30 -26.91
N LEU G 34 1.20 -11.32 -27.31
CA LEU G 34 0.67 -10.24 -28.13
C LEU G 34 1.20 -10.45 -29.54
N LYS G 35 0.30 -10.49 -30.52
CA LYS G 35 0.70 -10.56 -31.92
C LYS G 35 0.47 -9.20 -32.55
N PHE G 36 1.55 -8.53 -32.89
CA PHE G 36 1.45 -7.14 -33.33
C PHE G 36 1.02 -7.05 -34.76
N ILE G 37 -0.01 -6.24 -35.02
CA ILE G 37 -0.62 -6.15 -36.36
C ILE G 37 -0.26 -4.84 -37.00
N ASN G 38 -0.29 -3.77 -36.21
CA ASN G 38 0.03 -2.43 -36.70
C ASN G 38 0.50 -1.50 -35.61
N ILE G 39 1.33 -0.54 -36.01
CA ILE G 39 1.73 0.58 -35.18
C ILE G 39 1.27 1.82 -35.93
N LEU G 40 0.31 2.53 -35.36
CA LEU G 40 -0.48 3.52 -36.10
C LEU G 40 0.01 4.93 -35.86
N GLU G 41 0.57 5.15 -34.69
CA GLU G 41 1.04 6.50 -34.37
C GLU G 41 2.08 6.39 -33.29
N VAL G 42 3.12 7.19 -33.44
CA VAL G 42 4.27 7.18 -32.57
C VAL G 42 4.59 8.65 -32.32
N ASN G 43 4.86 8.99 -31.08
CA ASN G 43 5.25 10.36 -30.74
C ASN G 43 6.50 10.33 -29.89
N GLU G 44 7.62 10.72 -30.47
CA GLU G 44 8.90 10.65 -29.79
C GLU G 44 9.02 11.73 -28.70
N ILE G 45 8.29 12.83 -28.87
CA ILE G 45 8.29 13.91 -27.88
C ILE G 45 7.54 13.48 -26.59
N THR G 46 6.35 12.92 -26.77
CA THR G 46 5.50 12.54 -25.64
C THR G 46 5.71 11.12 -25.13
N ASN G 47 6.52 10.34 -25.85
CA ASN G 47 6.73 8.93 -25.56
C ASN G 47 5.43 8.12 -25.52
N GLU G 48 4.67 8.21 -26.61
CA GLU G 48 3.38 7.58 -26.69
C GLU G 48 3.25 6.83 -28.02
N VAL G 49 2.61 5.67 -28.00
CA VAL G 49 2.43 4.83 -29.19
C VAL G 49 0.99 4.30 -29.24
N ASP G 50 0.44 4.28 -30.45
CA ASP G 50 -0.87 3.72 -30.74
C ASP G 50 -0.64 2.39 -31.50
N VAL G 51 -1.14 1.29 -30.96
CA VAL G 51 -0.83 -0.03 -31.51
C VAL G 51 -2.08 -0.91 -31.65
N VAL G 52 -2.05 -1.82 -32.62
CA VAL G 52 -3.06 -2.87 -32.78
C VAL G 52 -2.36 -4.23 -32.67
N PHE G 53 -2.88 -5.12 -31.83
CA PHE G 53 -2.35 -6.45 -31.66
C PHE G 53 -3.47 -7.46 -31.37
N TRP G 54 -3.19 -8.71 -31.61
CA TRP G 54 -4.06 -9.75 -31.12
C TRP G 54 -3.57 -10.21 -29.75
N GLN G 55 -4.42 -10.13 -28.73
CA GLN G 55 -4.02 -10.52 -27.38
C GLN G 55 -4.45 -11.99 -27.17
N GLN G 56 -3.57 -12.88 -27.57
CA GLN G 56 -3.82 -14.30 -27.45
C GLN G 56 -3.76 -14.67 -25.98
N THR G 57 -4.94 -15.06 -25.45
CA THR G 57 -5.10 -15.38 -24.04
C THR G 57 -5.69 -16.76 -23.85
N THR G 58 -5.06 -17.53 -22.97
CA THR G 58 -5.29 -18.96 -22.85
C THR G 58 -5.31 -19.37 -21.36
N TRP G 59 -6.27 -20.22 -21.01
CA TRP G 59 -6.42 -20.72 -19.65
C TRP G 59 -7.40 -21.89 -19.62
N SER G 60 -7.39 -22.57 -18.50
CA SER G 60 -8.20 -23.75 -18.31
C SER G 60 -9.32 -23.49 -17.31
N ASP G 61 -10.54 -23.89 -17.66
CA ASP G 61 -11.67 -23.80 -16.75
C ASP G 61 -12.45 -25.12 -16.81
N ARG G 62 -12.20 -25.96 -15.82
CA ARG G 62 -12.71 -27.34 -15.78
C ARG G 62 -14.23 -27.40 -15.57
N THR G 63 -14.84 -26.34 -15.05
CA THR G 63 -16.31 -26.28 -14.93
C THR G 63 -17.01 -26.18 -16.29
N LEU G 64 -16.28 -25.87 -17.35
CA LEU G 64 -16.83 -25.79 -18.70
C LEU G 64 -16.84 -27.13 -19.44
N ALA G 65 -16.08 -28.09 -18.92
CA ALA G 65 -15.79 -29.34 -19.63
C ALA G 65 -17.03 -30.15 -19.88
N TRP G 66 -17.05 -30.89 -20.99
CA TRP G 66 -18.12 -31.83 -21.27
C TRP G 66 -17.54 -33.05 -21.95
N ASN G 67 -18.30 -34.15 -21.92
CA ASN G 67 -17.92 -35.39 -22.58
C ASN G 67 -18.21 -35.27 -24.08
N SER G 68 -17.16 -35.27 -24.90
CA SER G 68 -17.30 -35.09 -26.37
C SER G 68 -17.05 -36.37 -27.20
N SER G 69 -17.29 -37.55 -26.63
CA SER G 69 -17.05 -38.80 -27.35
C SER G 69 -18.00 -38.95 -28.55
N HIS G 70 -19.24 -38.50 -28.39
CA HIS G 70 -20.14 -38.37 -29.53
C HIS G 70 -20.66 -36.93 -29.66
N SER G 71 -19.77 -35.94 -29.54
CA SER G 71 -20.19 -34.55 -29.61
C SER G 71 -19.09 -33.66 -30.16
N PRO G 72 -19.45 -32.50 -30.68
CA PRO G 72 -18.46 -31.47 -31.04
C PRO G 72 -17.52 -31.24 -29.88
N ASP G 73 -16.22 -31.10 -30.15
CA ASP G 73 -15.28 -30.93 -29.05
C ASP G 73 -14.86 -29.48 -28.78
N GLN G 74 -15.35 -28.53 -29.59
CA GLN G 74 -15.11 -27.09 -29.41
C GLN G 74 -16.35 -26.27 -29.76
N VAL G 75 -16.52 -25.15 -29.09
CA VAL G 75 -17.57 -24.21 -29.44
C VAL G 75 -17.07 -22.79 -29.23
N SER G 76 -17.71 -21.84 -29.93
CA SER G 76 -17.53 -20.42 -29.67
C SER G 76 -18.54 -19.91 -28.65
N VAL G 77 -18.07 -19.18 -27.66
CA VAL G 77 -18.93 -18.78 -26.54
C VAL G 77 -18.73 -17.29 -26.28
N PRO G 78 -19.81 -16.51 -26.18
CA PRO G 78 -19.70 -15.09 -25.81
C PRO G 78 -18.91 -14.99 -24.49
N ILE G 79 -17.97 -14.06 -24.37
CA ILE G 79 -17.18 -13.96 -23.12
C ILE G 79 -18.02 -13.55 -21.91
N SER G 80 -19.21 -13.00 -22.16
CA SER G 80 -20.15 -12.68 -21.07
C SER G 80 -20.67 -13.92 -20.36
N SER G 81 -20.53 -15.10 -20.98
CA SER G 81 -20.95 -16.35 -20.36
C SER G 81 -19.78 -17.10 -19.71
N LEU G 82 -18.61 -16.50 -19.67
CA LEU G 82 -17.38 -17.17 -19.22
C LEU G 82 -16.68 -16.29 -18.23
N TRP G 83 -16.00 -16.91 -17.26
CA TRP G 83 -14.98 -16.15 -16.52
C TRP G 83 -13.81 -15.89 -17.46
N VAL G 84 -13.32 -14.66 -17.42
CA VAL G 84 -12.18 -14.22 -18.23
C VAL G 84 -11.18 -13.52 -17.30
N PRO G 85 -9.89 -13.78 -17.45
CA PRO G 85 -8.90 -13.12 -16.56
C PRO G 85 -8.97 -11.59 -16.65
N ASP G 86 -8.94 -10.95 -15.50
CA ASP G 86 -8.99 -9.48 -15.42
C ASP G 86 -7.62 -8.84 -15.74
N LEU G 87 -7.13 -9.11 -16.95
CA LEU G 87 -5.86 -8.55 -17.43
C LEU G 87 -5.92 -7.05 -17.71
N ALA G 88 -4.88 -6.33 -17.34
CA ALA G 88 -4.76 -4.94 -17.73
C ALA G 88 -3.33 -4.61 -18.16
N ALA G 89 -3.20 -3.73 -19.16
CA ALA G 89 -1.88 -3.17 -19.47
C ALA G 89 -1.62 -2.00 -18.55
N TYR G 90 -0.60 -2.12 -17.68
CA TYR G 90 -0.27 -1.11 -16.66
C TYR G 90 0.21 0.23 -17.21
N ASN G 91 0.77 0.26 -18.44
CA ASN G 91 1.20 1.52 -19.03
C ASN G 91 0.27 2.00 -20.16
N ALA G 92 -0.93 1.44 -20.23
CA ALA G 92 -1.95 1.91 -21.16
C ALA G 92 -2.45 3.28 -20.73
N ILE G 93 -2.65 4.15 -21.71
CA ILE G 93 -3.16 5.48 -21.46
C ILE G 93 -4.51 5.70 -22.16
N SER G 94 -5.06 4.64 -22.74
CA SER G 94 -6.42 4.65 -23.25
C SER G 94 -7.04 3.30 -22.92
N LYS G 95 -8.34 3.23 -22.88
CA LYS G 95 -8.92 1.94 -22.59
C LYS G 95 -8.84 1.00 -23.82
N PRO G 96 -8.83 -0.31 -23.62
CA PRO G 96 -8.64 -1.22 -24.76
C PRO G 96 -9.81 -1.09 -25.76
N GLU G 97 -9.54 -0.83 -27.02
CA GLU G 97 -10.63 -0.81 -28.02
C GLU G 97 -10.65 -2.18 -28.69
N VAL G 98 -11.68 -2.98 -28.43
CA VAL G 98 -11.77 -4.34 -28.96
C VAL G 98 -12.38 -4.28 -30.35
N LEU G 99 -11.64 -4.77 -31.34
CA LEU G 99 -12.03 -4.61 -32.74
C LEU G 99 -12.80 -5.78 -33.30
N THR G 100 -12.85 -6.88 -32.56
CA THR G 100 -13.39 -8.14 -33.05
C THR G 100 -14.54 -8.66 -32.21
N PRO G 101 -15.36 -9.56 -32.75
CA PRO G 101 -16.44 -10.17 -32.00
C PRO G 101 -15.93 -10.76 -30.69
N GLN G 102 -16.64 -10.47 -29.60
CA GLN G 102 -16.19 -10.91 -28.27
C GLN G 102 -16.59 -12.36 -27.94
N LEU G 103 -15.96 -13.31 -28.65
CA LEU G 103 -16.19 -14.74 -28.49
C LEU G 103 -14.89 -15.45 -28.16
N ALA G 104 -14.97 -16.42 -27.26
CA ALA G 104 -13.86 -17.27 -26.90
C ALA G 104 -14.13 -18.63 -27.46
N ARG G 105 -13.07 -19.35 -27.71
CA ARG G 105 -13.19 -20.72 -28.19
C ARG G 105 -12.93 -21.61 -26.99
N VAL G 106 -13.83 -22.58 -26.75
CA VAL G 106 -13.83 -23.41 -25.56
C VAL G 106 -13.77 -24.87 -26.03
N VAL G 107 -12.78 -25.62 -25.52
CA VAL G 107 -12.56 -27.00 -25.88
C VAL G 107 -13.26 -27.84 -24.80
N SER G 108 -13.68 -29.04 -25.18
CA SER G 108 -14.42 -29.92 -24.27
C SER G 108 -13.67 -30.32 -22.97
N ASP G 109 -12.36 -30.11 -22.90
CA ASP G 109 -11.63 -30.39 -21.68
C ASP G 109 -11.55 -29.16 -20.79
N GLY G 110 -12.15 -28.05 -21.24
CA GLY G 110 -12.15 -26.84 -20.47
C GLY G 110 -11.13 -25.81 -20.88
N GLU G 111 -10.31 -26.10 -21.89
CA GLU G 111 -9.34 -25.11 -22.38
C GLU G 111 -10.09 -23.99 -23.10
N VAL G 112 -9.69 -22.76 -22.82
CA VAL G 112 -10.26 -21.60 -23.45
C VAL G 112 -9.16 -20.81 -24.16
N LEU G 113 -9.49 -20.33 -25.36
CA LEU G 113 -8.72 -19.36 -26.11
C LEU G 113 -9.59 -18.14 -26.35
N TYR G 114 -9.14 -16.98 -25.88
CA TYR G 114 -9.77 -15.73 -26.18
C TYR G 114 -8.67 -14.89 -26.84
N MET G 115 -8.93 -14.37 -28.03
CA MET G 115 -7.90 -13.67 -28.80
C MET G 115 -8.53 -12.49 -29.53
N PRO G 116 -8.87 -11.44 -28.78
CA PRO G 116 -9.43 -10.23 -29.40
C PRO G 116 -8.32 -9.44 -30.13
N SER G 117 -8.73 -8.70 -31.17
CA SER G 117 -7.87 -7.67 -31.74
C SER G 117 -8.11 -6.40 -30.96
N ILE G 118 -7.03 -5.78 -30.50
CA ILE G 118 -7.15 -4.63 -29.62
C ILE G 118 -6.39 -3.42 -30.14
N ARG G 119 -7.01 -2.26 -30.13
CA ARG G 119 -6.27 -1.06 -30.41
C ARG G 119 -6.16 -0.28 -29.11
N GLN G 120 -4.93 0.13 -28.78
CA GLN G 120 -4.67 0.76 -27.47
C GLN G 120 -3.45 1.63 -27.55
N ARG G 121 -3.40 2.66 -26.70
CA ARG G 121 -2.27 3.61 -26.68
C ARG G 121 -1.49 3.41 -25.39
N PHE G 122 -0.16 3.38 -25.52
CA PHE G 122 0.75 3.15 -24.39
C PHE G 122 1.75 4.30 -24.16
N SER G 123 2.14 4.47 -22.91
CA SER G 123 3.24 5.33 -22.54
C SER G 123 4.45 4.41 -22.45
N CYS G 124 5.47 4.70 -23.25
CA CYS G 124 6.69 3.89 -23.29
C CYS G 124 7.83 4.59 -24.02
N ASP G 125 8.99 3.94 -24.04
CA ASP G 125 10.19 4.52 -24.61
C ASP G 125 10.15 4.52 -26.15
N VAL G 126 9.89 5.69 -26.72
CA VAL G 126 9.86 5.84 -28.17
C VAL G 126 11.23 6.33 -28.75
N SER G 127 12.17 6.64 -27.86
CA SER G 127 13.47 7.16 -28.31
C SER G 127 14.15 6.16 -29.23
N GLY G 128 14.80 6.67 -30.29
CA GLY G 128 15.49 5.86 -31.26
C GLY G 128 14.64 5.24 -32.35
N VAL G 129 13.34 5.54 -32.36
CA VAL G 129 12.43 4.96 -33.37
C VAL G 129 12.87 5.20 -34.84
N ASP G 130 13.51 6.34 -35.09
CA ASP G 130 13.87 6.75 -36.43
C ASP G 130 15.35 6.43 -36.76
N THR G 131 16.02 5.74 -35.84
CA THR G 131 17.38 5.23 -36.07
C THR G 131 17.31 3.78 -36.54
N GLU G 132 18.48 3.17 -36.78
CA GLU G 132 18.65 1.76 -37.18
C GLU G 132 18.31 0.74 -36.08
N SER G 133 18.81 0.98 -34.87
CA SER G 133 18.63 0.12 -33.70
C SER G 133 17.18 0.13 -33.25
N GLY G 134 16.47 1.18 -33.63
CA GLY G 134 15.05 1.33 -33.35
C GLY G 134 14.73 1.67 -31.91
N ALA G 135 13.43 1.77 -31.62
CA ALA G 135 12.95 2.01 -30.28
C ALA G 135 12.56 0.70 -29.64
N THR G 136 12.49 0.69 -28.31
CA THR G 136 11.95 -0.47 -27.59
C THR G 136 10.86 -0.04 -26.60
N CYS G 137 9.62 -0.35 -26.97
CA CYS G 137 8.43 -0.07 -26.18
C CYS G 137 8.12 -1.31 -25.35
N ARG G 138 8.03 -1.15 -24.04
CA ARG G 138 7.71 -2.25 -23.15
C ARG G 138 6.26 -2.13 -22.71
N ILE G 139 5.50 -3.22 -22.85
CA ILE G 139 4.09 -3.24 -22.47
C ILE G 139 3.92 -4.25 -21.33
N LYS G 140 3.40 -3.79 -20.20
CA LYS G 140 3.28 -4.61 -19.01
C LYS G 140 1.83 -5.04 -18.80
N ILE G 141 1.60 -6.34 -18.77
CA ILE G 141 0.27 -6.88 -18.66
C ILE G 141 0.18 -7.89 -17.51
N GLY G 142 -0.82 -7.74 -16.64
CA GLY G 142 -1.06 -8.69 -15.57
C GLY G 142 -2.47 -8.62 -15.04
N SER G 143 -2.82 -9.52 -14.13
CA SER G 143 -4.13 -9.44 -13.49
C SER G 143 -4.21 -8.18 -12.66
N TRP G 144 -5.30 -7.44 -12.83
CA TRP G 144 -5.51 -6.23 -12.06
C TRP G 144 -5.69 -6.49 -10.52
N THR G 145 -6.45 -7.52 -10.17
CA THR G 145 -6.85 -7.76 -8.78
C THR G 145 -6.57 -9.17 -8.25
N HIS G 146 -6.00 -10.05 -9.05
CA HIS G 146 -5.63 -11.37 -8.54
C HIS G 146 -4.12 -11.52 -8.35
N HIS G 147 -3.70 -11.76 -7.13
CA HIS G 147 -2.29 -11.97 -6.85
C HIS G 147 -1.78 -13.35 -7.30
N SER G 148 -0.52 -13.64 -7.01
CA SER G 148 0.20 -14.81 -7.55
C SER G 148 -0.37 -16.18 -7.13
N ARG G 149 -1.04 -16.24 -6.00
CA ARG G 149 -1.66 -17.50 -5.62
C ARG G 149 -3.02 -17.72 -6.31
N GLU G 150 -3.52 -16.72 -7.06
CA GLU G 150 -4.80 -16.84 -7.76
C GLU G 150 -4.65 -16.84 -9.27
N ILE G 151 -3.82 -15.93 -9.81
CA ILE G 151 -3.44 -15.97 -11.22
C ILE G 151 -1.95 -15.92 -11.46
N SER G 152 -1.42 -16.85 -12.22
CA SER G 152 -0.06 -16.69 -12.76
C SER G 152 -0.16 -16.33 -14.25
N VAL G 153 0.81 -15.53 -14.71
CA VAL G 153 0.81 -15.14 -16.09
C VAL G 153 2.11 -15.54 -16.71
N ASP G 154 2.02 -16.17 -17.88
CA ASP G 154 3.20 -16.70 -18.58
C ASP G 154 3.17 -16.33 -20.04
N PRO G 155 4.34 -16.10 -20.61
CA PRO G 155 4.44 -16.01 -22.07
C PRO G 155 4.00 -17.34 -22.66
N THR G 156 3.14 -17.29 -23.68
CA THR G 156 2.75 -18.47 -24.47
C THR G 156 4.02 -19.16 -24.96
N THR G 157 4.08 -20.48 -24.81
CA THR G 157 5.25 -21.26 -25.23
C THR G 157 5.10 -21.61 -26.72
N GLU G 158 5.98 -21.03 -27.57
CA GLU G 158 5.68 -20.89 -29.02
C GLU G 158 6.90 -20.37 -29.80
N ASN G 159 7.05 -20.81 -31.05
CA ASN G 159 8.13 -20.31 -31.92
C ASN G 159 7.70 -19.88 -33.33
N SER G 160 6.80 -18.88 -33.38
CA SER G 160 6.40 -18.25 -34.65
C SER G 160 6.92 -16.81 -34.81
N ASP G 161 7.09 -16.38 -36.06
CA ASP G 161 7.75 -15.10 -36.40
C ASP G 161 7.16 -13.86 -35.69
N ASP G 162 7.96 -12.79 -35.63
CA ASP G 162 7.58 -11.52 -35.01
C ASP G 162 6.79 -10.62 -35.99
N SER G 163 7.30 -10.49 -37.21
CA SER G 163 6.61 -9.80 -38.29
C SER G 163 5.47 -10.61 -38.91
N GLU G 164 5.07 -11.68 -38.22
CA GLU G 164 4.23 -12.69 -38.85
C GLU G 164 2.96 -12.07 -39.45
N TYR G 165 2.14 -11.44 -38.60
CA TYR G 165 0.90 -10.85 -39.06
C TYR G 165 0.97 -9.33 -38.97
N PHE G 166 2.19 -8.84 -38.89
CA PHE G 166 2.38 -7.41 -38.91
C PHE G 166 2.15 -6.87 -40.31
N SER G 167 1.37 -5.80 -40.41
CA SER G 167 1.01 -5.23 -41.69
C SER G 167 2.22 -4.77 -42.49
N GLN G 168 2.30 -5.23 -43.74
CA GLN G 168 3.34 -4.81 -44.66
C GLN G 168 3.15 -3.37 -45.10
N TYR G 169 2.04 -2.74 -44.71
CA TYR G 169 1.74 -1.39 -45.18
C TYR G 169 1.99 -0.35 -44.12
N SER G 170 2.30 -0.80 -42.92
CA SER G 170 2.74 0.07 -41.87
C SER G 170 3.97 0.90 -42.22
N ARG G 171 4.08 2.03 -41.56
CA ARG G 171 5.22 2.92 -41.74
C ARG G 171 6.42 2.42 -40.94
N PHE G 172 6.16 1.54 -39.98
CA PHE G 172 7.17 0.96 -39.08
C PHE G 172 7.40 -0.51 -39.44
N GLU G 173 8.50 -1.08 -38.96
CA GLU G 173 8.80 -2.49 -39.09
C GLU G 173 9.23 -2.98 -37.74
N ILE G 174 8.95 -4.24 -37.43
CA ILE G 174 9.33 -4.86 -36.18
C ILE G 174 10.67 -5.57 -36.30
N LEU G 175 11.58 -5.24 -35.39
CA LEU G 175 12.90 -5.87 -35.39
C LEU G 175 12.92 -7.11 -34.49
N ASP G 176 12.21 -7.03 -33.36
CA ASP G 176 12.21 -8.10 -32.37
C ASP G 176 11.11 -7.90 -31.36
N VAL G 177 10.55 -9.01 -30.87
CA VAL G 177 9.61 -9.02 -29.76
C VAL G 177 10.14 -10.04 -28.74
N THR G 178 10.38 -9.59 -27.51
CA THR G 178 10.74 -10.49 -26.40
C THR G 178 9.76 -10.34 -25.26
N GLN G 179 9.49 -11.45 -24.58
CA GLN G 179 8.57 -11.50 -23.45
C GLN G 179 9.38 -11.77 -22.16
N LYS G 180 8.90 -11.26 -21.03
CA LYS G 180 9.61 -11.38 -19.74
C LYS G 180 8.60 -11.36 -18.59
N LYS G 181 8.59 -12.39 -17.75
CA LYS G 181 7.68 -12.38 -16.59
C LYS G 181 8.29 -11.77 -15.37
N ASN G 182 7.51 -10.97 -14.67
CA ASN G 182 7.92 -10.36 -13.41
C ASN G 182 6.86 -10.63 -12.35
N SER G 183 7.20 -10.28 -11.12
CA SER G 183 6.38 -10.55 -9.96
C SER G 183 6.56 -9.35 -9.01
N VAL G 184 5.53 -8.52 -8.84
CA VAL G 184 5.71 -7.25 -8.14
C VAL G 184 4.81 -7.15 -6.94
N THR G 185 5.31 -6.50 -5.89
CA THR G 185 4.49 -6.09 -4.77
C THR G 185 4.29 -4.56 -4.71
N TYR G 186 3.02 -4.17 -4.69
CA TYR G 186 2.59 -2.77 -4.64
C TYR G 186 2.29 -2.35 -3.22
N SER G 187 2.58 -1.09 -2.92
CA SER G 187 2.45 -0.52 -1.58
C SER G 187 1.03 -0.67 -1.03
N CYS G 188 0.08 -0.81 -1.96
CA CYS G 188 -1.34 -0.96 -1.71
C CYS G 188 -1.69 -2.22 -0.95
N CYS G 189 -0.94 -3.29 -1.19
CA CYS G 189 -1.35 -4.66 -0.84
C CYS G 189 -0.16 -5.59 -0.47
N PRO G 190 -0.38 -6.61 0.33
CA PRO G 190 0.76 -7.41 0.82
C PRO G 190 1.30 -8.49 -0.15
N GLU G 191 0.47 -8.99 -1.05
CA GLU G 191 0.83 -10.08 -1.96
C GLU G 191 1.53 -9.61 -3.24
N ALA G 192 2.17 -10.53 -3.92
CA ALA G 192 2.83 -10.26 -5.19
C ALA G 192 1.85 -10.52 -6.34
N TYR G 193 1.93 -9.68 -7.39
CA TYR G 193 1.13 -9.81 -8.59
C TYR G 193 2.03 -10.10 -9.78
N GLU G 194 1.61 -11.05 -10.60
CA GLU G 194 2.43 -11.41 -11.75
C GLU G 194 2.11 -10.59 -12.99
N ASP G 195 3.14 -10.29 -13.77
CA ASP G 195 2.94 -9.62 -15.03
C ASP G 195 3.85 -10.18 -16.11
N VAL G 196 3.46 -9.99 -17.36
CA VAL G 196 4.36 -10.23 -18.47
C VAL G 196 4.73 -8.87 -19.08
N GLU G 197 6.03 -8.67 -19.29
CA GLU G 197 6.52 -7.50 -19.99
C GLU G 197 6.84 -7.87 -21.44
N VAL G 198 6.16 -7.23 -22.38
CA VAL G 198 6.40 -7.48 -23.79
C VAL G 198 7.19 -6.31 -24.36
N SER G 199 8.42 -6.59 -24.79
CA SER G 199 9.28 -5.57 -25.36
C SER G 199 9.21 -5.59 -26.91
N LEU G 200 8.66 -4.52 -27.47
CA LEU G 200 8.52 -4.38 -28.90
C LEU G 200 9.65 -3.50 -29.45
N ASN G 201 10.58 -4.12 -30.19
CA ASN G 201 11.70 -3.42 -30.80
C ASN G 201 11.31 -3.10 -32.25
N PHE G 202 11.15 -1.82 -32.53
CA PHE G 202 10.63 -1.41 -33.83
C PHE G 202 11.28 -0.12 -34.32
N ARG G 203 11.29 0.10 -35.62
CA ARG G 203 11.86 1.34 -36.14
C ARG G 203 11.02 1.81 -37.30
N LYS G 204 11.16 3.08 -37.63
CA LYS G 204 10.49 3.69 -38.75
C LYS G 204 11.21 3.25 -40.01
N LYS G 205 10.46 2.81 -41.02
CA LYS G 205 11.07 2.45 -42.30
C LYS G 205 11.86 3.63 -42.91
N GLY G 206 13.04 3.35 -43.46
CA GLY G 206 13.99 4.40 -43.85
C GLY G 206 13.86 4.91 -45.28
N GLU H 1 -17.36 -24.00 6.08
CA GLU H 1 -16.54 -23.84 4.84
C GLU H 1 -17.28 -23.44 3.57
N PHE H 2 -16.80 -22.35 2.98
CA PHE H 2 -17.32 -21.84 1.71
C PHE H 2 -16.19 -21.87 0.72
N ASP H 3 -16.50 -22.15 -0.53
CA ASP H 3 -15.53 -21.94 -1.59
C ASP H 3 -15.82 -20.59 -2.27
N ARG H 4 -14.93 -20.16 -3.17
CA ARG H 4 -15.07 -18.87 -3.82
C ARG H 4 -16.44 -18.72 -4.50
N ALA H 5 -16.90 -19.76 -5.17
CA ALA H 5 -18.23 -19.79 -5.77
C ALA H 5 -19.35 -19.46 -4.77
N ASP H 6 -19.28 -20.04 -3.57
CA ASP H 6 -20.30 -19.80 -2.54
C ASP H 6 -20.25 -18.36 -2.03
N ILE H 7 -19.04 -17.87 -1.79
CA ILE H 7 -18.87 -16.51 -1.30
C ILE H 7 -19.44 -15.52 -2.30
N LEU H 8 -19.05 -15.69 -3.56
CA LEU H 8 -19.52 -14.77 -4.61
C LEU H 8 -21.03 -14.87 -4.84
N TYR H 9 -21.56 -16.07 -4.84
CA TYR H 9 -23.00 -16.27 -4.94
C TYR H 9 -23.70 -15.50 -3.80
N ASN H 10 -23.24 -15.74 -2.58
CA ASN H 10 -23.88 -15.12 -1.42
C ASN H 10 -23.84 -13.61 -1.49
N ILE H 11 -22.70 -13.05 -1.93
CA ILE H 11 -22.58 -11.64 -2.15
C ILE H 11 -23.54 -11.17 -3.26
N ARG H 12 -23.59 -11.85 -4.41
CA ARG H 12 -24.47 -11.36 -5.46
C ARG H 12 -25.93 -11.37 -4.96
N GLN H 13 -26.30 -12.40 -4.19
CA GLN H 13 -27.69 -12.61 -3.83
C GLN H 13 -28.20 -11.68 -2.73
N THR H 14 -27.33 -11.13 -1.88
CA THR H 14 -27.78 -10.32 -0.73
C THR H 14 -27.05 -8.97 -0.64
N SER H 15 -26.28 -8.70 -1.67
CA SER H 15 -25.68 -7.41 -1.93
C SER H 15 -26.87 -6.52 -2.11
N ARG H 16 -26.75 -5.33 -1.54
CA ARG H 16 -27.69 -4.26 -1.74
C ARG H 16 -26.79 -3.12 -2.23
N PRO H 17 -26.43 -3.16 -3.52
CA PRO H 17 -25.53 -2.19 -4.13
C PRO H 17 -26.01 -0.74 -4.02
N ASP H 18 -27.33 -0.52 -3.93
CA ASP H 18 -27.84 0.82 -3.73
C ASP H 18 -28.00 1.29 -2.30
N VAL H 19 -27.46 0.52 -1.35
CA VAL H 19 -27.62 0.88 0.05
C VAL H 19 -26.30 1.19 0.73
N ILE H 20 -26.12 2.44 1.12
CA ILE H 20 -24.90 2.84 1.83
C ILE H 20 -24.78 2.05 3.15
N PRO H 21 -23.66 1.35 3.33
CA PRO H 21 -23.50 0.43 4.46
C PRO H 21 -23.24 1.18 5.76
N THR H 22 -24.17 2.03 6.11
CA THR H 22 -24.12 2.84 7.30
C THR H 22 -24.36 1.94 8.50
N GLN H 23 -23.65 2.22 9.59
CA GLN H 23 -23.87 1.47 10.85
C GLN H 23 -24.23 2.45 11.97
N ARG H 24 -25.40 2.23 12.57
CA ARG H 24 -25.85 2.95 13.78
C ARG H 24 -25.82 4.49 13.64
N ASP H 25 -26.47 4.98 12.57
CA ASP H 25 -26.38 6.36 12.05
C ASP H 25 -25.03 7.10 12.33
N ARG H 26 -23.99 6.56 11.69
CA ARG H 26 -22.62 7.06 11.74
C ARG H 26 -21.95 6.83 10.37
N PRO H 27 -21.17 7.81 9.92
CA PRO H 27 -20.76 7.89 8.52
C PRO H 27 -19.90 6.70 8.11
N VAL H 28 -20.01 6.30 6.86
CA VAL H 28 -19.12 5.32 6.29
C VAL H 28 -17.80 6.05 6.07
N ALA H 29 -16.73 5.55 6.69
CA ALA H 29 -15.42 6.13 6.51
C ALA H 29 -14.80 5.64 5.23
N VAL H 30 -14.50 6.57 4.35
CA VAL H 30 -13.92 6.21 3.07
C VAL H 30 -12.52 6.82 2.98
N SER H 31 -11.54 6.02 2.61
CA SER H 31 -10.20 6.52 2.38
C SER H 31 -9.94 6.60 0.89
N VAL H 32 -9.36 7.72 0.47
CA VAL H 32 -9.02 7.96 -0.90
C VAL H 32 -7.60 8.43 -0.98
N SER H 33 -6.92 7.95 -2.00
CA SER H 33 -5.55 8.30 -2.26
C SER H 33 -5.34 8.11 -3.75
N LEU H 34 -4.74 9.10 -4.40
CA LEU H 34 -4.43 9.05 -5.82
C LEU H 34 -2.95 8.70 -6.01
N LYS H 35 -2.68 7.62 -6.73
CA LYS H 35 -1.34 7.30 -7.15
C LYS H 35 -1.17 7.70 -8.61
N PHE H 36 -0.37 8.74 -8.82
CA PHE H 36 -0.18 9.27 -10.16
C PHE H 36 0.71 8.39 -11.03
N ILE H 37 0.22 8.06 -12.22
CA ILE H 37 0.94 7.19 -13.14
C ILE H 37 1.53 7.99 -14.31
N ASN H 38 0.78 8.99 -14.77
CA ASN H 38 1.20 9.78 -15.90
C ASN H 38 0.53 11.13 -15.95
N ILE H 39 1.22 12.07 -16.58
CA ILE H 39 0.65 13.35 -16.92
C ILE H 39 0.85 13.46 -18.43
N LEU H 40 -0.25 13.46 -19.17
CA LEU H 40 -0.24 13.24 -20.60
C LEU H 40 -0.25 14.52 -21.40
N GLU H 41 -0.93 15.51 -20.85
CA GLU H 41 -1.07 16.77 -21.55
C GLU H 41 -1.30 17.88 -20.54
N VAL H 42 -0.64 18.99 -20.78
CA VAL H 42 -0.68 20.13 -19.88
C VAL H 42 -0.84 21.35 -20.77
N ASN H 43 -1.72 22.28 -20.37
CA ASN H 43 -1.92 23.49 -21.15
C ASN H 43 -1.91 24.68 -20.21
N GLU H 44 -0.85 25.48 -20.31
CA GLU H 44 -0.66 26.59 -19.40
C GLU H 44 -1.58 27.75 -19.75
N ILE H 45 -1.99 27.84 -21.02
CA ILE H 45 -2.94 28.89 -21.44
C ILE H 45 -4.33 28.61 -20.86
N THR H 46 -4.82 27.39 -21.06
CA THR H 46 -6.18 27.06 -20.63
C THR H 46 -6.28 26.59 -19.18
N ASN H 47 -5.13 26.32 -18.53
CA ASN H 47 -5.09 25.76 -17.17
C ASN H 47 -5.82 24.41 -17.09
N GLU H 48 -5.40 23.48 -17.93
CA GLU H 48 -6.03 22.19 -18.05
C GLU H 48 -4.93 21.14 -18.08
N VAL H 49 -5.19 19.99 -17.47
CA VAL H 49 -4.25 18.87 -17.43
C VAL H 49 -4.97 17.56 -17.66
N ASP H 50 -4.28 16.63 -18.30
CA ASP H 50 -4.79 15.32 -18.62
C ASP H 50 -3.90 14.35 -17.82
N VAL H 51 -4.51 13.57 -16.93
CA VAL H 51 -3.76 12.75 -16.00
C VAL H 51 -4.28 11.32 -15.90
N VAL H 52 -3.35 10.39 -15.62
CA VAL H 52 -3.71 9.00 -15.31
C VAL H 52 -3.25 8.69 -13.88
N PHE H 53 -4.18 8.20 -13.09
CA PHE H 53 -3.86 7.85 -11.71
C PHE H 53 -4.69 6.65 -11.25
N TRP H 54 -4.16 5.90 -10.27
CA TRP H 54 -4.90 4.86 -9.60
C TRP H 54 -5.64 5.47 -8.43
N GLN H 55 -6.96 5.31 -8.43
CA GLN H 55 -7.75 5.93 -7.36
C GLN H 55 -8.00 4.92 -6.25
N GLN H 56 -7.06 4.83 -5.32
CA GLN H 56 -7.14 3.85 -4.24
C GLN H 56 -8.25 4.21 -3.26
N THR H 57 -9.29 3.38 -3.19
CA THR H 57 -10.48 3.67 -2.43
C THR H 57 -10.80 2.51 -1.55
N THR H 58 -11.04 2.82 -0.29
CA THR H 58 -11.13 1.84 0.76
C THR H 58 -12.26 2.21 1.67
N TRP H 59 -13.02 1.21 2.09
CA TRP H 59 -14.12 1.37 3.03
C TRP H 59 -14.58 0.02 3.54
N SER H 60 -15.46 0.06 4.51
CA SER H 60 -15.92 -1.14 5.15
C SER H 60 -17.42 -1.32 4.93
N ASP H 61 -17.81 -2.56 4.64
CA ASP H 61 -19.22 -2.90 4.46
C ASP H 61 -19.47 -4.24 5.09
N ARG H 62 -19.99 -4.21 6.32
CA ARG H 62 -20.07 -5.45 7.12
C ARG H 62 -21.13 -6.46 6.64
N THR H 63 -22.10 -6.00 5.84
CA THR H 63 -23.06 -6.90 5.14
C THR H 63 -22.37 -7.85 4.17
N LEU H 64 -21.12 -7.55 3.78
CA LEU H 64 -20.42 -8.45 2.88
C LEU H 64 -19.64 -9.55 3.65
N ALA H 65 -19.49 -9.36 4.96
CA ALA H 65 -18.66 -10.23 5.77
C ALA H 65 -19.11 -11.69 5.75
N TRP H 66 -18.16 -12.61 5.75
CA TRP H 66 -18.43 -14.03 5.94
C TRP H 66 -17.37 -14.65 6.86
N ASN H 67 -17.70 -15.81 7.44
CA ASN H 67 -16.81 -16.54 8.33
C ASN H 67 -15.76 -17.28 7.50
N SER H 68 -14.50 -16.83 7.58
CA SER H 68 -13.42 -17.39 6.77
C SER H 68 -12.40 -18.28 7.50
N SER H 69 -12.80 -18.89 8.64
CA SER H 69 -11.88 -19.77 9.34
C SER H 69 -11.39 -20.96 8.49
N HIS H 70 -12.22 -21.50 7.61
CA HIS H 70 -11.79 -22.56 6.68
C HIS H 70 -12.12 -22.22 5.22
N SER H 71 -12.27 -20.94 4.96
CA SER H 71 -12.61 -20.49 3.63
C SER H 71 -11.60 -19.45 3.17
N PRO H 72 -11.55 -19.20 1.86
CA PRO H 72 -10.77 -18.06 1.33
C PRO H 72 -11.20 -16.78 2.03
N ASP H 73 -10.24 -15.94 2.34
CA ASP H 73 -10.59 -14.77 3.13
C ASP H 73 -10.67 -13.48 2.31
N GLN H 74 -10.45 -13.59 0.99
CA GLN H 74 -10.68 -12.47 0.04
C GLN H 74 -11.19 -12.98 -1.30
N VAL H 75 -11.99 -12.13 -1.96
CA VAL H 75 -12.40 -12.41 -3.32
C VAL H 75 -12.44 -11.13 -4.16
N SER H 76 -12.40 -11.28 -5.49
CA SER H 76 -12.66 -10.15 -6.39
C SER H 76 -14.12 -10.15 -6.82
N VAL H 77 -14.74 -8.99 -6.79
CA VAL H 77 -16.17 -8.86 -6.98
C VAL H 77 -16.42 -7.70 -7.96
N PRO H 78 -17.27 -7.92 -8.97
CA PRO H 78 -17.64 -6.84 -9.91
C PRO H 78 -18.26 -5.74 -9.06
N ILE H 79 -17.92 -4.48 -9.28
CA ILE H 79 -18.48 -3.37 -8.51
C ILE H 79 -19.99 -3.23 -8.69
N SER H 80 -20.53 -3.78 -9.78
CA SER H 80 -21.99 -3.76 -9.96
C SER H 80 -22.69 -4.61 -8.87
N SER H 81 -21.95 -5.51 -8.23
CA SER H 81 -22.51 -6.31 -7.14
C SER H 81 -22.28 -5.68 -5.73
N LEU H 82 -21.69 -4.50 -5.67
CA LEU H 82 -21.30 -3.89 -4.40
C LEU H 82 -21.81 -2.47 -4.33
N TRP H 83 -22.07 -1.97 -3.12
CA TRP H 83 -22.16 -0.51 -2.94
C TRP H 83 -20.76 0.06 -3.03
N VAL H 84 -20.65 1.18 -3.74
CA VAL H 84 -19.38 1.86 -3.97
C VAL H 84 -19.68 3.32 -3.69
N PRO H 85 -18.78 4.03 -3.02
CA PRO H 85 -18.98 5.46 -2.75
C PRO H 85 -19.14 6.27 -4.05
N ASP H 86 -20.07 7.21 -4.04
CA ASP H 86 -20.36 8.05 -5.20
C ASP H 86 -19.34 9.24 -5.25
N LEU H 87 -18.06 8.92 -5.35
CA LEU H 87 -17.02 9.94 -5.41
C LEU H 87 -16.96 10.63 -6.74
N ALA H 88 -16.70 11.94 -6.70
CA ALA H 88 -16.50 12.71 -7.92
C ALA H 88 -15.38 13.72 -7.73
N ALA H 89 -14.62 13.98 -8.80
CA ALA H 89 -13.67 15.08 -8.79
C ALA H 89 -14.38 16.40 -9.20
N TYR H 90 -14.45 17.35 -8.27
CA TYR H 90 -15.17 18.60 -8.47
C TYR H 90 -14.65 19.48 -9.62
N ASN H 91 -13.35 19.38 -9.90
CA ASN H 91 -12.75 20.20 -10.94
C ASN H 91 -12.39 19.41 -12.18
N ALA H 92 -12.93 18.19 -12.31
CA ALA H 92 -12.87 17.39 -13.52
C ALA H 92 -13.66 18.04 -14.65
N ILE H 93 -13.10 18.02 -15.86
CA ILE H 93 -13.77 18.59 -17.02
C ILE H 93 -14.00 17.52 -18.10
N SER H 94 -13.75 16.27 -17.76
CA SER H 94 -14.14 15.17 -18.62
C SER H 94 -14.60 14.08 -17.66
N LYS H 95 -15.41 13.16 -18.15
CA LYS H 95 -15.84 12.07 -17.28
C LYS H 95 -14.67 11.09 -17.00
N PRO H 96 -14.74 10.32 -15.92
CA PRO H 96 -13.61 9.42 -15.60
C PRO H 96 -13.58 8.28 -16.62
N GLU H 97 -12.47 8.15 -17.31
CA GLU H 97 -12.23 7.02 -18.17
C GLU H 97 -11.54 5.94 -17.35
N VAL H 98 -12.27 4.88 -17.03
CA VAL H 98 -11.74 3.76 -16.28
C VAL H 98 -10.98 2.80 -17.20
N LEU H 99 -9.70 2.59 -16.91
CA LEU H 99 -8.83 1.86 -17.81
C LEU H 99 -8.73 0.36 -17.50
N THR H 100 -9.16 -0.02 -16.30
CA THR H 100 -8.94 -1.35 -15.76
C THR H 100 -10.25 -2.10 -15.48
N PRO H 101 -10.17 -3.42 -15.37
CA PRO H 101 -11.35 -4.23 -15.05
C PRO H 101 -12.01 -3.73 -13.77
N GLN H 102 -13.34 -3.62 -13.80
CA GLN H 102 -14.04 -2.97 -12.69
C GLN H 102 -14.38 -3.95 -11.57
N LEU H 103 -13.33 -4.40 -10.87
CA LEU H 103 -13.45 -5.39 -9.79
C LEU H 103 -12.91 -4.81 -8.48
N ALA H 104 -13.64 -5.06 -7.40
CA ALA H 104 -13.14 -4.66 -6.09
C ALA H 104 -12.60 -5.89 -5.34
N ARG H 105 -11.64 -5.70 -4.47
CA ARG H 105 -11.19 -6.79 -3.63
C ARG H 105 -11.98 -6.69 -2.34
N VAL H 106 -12.66 -7.75 -1.94
CA VAL H 106 -13.44 -7.77 -0.69
C VAL H 106 -12.83 -8.81 0.26
N VAL H 107 -12.53 -8.38 1.49
CA VAL H 107 -11.98 -9.24 2.54
C VAL H 107 -13.15 -9.77 3.41
N SER H 108 -12.95 -10.94 4.03
CA SER H 108 -14.00 -11.59 4.83
C SER H 108 -14.57 -10.80 6.00
N ASP H 109 -13.89 -9.74 6.43
CA ASP H 109 -14.42 -8.91 7.51
C ASP H 109 -15.22 -7.73 6.97
N GLY H 110 -15.36 -7.66 5.65
CA GLY H 110 -16.13 -6.59 5.05
C GLY H 110 -15.30 -5.41 4.53
N GLU H 111 -13.97 -5.50 4.60
CA GLU H 111 -13.13 -4.43 4.05
C GLU H 111 -13.07 -4.52 2.54
N VAL H 112 -13.24 -3.38 1.89
CA VAL H 112 -13.24 -3.33 0.42
C VAL H 112 -12.10 -2.42 -0.06
N LEU H 113 -11.36 -2.89 -1.05
CA LEU H 113 -10.42 -2.10 -1.80
C LEU H 113 -10.85 -2.05 -3.28
N TYR H 114 -11.15 -0.86 -3.77
CA TYR H 114 -11.41 -0.62 -5.18
C TYR H 114 -10.37 0.39 -5.64
N MET H 115 -9.56 0.02 -6.63
CA MET H 115 -8.46 0.82 -7.10
C MET H 115 -8.37 0.84 -8.63
N PRO H 116 -9.32 1.51 -9.29
CA PRO H 116 -9.29 1.60 -10.76
C PRO H 116 -8.19 2.55 -11.25
N SER H 117 -7.58 2.28 -12.40
CA SER H 117 -6.78 3.27 -13.10
C SER H 117 -7.70 4.17 -13.91
N ILE H 118 -7.60 5.47 -13.69
CA ILE H 118 -8.48 6.46 -14.28
C ILE H 118 -7.72 7.49 -15.13
N ARG H 119 -8.23 7.74 -16.33
CA ARG H 119 -7.74 8.87 -17.12
C ARG H 119 -8.81 9.96 -17.12
N GLN H 120 -8.41 11.18 -16.77
CA GLN H 120 -9.37 12.26 -16.61
C GLN H 120 -8.66 13.61 -16.80
N ARG H 121 -9.40 14.60 -17.31
CA ARG H 121 -8.84 15.92 -17.54
C ARG H 121 -9.27 16.88 -16.41
N PHE H 122 -8.43 17.84 -16.04
CA PHE H 122 -8.77 18.73 -14.93
C PHE H 122 -8.55 20.18 -15.24
N SER H 123 -9.37 21.00 -14.59
CA SER H 123 -9.17 22.44 -14.58
C SER H 123 -8.40 22.73 -13.29
N CYS H 124 -7.21 23.28 -13.44
CA CYS H 124 -6.40 23.62 -12.27
C CYS H 124 -5.21 24.49 -12.65
N ASP H 125 -4.47 24.94 -11.64
CA ASP H 125 -3.36 25.87 -11.81
C ASP H 125 -2.14 25.22 -12.45
N VAL H 126 -1.97 25.49 -13.73
CA VAL H 126 -0.83 24.95 -14.48
C VAL H 126 0.37 25.93 -14.49
N SER H 127 0.17 27.15 -13.99
CA SER H 127 1.23 28.16 -14.02
C SER H 127 2.49 27.68 -13.31
N GLY H 128 3.64 27.99 -13.89
CA GLY H 128 4.92 27.56 -13.37
C GLY H 128 5.36 26.15 -13.74
N VAL H 129 4.60 25.47 -14.60
CA VAL H 129 4.93 24.09 -14.93
C VAL H 129 6.34 23.89 -15.50
N ASP H 130 6.89 24.95 -16.07
CA ASP H 130 8.20 24.91 -16.73
C ASP H 130 9.24 25.69 -15.90
N THR H 131 9.00 25.85 -14.60
CA THR H 131 10.00 26.42 -13.69
C THR H 131 10.52 25.37 -12.71
N GLU H 132 11.65 25.69 -12.08
CA GLU H 132 12.24 24.92 -10.98
C GLU H 132 11.24 24.49 -9.89
N SER H 133 10.35 25.38 -9.49
CA SER H 133 9.38 25.06 -8.43
C SER H 133 8.11 24.35 -8.93
N GLY H 134 7.89 24.41 -10.25
CA GLY H 134 6.83 23.67 -10.90
C GLY H 134 5.45 24.24 -10.67
N ALA H 135 4.46 23.55 -11.23
CA ALA H 135 3.06 23.91 -11.06
C ALA H 135 2.44 23.12 -9.90
N THR H 136 1.39 23.66 -9.28
CA THR H 136 0.63 22.89 -8.31
C THR H 136 -0.84 22.78 -8.70
N CYS H 137 -1.19 21.58 -9.14
CA CYS H 137 -2.56 21.29 -9.57
C CYS H 137 -3.31 20.63 -8.43
N ARG H 138 -4.42 21.22 -8.03
CA ARG H 138 -5.25 20.69 -6.96
C ARG H 138 -6.46 19.92 -7.48
N ILE H 139 -6.62 18.68 -7.05
CA ILE H 139 -7.77 17.89 -7.41
C ILE H 139 -8.63 17.62 -6.20
N LYS H 140 -9.92 18.01 -6.30
CA LYS H 140 -10.84 17.92 -5.18
C LYS H 140 -11.81 16.76 -5.37
N ILE H 141 -11.84 15.84 -4.41
CA ILE H 141 -12.62 14.63 -4.54
C ILE H 141 -13.51 14.37 -3.33
N GLY H 142 -14.81 14.21 -3.57
CA GLY H 142 -15.72 13.97 -2.46
C GLY H 142 -16.94 13.21 -2.90
N SER H 143 -17.77 12.81 -1.93
CA SER H 143 -19.03 12.17 -2.26
C SER H 143 -19.92 13.22 -2.89
N TRP H 144 -20.51 12.86 -4.03
CA TRP H 144 -21.41 13.78 -4.71
C TRP H 144 -22.72 14.08 -3.98
N THR H 145 -23.30 13.06 -3.33
CA THR H 145 -24.61 13.22 -2.75
C THR H 145 -24.78 12.84 -1.29
N HIS H 146 -23.70 12.39 -0.65
CA HIS H 146 -23.74 12.01 0.76
C HIS H 146 -22.96 13.02 1.62
N HIS H 147 -23.66 13.63 2.55
CA HIS H 147 -23.08 14.65 3.41
C HIS H 147 -22.27 14.01 4.55
N SER H 148 -21.68 14.85 5.42
CA SER H 148 -20.70 14.39 6.40
C SER H 148 -21.21 13.36 7.43
N ARG H 149 -22.51 13.28 7.61
CA ARG H 149 -23.04 12.28 8.55
C ARG H 149 -23.25 10.95 7.89
N GLU H 150 -23.03 10.89 6.57
CA GLU H 150 -23.21 9.67 5.81
C GLU H 150 -21.91 9.13 5.22
N ILE H 151 -21.08 10.01 4.70
CA ILE H 151 -19.77 9.63 4.24
C ILE H 151 -18.75 10.64 4.74
N SER H 152 -17.66 10.13 5.31
CA SER H 152 -16.49 10.95 5.55
C SER H 152 -15.37 10.48 4.62
N VAL H 153 -14.61 11.43 4.10
CA VAL H 153 -13.45 11.09 3.30
C VAL H 153 -12.17 11.54 4.01
N ASP H 154 -11.19 10.65 4.04
CA ASP H 154 -9.94 10.91 4.71
C ASP H 154 -8.86 10.46 3.76
N PRO H 155 -7.75 11.21 3.70
CA PRO H 155 -6.60 10.80 2.91
C PRO H 155 -5.99 9.56 3.58
N THR H 156 -5.54 8.60 2.78
CA THR H 156 -4.99 7.35 3.32
C THR H 156 -4.05 7.57 4.50
N THR H 157 -4.20 6.73 5.53
CA THR H 157 -3.45 6.86 6.80
C THR H 157 -1.95 6.59 6.68
N GLU H 158 -1.55 5.93 5.58
CA GLU H 158 -0.15 5.56 5.38
C GLU H 158 0.53 6.45 4.35
N ASN H 159 1.76 6.86 4.64
CA ASN H 159 2.54 7.62 3.67
C ASN H 159 3.18 6.72 2.59
N SER H 160 3.10 7.16 1.33
CA SER H 160 3.73 6.43 0.21
C SER H 160 4.60 7.29 -0.75
N ASP H 161 5.50 6.62 -1.48
CA ASP H 161 6.41 7.24 -2.45
C ASP H 161 5.65 7.75 -3.68
N ASP H 162 5.95 8.99 -4.08
CA ASP H 162 5.13 9.71 -5.08
C ASP H 162 5.38 9.23 -6.51
N SER H 163 6.66 9.13 -6.87
CA SER H 163 7.10 8.58 -8.14
C SER H 163 7.34 7.06 -8.05
N GLU H 164 6.58 6.38 -7.19
CA GLU H 164 6.79 4.96 -7.01
C GLU H 164 6.22 4.29 -8.27
N TYR H 165 5.02 4.73 -8.65
CA TYR H 165 4.41 4.22 -9.86
C TYR H 165 4.31 5.23 -11.01
N PHE H 166 4.87 6.42 -10.83
CA PHE H 166 4.85 7.40 -11.92
C PHE H 166 5.79 6.99 -13.06
N SER H 167 5.28 7.08 -14.28
CA SER H 167 6.06 6.65 -15.45
C SER H 167 7.35 7.43 -15.64
N GLN H 168 8.45 6.69 -15.80
CA GLN H 168 9.77 7.31 -16.04
C GLN H 168 9.85 7.91 -17.46
N TYR H 169 8.82 7.64 -18.29
CA TYR H 169 8.85 8.06 -19.69
C TYR H 169 7.99 9.29 -19.94
N SER H 170 7.25 9.70 -18.93
CA SER H 170 6.58 10.99 -18.94
C SER H 170 7.52 12.17 -19.23
N ARG H 171 6.94 13.23 -19.77
CA ARG H 171 7.65 14.47 -20.05
C ARG H 171 7.75 15.29 -18.77
N PHE H 172 7.00 14.85 -17.76
CA PHE H 172 6.88 15.55 -16.51
C PHE H 172 7.45 14.71 -15.37
N GLU H 173 7.76 15.38 -14.27
CA GLU H 173 8.22 14.72 -13.06
C GLU H 173 7.45 15.29 -11.90
N ILE H 174 7.23 14.46 -10.90
CA ILE H 174 6.47 14.87 -9.73
C ILE H 174 7.44 15.29 -8.65
N LEU H 175 7.21 16.47 -8.09
CA LEU H 175 8.06 17.00 -7.04
C LEU H 175 7.50 16.61 -5.67
N ASP H 176 6.17 16.64 -5.55
CA ASP H 176 5.49 16.43 -4.29
C ASP H 176 3.98 16.20 -4.46
N VAL H 177 3.43 15.36 -3.60
CA VAL H 177 2.00 15.17 -3.51
C VAL H 177 1.59 15.35 -2.05
N THR H 178 0.70 16.29 -1.79
CA THR H 178 0.13 16.45 -0.45
C THR H 178 -1.39 16.30 -0.52
N GLN H 179 -2.00 15.70 0.49
CA GLN H 179 -3.46 15.62 0.56
C GLN H 179 -3.94 16.33 1.81
N LYS H 180 -5.13 16.91 1.74
CA LYS H 180 -5.77 17.53 2.91
C LYS H 180 -7.30 17.33 2.80
N LYS H 181 -7.98 17.18 3.94
CA LYS H 181 -9.43 17.04 3.90
C LYS H 181 -10.16 18.35 4.25
N ASN H 182 -11.38 18.50 3.75
CA ASN H 182 -12.14 19.70 3.99
C ASN H 182 -13.57 19.29 4.27
N SER H 183 -14.38 20.22 4.74
CA SER H 183 -15.83 20.08 4.88
C SER H 183 -16.47 21.33 4.24
N VAL H 184 -17.21 21.16 3.14
CA VAL H 184 -17.85 22.32 2.49
C VAL H 184 -19.38 22.28 2.44
N THR H 185 -19.99 23.46 2.61
CA THR H 185 -21.43 23.68 2.55
C THR H 185 -21.76 24.39 1.24
N TYR H 186 -22.49 23.70 0.36
CA TYR H 186 -22.95 24.26 -0.91
C TYR H 186 -24.27 24.95 -0.75
N SER H 187 -24.55 25.91 -1.64
CA SER H 187 -25.78 26.68 -1.55
C SER H 187 -27.03 25.87 -1.90
N CYS H 188 -26.84 24.71 -2.53
CA CYS H 188 -27.97 23.86 -2.85
C CYS H 188 -28.62 23.31 -1.58
N CYS H 189 -27.78 22.85 -0.66
CA CYS H 189 -28.18 22.02 0.47
C CYS H 189 -27.67 22.56 1.83
N PRO H 190 -28.35 22.26 2.94
CA PRO H 190 -27.92 22.79 4.23
C PRO H 190 -26.78 21.99 4.92
N GLU H 191 -26.43 20.80 4.44
CA GLU H 191 -25.45 19.96 5.14
C GLU H 191 -24.03 20.11 4.60
N ALA H 192 -23.02 19.80 5.42
CA ALA H 192 -21.61 19.87 5.00
C ALA H 192 -21.19 18.59 4.31
N TYR H 193 -20.44 18.74 3.21
CA TYR H 193 -19.93 17.62 2.44
C TYR H 193 -18.41 17.58 2.51
N GLU H 194 -17.87 16.38 2.71
CA GLU H 194 -16.43 16.25 2.93
C GLU H 194 -15.73 16.03 1.61
N ASP H 195 -14.53 16.59 1.49
CA ASP H 195 -13.70 16.29 0.33
C ASP H 195 -12.25 16.12 0.73
N VAL H 196 -11.49 15.46 -0.14
CA VAL H 196 -10.03 15.47 -0.06
C VAL H 196 -9.48 16.29 -1.19
N GLU H 197 -8.63 17.26 -0.87
CA GLU H 197 -7.87 18.01 -1.86
C GLU H 197 -6.48 17.43 -2.05
N VAL H 198 -6.21 16.96 -3.26
CA VAL H 198 -4.91 16.40 -3.60
C VAL H 198 -4.11 17.40 -4.41
N SER H 199 -2.98 17.83 -3.85
CA SER H 199 -2.13 18.81 -4.50
C SER H 199 -0.94 18.14 -5.18
N LEU H 200 -0.93 18.21 -6.51
CA LEU H 200 0.10 17.61 -7.31
C LEU H 200 1.07 18.69 -7.73
N ASN H 201 2.29 18.62 -7.19
CA ASN H 201 3.37 19.55 -7.52
C ASN H 201 4.28 18.89 -8.54
N PHE H 202 4.29 19.43 -9.76
CA PHE H 202 4.98 18.78 -10.86
C PHE H 202 5.60 19.77 -11.82
N ARG H 203 6.51 19.30 -12.66
CA ARG H 203 7.18 20.17 -13.60
C ARG H 203 7.69 19.40 -14.79
N LYS H 204 8.06 20.15 -15.83
CA LYS H 204 8.57 19.58 -17.06
C LYS H 204 10.04 19.25 -16.92
N LYS H 205 10.40 18.07 -17.42
CA LYS H 205 11.75 17.57 -17.31
C LYS H 205 12.69 18.26 -18.30
N GLY H 206 14.00 18.08 -18.11
CA GLY H 206 15.02 18.64 -19.00
C GLY H 206 15.01 20.15 -19.14
N GLU I 1 -41.22 2.70 11.61
CA GLU I 1 -39.71 2.55 11.51
C GLU I 1 -39.12 1.73 10.30
N PHE I 2 -38.25 2.39 9.52
CA PHE I 2 -37.56 1.82 8.37
C PHE I 2 -36.08 2.17 8.48
N ASP I 3 -35.19 1.27 8.07
CA ASP I 3 -33.80 1.66 7.83
C ASP I 3 -33.61 2.01 6.37
N ARG I 4 -32.40 2.44 6.00
CA ARG I 4 -32.11 2.86 4.63
C ARG I 4 -32.40 1.77 3.64
N ALA I 5 -32.01 0.55 3.98
CA ALA I 5 -32.21 -0.60 3.13
C ALA I 5 -33.71 -0.81 2.81
N ASP I 6 -34.58 -0.64 3.80
CA ASP I 6 -36.02 -0.76 3.59
C ASP I 6 -36.57 0.36 2.70
N ILE I 7 -36.12 1.59 2.93
CA ILE I 7 -36.60 2.72 2.12
C ILE I 7 -36.21 2.50 0.65
N LEU I 8 -34.94 2.11 0.43
CA LEU I 8 -34.43 1.91 -0.92
C LEU I 8 -35.10 0.74 -1.62
N TYR I 9 -35.32 -0.34 -0.88
CA TYR I 9 -36.04 -1.50 -1.40
C TYR I 9 -37.46 -1.07 -1.80
N ASN I 10 -38.13 -0.35 -0.92
CA ASN I 10 -39.51 0.03 -1.21
C ASN I 10 -39.61 0.94 -2.44
N ILE I 11 -38.68 1.88 -2.58
CA ILE I 11 -38.60 2.74 -3.75
C ILE I 11 -38.35 1.90 -5.00
N ARG I 12 -37.37 1.01 -4.96
CA ARG I 12 -37.04 0.21 -6.13
C ARG I 12 -38.27 -0.60 -6.59
N GLN I 13 -39.01 -1.17 -5.62
CA GLN I 13 -40.18 -2.01 -5.91
C GLN I 13 -41.42 -1.25 -6.40
N THR I 14 -41.59 0.00 -5.97
CA THR I 14 -42.87 0.71 -6.28
C THR I 14 -42.80 2.00 -7.08
N SER I 15 -41.67 2.71 -7.01
CA SER I 15 -41.50 3.91 -7.79
C SER I 15 -41.62 3.55 -9.29
N ARG I 16 -42.41 4.32 -10.03
CA ARG I 16 -42.75 3.91 -11.39
C ARG I 16 -42.02 4.89 -12.31
N PRO I 17 -40.82 4.52 -12.74
CA PRO I 17 -39.85 5.46 -13.33
C PRO I 17 -40.31 6.03 -14.68
N ASP I 18 -41.20 5.34 -15.36
CA ASP I 18 -41.72 5.84 -16.64
C ASP I 18 -42.96 6.70 -16.46
N VAL I 19 -43.37 6.88 -15.22
CA VAL I 19 -44.64 7.57 -14.96
C VAL I 19 -44.43 8.95 -14.35
N ILE I 20 -44.73 10.00 -15.11
CA ILE I 20 -44.67 11.37 -14.60
C ILE I 20 -45.60 11.56 -13.37
N PRO I 21 -45.05 12.04 -12.24
CA PRO I 21 -45.79 12.06 -10.97
C PRO I 21 -46.76 13.21 -10.90
N THR I 22 -47.64 13.23 -11.87
CA THR I 22 -48.68 14.21 -11.96
C THR I 22 -49.71 13.94 -10.85
N GLN I 23 -50.21 15.01 -10.23
CA GLN I 23 -51.37 14.88 -9.37
C GLN I 23 -52.41 15.86 -9.88
N ARG I 24 -53.35 15.35 -10.66
CA ARG I 24 -54.64 16.03 -10.91
C ARG I 24 -54.71 16.84 -12.22
N ASP I 25 -54.24 16.26 -13.35
CA ASP I 25 -54.18 16.96 -14.65
C ASP I 25 -53.54 18.37 -14.49
N ARG I 26 -52.78 18.46 -13.40
CA ARG I 26 -51.95 19.56 -13.02
C ARG I 26 -50.48 19.19 -13.28
N PRO I 27 -49.67 20.20 -13.61
CA PRO I 27 -48.28 19.97 -13.97
C PRO I 27 -47.35 19.69 -12.78
N VAL I 28 -46.31 18.89 -13.05
CA VAL I 28 -45.19 18.71 -12.15
C VAL I 28 -44.36 19.97 -12.26
N ALA I 29 -44.19 20.67 -11.14
CA ALA I 29 -43.38 21.87 -11.09
C ALA I 29 -41.94 21.46 -10.95
N VAL I 30 -41.15 21.74 -11.97
CA VAL I 30 -39.72 21.42 -11.98
C VAL I 30 -38.91 22.72 -11.92
N SER I 31 -38.03 22.82 -10.94
CA SER I 31 -37.13 23.97 -10.83
C SER I 31 -35.78 23.60 -11.43
N VAL I 32 -35.23 24.48 -12.26
CA VAL I 32 -33.92 24.27 -12.87
C VAL I 32 -33.06 25.49 -12.67
N SER I 33 -31.77 25.26 -12.45
CA SER I 33 -30.82 26.32 -12.21
C SER I 33 -29.47 25.74 -12.60
N LEU I 34 -28.70 26.49 -13.38
CA LEU I 34 -27.39 26.05 -13.81
C LEU I 34 -26.36 26.78 -12.95
N LYS I 35 -25.48 26.03 -12.29
CA LYS I 35 -24.34 26.62 -11.60
C LYS I 35 -23.11 26.39 -12.44
N PHE I 36 -22.56 27.46 -13.00
CA PHE I 36 -21.49 27.34 -13.96
C PHE I 36 -20.16 27.08 -13.27
N ILE I 37 -19.44 26.06 -13.75
CA ILE I 37 -18.18 25.66 -13.12
C ILE I 37 -16.99 26.06 -13.96
N ASN I 38 -17.15 25.92 -15.28
CA ASN I 38 -16.07 26.23 -16.21
C ASN I 38 -16.57 26.54 -17.60
N ILE I 39 -15.81 27.37 -18.28
CA ILE I 39 -15.98 27.59 -19.70
C ILE I 39 -14.67 27.17 -20.35
N LEU I 40 -14.73 26.13 -21.15
CA LEU I 40 -13.51 25.41 -21.56
C LEU I 40 -13.02 25.81 -22.92
N GLU I 41 -13.97 26.17 -23.78
CA GLU I 41 -13.65 26.55 -25.13
C GLU I 41 -14.72 27.47 -25.67
N VAL I 42 -14.26 28.49 -26.38
CA VAL I 42 -15.14 29.49 -26.92
C VAL I 42 -14.62 29.72 -28.33
N ASN I 43 -15.54 29.87 -29.28
CA ASN I 43 -15.16 30.13 -30.65
C ASN I 43 -16.04 31.24 -31.21
N GLU I 44 -15.45 32.42 -31.39
CA GLU I 44 -16.20 33.60 -31.83
C GLU I 44 -16.55 33.54 -33.31
N ILE I 45 -15.79 32.75 -34.08
CA ILE I 45 -16.09 32.55 -35.50
C ILE I 45 -17.35 31.67 -35.67
N THR I 46 -17.38 30.53 -34.98
CA THR I 46 -18.49 29.57 -35.11
C THR I 46 -19.64 29.81 -34.15
N ASN I 47 -19.46 30.71 -33.19
CA ASN I 47 -20.45 30.99 -32.14
C ASN I 47 -20.80 29.74 -31.34
N GLU I 48 -19.78 29.05 -30.85
CA GLU I 48 -19.92 27.82 -30.10
C GLU I 48 -19.17 27.93 -28.77
N VAL I 49 -19.73 27.32 -27.74
CA VAL I 49 -19.09 27.31 -26.42
C VAL I 49 -19.15 25.92 -25.82
N ASP I 50 -18.10 25.55 -25.09
CA ASP I 50 -18.00 24.29 -24.38
C ASP I 50 -18.02 24.65 -22.89
N VAL I 51 -19.00 24.15 -22.14
CA VAL I 51 -19.22 24.58 -20.77
C VAL I 51 -19.45 23.41 -19.81
N VAL I 52 -19.06 23.60 -18.54
CA VAL I 52 -19.36 22.66 -17.46
C VAL I 52 -20.22 23.40 -16.45
N PHE I 53 -21.33 22.76 -16.07
CA PHE I 53 -22.28 23.34 -15.12
C PHE I 53 -22.89 22.20 -14.31
N TRP I 54 -23.35 22.55 -13.11
CA TRP I 54 -24.17 21.70 -12.30
C TRP I 54 -25.60 22.08 -12.61
N GLN I 55 -26.39 21.11 -13.05
CA GLN I 55 -27.77 21.38 -13.43
C GLN I 55 -28.69 21.01 -12.28
N GLN I 56 -28.90 21.98 -11.38
CA GLN I 56 -29.66 21.76 -10.17
C GLN I 56 -31.14 21.61 -10.50
N THR I 57 -31.66 20.41 -10.29
CA THR I 57 -33.01 20.06 -10.72
C THR I 57 -33.82 19.52 -9.55
N THR I 58 -35.01 20.06 -9.39
CA THR I 58 -35.79 19.86 -8.20
C THR I 58 -37.24 19.65 -8.60
N TRP I 59 -37.92 18.71 -7.93
CA TRP I 59 -39.32 18.45 -8.18
C TRP I 59 -39.83 17.53 -7.09
N SER I 60 -41.14 17.41 -7.06
CA SER I 60 -41.79 16.58 -6.08
C SER I 60 -42.43 15.34 -6.67
N ASP I 61 -42.22 14.19 -6.03
CA ASP I 61 -42.89 12.95 -6.42
C ASP I 61 -43.40 12.21 -5.20
N ARG I 62 -44.69 12.41 -4.92
CA ARG I 62 -45.21 11.88 -3.67
C ARG I 62 -45.39 10.34 -3.62
N THR I 63 -45.32 9.66 -4.75
CA THR I 63 -45.24 8.20 -4.72
C THR I 63 -43.94 7.68 -4.03
N LEU I 64 -42.94 8.55 -3.86
CA LEU I 64 -41.69 8.18 -3.23
C LEU I 64 -41.77 8.36 -1.72
N ALA I 65 -42.78 9.06 -1.23
CA ALA I 65 -42.85 9.46 0.18
C ALA I 65 -42.92 8.27 1.12
N TRP I 66 -42.32 8.43 2.29
CA TRP I 66 -42.43 7.46 3.37
C TRP I 66 -42.52 8.20 4.71
N ASN I 67 -43.12 7.54 5.70
CA ASN I 67 -43.20 8.03 7.07
C ASN I 67 -41.84 7.97 7.72
N SER I 68 -41.27 9.15 7.98
CA SER I 68 -39.98 9.21 8.62
C SER I 68 -40.04 9.62 10.10
N SER I 69 -41.22 9.61 10.71
CA SER I 69 -41.29 9.92 12.13
C SER I 69 -40.17 9.23 12.93
N HIS I 70 -39.77 8.02 12.52
CA HIS I 70 -38.69 7.29 13.21
C HIS I 70 -37.67 6.61 12.27
N SER I 71 -37.36 7.27 11.16
CA SER I 71 -36.52 6.70 10.10
C SER I 71 -35.65 7.81 9.50
N PRO I 72 -34.57 7.45 8.81
CA PRO I 72 -33.85 8.44 8.00
C PRO I 72 -34.84 9.19 7.14
N ASP I 73 -34.60 10.49 6.97
CA ASP I 73 -35.56 11.27 6.22
C ASP I 73 -35.10 11.63 4.79
N GLN I 74 -33.91 11.14 4.41
CA GLN I 74 -33.37 11.32 3.06
C GLN I 74 -32.53 10.12 2.68
N VAL I 75 -32.58 9.76 1.38
CA VAL I 75 -31.67 8.76 0.83
C VAL I 75 -31.14 9.19 -0.57
N SER I 76 -30.00 8.61 -0.96
CA SER I 76 -29.51 8.72 -2.34
C SER I 76 -30.04 7.58 -3.18
N VAL I 77 -30.59 7.88 -4.35
CA VAL I 77 -31.26 6.90 -5.19
C VAL I 77 -30.75 6.96 -6.66
N PRO I 78 -30.34 5.83 -7.22
CA PRO I 78 -29.95 5.82 -8.65
C PRO I 78 -31.09 6.40 -9.47
N ILE I 79 -30.81 7.32 -10.40
CA ILE I 79 -31.92 7.89 -11.17
C ILE I 79 -32.67 6.86 -12.03
N SER I 80 -32.05 5.70 -12.29
CA SER I 80 -32.75 4.63 -13.00
C SER I 80 -33.95 4.08 -12.20
N SER I 81 -33.95 4.28 -10.87
CA SER I 81 -35.09 3.88 -10.05
C SER I 81 -36.12 5.00 -9.81
N LEU I 82 -35.96 6.15 -10.45
CA LEU I 82 -36.87 7.30 -10.28
C LEU I 82 -37.35 7.80 -11.62
N TRP I 83 -38.57 8.33 -11.70
CA TRP I 83 -38.91 9.28 -12.79
C TRP I 83 -38.07 10.55 -12.65
N VAL I 84 -37.52 10.99 -13.77
CA VAL I 84 -36.73 12.21 -13.88
C VAL I 84 -37.29 13.04 -15.04
N PRO I 85 -37.35 14.35 -14.91
CA PRO I 85 -37.89 15.18 -16.01
C PRO I 85 -37.04 15.00 -17.27
N ASP I 86 -37.69 14.96 -18.42
CA ASP I 86 -36.98 14.79 -19.70
C ASP I 86 -36.49 16.13 -20.28
N LEU I 87 -35.63 16.80 -19.52
CA LEU I 87 -35.18 18.12 -19.89
C LEU I 87 -34.14 18.02 -20.98
N ALA I 88 -34.17 18.96 -21.91
CA ALA I 88 -33.10 19.06 -22.92
C ALA I 88 -32.71 20.51 -23.14
N ALA I 89 -31.44 20.75 -23.49
CA ALA I 89 -31.04 22.09 -23.91
C ALA I 89 -31.29 22.21 -25.43
N TYR I 90 -32.14 23.15 -25.83
CA TYR I 90 -32.54 23.30 -27.22
C TYR I 90 -31.42 23.76 -28.17
N ASN I 91 -30.41 24.46 -27.65
CA ASN I 91 -29.30 24.90 -28.46
C ASN I 91 -28.01 24.10 -28.23
N ALA I 92 -28.15 22.95 -27.59
CA ALA I 92 -27.00 22.05 -27.43
C ALA I 92 -26.61 21.45 -28.76
N ILE I 93 -25.31 21.36 -28.98
CA ILE I 93 -24.83 20.77 -30.22
C ILE I 93 -23.99 19.54 -29.92
N SER I 94 -23.97 19.12 -28.65
CA SER I 94 -23.37 17.84 -28.31
C SER I 94 -24.26 17.16 -27.31
N LYS I 95 -24.12 15.82 -27.22
CA LYS I 95 -24.83 15.04 -26.22
C LYS I 95 -24.28 15.47 -24.85
N PRO I 96 -25.14 15.59 -23.84
CA PRO I 96 -24.66 15.95 -22.51
C PRO I 96 -23.71 14.88 -22.01
N GLU I 97 -22.59 15.32 -21.48
CA GLU I 97 -21.67 14.42 -20.83
C GLU I 97 -21.81 14.60 -19.31
N VAL I 98 -22.42 13.62 -18.65
CA VAL I 98 -22.58 13.62 -17.19
C VAL I 98 -21.28 13.17 -16.55
N LEU I 99 -20.73 14.03 -15.71
CA LEU I 99 -19.43 13.82 -15.12
C LEU I 99 -19.51 13.15 -13.75
N THR I 100 -20.71 13.14 -13.13
CA THR I 100 -20.85 12.73 -11.73
C THR I 100 -21.65 11.46 -11.58
N PRO I 101 -21.58 10.78 -10.42
CA PRO I 101 -22.49 9.66 -10.16
C PRO I 101 -23.96 10.05 -10.36
N GLN I 102 -24.70 9.18 -11.02
CA GLN I 102 -26.08 9.48 -11.36
C GLN I 102 -27.08 9.09 -10.27
N LEU I 103 -26.98 9.80 -9.13
CA LEU I 103 -27.81 9.58 -7.96
C LEU I 103 -28.59 10.86 -7.66
N ALA I 104 -29.85 10.70 -7.30
CA ALA I 104 -30.65 11.82 -6.86
C ALA I 104 -30.81 11.67 -5.35
N ARG I 105 -30.99 12.79 -4.68
CA ARG I 105 -31.31 12.80 -3.28
C ARG I 105 -32.84 12.86 -3.08
N VAL I 106 -33.40 11.92 -2.34
CA VAL I 106 -34.86 11.91 -2.14
C VAL I 106 -35.21 12.14 -0.64
N VAL I 107 -36.06 13.12 -0.36
CA VAL I 107 -36.51 13.41 0.99
C VAL I 107 -37.79 12.63 1.23
N SER I 108 -38.10 12.37 2.49
CA SER I 108 -39.23 11.51 2.85
C SER I 108 -40.60 12.05 2.47
N ASP I 109 -40.71 13.36 2.18
CA ASP I 109 -41.98 13.92 1.71
C ASP I 109 -42.10 13.83 0.18
N GLY I 110 -41.11 13.25 -0.48
CA GLY I 110 -41.20 13.12 -1.92
C GLY I 110 -40.43 14.16 -2.74
N GLU I 111 -39.75 15.10 -2.07
CA GLU I 111 -38.91 16.07 -2.78
C GLU I 111 -37.67 15.40 -3.32
N VAL I 112 -37.32 15.74 -4.54
CA VAL I 112 -36.16 15.14 -5.21
C VAL I 112 -35.19 16.25 -5.67
N LEU I 113 -33.90 16.03 -5.43
CA LEU I 113 -32.85 16.89 -5.94
C LEU I 113 -31.92 16.03 -6.79
N TYR I 114 -31.84 16.35 -8.08
CA TYR I 114 -30.87 15.72 -8.94
C TYR I 114 -30.00 16.84 -9.47
N MET I 115 -28.69 16.73 -9.32
CA MET I 115 -27.75 17.80 -9.63
C MET I 115 -26.48 17.24 -10.26
N PRO I 116 -26.59 16.78 -11.50
CA PRO I 116 -25.43 16.26 -12.22
C PRO I 116 -24.49 17.38 -12.65
N SER I 117 -23.20 17.10 -12.73
CA SER I 117 -22.26 18.02 -13.37
C SER I 117 -22.22 17.62 -14.84
N ILE I 118 -22.42 18.57 -15.71
CA ILE I 118 -22.60 18.26 -17.13
C ILE I 118 -21.60 19.07 -17.93
N ARG I 119 -20.96 18.42 -18.87
CA ARG I 119 -20.18 19.10 -19.90
C ARG I 119 -20.93 19.02 -21.21
N GLN I 120 -21.12 20.16 -21.86
CA GLN I 120 -21.93 20.20 -23.05
C GLN I 120 -21.51 21.43 -23.89
N ARG I 121 -21.56 21.33 -25.22
CA ARG I 121 -21.25 22.45 -26.09
C ARG I 121 -22.52 23.08 -26.61
N PHE I 122 -22.52 24.41 -26.82
CA PHE I 122 -23.73 25.10 -27.26
C PHE I 122 -23.49 26.05 -28.42
N SER I 123 -24.55 26.27 -29.18
CA SER I 123 -24.57 27.27 -30.23
C SER I 123 -25.20 28.49 -29.57
N CYS I 124 -24.44 29.57 -29.54
CA CYS I 124 -24.93 30.83 -28.94
C CYS I 124 -24.06 32.01 -29.29
N ASP I 125 -24.47 33.19 -28.86
CA ASP I 125 -23.80 34.44 -29.22
C ASP I 125 -22.50 34.60 -28.45
N VAL I 126 -21.40 34.38 -29.13
CA VAL I 126 -20.09 34.52 -28.53
C VAL I 126 -19.48 35.92 -28.79
N SER I 127 -20.15 36.74 -29.60
CA SER I 127 -19.63 38.06 -29.94
C SER I 127 -19.43 38.91 -28.69
N GLY I 128 -18.33 39.65 -28.67
CA GLY I 128 -17.99 40.50 -27.56
C GLY I 128 -17.28 39.82 -26.40
N VAL I 129 -16.96 38.54 -26.54
CA VAL I 129 -16.32 37.79 -25.44
C VAL I 129 -15.03 38.46 -24.94
N ASP I 130 -14.41 39.26 -25.81
CA ASP I 130 -13.18 39.98 -25.47
C ASP I 130 -13.32 41.46 -25.06
N THR I 131 -14.50 42.07 -25.24
CA THR I 131 -14.75 43.39 -24.63
C THR I 131 -14.88 43.30 -23.09
N GLU I 132 -15.04 44.47 -22.45
CA GLU I 132 -15.33 44.58 -21.03
C GLU I 132 -16.79 44.27 -20.73
N SER I 133 -17.69 44.49 -21.71
CA SER I 133 -19.09 44.12 -21.50
C SER I 133 -19.33 42.64 -21.73
N GLY I 134 -18.39 41.97 -22.41
CA GLY I 134 -18.41 40.53 -22.62
C GLY I 134 -19.48 40.02 -23.58
N ALA I 135 -19.53 38.71 -23.72
CA ALA I 135 -20.52 38.05 -24.54
C ALA I 135 -21.70 37.60 -23.66
N THR I 136 -22.86 37.41 -24.27
CA THR I 136 -23.98 36.81 -23.59
C THR I 136 -24.49 35.58 -24.33
N CYS I 137 -24.19 34.43 -23.74
CA CYS I 137 -24.63 33.16 -24.27
C CYS I 137 -25.93 32.72 -23.58
N ARG I 138 -26.94 32.44 -24.38
CA ARG I 138 -28.24 32.03 -23.87
C ARG I 138 -28.42 30.52 -24.01
N ILE I 139 -28.75 29.87 -22.89
CA ILE I 139 -29.03 28.44 -22.88
C ILE I 139 -30.51 28.15 -22.58
N LYS I 140 -31.16 27.41 -23.48
CA LYS I 140 -32.60 27.19 -23.38
C LYS I 140 -32.89 25.75 -23.00
N ILE I 141 -33.51 25.59 -21.84
CA ILE I 141 -33.80 24.29 -21.29
C ILE I 141 -35.29 24.08 -20.97
N GLY I 142 -35.86 23.02 -21.53
CA GLY I 142 -37.22 22.64 -21.14
C GLY I 142 -37.49 21.18 -21.36
N SER I 143 -38.68 20.74 -20.95
CA SER I 143 -39.07 19.38 -21.20
C SER I 143 -39.17 19.16 -22.69
N TRP I 144 -38.62 18.05 -23.15
CA TRP I 144 -38.61 17.72 -24.56
C TRP I 144 -39.99 17.29 -25.07
N THR I 145 -40.72 16.53 -24.25
CA THR I 145 -41.99 15.92 -24.68
C THR I 145 -43.20 16.21 -23.84
N HIS I 146 -43.06 16.97 -22.74
CA HIS I 146 -44.22 17.24 -21.89
C HIS I 146 -44.57 18.71 -21.96
N HIS I 147 -45.79 19.02 -22.37
CA HIS I 147 -46.22 20.40 -22.46
C HIS I 147 -46.58 21.02 -21.09
N SER I 148 -47.04 22.27 -21.12
CA SER I 148 -47.21 23.08 -19.92
C SER I 148 -48.20 22.51 -18.92
N ARG I 149 -49.12 21.63 -19.33
CA ARG I 149 -50.08 21.08 -18.37
C ARG I 149 -49.51 19.80 -17.72
N GLU I 150 -48.32 19.42 -18.15
CA GLU I 150 -47.69 18.25 -17.59
C GLU I 150 -46.39 18.56 -16.85
N ILE I 151 -45.54 19.43 -17.41
CA ILE I 151 -44.35 19.94 -16.73
C ILE I 151 -44.26 21.44 -16.88
N SER I 152 -44.19 22.16 -15.76
CA SER I 152 -43.82 23.57 -15.78
C SER I 152 -42.37 23.70 -15.29
N VAL I 153 -41.57 24.51 -15.99
CA VAL I 153 -40.20 24.76 -15.54
C VAL I 153 -40.08 26.15 -14.99
N ASP I 154 -39.47 26.26 -13.84
CA ASP I 154 -39.38 27.53 -13.15
C ASP I 154 -37.93 27.71 -12.73
N PRO I 155 -37.35 28.89 -12.91
CA PRO I 155 -36.04 29.16 -12.31
C PRO I 155 -36.14 28.90 -10.82
N THR I 156 -35.10 28.32 -10.23
CA THR I 156 -35.09 28.15 -8.77
C THR I 156 -34.98 29.51 -8.12
N THR I 157 -35.61 29.63 -6.96
CA THR I 157 -35.61 30.91 -6.24
C THR I 157 -34.75 30.86 -4.97
N GLU I 158 -33.53 31.39 -5.09
CA GLU I 158 -32.69 31.81 -3.96
C GLU I 158 -31.94 33.04 -4.42
N ASN I 159 -31.65 33.95 -3.49
CA ASN I 159 -30.91 35.20 -3.77
C ASN I 159 -29.47 34.91 -4.23
N SER I 160 -29.23 33.66 -4.62
CA SER I 160 -27.88 33.10 -4.78
C SER I 160 -26.89 33.85 -5.69
N ASP I 161 -25.62 33.43 -5.58
CA ASP I 161 -24.48 34.05 -6.26
C ASP I 161 -24.23 33.42 -7.64
N ASP I 162 -23.35 34.04 -8.42
CA ASP I 162 -23.20 33.69 -9.84
C ASP I 162 -21.93 32.90 -10.12
N SER I 163 -20.81 33.55 -9.87
CA SER I 163 -19.48 32.98 -10.00
C SER I 163 -19.08 32.14 -8.75
N GLU I 164 -20.06 31.65 -8.00
CA GLU I 164 -19.79 31.08 -6.67
C GLU I 164 -18.99 29.75 -6.72
N TYR I 165 -19.28 28.89 -7.70
CA TYR I 165 -18.50 27.67 -7.86
C TYR I 165 -17.59 27.73 -9.10
N PHE I 166 -17.65 28.86 -9.80
CA PHE I 166 -16.90 29.01 -11.03
C PHE I 166 -15.40 28.94 -10.77
N SER I 167 -14.70 28.17 -11.60
CA SER I 167 -13.28 27.96 -11.42
C SER I 167 -12.48 29.25 -11.49
N GLN I 168 -11.59 29.47 -10.52
CA GLN I 168 -10.72 30.65 -10.51
C GLN I 168 -9.60 30.49 -11.57
N TYR I 169 -9.49 29.30 -12.14
CA TYR I 169 -8.39 28.98 -13.04
C TYR I 169 -8.81 29.06 -14.49
N SER I 170 -10.11 29.19 -14.72
CA SER I 170 -10.62 29.46 -16.05
C SER I 170 -9.98 30.68 -16.71
N ARG I 171 -9.96 30.66 -18.04
CA ARG I 171 -9.49 31.79 -18.82
C ARG I 171 -10.55 32.88 -18.84
N PHE I 172 -11.74 32.49 -18.41
CA PHE I 172 -12.93 33.36 -18.47
C PHE I 172 -13.41 33.73 -17.09
N GLU I 173 -14.15 34.83 -17.02
CA GLU I 173 -14.83 35.23 -15.80
C GLU I 173 -16.30 35.50 -16.10
N ILE I 174 -17.15 35.22 -15.12
CA ILE I 174 -18.59 35.43 -15.27
C ILE I 174 -18.99 36.80 -14.74
N LEU I 175 -19.68 37.57 -15.57
CA LEU I 175 -20.09 38.91 -15.17
C LEU I 175 -21.46 38.85 -14.54
N ASP I 176 -22.34 38.03 -15.11
CA ASP I 176 -23.74 37.94 -14.71
C ASP I 176 -24.41 36.70 -15.26
N VAL I 177 -25.35 36.18 -14.47
CA VAL I 177 -26.23 35.09 -14.88
C VAL I 177 -27.66 35.48 -14.57
N THR I 178 -28.49 35.58 -15.60
CA THR I 178 -29.92 35.81 -15.41
C THR I 178 -30.71 34.66 -15.99
N GLN I 179 -31.89 34.43 -15.44
CA GLN I 179 -32.76 33.38 -15.97
C GLN I 179 -34.15 33.89 -16.14
N LYS I 180 -34.82 33.30 -17.12
CA LYS I 180 -36.06 33.83 -17.66
C LYS I 180 -36.91 32.64 -18.13
N LYS I 181 -38.16 32.58 -17.67
CA LYS I 181 -39.08 31.54 -18.08
C LYS I 181 -39.74 31.89 -19.44
N ASN I 182 -39.88 30.92 -20.33
CA ASN I 182 -40.64 31.22 -21.56
C ASN I 182 -41.62 30.10 -21.82
N SER I 183 -42.71 30.39 -22.54
CA SER I 183 -43.69 29.38 -22.91
C SER I 183 -43.95 29.41 -24.46
N VAL I 184 -43.69 28.28 -25.14
CA VAL I 184 -43.62 28.23 -26.62
C VAL I 184 -44.48 27.13 -27.27
N THR I 185 -45.16 27.50 -28.35
CA THR I 185 -45.96 26.57 -29.14
C THR I 185 -45.16 26.28 -30.42
N TYR I 186 -44.71 25.03 -30.59
CA TYR I 186 -43.89 24.58 -31.73
C TYR I 186 -44.78 24.01 -32.83
N SER I 187 -44.31 24.05 -34.08
CA SER I 187 -45.11 23.66 -35.27
C SER I 187 -45.65 22.22 -35.26
N CYS I 188 -44.92 21.37 -34.53
CA CYS I 188 -45.17 19.96 -34.39
C CYS I 188 -46.47 19.62 -33.67
N CYS I 189 -46.92 20.51 -32.79
CA CYS I 189 -47.91 20.14 -31.76
C CYS I 189 -48.74 21.36 -31.37
N PRO I 190 -50.01 21.16 -31.00
CA PRO I 190 -50.86 22.29 -30.59
C PRO I 190 -50.61 22.82 -29.16
N GLU I 191 -49.86 22.12 -28.31
CA GLU I 191 -49.64 22.55 -26.92
C GLU I 191 -48.44 23.47 -26.74
N ALA I 192 -48.46 24.30 -25.70
CA ALA I 192 -47.31 25.12 -25.29
C ALA I 192 -46.32 24.34 -24.41
N TYR I 193 -45.04 24.57 -24.65
CA TYR I 193 -43.99 23.92 -23.88
C TYR I 193 -43.18 24.98 -23.18
N GLU I 194 -42.88 24.74 -21.91
CA GLU I 194 -42.19 25.74 -21.10
C GLU I 194 -40.67 25.56 -21.17
N ASP I 195 -39.95 26.66 -21.12
CA ASP I 195 -38.50 26.57 -21.03
C ASP I 195 -37.98 27.62 -20.06
N VAL I 196 -36.76 27.41 -19.56
CA VAL I 196 -36.00 28.46 -18.90
C VAL I 196 -34.83 28.83 -19.76
N GLU I 197 -34.68 30.12 -20.02
CA GLU I 197 -33.52 30.62 -20.75
C GLU I 197 -32.55 31.18 -19.74
N VAL I 198 -31.35 30.63 -19.76
CA VAL I 198 -30.28 31.05 -18.88
C VAL I 198 -29.26 31.86 -19.64
N SER I 199 -29.10 33.13 -19.27
CA SER I 199 -28.20 34.04 -19.98
C SER I 199 -26.91 34.19 -19.21
N LEU I 200 -25.85 33.62 -19.80
CA LEU I 200 -24.51 33.69 -19.22
C LEU I 200 -23.76 34.88 -19.84
N ASN I 201 -23.50 35.91 -19.03
CA ASN I 201 -22.69 37.05 -19.45
C ASN I 201 -21.25 36.85 -18.93
N PHE I 202 -20.31 36.71 -19.85
CA PHE I 202 -18.95 36.32 -19.51
C PHE I 202 -17.96 36.97 -20.47
N ARG I 203 -16.71 37.10 -20.04
CA ARG I 203 -15.63 37.69 -20.85
C ARG I 203 -14.28 37.01 -20.60
N LYS I 204 -13.35 37.19 -21.52
CA LYS I 204 -11.98 36.69 -21.32
C LYS I 204 -11.30 37.56 -20.25
N LYS I 205 -10.62 36.92 -19.30
CA LYS I 205 -9.94 37.66 -18.21
C LYS I 205 -8.85 38.55 -18.73
N GLY I 206 -8.56 39.64 -18.01
CA GLY I 206 -7.36 40.43 -18.22
C GLY I 206 -7.42 41.25 -19.49
N GLU J 1 -61.80 4.35 -17.02
CA GLU J 1 -61.00 5.32 -16.21
C GLU J 1 -59.59 4.80 -15.94
N PHE J 2 -58.60 5.26 -16.70
CA PHE J 2 -57.20 4.91 -16.47
C PHE J 2 -56.43 6.14 -16.08
N ASP J 3 -55.43 6.00 -15.23
CA ASP J 3 -54.51 7.10 -14.99
C ASP J 3 -53.25 6.86 -15.80
N ARG J 4 -52.34 7.82 -15.79
CA ARG J 4 -51.12 7.68 -16.56
C ARG J 4 -50.40 6.37 -16.27
N ALA J 5 -50.29 6.02 -14.99
CA ALA J 5 -49.61 4.80 -14.55
C ALA J 5 -50.19 3.55 -15.23
N ASP J 6 -51.51 3.47 -15.25
CA ASP J 6 -52.22 2.38 -15.91
C ASP J 6 -51.95 2.33 -17.40
N ILE J 7 -52.03 3.47 -18.08
CA ILE J 7 -51.80 3.54 -19.53
C ILE J 7 -50.41 3.04 -19.84
N LEU J 8 -49.44 3.54 -19.07
CA LEU J 8 -48.04 3.21 -19.32
C LEU J 8 -47.70 1.75 -18.98
N TYR J 9 -48.25 1.25 -17.88
CA TYR J 9 -48.21 -0.18 -17.56
C TYR J 9 -48.76 -1.08 -18.67
N ASN J 10 -49.98 -0.78 -19.13
CA ASN J 10 -50.59 -1.55 -20.23
C ASN J 10 -49.76 -1.51 -21.50
N ILE J 11 -49.27 -0.33 -21.88
CA ILE J 11 -48.34 -0.20 -23.01
C ILE J 11 -47.08 -1.06 -22.85
N ARG J 12 -46.42 -0.99 -21.69
CA ARG J 12 -45.18 -1.72 -21.51
C ARG J 12 -45.42 -3.22 -21.34
N GLN J 13 -46.57 -3.63 -20.83
CA GLN J 13 -46.84 -5.06 -20.72
C GLN J 13 -47.14 -5.71 -22.08
N THR J 14 -47.83 -4.99 -22.95
CA THR J 14 -48.29 -5.52 -24.22
C THR J 14 -47.59 -4.89 -25.41
N SER J 15 -46.44 -4.23 -25.13
CA SER J 15 -45.60 -3.59 -26.15
C SER J 15 -44.88 -4.64 -26.95
N ARG J 16 -45.21 -4.72 -28.24
CA ARG J 16 -44.45 -5.57 -29.13
C ARG J 16 -43.48 -4.69 -29.94
N PRO J 17 -42.40 -4.22 -29.30
CA PRO J 17 -41.45 -3.29 -29.95
C PRO J 17 -40.89 -3.81 -31.29
N ASP J 18 -40.89 -5.12 -31.48
CA ASP J 18 -40.30 -5.71 -32.68
C ASP J 18 -41.31 -5.99 -33.76
N VAL J 19 -42.55 -5.63 -33.53
CA VAL J 19 -43.60 -6.01 -34.48
C VAL J 19 -44.11 -4.77 -35.19
N ILE J 20 -43.79 -4.64 -36.46
CA ILE J 20 -44.35 -3.58 -37.30
C ILE J 20 -45.91 -3.57 -37.24
N PRO J 21 -46.51 -2.46 -36.84
CA PRO J 21 -47.96 -2.39 -36.61
C PRO J 21 -48.73 -2.31 -37.94
N THR J 22 -48.52 -3.30 -38.76
CA THR J 22 -49.16 -3.41 -40.06
C THR J 22 -50.62 -3.75 -39.80
N GLN J 23 -51.52 -3.06 -40.47
CA GLN J 23 -52.92 -3.47 -40.39
C GLN J 23 -53.32 -4.14 -41.68
N ARG J 24 -53.94 -5.31 -41.61
CA ARG J 24 -54.35 -6.05 -42.80
C ARG J 24 -53.52 -5.69 -44.07
N ASP J 25 -52.21 -5.95 -43.99
CA ASP J 25 -51.32 -5.83 -45.16
C ASP J 25 -51.39 -4.50 -45.96
N ARG J 26 -51.68 -3.41 -45.27
CA ARG J 26 -51.40 -2.08 -45.78
C ARG J 26 -50.11 -1.61 -45.11
N PRO J 27 -49.27 -0.92 -45.88
CA PRO J 27 -48.00 -0.43 -45.33
C PRO J 27 -48.28 0.55 -44.20
N VAL J 28 -47.41 0.57 -43.21
CA VAL J 28 -47.46 1.59 -42.17
C VAL J 28 -47.03 2.90 -42.77
N ALA J 29 -47.88 3.92 -42.71
CA ALA J 29 -47.56 5.20 -43.29
C ALA J 29 -46.74 6.02 -42.31
N VAL J 30 -45.52 6.28 -42.70
CA VAL J 30 -44.64 7.06 -41.83
C VAL J 30 -44.39 8.43 -42.47
N SER J 31 -44.60 9.50 -41.70
CA SER J 31 -44.24 10.82 -42.13
C SER J 31 -42.93 11.21 -41.49
N VAL J 32 -42.05 11.80 -42.30
CA VAL J 32 -40.78 12.29 -41.84
C VAL J 32 -40.53 13.67 -42.34
N SER J 33 -39.94 14.49 -41.48
CA SER J 33 -39.65 15.86 -41.79
C SER J 33 -38.46 16.24 -40.92
N LEU J 34 -37.50 16.95 -41.50
CA LEU J 34 -36.30 17.36 -40.78
C LEU J 34 -36.40 18.82 -40.50
N LYS J 35 -36.26 19.21 -39.24
CA LYS J 35 -36.27 20.64 -38.95
C LYS J 35 -34.85 20.97 -38.61
N PHE J 36 -34.23 21.76 -39.47
CA PHE J 36 -32.82 22.07 -39.30
C PHE J 36 -32.59 23.10 -38.20
N ILE J 37 -31.67 22.77 -37.28
CA ILE J 37 -31.40 23.64 -36.14
C ILE J 37 -30.06 24.34 -36.27
N ASN J 38 -29.06 23.59 -36.76
CA ASN J 38 -27.71 24.10 -36.94
C ASN J 38 -26.89 23.35 -37.96
N ILE J 39 -26.01 24.08 -38.64
CA ILE J 39 -25.04 23.50 -39.54
C ILE J 39 -23.71 23.83 -38.89
N LEU J 40 -22.96 22.82 -38.48
CA LEU J 40 -21.82 23.03 -37.59
C LEU J 40 -20.49 23.02 -38.31
N GLU J 41 -20.43 22.27 -39.40
CA GLU J 41 -19.20 22.20 -40.17
C GLU J 41 -19.54 21.84 -41.58
N VAL J 42 -18.83 22.46 -42.51
CA VAL J 42 -19.01 22.22 -43.90
C VAL J 42 -17.59 22.13 -44.49
N ASN J 43 -17.38 21.23 -45.43
CA ASN J 43 -16.11 21.06 -46.11
C ASN J 43 -16.37 20.93 -47.60
N GLU J 44 -16.03 21.98 -48.33
CA GLU J 44 -16.21 22.02 -49.78
C GLU J 44 -15.26 21.08 -50.56
N ILE J 45 -14.08 20.83 -49.99
CA ILE J 45 -13.15 19.87 -50.58
C ILE J 45 -13.69 18.43 -50.47
N THR J 46 -14.05 17.99 -49.28
CA THR J 46 -14.50 16.61 -49.09
C THR J 46 -15.99 16.37 -49.41
N ASN J 47 -16.76 17.43 -49.55
CA ASN J 47 -18.21 17.38 -49.71
C ASN J 47 -18.92 16.72 -48.53
N GLU J 48 -18.67 17.24 -47.34
CA GLU J 48 -19.16 16.66 -46.11
C GLU J 48 -19.73 17.79 -45.26
N VAL J 49 -20.85 17.51 -44.61
CA VAL J 49 -21.49 18.47 -43.73
C VAL J 49 -21.84 17.84 -42.39
N ASP J 50 -21.75 18.65 -41.33
CA ASP J 50 -22.11 18.24 -39.97
C ASP J 50 -23.36 19.04 -39.59
N VAL J 51 -24.46 18.35 -39.25
CA VAL J 51 -25.74 19.04 -39.09
C VAL J 51 -26.47 18.59 -37.79
N VAL J 52 -27.31 19.47 -37.25
CA VAL J 52 -28.24 19.12 -36.18
C VAL J 52 -29.66 19.44 -36.66
N PHE J 53 -30.55 18.44 -36.59
CA PHE J 53 -31.91 18.55 -37.00
C PHE J 53 -32.82 17.74 -36.08
N TRP J 54 -34.06 18.23 -35.94
CA TRP J 54 -35.14 17.49 -35.30
C TRP J 54 -35.77 16.62 -36.36
N GLN J 55 -35.72 15.31 -36.15
CA GLN J 55 -36.29 14.38 -37.12
C GLN J 55 -37.71 14.05 -36.70
N GLN J 56 -38.66 14.89 -37.12
CA GLN J 56 -40.05 14.71 -36.77
C GLN J 56 -40.59 13.47 -37.49
N THR J 57 -40.96 12.47 -36.70
CA THR J 57 -41.42 11.20 -37.22
C THR J 57 -42.77 10.84 -36.62
N THR J 58 -43.69 10.46 -37.50
CA THR J 58 -45.07 10.25 -37.17
C THR J 58 -45.60 8.97 -37.81
N TRP J 59 -46.36 8.19 -37.06
CA TRP J 59 -47.02 7.02 -37.61
C TRP J 59 -48.09 6.59 -36.64
N SER J 60 -48.87 5.61 -37.07
CA SER J 60 -49.97 5.09 -36.29
C SER J 60 -49.69 3.66 -35.83
N ASP J 61 -49.95 3.39 -34.56
CA ASP J 61 -49.91 2.03 -34.03
C ASP J 61 -51.14 1.76 -33.19
N ARG J 62 -52.12 1.11 -33.79
CA ARG J 62 -53.38 0.90 -33.15
C ARG J 62 -53.36 -0.09 -31.96
N THR J 63 -52.34 -0.94 -31.87
CA THR J 63 -52.19 -1.77 -30.66
C THR J 63 -51.87 -0.94 -29.37
N LEU J 64 -51.49 0.31 -29.53
CA LEU J 64 -51.24 1.20 -28.38
C LEU J 64 -52.51 1.91 -27.89
N ALA J 65 -53.55 1.91 -28.73
CA ALA J 65 -54.74 2.68 -28.45
C ALA J 65 -55.41 2.32 -27.12
N TRP J 66 -56.02 3.31 -26.49
CA TRP J 66 -56.85 3.06 -25.29
C TRP J 66 -58.06 3.98 -25.30
N ASN J 67 -59.12 3.52 -24.67
CA ASN J 67 -60.27 4.36 -24.43
C ASN J 67 -59.97 5.54 -23.50
N SER J 68 -60.12 6.74 -24.05
CA SER J 68 -59.78 8.00 -23.39
C SER J 68 -61.01 8.90 -23.13
N SER J 69 -62.20 8.34 -23.21
CA SER J 69 -63.40 9.07 -22.80
C SER J 69 -63.24 9.69 -21.40
N HIS J 70 -62.62 8.95 -20.48
CA HIS J 70 -62.45 9.45 -19.11
C HIS J 70 -61.03 9.39 -18.51
N SER J 71 -60.00 9.48 -19.38
CA SER J 71 -58.58 9.30 -19.02
C SER J 71 -57.73 10.32 -19.78
N PRO J 72 -56.48 10.54 -19.36
CA PRO J 72 -55.52 11.31 -20.17
C PRO J 72 -55.47 10.76 -21.59
N ASP J 73 -55.35 11.63 -22.59
CA ASP J 73 -55.41 11.14 -23.95
C ASP J 73 -54.04 11.09 -24.65
N GLN J 74 -52.95 11.40 -23.93
CA GLN J 74 -51.58 11.35 -24.44
C GLN J 74 -50.60 11.01 -23.31
N VAL J 75 -49.54 10.28 -23.64
CA VAL J 75 -48.45 9.99 -22.68
C VAL J 75 -47.12 10.01 -23.38
N SER J 76 -46.05 10.14 -22.60
CA SER J 76 -44.71 10.01 -23.11
C SER J 76 -44.24 8.64 -22.80
N VAL J 77 -43.68 7.97 -23.80
CA VAL J 77 -43.30 6.56 -23.67
C VAL J 77 -41.84 6.38 -24.12
N PRO J 78 -41.00 5.67 -23.34
CA PRO J 78 -39.63 5.37 -23.79
C PRO J 78 -39.73 4.59 -25.10
N ILE J 79 -38.96 4.98 -26.13
CA ILE J 79 -39.03 4.24 -27.43
C ILE J 79 -38.70 2.77 -27.34
N SER J 80 -38.01 2.34 -26.28
CA SER J 80 -37.74 0.93 -26.04
C SER J 80 -39.00 0.11 -25.80
N SER J 81 -40.10 0.77 -25.43
CA SER J 81 -41.37 0.11 -25.27
C SER J 81 -42.26 0.18 -26.48
N LEU J 82 -41.79 0.77 -27.56
CA LEU J 82 -42.61 0.97 -28.75
C LEU J 82 -41.93 0.38 -29.98
N TRP J 83 -42.70 0.01 -30.98
CA TRP J 83 -42.11 -0.19 -32.31
C TRP J 83 -41.82 1.19 -32.86
N VAL J 84 -40.66 1.32 -33.48
CA VAL J 84 -40.25 2.57 -34.10
C VAL J 84 -39.76 2.23 -35.53
N PRO J 85 -40.07 3.05 -36.53
CA PRO J 85 -39.64 2.74 -37.91
C PRO J 85 -38.11 2.71 -38.02
N ASP J 86 -37.56 1.72 -38.72
CA ASP J 86 -36.12 1.55 -38.83
C ASP J 86 -35.54 2.47 -39.90
N LEU J 87 -35.69 3.78 -39.71
CA LEU J 87 -35.27 4.79 -40.69
C LEU J 87 -33.75 5.00 -40.69
N ALA J 88 -33.18 5.20 -41.87
CA ALA J 88 -31.74 5.47 -41.95
C ALA J 88 -31.45 6.48 -43.03
N ALA J 89 -30.46 7.34 -42.79
CA ALA J 89 -30.05 8.28 -43.81
C ALA J 89 -29.02 7.56 -44.67
N TYR J 90 -29.34 7.42 -45.95
CA TYR J 90 -28.49 6.64 -46.86
C TYR J 90 -27.11 7.26 -47.15
N ASN J 91 -26.98 8.57 -46.99
CA ASN J 91 -25.72 9.23 -47.25
C ASN J 91 -25.05 9.73 -45.97
N ALA J 92 -25.52 9.23 -44.83
CA ALA J 92 -24.85 9.50 -43.56
C ALA J 92 -23.46 8.85 -43.52
N ILE J 93 -22.52 9.53 -42.88
CA ILE J 93 -21.16 9.00 -42.76
C ILE J 93 -20.75 8.97 -41.29
N SER J 94 -21.73 9.20 -40.43
CA SER J 94 -21.52 8.95 -39.03
C SER J 94 -22.81 8.36 -38.48
N LYS J 95 -22.71 7.70 -37.33
CA LYS J 95 -23.90 7.20 -36.66
C LYS J 95 -24.64 8.39 -36.08
N PRO J 96 -25.96 8.41 -36.23
CA PRO J 96 -26.79 9.46 -35.64
C PRO J 96 -26.53 9.59 -34.14
N GLU J 97 -26.20 10.79 -33.72
CA GLU J 97 -26.03 11.10 -32.32
C GLU J 97 -27.34 11.76 -31.89
N VAL J 98 -28.10 11.07 -31.01
CA VAL J 98 -29.37 11.57 -30.47
C VAL J 98 -29.07 12.44 -29.26
N LEU J 99 -29.46 13.72 -29.34
CA LEU J 99 -29.12 14.68 -28.31
C LEU J 99 -30.17 14.78 -27.20
N THR J 100 -31.36 14.21 -27.43
CA THR J 100 -32.51 14.46 -26.55
C THR J 100 -33.03 13.19 -25.91
N PRO J 101 -33.84 13.29 -24.86
CA PRO J 101 -34.41 12.10 -24.21
C PRO J 101 -35.19 11.24 -25.20
N GLN J 102 -34.99 9.93 -25.14
CA GLN J 102 -35.57 9.07 -26.15
C GLN J 102 -37.02 8.64 -25.84
N LEU J 103 -37.92 9.61 -25.86
CA LEU J 103 -39.33 9.40 -25.53
C LEU J 103 -40.13 9.82 -26.72
N ALA J 104 -41.20 9.05 -26.98
CA ALA J 104 -42.17 9.38 -28.00
C ALA J 104 -43.44 9.78 -27.31
N ARG J 105 -44.24 10.56 -28.00
CA ARG J 105 -45.52 10.98 -27.47
C ARG J 105 -46.56 10.11 -28.16
N VAL J 106 -47.45 9.49 -27.38
CA VAL J 106 -48.42 8.54 -27.90
C VAL J 106 -49.81 9.08 -27.56
N VAL J 107 -50.68 9.18 -28.56
CA VAL J 107 -52.06 9.65 -28.37
C VAL J 107 -52.95 8.44 -28.24
N SER J 108 -54.09 8.57 -27.55
CA SER J 108 -54.97 7.45 -27.25
C SER J 108 -55.53 6.71 -28.46
N ASP J 109 -55.49 7.34 -29.63
CA ASP J 109 -55.94 6.64 -30.84
C ASP J 109 -54.83 5.83 -31.50
N GLY J 110 -53.62 5.90 -30.93
CA GLY J 110 -52.51 5.14 -31.47
C GLY J 110 -51.55 5.96 -32.31
N GLU J 111 -51.78 7.27 -32.43
CA GLU J 111 -50.82 8.12 -33.17
C GLU J 111 -49.55 8.31 -32.32
N VAL J 112 -48.40 8.22 -32.99
CA VAL J 112 -47.15 8.36 -32.30
C VAL J 112 -46.35 9.50 -32.93
N LEU J 113 -45.74 10.34 -32.12
CA LEU J 113 -44.80 11.38 -32.56
C LEU J 113 -43.48 11.16 -31.84
N TYR J 114 -42.46 10.82 -32.60
CA TYR J 114 -41.12 10.70 -32.08
C TYR J 114 -40.28 11.79 -32.79
N MET J 115 -39.67 12.68 -32.03
CA MET J 115 -38.96 13.82 -32.60
C MET J 115 -37.63 14.08 -31.90
N PRO J 116 -36.65 13.21 -32.14
CA PRO J 116 -35.33 13.37 -31.54
C PRO J 116 -34.56 14.50 -32.19
N SER J 117 -33.74 15.21 -31.43
CA SER J 117 -32.71 16.06 -32.02
C SER J 117 -31.48 15.20 -32.34
N ILE J 118 -31.04 15.27 -33.58
CA ILE J 118 -29.95 14.43 -34.06
C ILE J 118 -28.78 15.27 -34.59
N ARG J 119 -27.57 14.85 -34.25
CA ARG J 119 -26.39 15.40 -34.86
C ARG J 119 -25.78 14.28 -35.72
N GLN J 120 -25.57 14.57 -37.00
CA GLN J 120 -25.10 13.56 -37.95
C GLN J 120 -24.29 14.19 -39.09
N ARG J 121 -23.29 13.46 -39.59
CA ARG J 121 -22.56 13.93 -40.79
C ARG J 121 -22.99 13.25 -42.12
N PHE J 122 -22.93 13.99 -43.19
CA PHE J 122 -23.49 13.48 -44.44
C PHE J 122 -22.53 13.79 -45.51
N SER J 123 -22.52 12.93 -46.50
CA SER J 123 -21.79 13.16 -47.72
C SER J 123 -22.79 13.74 -48.72
N CYS J 124 -22.53 14.94 -49.20
CA CYS J 124 -23.44 15.59 -50.14
C CYS J 124 -22.77 16.79 -50.83
N ASP J 125 -23.49 17.39 -51.77
CA ASP J 125 -22.96 18.48 -52.60
C ASP J 125 -22.82 19.77 -51.80
N VAL J 126 -21.58 20.10 -51.45
CA VAL J 126 -21.28 21.34 -50.72
C VAL J 126 -20.88 22.48 -51.68
N SER J 127 -20.77 22.18 -52.97
CA SER J 127 -20.29 23.19 -53.91
C SER J 127 -21.27 24.36 -53.94
N GLY J 128 -20.71 25.56 -54.03
CA GLY J 128 -21.49 26.79 -54.06
C GLY J 128 -21.91 27.33 -52.71
N VAL J 129 -21.45 26.72 -51.62
CA VAL J 129 -21.86 27.11 -50.27
C VAL J 129 -21.54 28.56 -49.94
N ASP J 130 -20.52 29.06 -50.62
CA ASP J 130 -19.92 30.32 -50.29
C ASP J 130 -20.36 31.42 -51.28
N THR J 131 -21.39 31.11 -52.09
CA THR J 131 -21.95 32.01 -53.11
C THR J 131 -23.38 32.40 -52.77
N GLU J 132 -23.94 33.33 -53.55
CA GLU J 132 -25.32 33.81 -53.35
C GLU J 132 -26.34 32.66 -53.46
N SER J 133 -26.24 31.86 -54.52
CA SER J 133 -27.18 30.77 -54.78
C SER J 133 -27.06 29.64 -53.77
N GLY J 134 -25.90 29.55 -53.12
CA GLY J 134 -25.67 28.58 -52.05
C GLY J 134 -25.47 27.16 -52.55
N ALA J 135 -25.29 26.25 -51.59
CA ALA J 135 -25.12 24.83 -51.86
C ALA J 135 -26.47 24.14 -51.66
N THR J 136 -26.64 22.99 -52.28
CA THR J 136 -27.82 22.16 -52.04
C THR J 136 -27.41 20.76 -51.65
N CYS J 137 -27.55 20.47 -50.35
CA CYS J 137 -27.20 19.19 -49.76
C CYS J 137 -28.48 18.34 -49.67
N ARG J 138 -28.44 17.16 -50.26
CA ARG J 138 -29.60 16.30 -50.27
C ARG J 138 -29.40 15.15 -49.27
N ILE J 139 -30.35 14.99 -48.35
CA ILE J 139 -30.38 13.92 -47.37
C ILE J 139 -31.48 12.91 -47.72
N LYS J 140 -31.10 11.66 -47.93
CA LYS J 140 -32.05 10.61 -48.30
C LYS J 140 -32.36 9.69 -47.11
N ILE J 141 -33.63 9.67 -46.69
CA ILE J 141 -34.04 8.84 -45.55
C ILE J 141 -35.17 7.89 -45.90
N GLY J 142 -35.01 6.64 -45.45
CA GLY J 142 -36.02 5.63 -45.70
C GLY J 142 -35.85 4.45 -44.76
N SER J 143 -36.80 3.52 -44.78
CA SER J 143 -36.68 2.33 -43.96
C SER J 143 -35.53 1.50 -44.52
N TRP J 144 -34.70 1.00 -43.60
CA TRP J 144 -33.57 0.18 -43.97
C TRP J 144 -33.98 -1.21 -44.48
N THR J 145 -35.00 -1.81 -43.87
CA THR J 145 -35.29 -3.21 -44.12
C THR J 145 -36.73 -3.49 -44.48
N HIS J 146 -37.60 -2.48 -44.49
CA HIS J 146 -39.00 -2.71 -44.84
C HIS J 146 -39.33 -2.07 -46.19
N HIS J 147 -39.79 -2.89 -47.12
CA HIS J 147 -40.10 -2.44 -48.46
C HIS J 147 -41.45 -1.70 -48.55
N SER J 148 -41.78 -1.23 -49.74
CA SER J 148 -42.93 -0.36 -49.92
C SER J 148 -44.28 -0.95 -49.46
N ARG J 149 -44.40 -2.26 -49.37
CA ARG J 149 -45.67 -2.85 -48.97
C ARG J 149 -45.75 -2.95 -47.46
N GLU J 150 -44.66 -2.60 -46.76
CA GLU J 150 -44.62 -2.63 -45.29
C GLU J 150 -44.46 -1.24 -44.70
N ILE J 151 -43.65 -0.37 -45.30
CA ILE J 151 -43.52 1.00 -44.84
C ILE J 151 -43.52 1.95 -46.02
N SER J 152 -44.42 2.92 -46.03
CA SER J 152 -44.23 4.04 -46.94
C SER J 152 -43.77 5.27 -46.19
N VAL J 153 -42.90 6.03 -46.81
CA VAL J 153 -42.48 7.27 -46.20
C VAL J 153 -43.01 8.44 -46.98
N ASP J 154 -43.53 9.40 -46.25
CA ASP J 154 -44.03 10.62 -46.86
C ASP J 154 -43.48 11.85 -46.13
N PRO J 155 -43.28 12.90 -46.92
CA PRO J 155 -42.93 14.21 -46.34
C PRO J 155 -44.09 14.68 -45.44
N THR J 156 -43.77 15.30 -44.30
CA THR J 156 -44.78 15.90 -43.44
C THR J 156 -45.76 16.81 -44.13
N THR J 157 -47.02 16.61 -43.76
CA THR J 157 -48.10 17.57 -43.96
C THR J 157 -47.80 18.77 -43.06
N GLU J 158 -46.90 19.65 -43.50
CA GLU J 158 -46.56 20.81 -42.68
C GLU J 158 -46.12 21.97 -43.54
N ASN J 159 -47.02 22.96 -43.65
CA ASN J 159 -46.73 24.22 -44.31
C ASN J 159 -45.75 25.04 -43.43
N SER J 160 -44.93 24.30 -42.68
CA SER J 160 -44.10 24.84 -41.60
C SER J 160 -42.80 25.44 -42.10
N ASP J 161 -42.51 26.65 -41.62
CA ASP J 161 -41.37 27.46 -42.07
C ASP J 161 -40.01 26.75 -41.96
N ASP J 162 -39.13 27.10 -42.91
CA ASP J 162 -37.87 26.38 -43.17
C ASP J 162 -36.83 26.56 -42.07
N SER J 163 -36.34 27.79 -41.96
CA SER J 163 -35.41 28.20 -40.89
C SER J 163 -36.15 28.70 -39.62
N GLU J 164 -37.28 28.06 -39.27
CA GLU J 164 -38.13 28.52 -38.17
C GLU J 164 -37.40 28.32 -36.84
N TYR J 165 -36.74 27.16 -36.73
CA TYR J 165 -35.97 26.84 -35.53
C TYR J 165 -34.46 26.96 -35.72
N PHE J 166 -34.03 27.33 -36.91
CA PHE J 166 -32.62 27.37 -37.24
C PHE J 166 -31.96 28.45 -36.42
N SER J 167 -30.80 28.14 -35.89
CA SER J 167 -30.07 29.05 -35.03
C SER J 167 -29.65 30.33 -35.75
N GLN J 168 -29.95 31.48 -35.12
CA GLN J 168 -29.54 32.78 -35.62
C GLN J 168 -28.04 33.03 -35.40
N TYR J 169 -27.39 32.13 -34.67
CA TYR J 169 -25.96 32.25 -34.39
C TYR J 169 -25.08 31.41 -35.29
N SER J 170 -25.70 30.55 -36.09
CA SER J 170 -24.99 29.82 -37.12
C SER J 170 -24.21 30.72 -38.07
N ARG J 171 -23.14 30.17 -38.64
CA ARG J 171 -22.33 30.87 -39.62
C ARG J 171 -23.06 30.78 -40.93
N PHE J 172 -24.16 30.01 -40.91
CA PHE J 172 -24.86 29.62 -42.11
C PHE J 172 -26.26 30.16 -42.07
N GLU J 173 -26.88 30.28 -43.24
CA GLU J 173 -28.30 30.60 -43.33
C GLU J 173 -28.96 29.69 -44.33
N ILE J 174 -30.22 29.36 -44.07
CA ILE J 174 -30.98 28.44 -44.93
C ILE J 174 -31.80 29.25 -45.92
N LEU J 175 -31.66 28.90 -47.20
CA LEU J 175 -32.40 29.58 -48.24
C LEU J 175 -33.72 28.88 -48.51
N ASP J 176 -33.69 27.56 -48.47
CA ASP J 176 -34.83 26.74 -48.84
C ASP J 176 -34.65 25.29 -48.41
N VAL J 177 -35.77 24.66 -48.03
CA VAL J 177 -35.80 23.23 -47.77
C VAL J 177 -36.94 22.64 -48.58
N THR J 178 -36.64 21.71 -49.49
CA THR J 178 -37.70 20.98 -50.23
C THR J 178 -37.57 19.46 -49.98
N GLN J 179 -38.70 18.77 -50.05
CA GLN J 179 -38.76 17.33 -49.81
C GLN J 179 -39.24 16.58 -51.09
N LYS J 180 -38.51 15.55 -51.54
CA LYS J 180 -38.97 14.66 -52.65
C LYS J 180 -39.02 13.16 -52.27
N LYS J 181 -40.19 12.51 -52.41
CA LYS J 181 -40.25 11.08 -52.13
C LYS J 181 -39.96 10.13 -53.33
N ASN J 182 -39.17 9.09 -53.08
CA ASN J 182 -38.72 8.13 -54.13
C ASN J 182 -39.01 6.68 -53.77
N SER J 183 -38.86 5.85 -54.80
CA SER J 183 -39.12 4.42 -54.77
C SER J 183 -37.98 3.68 -55.45
N VAL J 184 -37.06 3.13 -54.64
CA VAL J 184 -35.86 2.50 -55.17
C VAL J 184 -35.80 0.98 -54.97
N THR J 185 -35.45 0.32 -56.06
CA THR J 185 -35.18 -1.10 -56.13
C THR J 185 -33.66 -1.35 -56.16
N TYR J 186 -33.22 -2.09 -55.14
CA TYR J 186 -31.80 -2.36 -54.90
C TYR J 186 -31.37 -3.72 -55.43
N SER J 187 -30.09 -3.86 -55.72
CA SER J 187 -29.51 -5.11 -56.19
C SER J 187 -29.58 -6.30 -55.21
N CYS J 188 -29.53 -6.04 -53.93
CA CYS J 188 -29.69 -7.12 -52.96
C CYS J 188 -31.05 -7.84 -53.09
N CYS J 189 -32.12 -7.07 -53.36
CA CYS J 189 -33.48 -7.49 -53.09
C CYS J 189 -34.46 -7.11 -54.23
N PRO J 190 -35.52 -7.89 -54.47
CA PRO J 190 -36.40 -7.65 -55.63
C PRO J 190 -37.52 -6.58 -55.42
N GLU J 191 -37.72 -6.12 -54.19
CA GLU J 191 -38.82 -5.21 -53.87
C GLU J 191 -38.37 -3.76 -53.81
N ALA J 192 -39.29 -2.81 -54.01
CA ALA J 192 -39.00 -1.37 -53.97
C ALA J 192 -39.04 -0.80 -52.56
N TYR J 193 -38.14 0.12 -52.26
CA TYR J 193 -38.02 0.74 -50.93
C TYR J 193 -38.26 2.22 -51.07
N GLU J 194 -39.05 2.78 -50.17
CA GLU J 194 -39.38 4.19 -50.27
C GLU J 194 -38.40 5.05 -49.48
N ASP J 195 -38.11 6.22 -50.03
CA ASP J 195 -37.32 7.19 -49.33
C ASP J 195 -37.87 8.59 -49.51
N VAL J 196 -37.53 9.47 -48.58
CA VAL J 196 -37.71 10.91 -48.77
C VAL J 196 -36.34 11.53 -48.95
N GLU J 197 -36.20 12.35 -50.01
CA GLU J 197 -35.00 13.17 -50.19
C GLU J 197 -35.27 14.59 -49.73
N VAL J 198 -34.52 15.03 -48.73
CA VAL J 198 -34.63 16.37 -48.19
C VAL J 198 -33.49 17.21 -48.73
N SER J 199 -33.84 18.21 -49.54
CA SER J 199 -32.87 19.11 -50.11
C SER J 199 -32.74 20.38 -49.26
N LEU J 200 -31.56 20.54 -48.65
CA LEU J 200 -31.24 21.71 -47.86
C LEU J 200 -30.43 22.70 -48.67
N ASN J 201 -31.02 23.85 -49.01
CA ASN J 201 -30.34 24.91 -49.78
C ASN J 201 -29.87 25.95 -48.76
N PHE J 202 -28.56 26.06 -48.61
CA PHE J 202 -27.99 26.92 -47.58
C PHE J 202 -26.70 27.57 -48.05
N ARG J 203 -26.22 28.55 -47.28
CA ARG J 203 -25.00 29.27 -47.64
C ARG J 203 -24.33 29.89 -46.40
N LYS J 204 -23.04 30.17 -46.49
CA LYS J 204 -22.35 30.85 -45.41
C LYS J 204 -22.78 32.29 -45.35
N LYS J 205 -23.00 32.82 -44.15
CA LYS J 205 -23.27 34.26 -43.99
C LYS J 205 -22.01 35.10 -44.29
N GLY J 206 -22.17 36.41 -44.35
CA GLY J 206 -21.08 37.37 -44.64
C GLY J 206 -19.78 37.25 -43.84
N GLU K 1 58.65 -25.93 119.15
CA GLU K 1 59.66 -25.95 118.05
C GLU K 1 59.05 -25.67 116.66
N PHE K 2 59.38 -24.51 116.09
CA PHE K 2 59.04 -24.16 114.72
C PHE K 2 60.30 -24.19 113.88
N ASP K 3 60.19 -24.64 112.64
CA ASP K 3 61.28 -24.43 111.70
C ASP K 3 60.95 -23.19 110.86
N ARG K 4 61.87 -22.81 109.95
CA ARG K 4 61.74 -21.59 109.17
C ARG K 4 60.48 -21.62 108.33
N ALA K 5 60.19 -22.79 107.76
CA ALA K 5 58.98 -23.00 106.97
C ALA K 5 57.71 -22.66 107.77
N ASP K 6 57.65 -23.15 109.00
CA ASP K 6 56.51 -22.87 109.92
C ASP K 6 56.40 -21.40 110.25
N ILE K 7 57.54 -20.77 110.59
CA ILE K 7 57.51 -19.35 110.93
C ILE K 7 56.98 -18.54 109.73
N LEU K 8 57.47 -18.86 108.54
CA LEU K 8 57.13 -18.08 107.36
C LEU K 8 55.70 -18.34 106.91
N TYR K 9 55.24 -19.58 107.08
CA TYR K 9 53.85 -19.93 106.85
C TYR K 9 52.91 -19.15 107.77
N ASN K 10 53.22 -19.17 109.06
CA ASN K 10 52.40 -18.44 110.02
C ASN K 10 52.37 -16.93 109.76
N ILE K 11 53.52 -16.33 109.46
CA ILE K 11 53.56 -14.91 109.08
C ILE K 11 52.72 -14.66 107.84
N ARG K 12 52.89 -15.49 106.83
CA ARG K 12 52.20 -15.28 105.57
C ARG K 12 50.68 -15.47 105.69
N GLN K 13 50.20 -16.31 106.61
CA GLN K 13 48.75 -16.52 106.74
C GLN K 13 48.04 -15.43 107.50
N THR K 14 48.72 -14.89 108.50
CA THR K 14 48.07 -13.93 109.36
C THR K 14 48.58 -12.54 109.04
N SER K 15 49.48 -12.43 108.07
CA SER K 15 49.94 -11.13 107.56
C SER K 15 48.77 -10.18 107.30
N ARG K 16 48.83 -9.03 107.97
CA ARG K 16 47.96 -7.90 107.61
C ARG K 16 48.78 -6.72 107.04
N PRO K 17 49.24 -6.87 105.79
CA PRO K 17 50.20 -5.90 105.23
C PRO K 17 49.57 -4.52 105.14
N ASP K 18 48.22 -4.46 105.15
CA ASP K 18 47.54 -3.17 105.14
C ASP K 18 47.26 -2.56 106.55
N VAL K 19 47.66 -3.23 107.64
CA VAL K 19 47.30 -2.77 108.99
C VAL K 19 48.50 -2.29 109.80
N ILE K 20 48.53 -0.98 110.08
CA ILE K 20 49.62 -0.39 110.85
C ILE K 20 49.65 -1.03 112.26
N PRO K 21 50.80 -1.54 112.70
CA PRO K 21 50.90 -2.33 113.93
C PRO K 21 50.96 -1.42 115.15
N THR K 22 49.90 -0.62 115.27
CA THR K 22 49.73 0.29 116.37
C THR K 22 49.48 -0.53 117.62
N GLN K 23 50.21 -0.22 118.68
CA GLN K 23 50.02 -0.88 119.97
C GLN K 23 49.68 0.11 121.08
N ARG K 24 48.45 0.00 121.62
CA ARG K 24 47.98 0.81 122.77
C ARG K 24 47.73 2.30 122.42
N ASP K 25 47.38 2.55 121.16
CA ASP K 25 47.19 3.91 120.59
C ASP K 25 48.45 4.80 120.65
N ARG K 26 49.59 4.14 120.83
CA ARG K 26 50.88 4.77 120.68
C ARG K 26 51.25 4.75 119.19
N PRO K 27 51.95 5.77 118.71
CA PRO K 27 52.46 5.76 117.34
C PRO K 27 53.45 4.62 117.18
N VAL K 28 53.54 4.07 115.96
CA VAL K 28 54.61 3.13 115.60
C VAL K 28 55.90 3.94 115.47
N ALA K 29 56.89 3.59 116.26
CA ALA K 29 58.19 4.27 116.24
C ALA K 29 59.03 3.71 115.12
N VAL K 30 59.24 4.52 114.08
CA VAL K 30 60.04 4.11 112.92
C VAL K 30 61.39 4.85 112.96
N SER K 31 62.48 4.10 112.84
CA SER K 31 63.81 4.67 112.70
C SER K 31 64.23 4.61 111.26
N VAL K 32 64.81 5.71 110.77
CA VAL K 32 65.29 5.81 109.39
C VAL K 32 66.66 6.40 109.38
N SER K 33 67.48 5.88 108.49
CA SER K 33 68.83 6.31 108.36
C SER K 33 69.26 6.03 106.93
N LEU K 34 69.84 7.01 106.26
CA LEU K 34 70.33 6.79 104.91
C LEU K 34 71.83 6.53 104.95
N LYS K 35 72.26 5.43 104.34
CA LYS K 35 73.69 5.20 104.16
C LYS K 35 74.03 5.45 102.71
N PHE K 36 74.78 6.53 102.48
CA PHE K 36 75.07 6.93 101.12
C PHE K 36 76.12 6.06 100.47
N ILE K 37 75.79 5.55 99.27
CA ILE K 37 76.71 4.66 98.55
C ILE K 37 77.41 5.38 97.42
N ASN K 38 76.64 6.23 96.74
CA ASN K 38 77.12 6.88 95.53
C ASN K 38 76.33 8.12 95.23
N ILE K 39 77.01 9.07 94.59
CA ILE K 39 76.39 10.25 94.01
C ILE K 39 76.74 10.19 92.53
N LEU K 40 75.73 10.03 91.68
CA LEU K 40 75.96 9.66 90.28
C LEU K 40 75.94 10.83 89.34
N GLU K 41 75.14 11.83 89.69
CA GLU K 41 75.02 12.99 88.83
C GLU K 41 74.56 14.14 89.67
N VAL K 42 75.11 15.29 89.37
CA VAL K 42 74.88 16.50 90.13
C VAL K 42 74.75 17.58 89.06
N ASN K 43 73.79 18.48 89.24
CA ASN K 43 73.58 19.56 88.28
C ASN K 43 73.39 20.84 89.05
N GLU K 44 74.41 21.71 89.02
CA GLU K 44 74.38 22.95 89.78
C GLU K 44 73.43 23.99 89.18
N ILE K 45 73.13 23.88 87.90
CA ILE K 45 72.17 24.78 87.22
C ILE K 45 70.75 24.45 87.66
N THR K 46 70.38 23.18 87.58
CA THR K 46 69.00 22.78 87.89
C THR K 46 68.78 22.47 89.37
N ASN K 47 69.85 22.37 90.14
CA ASN K 47 69.79 21.97 91.56
C ASN K 47 69.18 20.60 91.73
N GLU K 48 69.74 19.63 91.01
CA GLU K 48 69.24 18.26 91.02
C GLU K 48 70.42 17.31 91.25
N VAL K 49 70.16 16.25 92.02
CA VAL K 49 71.15 15.21 92.30
C VAL K 49 70.58 13.83 92.11
N ASP K 50 71.41 12.91 91.65
CA ASP K 50 71.04 11.51 91.49
C ASP K 50 71.91 10.76 92.50
N VAL K 51 71.29 9.97 93.38
CA VAL K 51 72.01 9.37 94.50
C VAL K 51 71.59 7.92 94.71
N VAL K 52 72.51 7.13 95.29
CA VAL K 52 72.25 5.75 95.69
C VAL K 52 72.53 5.62 97.16
N PHE K 53 71.56 5.14 97.94
CA PHE K 53 71.78 4.95 99.37
C PHE K 53 71.06 3.70 99.85
N TRP K 54 71.39 3.26 101.05
CA TRP K 54 70.67 2.19 101.69
C TRP K 54 69.74 2.85 102.69
N GLN K 55 68.44 2.58 102.55
CA GLN K 55 67.49 3.22 103.44
C GLN K 55 67.21 2.28 104.58
N GLN K 56 68.03 2.39 105.63
CA GLN K 56 67.90 1.53 106.79
C GLN K 56 66.65 1.91 107.58
N THR K 57 65.68 1.01 107.62
CA THR K 57 64.37 1.27 108.21
C THR K 57 64.01 0.19 109.22
N THR K 58 63.58 0.65 110.37
CA THR K 58 63.43 -0.20 111.54
C THR K 58 62.13 0.16 112.26
N TRP K 59 61.43 -0.88 112.73
CA TRP K 59 60.22 -0.72 113.52
C TRP K 59 59.81 -2.03 114.10
N SER K 60 58.82 -1.98 114.97
CA SER K 60 58.39 -3.14 115.69
C SER K 60 56.97 -3.51 115.27
N ASP K 61 56.73 -4.80 115.06
CA ASP K 61 55.38 -5.29 114.80
C ASP K 61 55.16 -6.59 115.59
N ARG K 62 54.39 -6.48 116.68
CA ARG K 62 54.21 -7.57 117.65
C ARG K 62 53.34 -8.69 117.14
N THR K 63 52.54 -8.41 116.12
CA THR K 63 51.76 -9.45 115.50
C THR K 63 52.63 -10.48 114.73
N LEU K 64 53.89 -10.14 114.46
CA LEU K 64 54.82 -11.04 113.80
C LEU K 64 55.56 -11.94 114.76
N ALA K 65 55.51 -11.63 116.05
CA ALA K 65 56.34 -12.31 117.05
C ALA K 65 56.02 -13.81 117.20
N TRP K 66 57.05 -14.59 117.49
CA TRP K 66 56.87 -16.00 117.78
C TRP K 66 57.83 -16.43 118.89
N ASN K 67 57.48 -17.53 119.56
CA ASN K 67 58.33 -18.10 120.60
C ASN K 67 59.51 -18.81 119.93
N SER K 68 60.72 -18.28 120.11
CA SER K 68 61.92 -18.86 119.52
C SER K 68 62.85 -19.54 120.54
N SER K 69 62.24 -20.14 121.57
CA SER K 69 63.02 -20.90 122.56
C SER K 69 63.81 -22.01 121.85
N HIS K 70 63.11 -22.85 121.10
CA HIS K 70 63.81 -23.86 120.31
C HIS K 70 63.59 -23.70 118.80
N SER K 71 63.59 -22.44 118.37
CA SER K 71 63.38 -22.12 116.98
C SER K 71 64.37 -21.06 116.50
N PRO K 72 64.59 -20.96 115.19
CA PRO K 72 65.33 -19.83 114.61
C PRO K 72 64.71 -18.53 115.11
N ASP K 73 65.54 -17.55 115.41
CA ASP K 73 65.00 -16.31 115.99
C ASP K 73 64.94 -15.14 115.01
N GLN K 74 65.31 -15.39 113.74
CA GLN K 74 65.18 -14.43 112.67
C GLN K 74 64.84 -15.10 111.35
N VAL K 75 64.04 -14.41 110.53
CA VAL K 75 63.80 -14.87 109.15
C VAL K 75 63.77 -13.71 108.15
N SER K 76 64.06 -14.01 106.89
CA SER K 76 63.84 -13.04 105.82
C SER K 76 62.40 -13.20 105.21
N VAL K 77 61.68 -12.12 105.08
CA VAL K 77 60.28 -12.16 104.71
C VAL K 77 60.07 -11.18 103.56
N PRO K 78 59.40 -11.58 102.49
CA PRO K 78 59.05 -10.62 101.40
C PRO K 78 58.24 -9.48 102.01
N ILE K 79 58.51 -8.24 101.64
CA ILE K 79 57.76 -7.11 102.21
C ILE K 79 56.27 -7.09 101.84
N SER K 80 55.91 -7.80 100.78
CA SER K 80 54.49 -8.00 100.42
C SER K 80 53.73 -8.80 101.49
N SER K 81 54.45 -9.53 102.33
CA SER K 81 53.79 -10.21 103.45
C SER K 81 53.80 -9.38 104.74
N LEU K 82 54.30 -8.15 104.71
CA LEU K 82 54.50 -7.35 105.94
C LEU K 82 53.87 -5.99 105.79
N TRP K 83 53.34 -5.42 106.86
CA TRP K 83 53.16 -3.98 106.88
C TRP K 83 54.52 -3.27 106.88
N VAL K 84 54.63 -2.25 106.06
CA VAL K 84 55.85 -1.47 105.85
C VAL K 84 55.47 0.00 105.94
N PRO K 85 56.25 0.84 106.63
CA PRO K 85 55.89 2.27 106.72
C PRO K 85 55.81 2.92 105.32
N ASP K 86 54.79 3.75 105.11
CA ASP K 86 54.58 4.45 103.83
C ASP K 86 55.45 5.71 103.73
N LEU K 87 56.76 5.55 103.85
CA LEU K 87 57.71 6.64 103.81
C LEU K 87 57.90 7.17 102.40
N ALA K 88 58.01 8.49 102.28
CA ALA K 88 58.34 9.11 101.00
C ALA K 88 59.35 10.23 101.19
N ALA K 89 60.19 10.45 100.17
CA ALA K 89 61.06 11.63 100.18
C ALA K 89 60.32 12.78 99.54
N TYR K 90 60.09 13.83 100.31
CA TYR K 90 59.28 14.96 99.89
C TYR K 90 59.87 15.79 98.75
N ASN K 91 61.19 15.78 98.60
CA ASN K 91 61.85 16.51 97.53
C ASN K 91 62.39 15.56 96.46
N ALA K 92 61.89 14.33 96.42
CA ALA K 92 62.26 13.43 95.35
C ALA K 92 61.57 13.85 94.07
N ILE K 93 62.28 13.74 92.94
CA ILE K 93 61.71 14.11 91.65
C ILE K 93 61.68 12.91 90.71
N SER K 94 62.00 11.73 91.23
CA SER K 94 61.80 10.48 90.48
C SER K 94 61.29 9.46 91.49
N LYS K 95 60.63 8.39 91.05
CA LYS K 95 60.27 7.43 92.08
C LYS K 95 61.49 6.60 92.51
N PRO K 96 61.49 6.14 93.75
CA PRO K 96 62.58 5.27 94.21
C PRO K 96 62.74 4.05 93.29
N GLU K 97 63.95 3.87 92.80
CA GLU K 97 64.32 2.65 92.11
C GLU K 97 65.01 1.73 93.17
N VAL K 98 64.32 0.66 93.54
CA VAL K 98 64.84 -0.29 94.48
C VAL K 98 65.76 -1.28 93.78
N LEU K 99 67.01 -1.32 94.19
CA LEU K 99 68.02 -2.09 93.46
C LEU K 99 68.21 -3.52 94.03
N THR K 100 67.68 -3.77 95.22
CA THR K 100 67.95 -5.02 95.92
C THR K 100 66.69 -5.87 96.12
N PRO K 101 66.85 -7.16 96.39
CA PRO K 101 65.68 -8.02 96.69
C PRO K 101 64.83 -7.42 97.80
N GLN K 102 63.52 -7.42 97.59
CA GLN K 102 62.63 -6.74 98.54
C GLN K 102 62.22 -7.62 99.72
N LEU K 103 63.20 -7.93 100.58
CA LEU K 103 63.02 -8.77 101.75
C LEU K 103 63.41 -8.00 103.02
N ALA K 104 62.60 -8.15 104.06
CA ALA K 104 62.90 -7.57 105.35
C ALA K 104 63.35 -8.71 106.24
N ARG K 105 64.17 -8.38 107.22
CA ARG K 105 64.60 -9.30 108.24
C ARG K 105 63.70 -9.14 109.46
N VAL K 106 63.10 -10.22 109.92
CA VAL K 106 62.14 -10.15 111.02
C VAL K 106 62.70 -10.98 112.20
N VAL K 107 62.80 -10.37 113.36
CA VAL K 107 63.28 -11.04 114.57
C VAL K 107 62.06 -11.59 115.35
N SER K 108 62.24 -12.67 116.10
CA SER K 108 61.16 -13.32 116.85
C SER K 108 60.39 -12.44 117.84
N ASP K 109 60.95 -11.30 118.25
CA ASP K 109 60.20 -10.39 119.13
C ASP K 109 59.35 -9.39 118.33
N GLY K 110 59.41 -9.47 117.00
CA GLY K 110 58.65 -8.55 116.18
C GLY K 110 59.42 -7.36 115.63
N GLU K 111 60.71 -7.25 115.92
CA GLU K 111 61.52 -6.19 115.32
C GLU K 111 61.73 -6.49 113.85
N VAL K 112 61.60 -5.45 113.04
CA VAL K 112 61.80 -5.59 111.60
C VAL K 112 62.88 -4.62 111.11
N LEU K 113 63.75 -5.12 110.23
CA LEU K 113 64.73 -4.33 109.53
C LEU K 113 64.48 -4.50 108.01
N TYR K 114 64.19 -3.38 107.34
CA TYR K 114 64.09 -3.35 105.91
C TYR K 114 65.14 -2.32 105.43
N MET K 115 66.08 -2.77 104.61
CA MET K 115 67.19 -1.92 104.16
C MET K 115 67.42 -2.06 102.66
N PRO K 116 66.53 -1.51 101.85
CA PRO K 116 66.69 -1.58 100.39
C PRO K 116 67.80 -0.63 99.91
N SER K 117 68.51 -0.98 98.85
CA SER K 117 69.34 0.00 98.16
C SER K 117 68.47 0.75 97.15
N ILE K 118 68.49 2.07 97.19
CA ILE K 118 67.60 2.89 96.39
C ILE K 118 68.38 3.88 95.52
N ARG K 119 67.99 3.95 94.25
CA ARG K 119 68.46 5.03 93.42
C ARG K 119 67.33 5.99 93.22
N GLN K 120 67.59 7.26 93.49
CA GLN K 120 66.55 8.29 93.40
C GLN K 120 67.14 9.66 93.11
N ARG K 121 66.40 10.49 92.39
CA ARG K 121 66.81 11.86 92.19
C ARG K 121 66.08 12.82 93.13
N PHE K 122 66.77 13.88 93.56
CA PHE K 122 66.22 14.87 94.48
C PHE K 122 66.35 16.27 93.89
N SER K 123 65.47 17.16 94.29
CA SER K 123 65.68 18.58 94.07
C SER K 123 66.26 19.14 95.38
N CYS K 124 67.44 19.75 95.32
CA CYS K 124 68.07 20.30 96.51
C CYS K 124 69.21 21.24 96.18
N ASP K 125 69.75 21.88 97.22
CA ASP K 125 70.81 22.87 97.08
C ASP K 125 72.14 22.23 96.63
N VAL K 126 72.48 22.43 95.36
CA VAL K 126 73.73 21.90 94.80
C VAL K 126 74.85 22.98 94.78
N SER K 127 74.50 24.23 95.12
CA SER K 127 75.49 25.32 95.11
C SER K 127 76.68 25.02 96.01
N GLY K 128 77.87 25.37 95.54
CA GLY K 128 79.09 25.12 96.26
C GLY K 128 79.67 23.73 96.12
N VAL K 129 79.07 22.87 95.29
CA VAL K 129 79.53 21.49 95.14
C VAL K 129 81.00 21.34 94.74
N ASP K 130 81.50 22.27 93.95
CA ASP K 130 82.82 22.17 93.36
C ASP K 130 83.86 23.05 94.07
N THR K 131 83.55 23.46 95.31
CA THR K 131 84.43 24.26 96.15
C THR K 131 84.79 23.43 97.38
N GLU K 132 85.51 24.03 98.33
CA GLU K 132 86.05 23.34 99.51
C GLU K 132 85.01 22.97 100.59
N SER K 133 84.12 23.92 100.90
CA SER K 133 83.10 23.71 101.91
C SER K 133 81.99 22.82 101.40
N GLY K 134 81.91 22.66 100.07
CA GLY K 134 80.96 21.76 99.43
C GLY K 134 79.52 22.22 99.37
N ALA K 135 78.66 21.35 98.83
CA ALA K 135 77.22 21.59 98.81
C ALA K 135 76.55 20.86 99.98
N THR K 136 75.37 21.35 100.36
CA THR K 136 74.55 20.69 101.38
C THR K 136 73.17 20.37 100.79
N CYS K 137 72.95 19.11 100.46
CA CYS K 137 71.68 18.65 99.92
C CYS K 137 70.89 18.06 101.06
N ARG K 138 69.69 18.59 101.27
CA ARG K 138 68.80 18.12 102.33
C ARG K 138 67.73 17.18 101.78
N ILE K 139 67.58 15.99 102.35
CA ILE K 139 66.56 15.03 101.91
C ILE K 139 65.54 14.84 103.05
N LYS K 140 64.29 15.11 102.73
CA LYS K 140 63.23 15.10 103.74
C LYS K 140 62.38 13.81 103.59
N ILE K 141 62.40 12.97 104.63
CA ILE K 141 61.64 11.73 104.54
C ILE K 141 60.67 11.57 105.69
N GLY K 142 59.42 11.21 105.36
CA GLY K 142 58.44 10.90 106.40
C GLY K 142 57.29 10.07 105.89
N SER K 143 56.39 9.71 106.80
CA SER K 143 55.17 9.00 106.42
C SER K 143 54.35 9.94 105.53
N TRP K 144 53.91 9.44 104.38
CA TRP K 144 53.04 10.22 103.49
C TRP K 144 51.65 10.39 104.04
N THR K 145 51.08 9.37 104.68
CA THR K 145 49.67 9.44 105.10
C THR K 145 49.38 9.25 106.60
N HIS K 146 50.40 8.98 107.39
CA HIS K 146 50.19 8.73 108.83
C HIS K 146 50.76 9.87 109.69
N HIS K 147 49.90 10.59 110.40
CA HIS K 147 50.36 11.70 111.26
C HIS K 147 51.06 11.26 112.56
N SER K 148 51.42 12.24 113.40
CA SER K 148 52.33 11.99 114.54
C SER K 148 51.78 11.01 115.56
N ARG K 149 50.47 10.87 115.62
CA ARG K 149 49.87 9.93 116.55
C ARG K 149 49.90 8.49 116.02
N GLU K 150 50.26 8.32 114.76
CA GLU K 150 50.24 7.00 114.14
C GLU K 150 51.65 6.54 113.82
N ILE K 151 52.47 7.43 113.26
CA ILE K 151 53.87 7.11 113.02
C ILE K 151 54.76 8.24 113.52
N SER K 152 55.82 7.87 114.21
CA SER K 152 56.87 8.80 114.56
C SER K 152 58.15 8.39 113.84
N VAL K 153 58.89 9.35 113.31
CA VAL K 153 60.15 8.99 112.67
C VAL K 153 61.31 9.59 113.44
N ASP K 154 62.25 8.74 113.82
CA ASP K 154 63.45 9.16 114.54
C ASP K 154 64.64 8.73 113.67
N PRO K 155 65.68 9.56 113.64
CA PRO K 155 66.95 9.13 113.04
C PRO K 155 67.70 8.19 113.99
N THR K 156 68.76 7.53 113.50
CA THR K 156 69.77 6.96 114.41
C THR K 156 71.22 7.37 114.01
N THR K 157 71.67 8.51 114.55
CA THR K 157 73.03 9.08 114.30
C THR K 157 74.17 8.23 114.89
N GLU K 158 74.69 7.33 114.05
CA GLU K 158 75.68 6.34 114.49
C GLU K 158 77.08 6.92 114.68
N ASN K 159 77.94 6.14 115.35
CA ASN K 159 79.36 6.45 115.43
C ASN K 159 80.15 5.91 114.21
N SER K 160 79.54 4.99 113.46
CA SER K 160 80.12 4.46 112.21
C SER K 160 80.16 5.53 111.11
N ASP K 161 81.35 5.68 110.50
CA ASP K 161 81.65 6.69 109.46
C ASP K 161 80.49 7.02 108.50
N ASP K 162 80.52 8.24 107.97
CA ASP K 162 79.58 8.66 106.92
C ASP K 162 79.94 7.99 105.58
N SER K 163 81.20 8.09 105.16
CA SER K 163 81.70 7.50 103.91
C SER K 163 81.98 6.00 103.97
N GLU K 164 81.56 5.37 105.07
CA GLU K 164 81.89 3.97 105.36
C GLU K 164 81.56 3.02 104.21
N TYR K 165 80.45 3.28 103.52
CA TYR K 165 80.03 2.43 102.41
C TYR K 165 79.95 3.23 101.14
N PHE K 166 80.33 4.50 101.26
CA PHE K 166 80.38 5.35 100.11
C PHE K 166 81.48 4.91 99.18
N SER K 167 81.15 4.83 97.90
CA SER K 167 82.12 4.38 96.89
C SER K 167 83.39 5.24 96.78
N GLN K 168 84.54 4.58 96.84
CA GLN K 168 85.84 5.26 96.64
C GLN K 168 86.02 5.68 95.17
N TYR K 169 85.11 5.22 94.31
CA TYR K 169 85.25 5.45 92.88
C TYR K 169 84.37 6.57 92.39
N SER K 170 83.48 7.04 93.26
CA SER K 170 82.69 8.23 92.99
C SER K 170 83.56 9.47 92.68
N ARG K 171 82.96 10.40 91.95
CA ARG K 171 83.60 11.66 91.59
C ARG K 171 83.48 12.62 92.77
N PHE K 172 82.67 12.24 93.74
CA PHE K 172 82.37 13.10 94.88
C PHE K 172 82.85 12.42 96.14
N GLU K 173 82.98 13.22 97.20
CA GLU K 173 83.33 12.73 98.52
C GLU K 173 82.36 13.36 99.49
N ILE K 174 82.09 12.64 100.57
CA ILE K 174 81.16 13.11 101.58
C ILE K 174 81.95 13.74 102.72
N LEU K 175 81.55 14.96 103.08
CA LEU K 175 82.21 15.68 104.16
C LEU K 175 81.50 15.38 105.47
N ASP K 176 80.18 15.38 105.44
CA ASP K 176 79.38 15.21 106.63
C ASP K 176 77.95 14.81 106.30
N VAL K 177 77.36 14.02 107.21
CA VAL K 177 75.94 13.71 107.15
C VAL K 177 75.35 14.01 108.53
N THR K 178 74.37 14.91 108.57
CA THR K 178 73.60 15.15 109.79
C THR K 178 72.11 14.89 109.56
N GLN K 179 71.41 14.56 110.65
CA GLN K 179 70.00 14.23 110.65
C GLN K 179 69.23 15.05 111.69
N LYS K 180 68.00 15.43 111.35
CA LYS K 180 67.16 16.08 112.36
C LYS K 180 65.68 15.76 112.22
N LYS K 181 65.03 15.63 113.36
CA LYS K 181 63.62 15.29 113.36
C LYS K 181 62.84 16.58 113.30
N ASN K 182 61.71 16.54 112.62
CA ASN K 182 60.77 17.66 112.57
C ASN K 182 59.36 17.14 112.68
N SER K 183 58.45 18.06 113.01
CA SER K 183 57.01 17.83 112.98
C SER K 183 56.48 18.97 112.13
N VAL K 184 55.76 18.62 111.07
CA VAL K 184 55.18 19.62 110.16
C VAL K 184 53.68 19.44 109.94
N THR K 185 52.96 20.53 110.20
CA THR K 185 51.54 20.66 109.87
C THR K 185 51.30 21.15 108.42
N TYR K 186 50.58 20.37 107.62
CA TYR K 186 50.31 20.76 106.23
C TYR K 186 48.95 21.40 106.07
N SER K 187 48.85 22.32 105.10
CA SER K 187 47.60 23.03 104.83
C SER K 187 46.42 22.15 104.40
N CYS K 188 46.69 20.95 103.91
CA CYS K 188 45.67 19.95 103.57
C CYS K 188 44.86 19.47 104.80
N CYS K 189 45.59 19.19 105.88
CA CYS K 189 45.06 18.39 106.98
C CYS K 189 45.40 19.05 108.32
N PRO K 190 44.62 18.82 109.38
CA PRO K 190 44.90 19.49 110.66
C PRO K 190 46.05 18.86 111.46
N GLU K 191 46.47 17.65 111.12
CA GLU K 191 47.41 16.93 111.99
C GLU K 191 48.85 17.13 111.60
N ALA K 192 49.75 17.02 112.58
CA ALA K 192 51.18 17.16 112.33
C ALA K 192 51.76 15.87 111.82
N TYR K 193 52.66 15.97 110.84
CA TYR K 193 53.35 14.80 110.29
C TYR K 193 54.84 14.92 110.57
N GLU K 194 55.45 13.83 110.99
CA GLU K 194 56.86 13.86 111.31
C GLU K 194 57.73 13.50 110.12
N ASP K 195 58.90 14.13 110.07
CA ASP K 195 59.88 13.81 109.07
C ASP K 195 61.28 13.83 109.65
N VAL K 196 62.18 13.14 108.96
CA VAL K 196 63.60 13.30 109.23
C VAL K 196 64.23 14.00 108.04
N GLU K 197 64.99 15.07 108.32
CA GLU K 197 65.75 15.77 107.29
C GLU K 197 67.17 15.28 107.36
N VAL K 198 67.68 14.78 106.24
CA VAL K 198 69.04 14.26 106.17
C VAL K 198 69.85 15.22 105.32
N SER K 199 70.86 15.85 105.93
CA SER K 199 71.69 16.83 105.24
C SER K 199 73.00 16.19 104.79
N LEU K 200 73.15 16.07 103.48
CA LEU K 200 74.35 15.50 102.89
C LEU K 200 75.29 16.63 102.45
N ASN K 201 76.41 16.78 103.17
CA ASN K 201 77.45 17.74 102.82
C ASN K 201 78.50 17.02 102.01
N PHE K 202 78.64 17.41 100.74
CA PHE K 202 79.52 16.70 99.83
C PHE K 202 80.21 17.66 98.86
N ARG K 203 81.31 17.20 98.27
CA ARG K 203 82.00 18.00 97.26
C ARG K 203 82.58 17.15 96.11
N LYS K 204 82.75 17.79 94.96
CA LYS K 204 83.57 17.22 93.90
C LYS K 204 84.99 17.14 94.45
N LYS K 205 85.65 15.97 94.38
CA LYS K 205 87.02 15.83 94.90
C LYS K 205 88.13 16.29 93.94
N GLY K 206 89.34 16.50 94.47
CA GLY K 206 90.43 17.17 93.75
C GLY K 206 91.11 16.36 92.66
N GLU L 1 32.62 -1.04 118.73
CA GLU L 1 34.11 -0.96 118.86
C GLU L 1 34.88 -1.76 117.81
N PHE L 2 35.32 -1.09 116.75
CA PHE L 2 36.17 -1.69 115.74
C PHE L 2 37.58 -1.21 115.92
N ASP L 3 38.56 -2.07 115.66
CA ASP L 3 39.93 -1.58 115.62
C ASP L 3 40.30 -1.38 114.16
N ARG L 4 41.50 -0.87 113.91
CA ARG L 4 41.92 -0.58 112.53
C ARG L 4 41.83 -1.80 111.62
N ALA L 5 42.28 -2.94 112.13
CA ALA L 5 42.23 -4.20 111.38
C ALA L 5 40.80 -4.53 110.93
N ASP L 6 39.81 -4.31 111.81
CA ASP L 6 38.41 -4.57 111.50
C ASP L 6 37.90 -3.63 110.42
N ILE L 7 38.22 -2.33 110.58
CA ILE L 7 37.79 -1.33 109.61
C ILE L 7 38.34 -1.72 108.23
N LEU L 8 39.63 -2.06 108.20
CA LEU L 8 40.32 -2.31 106.95
C LEU L 8 39.86 -3.63 106.29
N TYR L 9 39.62 -4.62 107.13
CA TYR L 9 39.04 -5.87 106.68
C TYR L 9 37.67 -5.60 106.04
N ASN L 10 36.80 -4.87 106.75
CA ASN L 10 35.45 -4.64 106.26
C ASN L 10 35.45 -3.85 104.94
N ILE L 11 36.33 -2.87 104.81
CA ILE L 11 36.52 -2.13 103.57
C ILE L 11 37.02 -3.04 102.43
N ARG L 12 38.09 -3.80 102.66
CA ARG L 12 38.65 -4.65 101.62
C ARG L 12 37.65 -5.74 101.16
N GLN L 13 36.81 -6.19 102.08
CA GLN L 13 35.88 -7.28 101.78
C GLN L 13 34.63 -6.83 101.05
N THR L 14 34.22 -5.59 101.21
CA THR L 14 32.99 -5.14 100.58
C THR L 14 33.26 -4.10 99.49
N SER L 15 34.48 -3.57 99.50
CA SER L 15 35.03 -2.69 98.47
C SER L 15 34.49 -3.09 97.11
N ARG L 16 33.84 -2.13 96.45
CA ARG L 16 33.52 -2.25 95.03
C ARG L 16 34.30 -1.17 94.22
N PRO L 17 35.61 -1.35 94.05
CA PRO L 17 36.44 -0.34 93.35
C PRO L 17 35.93 0.05 91.95
N ASP L 18 35.22 -0.85 91.28
CA ASP L 18 34.72 -0.54 89.95
C ASP L 18 33.38 0.20 89.97
N VAL L 19 32.84 0.45 91.17
CA VAL L 19 31.52 1.06 91.25
C VAL L 19 31.56 2.53 91.74
N ILE L 20 31.19 3.45 90.85
CA ILE L 20 31.11 4.86 91.20
C ILE L 20 30.07 5.05 92.33
N PRO L 21 30.47 5.69 93.44
CA PRO L 21 29.61 5.79 94.63
C PRO L 21 28.54 6.86 94.47
N THR L 22 27.75 6.70 93.42
CA THR L 22 26.65 7.59 93.11
C THR L 22 25.57 7.43 94.17
N GLN L 23 25.13 8.56 94.73
CA GLN L 23 24.11 8.59 95.78
C GLN L 23 22.84 9.28 95.28
N ARG L 24 21.75 8.52 95.14
CA ARG L 24 20.45 9.02 94.60
C ARG L 24 20.56 9.68 93.21
N ASP L 25 21.43 9.13 92.40
CA ASP L 25 21.78 9.66 91.08
C ASP L 25 22.13 11.17 91.04
N ARG L 26 22.67 11.66 92.16
CA ARG L 26 23.49 12.87 92.19
C ARG L 26 24.82 12.48 91.57
N PRO L 27 25.48 13.40 90.87
CA PRO L 27 26.89 13.18 90.49
C PRO L 27 27.76 13.10 91.74
N VAL L 28 28.81 12.31 91.70
CA VAL L 28 29.84 12.32 92.74
C VAL L 28 30.62 13.62 92.61
N ALA L 29 30.52 14.46 93.64
CA ALA L 29 31.29 15.70 93.68
C ALA L 29 32.75 15.42 94.02
N VAL L 30 33.63 15.65 93.04
CA VAL L 30 35.08 15.45 93.22
C VAL L 30 35.75 16.81 93.23
N SER L 31 36.58 17.07 94.24
CA SER L 31 37.36 18.29 94.33
C SER L 31 38.78 17.96 93.97
N VAL L 32 39.41 18.82 93.17
CA VAL L 32 40.78 18.61 92.75
C VAL L 32 41.52 19.90 92.87
N SER L 33 42.74 19.81 93.33
CA SER L 33 43.59 20.96 93.51
C SER L 33 45.02 20.49 93.27
N LEU L 34 45.80 21.26 92.53
CA LEU L 34 47.20 20.87 92.28
C LEU L 34 48.08 21.75 93.14
N LYS L 35 48.96 21.13 93.93
CA LYS L 35 49.95 21.89 94.70
C LYS L 35 51.30 21.67 94.05
N PHE L 36 51.82 22.72 93.44
CA PHE L 36 53.02 22.60 92.65
C PHE L 36 54.26 22.53 93.52
N ILE L 37 55.11 21.55 93.22
CA ILE L 37 56.28 21.32 94.06
C ILE L 37 57.53 21.71 93.30
N ASN L 38 57.53 21.42 92.00
CA ASN L 38 58.70 21.68 91.19
C ASN L 38 58.36 21.77 89.72
N ILE L 39 59.15 22.58 89.01
CA ILE L 39 59.11 22.63 87.58
C ILE L 39 60.52 22.23 87.17
N LEU L 40 60.65 21.09 86.50
CA LEU L 40 61.93 20.45 86.27
C LEU L 40 62.54 20.76 84.92
N GLU L 41 61.67 20.95 83.93
CA GLU L 41 62.14 21.22 82.59
C GLU L 41 61.08 21.98 81.83
N VAL L 42 61.53 22.96 81.06
CA VAL L 42 60.68 23.84 80.30
C VAL L 42 61.35 23.97 78.93
N ASN L 43 60.54 23.95 77.88
CA ASN L 43 61.06 24.09 76.53
C ASN L 43 60.17 25.07 75.80
N GLU L 44 60.70 26.26 75.57
CA GLU L 44 59.94 27.32 74.91
C GLU L 44 59.74 27.06 73.40
N ILE L 45 60.64 26.28 72.80
CA ILE L 45 60.50 25.91 71.38
C ILE L 45 59.35 24.90 71.20
N THR L 46 59.34 23.84 71.99
CA THR L 46 58.33 22.78 71.84
C THR L 46 57.04 23.02 72.63
N ASN L 47 57.04 24.02 73.49
CA ASN L 47 55.90 24.30 74.38
C ASN L 47 55.58 23.09 75.28
N GLU L 48 56.61 22.58 75.94
CA GLU L 48 56.46 21.44 76.81
C GLU L 48 57.04 21.75 78.19
N VAL L 49 56.41 21.24 79.24
CA VAL L 49 56.88 21.42 80.63
C VAL L 49 56.82 20.10 81.39
N ASP L 50 57.76 19.94 82.30
CA ASP L 50 57.89 18.74 83.12
C ASP L 50 57.70 19.24 84.54
N VAL L 51 56.69 18.71 85.25
CA VAL L 51 56.26 19.29 86.52
C VAL L 51 56.03 18.22 87.59
N VAL L 52 56.19 18.60 88.86
CA VAL L 52 55.87 17.75 89.99
C VAL L 52 54.88 18.48 90.89
N PHE L 53 53.77 17.82 91.21
CA PHE L 53 52.71 18.45 91.97
C PHE L 53 52.01 17.41 92.82
N TRP L 54 51.36 17.85 93.85
CA TRP L 54 50.51 16.99 94.66
C TRP L 54 49.09 17.20 94.14
N GLN L 55 48.47 16.13 93.66
CA GLN L 55 47.10 16.18 93.16
C GLN L 55 46.13 15.88 94.29
N GLN L 56 45.72 16.93 94.98
CA GLN L 56 44.83 16.76 96.11
C GLN L 56 43.42 16.46 95.60
N THR L 57 42.98 15.23 95.87
CA THR L 57 41.70 14.75 95.39
C THR L 57 40.78 14.26 96.51
N THR L 58 39.56 14.76 96.47
CA THR L 58 38.65 14.59 97.57
C THR L 58 37.27 14.23 97.03
N TRP L 59 36.61 13.29 97.71
CA TRP L 59 35.23 12.91 97.37
C TRP L 59 34.64 12.06 98.46
N SER L 60 33.35 11.83 98.36
CA SER L 60 32.65 11.07 99.37
C SER L 60 32.17 9.70 98.84
N ASP L 61 32.34 8.67 99.67
CA ASP L 61 31.84 7.34 99.32
C ASP L 61 31.23 6.68 100.54
N ARG L 62 29.90 6.65 100.56
CA ARG L 62 29.14 6.33 101.77
C ARG L 62 29.16 4.83 102.05
N THR L 63 29.51 4.05 101.06
CA THR L 63 29.64 2.63 101.27
C THR L 63 30.87 2.30 102.14
N LEU L 64 31.78 3.25 102.32
CA LEU L 64 32.96 3.06 103.17
C LEU L 64 32.70 3.36 104.65
N ALA L 65 31.63 4.09 104.92
CA ALA L 65 31.35 4.62 106.26
C ALA L 65 31.28 3.55 107.34
N TRP L 66 31.70 3.90 108.55
CA TRP L 66 31.51 3.03 109.68
C TRP L 66 31.19 3.85 110.95
N ASN L 67 30.55 3.21 111.92
CA ASN L 67 30.29 3.84 113.19
C ASN L 67 31.60 3.95 113.99
N SER L 68 32.09 5.17 114.13
CA SER L 68 33.33 5.40 114.85
C SER L 68 33.09 5.88 116.28
N SER L 69 31.92 5.60 116.87
CA SER L 69 31.63 6.08 118.22
C SER L 69 32.72 5.64 119.22
N HIS L 70 33.11 4.36 119.13
CA HIS L 70 34.16 3.80 119.96
C HIS L 70 35.32 3.24 119.10
N SER L 71 35.65 3.94 118.02
CA SER L 71 36.63 3.41 117.07
C SER L 71 37.46 4.52 116.45
N PRO L 72 38.65 4.19 115.93
CA PRO L 72 39.41 5.14 115.11
C PRO L 72 38.50 5.72 114.02
N ASP L 73 38.65 7.00 113.73
CA ASP L 73 37.73 7.62 112.79
C ASP L 73 38.34 7.88 111.42
N GLN L 74 39.59 7.45 111.23
CA GLN L 74 40.31 7.56 109.95
C GLN L 74 41.29 6.42 109.79
N VAL L 75 41.43 5.94 108.56
CA VAL L 75 42.44 4.93 108.21
C VAL L 75 43.07 5.24 106.86
N SER L 76 44.29 4.74 106.66
CA SER L 76 44.90 4.72 105.34
C SER L 76 44.53 3.42 104.64
N VAL L 77 44.15 3.51 103.36
CA VAL L 77 43.65 2.40 102.57
C VAL L 77 44.34 2.40 101.20
N PRO L 78 44.86 1.25 100.77
CA PRO L 78 45.41 1.14 99.39
C PRO L 78 44.30 1.53 98.43
N ILE L 79 44.59 2.37 97.44
CA ILE L 79 43.58 2.75 96.43
C ILE L 79 43.03 1.60 95.60
N SER L 80 43.75 0.48 95.58
CA SER L 80 43.24 -0.72 94.92
C SER L 80 41.97 -1.26 95.60
N SER L 81 41.77 -0.89 96.86
CA SER L 81 40.59 -1.33 97.61
C SER L 81 39.43 -0.32 97.55
N LEU L 82 39.62 0.78 96.84
CA LEU L 82 38.66 1.89 96.79
C LEU L 82 38.29 2.19 95.37
N TRP L 83 37.07 2.68 95.13
CA TRP L 83 36.80 3.40 93.89
C TRP L 83 37.51 4.75 93.95
N VAL L 84 38.11 5.14 92.84
CA VAL L 84 38.90 6.37 92.72
C VAL L 84 38.43 7.03 91.40
N PRO L 85 38.26 8.34 91.38
CA PRO L 85 37.79 9.02 90.15
C PRO L 85 38.76 8.79 89.00
N ASP L 86 38.21 8.55 87.81
CA ASP L 86 39.05 8.30 86.64
C ASP L 86 39.56 9.59 86.00
N LEU L 87 40.29 10.40 86.77
CA LEU L 87 40.78 11.71 86.32
C LEU L 87 41.94 11.58 85.38
N ALA L 88 41.97 12.46 84.38
CA ALA L 88 43.09 12.54 83.45
C ALA L 88 43.39 13.98 83.10
N ALA L 89 44.67 14.29 82.88
CA ALA L 89 45.04 15.59 82.35
C ALA L 89 44.99 15.49 80.83
N TYR L 90 44.11 16.26 80.21
CA TYR L 90 43.86 16.23 78.77
C TYR L 90 45.05 16.67 77.92
N ASN L 91 45.93 17.51 78.48
CA ASN L 91 47.10 18.00 77.72
C ASN L 91 48.42 17.36 78.20
N ALA L 92 48.29 16.25 78.92
CA ALA L 92 49.44 15.48 79.32
C ALA L 92 50.03 14.77 78.12
N ILE L 93 51.35 14.70 78.08
CA ILE L 93 52.04 14.04 76.98
C ILE L 93 52.92 12.92 77.51
N SER L 94 52.75 12.61 78.79
CA SER L 94 53.38 11.44 79.40
C SER L 94 52.41 10.88 80.42
N LYS L 95 52.60 9.62 80.78
CA LYS L 95 51.86 8.99 81.86
C LYS L 95 52.15 9.65 83.21
N PRO L 96 51.14 9.74 84.09
CA PRO L 96 51.35 10.30 85.43
C PRO L 96 52.30 9.38 86.20
N GLU L 97 53.52 9.82 86.48
CA GLU L 97 54.44 9.07 87.33
C GLU L 97 54.12 9.38 88.81
N VAL L 98 53.57 8.41 89.53
CA VAL L 98 53.18 8.59 90.92
C VAL L 98 54.40 8.32 91.80
N LEU L 99 54.82 9.34 92.56
CA LEU L 99 56.07 9.25 93.33
C LEU L 99 55.86 8.74 94.75
N THR L 100 54.61 8.71 95.18
CA THR L 100 54.32 8.37 96.58
C THR L 100 53.58 7.04 96.76
N PRO L 101 53.59 6.50 97.98
CA PRO L 101 52.74 5.33 98.31
C PRO L 101 51.28 5.57 97.94
N GLN L 102 50.65 4.58 97.31
CA GLN L 102 49.32 4.78 96.74
C GLN L 102 48.22 4.48 97.74
N LEU L 103 48.16 5.30 98.78
CA LEU L 103 47.24 5.12 99.90
C LEU L 103 46.36 6.34 100.01
N ALA L 104 45.08 6.10 100.26
CA ALA L 104 44.16 7.20 100.45
C ALA L 104 43.82 7.21 101.93
N ARG L 105 43.48 8.38 102.44
CA ARG L 105 42.98 8.51 103.79
C ARG L 105 41.44 8.51 103.76
N VAL L 106 40.82 7.60 104.52
CA VAL L 106 39.36 7.47 104.58
C VAL L 106 38.85 7.80 105.99
N VAL L 107 37.88 8.73 106.06
CA VAL L 107 37.23 9.14 107.30
C VAL L 107 35.98 8.30 107.48
N SER L 108 35.56 8.10 108.73
CA SER L 108 34.45 7.20 109.05
C SER L 108 33.10 7.60 108.46
N ASP L 109 32.95 8.84 108.01
CA ASP L 109 31.73 9.27 107.35
C ASP L 109 31.74 9.01 105.83
N GLY L 110 32.86 8.48 105.33
CA GLY L 110 32.98 8.16 103.93
C GLY L 110 33.81 9.15 103.14
N GLU L 111 34.30 10.21 103.78
CA GLU L 111 35.16 11.15 103.07
C GLU L 111 36.51 10.52 102.75
N VAL L 112 36.94 10.71 101.50
CA VAL L 112 38.23 10.19 101.07
C VAL L 112 39.13 11.33 100.62
N LEU L 113 40.41 11.24 100.97
CA LEU L 113 41.45 12.14 100.47
C LEU L 113 42.55 11.30 99.86
N TYR L 114 42.77 11.50 98.57
CA TYR L 114 43.87 10.86 97.89
C TYR L 114 44.73 11.99 97.36
N MET L 115 46.01 12.00 97.72
CA MET L 115 46.90 13.10 97.34
C MET L 115 48.28 12.60 96.95
N PRO L 116 48.36 11.97 95.78
CA PRO L 116 49.65 11.49 95.30
C PRO L 116 50.54 12.66 94.89
N SER L 117 51.86 12.51 95.05
CA SER L 117 52.79 13.35 94.30
C SER L 117 53.02 12.78 92.90
N ILE L 118 52.83 13.61 91.88
CA ILE L 118 52.86 13.15 90.49
C ILE L 118 53.91 13.93 89.71
N ARG L 119 54.69 13.23 88.90
CA ARG L 119 55.56 13.86 87.91
C ARG L 119 54.99 13.57 86.53
N GLN L 120 54.75 14.63 85.76
CA GLN L 120 54.10 14.47 84.45
C GLN L 120 54.52 15.60 83.52
N ARG L 121 54.60 15.32 82.21
CA ARG L 121 54.87 16.35 81.22
C ARG L 121 53.60 16.80 80.50
N PHE L 122 53.56 18.08 80.12
CA PHE L 122 52.39 18.70 79.49
C PHE L 122 52.74 19.52 78.27
N SER L 123 51.77 19.61 77.38
CA SER L 123 51.84 20.50 76.25
C SER L 123 51.05 21.73 76.68
N CYS L 124 51.68 22.90 76.64
CA CYS L 124 51.04 24.14 77.05
C CYS L 124 51.89 25.34 76.67
N ASP L 125 51.35 26.54 76.91
CA ASP L 125 51.99 27.79 76.52
C ASP L 125 53.18 28.11 77.42
N VAL L 126 54.39 27.96 76.88
CA VAL L 126 55.62 28.25 77.60
C VAL L 126 56.18 29.64 77.21
N SER L 127 55.52 30.31 76.27
CA SER L 127 55.97 31.62 75.84
C SER L 127 55.98 32.62 77.00
N GLY L 128 57.03 33.44 77.06
CA GLY L 128 57.19 34.44 78.10
C GLY L 128 57.81 33.94 79.39
N VAL L 129 58.21 32.67 79.43
CA VAL L 129 58.81 32.10 80.62
C VAL L 129 60.03 32.85 81.20
N ASP L 130 60.89 33.40 80.33
CA ASP L 130 62.07 34.15 80.76
C ASP L 130 61.85 35.69 80.73
N THR L 131 60.61 36.11 80.94
CA THR L 131 60.26 37.51 81.02
C THR L 131 59.62 37.72 82.38
N GLU L 132 59.45 38.99 82.77
CA GLU L 132 58.85 39.40 84.05
C GLU L 132 57.43 38.88 84.27
N SER L 133 56.57 39.06 83.26
CA SER L 133 55.17 38.62 83.36
C SER L 133 55.05 37.10 83.38
N GLY L 134 56.09 36.41 82.92
CA GLY L 134 56.16 34.96 82.94
C GLY L 134 55.30 34.25 81.92
N ALA L 135 55.34 32.92 81.96
CA ALA L 135 54.51 32.08 81.12
C ALA L 135 53.26 31.63 81.89
N THR L 136 52.21 31.27 81.17
CA THR L 136 51.00 30.74 81.79
C THR L 136 50.65 29.41 81.15
N CYS L 137 50.94 28.33 81.88
CA CYS L 137 50.68 26.96 81.45
C CYS L 137 49.34 26.51 82.04
N ARG L 138 48.43 26.10 81.16
CA ARG L 138 47.12 25.66 81.59
C ARG L 138 47.05 24.11 81.60
N ILE L 139 46.67 23.53 82.74
CA ILE L 139 46.52 22.08 82.85
C ILE L 139 45.04 21.75 83.06
N LYS L 140 44.51 20.91 82.16
CA LYS L 140 43.07 20.63 82.10
C LYS L 140 42.80 19.21 82.62
N ILE L 141 42.08 19.10 83.73
CA ILE L 141 41.82 17.80 84.34
C ILE L 141 40.32 17.52 84.50
N GLY L 142 39.91 16.33 84.10
CA GLY L 142 38.53 15.90 84.30
C GLY L 142 38.39 14.40 84.26
N SER L 143 37.18 13.93 84.52
CA SER L 143 36.90 12.52 84.42
C SER L 143 37.03 12.14 82.97
N TRP L 144 37.76 11.07 82.69
CA TRP L 144 37.87 10.58 81.33
C TRP L 144 36.58 10.02 80.75
N THR L 145 35.81 9.30 81.57
CA THR L 145 34.69 8.55 81.07
C THR L 145 33.37 8.82 81.74
N HIS L 146 33.32 9.73 82.72
CA HIS L 146 32.09 9.94 83.47
C HIS L 146 31.63 11.39 83.22
N HIS L 147 30.47 11.54 82.61
CA HIS L 147 29.96 12.83 82.25
C HIS L 147 29.37 13.54 83.47
N SER L 148 28.79 14.73 83.24
CA SER L 148 28.44 15.65 84.32
C SER L 148 27.32 15.18 85.25
N ARG L 149 26.54 14.19 84.84
CA ARG L 149 25.53 13.64 85.75
C ARG L 149 26.12 12.57 86.66
N GLU L 150 27.38 12.22 86.43
CA GLU L 150 28.02 11.14 87.15
C GLU L 150 29.19 11.65 88.01
N ILE L 151 30.03 12.50 87.41
CA ILE L 151 31.08 13.19 88.16
C ILE L 151 31.04 14.69 87.89
N SER L 152 31.07 15.49 88.97
CA SER L 152 31.34 16.92 88.83
C SER L 152 32.72 17.17 89.39
N VAL L 153 33.47 18.08 88.76
CA VAL L 153 34.79 18.42 89.31
C VAL L 153 34.76 19.86 89.77
N ASP L 154 35.19 20.09 91.00
CA ASP L 154 35.23 21.45 91.51
C ASP L 154 36.62 21.83 92.04
N PRO L 155 37.07 23.05 91.78
CA PRO L 155 38.31 23.55 92.36
C PRO L 155 38.20 23.66 93.88
N THR L 156 39.25 23.26 94.59
CA THR L 156 39.39 23.58 96.01
C THR L 156 40.49 24.63 96.09
N THR L 157 40.57 25.31 97.23
CA THR L 157 41.67 26.23 97.48
C THR L 157 41.98 26.22 98.98
N GLU L 158 43.22 25.87 99.31
CA GLU L 158 43.66 25.77 100.70
C GLU L 158 44.15 27.14 101.17
N ASN L 159 43.93 28.12 100.30
CA ASN L 159 44.23 29.54 100.49
C ASN L 159 45.60 29.85 101.09
N SER L 160 46.42 28.80 101.17
CA SER L 160 47.84 28.96 101.44
C SER L 160 48.52 29.51 100.17
N ASP L 161 49.69 30.11 100.35
CA ASP L 161 50.53 30.51 99.21
C ASP L 161 50.55 29.41 98.15
N ASP L 162 50.58 29.82 96.88
CA ASP L 162 50.77 28.90 95.76
C ASP L 162 52.18 28.32 95.82
N SER L 163 53.12 29.15 96.27
CA SER L 163 54.50 28.72 96.46
C SER L 163 54.73 28.16 97.87
N GLU L 164 53.67 27.78 98.58
CA GLU L 164 53.85 27.24 99.92
C GLU L 164 54.82 26.06 99.91
N TYR L 165 54.50 25.06 99.09
CA TYR L 165 55.24 23.81 99.05
C TYR L 165 56.13 23.72 97.80
N PHE L 166 56.17 24.80 97.03
CA PHE L 166 57.05 24.87 95.87
C PHE L 166 58.49 24.96 96.30
N SER L 167 59.33 24.14 95.67
CA SER L 167 60.76 24.12 96.00
C SER L 167 61.48 25.48 95.84
N GLN L 168 62.17 25.89 96.90
CA GLN L 168 63.02 27.09 96.86
C GLN L 168 64.26 26.92 95.96
N TYR L 169 64.55 25.68 95.55
CA TYR L 169 65.75 25.36 94.80
C TYR L 169 65.48 25.21 93.32
N SER L 170 64.21 25.25 92.95
CA SER L 170 63.85 25.31 91.53
C SER L 170 64.48 26.50 90.84
N ARG L 171 64.67 26.37 89.53
CA ARG L 171 65.15 27.43 88.67
C ARG L 171 64.03 28.42 88.35
N PHE L 172 62.79 27.95 88.54
CA PHE L 172 61.61 28.77 88.27
C PHE L 172 60.98 29.27 89.57
N GLU L 173 60.04 30.22 89.46
CA GLU L 173 59.25 30.71 90.60
C GLU L 173 57.82 30.84 90.12
N ILE L 174 56.89 30.64 91.03
CA ILE L 174 55.47 30.71 90.71
C ILE L 174 54.96 32.09 91.04
N LEU L 175 54.33 32.73 90.06
CA LEU L 175 53.74 34.05 90.27
C LEU L 175 52.29 33.94 90.73
N ASP L 176 51.57 32.97 90.18
CA ASP L 176 50.14 32.82 90.44
C ASP L 176 49.61 31.48 89.98
N VAL L 177 48.62 30.97 90.71
CA VAL L 177 47.87 29.78 90.31
C VAL L 177 46.39 30.13 90.40
N THR L 178 45.67 30.03 89.28
CA THR L 178 44.22 30.18 89.28
C THR L 178 43.56 28.93 88.70
N GLN L 179 42.29 28.70 89.07
CA GLN L 179 41.52 27.58 88.53
C GLN L 179 40.21 28.06 87.94
N LYS L 180 39.85 27.50 86.79
CA LYS L 180 38.55 27.73 86.13
C LYS L 180 37.87 26.37 85.97
N LYS L 181 36.56 26.34 86.21
CA LYS L 181 35.71 25.16 86.03
C LYS L 181 35.05 25.22 84.66
N ASN L 182 35.17 24.14 83.89
CA ASN L 182 34.52 24.07 82.59
C ASN L 182 33.59 22.88 82.46
N SER L 183 32.80 22.89 81.40
CA SER L 183 31.89 21.82 81.07
C SER L 183 31.89 21.77 79.53
N VAL L 184 32.39 20.66 78.95
CA VAL L 184 32.61 20.53 77.48
C VAL L 184 31.87 19.33 76.88
N THR L 185 31.29 19.54 75.71
CA THR L 185 30.63 18.47 74.96
C THR L 185 31.52 18.11 73.75
N TYR L 186 32.01 16.87 73.74
CA TYR L 186 32.90 16.38 72.67
C TYR L 186 32.06 15.71 71.60
N SER L 187 32.56 15.73 70.36
CA SER L 187 31.88 15.11 69.23
C SER L 187 31.58 13.62 69.46
N CYS L 188 32.49 12.96 70.17
CA CYS L 188 32.46 11.52 70.37
C CYS L 188 31.13 11.00 70.96
N CYS L 189 30.48 11.87 71.73
CA CYS L 189 29.47 11.47 72.72
C CYS L 189 28.51 12.61 73.01
N PRO L 190 27.26 12.32 73.35
CA PRO L 190 26.26 13.39 73.44
C PRO L 190 26.23 14.22 74.74
N GLU L 191 26.95 13.80 75.79
CA GLU L 191 26.86 14.50 77.07
C GLU L 191 27.95 15.55 77.27
N ALA L 192 27.90 16.24 78.40
CA ALA L 192 28.93 17.19 78.80
C ALA L 192 29.83 16.59 79.88
N TYR L 193 31.12 16.88 79.77
CA TYR L 193 32.11 16.38 80.73
C TYR L 193 32.71 17.58 81.40
N GLU L 194 32.82 17.51 82.72
CA GLU L 194 33.37 18.62 83.48
C GLU L 194 34.89 18.50 83.62
N ASP L 195 35.55 19.65 83.70
CA ASP L 195 36.99 19.69 83.90
C ASP L 195 37.34 20.88 84.77
N VAL L 196 38.48 20.79 85.43
CA VAL L 196 39.10 21.97 86.00
C VAL L 196 40.34 22.38 85.20
N GLU L 197 40.41 23.64 84.82
CA GLU L 197 41.63 24.17 84.21
C GLU L 197 42.47 24.89 85.26
N VAL L 198 43.68 24.37 85.47
CA VAL L 198 44.63 24.98 86.38
C VAL L 198 45.67 25.81 85.63
N SER L 199 45.68 27.12 85.86
CA SER L 199 46.59 28.02 85.18
C SER L 199 47.78 28.33 86.09
N LEU L 200 48.94 27.84 85.68
CA LEU L 200 50.17 28.06 86.39
C LEU L 200 50.96 29.22 85.75
N ASN L 201 51.04 30.35 86.45
CA ASN L 201 51.79 31.52 85.99
C ASN L 201 53.16 31.47 86.67
N PHE L 202 54.21 31.28 85.87
CA PHE L 202 55.54 31.06 86.42
C PHE L 202 56.60 31.70 85.53
N ARG L 203 57.78 31.97 86.07
CA ARG L 203 58.90 32.45 85.27
C ARG L 203 60.26 31.86 85.66
N LYS L 204 61.24 32.02 84.78
CA LYS L 204 62.63 31.72 85.11
C LYS L 204 63.22 32.72 86.12
N LYS L 205 63.74 32.24 87.25
CA LYS L 205 64.19 33.14 88.34
C LYS L 205 65.24 34.18 87.98
N GLY L 206 65.21 35.30 88.72
CA GLY L 206 66.26 36.31 88.74
C GLY L 206 66.95 36.57 87.42
N GLU M 1 14.49 -3.69 87.50
CA GLU M 1 15.47 -2.63 87.91
C GLU M 1 16.81 -3.18 88.43
N PHE M 2 17.88 -2.72 87.81
CA PHE M 2 19.23 -2.97 88.29
C PHE M 2 19.83 -1.63 88.60
N ASP M 3 20.68 -1.56 89.60
CA ASP M 3 21.50 -0.37 89.78
C ASP M 3 22.90 -0.59 89.17
N ARG M 4 23.74 0.43 89.21
CA ARG M 4 25.07 0.36 88.60
C ARG M 4 25.88 -0.78 89.17
N ALA M 5 25.82 -0.96 90.49
CA ALA M 5 26.47 -2.07 91.14
C ALA M 5 26.07 -3.43 90.55
N ASP M 6 24.77 -3.64 90.35
CA ASP M 6 24.26 -4.91 89.78
C ASP M 6 24.76 -5.10 88.35
N ILE M 7 24.60 -4.09 87.52
CA ILE M 7 25.10 -4.15 86.13
C ILE M 7 26.58 -4.50 86.09
N LEU M 8 27.37 -3.84 86.94
CA LEU M 8 28.81 -4.07 86.89
C LEU M 8 29.19 -5.46 87.44
N TYR M 9 28.48 -5.88 88.48
CA TYR M 9 28.67 -7.22 89.02
C TYR M 9 28.36 -8.27 87.95
N ASN M 10 27.20 -8.13 87.30
CA ASN M 10 26.80 -9.10 86.31
C ASN M 10 27.81 -9.18 85.14
N ILE M 11 28.26 -8.01 84.67
CA ILE M 11 29.32 -7.95 83.67
C ILE M 11 30.61 -8.60 84.13
N ARG M 12 31.06 -8.32 85.35
CA ARG M 12 32.31 -8.92 85.83
C ARG M 12 32.17 -10.44 86.04
N GLN M 13 31.00 -10.89 86.49
CA GLN M 13 30.81 -12.30 86.78
C GLN M 13 30.71 -13.16 85.52
N THR M 14 30.34 -12.54 84.40
CA THR M 14 30.12 -13.26 83.12
C THR M 14 30.92 -12.73 81.89
N SER M 15 31.71 -11.68 82.07
CA SER M 15 32.64 -11.19 81.05
C SER M 15 33.43 -12.35 80.56
N ARG M 16 33.39 -12.64 79.27
CA ARG M 16 34.35 -13.61 78.77
C ARG M 16 35.31 -12.78 77.90
N PRO M 17 36.27 -12.14 78.58
CA PRO M 17 37.22 -11.19 77.97
C PRO M 17 38.09 -11.77 76.87
N ASP M 18 38.33 -13.08 76.96
CA ASP M 18 39.16 -13.82 76.01
C ASP M 18 38.34 -14.24 74.80
N VAL M 19 37.02 -14.05 74.85
CA VAL M 19 36.14 -14.55 73.82
C VAL M 19 35.59 -13.46 72.87
N ILE M 20 35.96 -13.57 71.60
CA ILE M 20 35.53 -12.58 70.60
C ILE M 20 34.02 -12.69 70.42
N PRO M 21 33.27 -11.59 70.58
CA PRO M 21 31.80 -11.64 70.61
C PRO M 21 31.22 -11.75 69.23
N THR M 22 31.67 -12.79 68.55
CA THR M 22 31.16 -13.18 67.25
C THR M 22 29.68 -13.59 67.41
N GLN M 23 28.79 -12.98 66.62
CA GLN M 23 27.37 -13.33 66.65
C GLN M 23 26.93 -13.79 65.24
N ARG M 24 26.32 -14.97 65.16
CA ARG M 24 25.82 -15.58 63.91
C ARG M 24 26.85 -15.76 62.77
N ASP M 25 28.08 -16.19 63.12
CA ASP M 25 29.11 -16.50 62.12
C ASP M 25 29.57 -15.28 61.31
N ARG M 26 29.23 -14.08 61.79
CA ARG M 26 29.64 -12.81 61.19
C ARG M 26 30.93 -12.31 61.86
N PRO M 27 31.73 -11.50 61.16
CA PRO M 27 32.84 -10.78 61.83
C PRO M 27 32.32 -9.72 62.82
N VAL M 28 33.09 -9.48 63.88
CA VAL M 28 32.83 -8.33 64.76
C VAL M 28 33.22 -7.06 64.02
N ALA M 29 32.22 -6.20 63.78
CA ALA M 29 32.49 -4.94 63.08
C ALA M 29 33.12 -3.94 64.05
N VAL M 30 34.37 -3.59 63.82
CA VAL M 30 35.04 -2.66 64.71
C VAL M 30 35.28 -1.35 63.97
N SER M 31 34.92 -0.24 64.60
CA SER M 31 35.18 1.06 64.01
C SER M 31 36.32 1.73 64.75
N VAL M 32 37.28 2.24 63.98
CA VAL M 32 38.45 2.94 64.55
C VAL M 32 38.61 4.29 63.89
N SER M 33 39.00 5.24 64.73
CA SER M 33 39.22 6.58 64.27
C SER M 33 40.24 7.18 65.23
N LEU M 34 41.25 7.85 64.68
CA LEU M 34 42.30 8.48 65.49
C LEU M 34 42.02 9.96 65.51
N LYS M 35 41.91 10.52 66.72
CA LYS M 35 41.76 11.95 66.89
C LYS M 35 43.10 12.45 67.39
N PHE M 36 43.80 13.19 66.54
CA PHE M 36 45.13 13.66 66.86
C PHE M 36 45.09 14.82 67.83
N ILE M 37 45.85 14.67 68.92
CA ILE M 37 45.95 15.73 69.94
C ILE M 37 47.24 16.54 69.79
N ASN M 38 48.34 15.85 69.49
CA ASN M 38 49.66 16.46 69.45
C ASN M 38 50.65 15.67 68.61
N ILE M 39 51.57 16.40 67.99
CA ILE M 39 52.73 15.81 67.35
C ILE M 39 53.91 16.39 68.11
N LEU M 40 54.66 15.52 68.79
CA LEU M 40 55.64 15.95 69.79
C LEU M 40 57.05 16.03 69.25
N GLU M 41 57.35 15.15 68.31
CA GLU M 41 58.69 15.10 67.76
C GLU M 41 58.60 14.52 66.36
N VAL M 42 59.40 15.08 65.47
CA VAL M 42 59.43 14.67 64.09
C VAL M 42 60.91 14.66 63.73
N ASN M 43 61.32 13.66 62.94
CA ASN M 43 62.70 13.51 62.50
C ASN M 43 62.74 13.19 61.01
N GLU M 44 63.11 14.18 60.22
CA GLU M 44 63.06 14.05 58.78
C GLU M 44 64.20 13.17 58.24
N ILE M 45 65.28 13.04 59.02
CA ILE M 45 66.37 12.11 58.68
C ILE M 45 65.95 10.65 58.88
N THR M 46 65.44 10.34 60.07
CA THR M 46 65.09 8.95 60.39
C THR M 46 63.68 8.54 59.92
N ASN M 47 62.85 9.51 59.49
CA ASN M 47 61.45 9.26 59.14
C ASN M 47 60.67 8.66 60.31
N GLU M 48 60.73 9.33 61.45
CA GLU M 48 60.08 8.90 62.66
C GLU M 48 59.28 10.06 63.23
N VAL M 49 58.13 9.75 63.82
CA VAL M 49 57.27 10.74 64.46
C VAL M 49 56.73 10.21 65.80
N ASP M 50 56.58 11.13 66.73
CA ASP M 50 56.09 10.86 68.08
C ASP M 50 54.74 11.59 68.17
N VAL M 51 53.67 10.86 68.45
CA VAL M 51 52.32 11.44 68.34
C VAL M 51 51.43 11.04 69.54
N VAL M 52 50.50 11.93 69.89
CA VAL M 52 49.48 11.63 70.88
C VAL M 52 48.10 11.71 70.20
N PHE M 53 47.33 10.63 70.35
CA PHE M 53 46.03 10.53 69.74
C PHE M 53 45.02 9.79 70.63
N TRP M 54 43.76 10.20 70.50
CA TRP M 54 42.66 9.42 71.06
C TRP M 54 42.27 8.34 70.03
N GLN M 55 42.32 7.07 70.44
CA GLN M 55 42.00 5.99 69.53
C GLN M 55 40.56 5.60 69.80
N GLN M 56 39.65 6.28 69.11
CA GLN M 56 38.24 6.00 69.26
C GLN M 56 37.90 4.63 68.71
N THR M 57 37.50 3.72 69.59
CA THR M 57 37.23 2.33 69.18
C THR M 57 35.86 1.89 69.63
N THR M 58 35.12 1.33 68.69
CA THR M 58 33.69 1.09 68.86
C THR M 58 33.39 -0.29 68.31
N TRP M 59 32.55 -1.05 69.04
CA TRP M 59 32.10 -2.38 68.62
C TRP M 59 30.93 -2.83 69.47
N SER M 60 30.30 -3.90 69.04
CA SER M 60 29.15 -4.41 69.73
C SER M 60 29.41 -5.77 70.35
N ASP M 61 28.96 -5.94 71.59
CA ASP M 61 29.07 -7.22 72.32
C ASP M 61 27.76 -7.48 73.06
N ARG M 62 26.89 -8.28 72.46
CA ARG M 62 25.57 -8.54 73.02
C ARG M 62 25.60 -9.31 74.32
N THR M 63 26.66 -10.08 74.58
CA THR M 63 26.75 -10.75 75.89
C THR M 63 26.79 -9.75 77.05
N LEU M 64 27.02 -8.47 76.77
CA LEU M 64 27.06 -7.44 77.81
C LEU M 64 25.69 -6.81 78.07
N ALA M 65 24.75 -7.04 77.17
CA ALA M 65 23.48 -6.35 77.17
C ALA M 65 22.63 -6.64 78.41
N TRP M 66 21.89 -5.63 78.83
CA TRP M 66 20.95 -5.78 79.91
C TRP M 66 19.71 -4.95 79.64
N ASN M 67 18.61 -5.36 80.25
CA ASN M 67 17.34 -4.66 80.14
C ASN M 67 17.38 -3.39 80.99
N SER M 68 17.28 -2.23 80.36
CA SER M 68 17.43 -0.97 81.07
C SER M 68 16.17 -0.09 81.12
N SER M 69 15.00 -0.74 81.13
CA SER M 69 13.73 -0.01 81.17
C SER M 69 13.61 0.85 82.42
N HIS M 70 14.11 0.34 83.53
CA HIS M 70 14.14 1.09 84.80
C HIS M 70 15.53 1.04 85.42
N SER M 71 16.54 1.01 84.54
CA SER M 71 17.92 0.97 84.97
C SER M 71 18.78 1.96 84.18
N PRO M 72 19.92 2.36 84.75
CA PRO M 72 20.92 3.12 84.00
C PRO M 72 21.20 2.40 82.69
N ASP M 73 21.41 3.12 81.60
CA ASP M 73 21.55 2.47 80.30
C ASP M 73 23.01 2.48 79.81
N GLN M 74 23.91 3.05 80.61
CA GLN M 74 25.34 3.06 80.33
C GLN M 74 26.15 2.94 81.62
N VAL M 75 27.29 2.27 81.54
CA VAL M 75 28.24 2.21 82.66
C VAL M 75 29.70 2.32 82.15
N SER M 76 30.60 2.71 83.05
CA SER M 76 32.03 2.60 82.74
C SER M 76 32.60 1.30 83.27
N VAL M 77 33.39 0.60 82.48
CA VAL M 77 33.80 -0.75 82.82
C VAL M 77 35.29 -0.86 82.56
N PRO M 78 36.07 -1.40 83.52
CA PRO M 78 37.49 -1.63 83.27
C PRO M 78 37.61 -2.54 82.04
N ILE M 79 38.53 -2.25 81.13
CA ILE M 79 38.73 -3.12 79.96
C ILE M 79 39.20 -4.54 80.26
N SER M 80 39.78 -4.75 81.45
CA SER M 80 40.11 -6.10 81.90
C SER M 80 38.86 -6.97 82.08
N SER M 81 37.70 -6.34 82.27
CA SER M 81 36.45 -7.09 82.35
C SER M 81 35.75 -7.31 80.99
N LEU M 82 36.34 -6.84 79.91
CA LEU M 82 35.69 -6.84 78.60
C LEU M 82 36.57 -7.48 77.55
N TRP M 83 35.98 -8.12 76.54
CA TRP M 83 36.76 -8.41 75.35
C TRP M 83 37.00 -7.10 74.66
N VAL M 84 38.23 -6.91 74.22
CA VAL M 84 38.62 -5.72 73.47
C VAL M 84 39.34 -6.17 72.17
N PRO M 85 39.12 -5.50 71.03
CA PRO M 85 39.80 -5.92 69.79
C PRO M 85 41.32 -5.79 69.92
N ASP M 86 42.04 -6.77 69.40
CA ASP M 86 43.49 -6.83 69.54
C ASP M 86 44.15 -5.96 68.44
N LEU M 87 43.78 -4.68 68.41
CA LEU M 87 44.34 -3.74 67.44
C LEU M 87 45.82 -3.45 67.63
N ALA M 88 46.55 -3.36 66.53
CA ALA M 88 47.95 -2.93 66.59
C ALA M 88 48.25 -1.97 65.46
N ALA M 89 49.14 -1.01 65.71
CA ALA M 89 49.63 -0.21 64.59
C ALA M 89 50.85 -0.87 63.96
N TYR M 90 50.73 -1.25 62.69
CA TYR M 90 51.78 -2.01 61.99
C TYR M 90 53.11 -1.28 61.84
N ASN M 91 53.09 0.05 61.83
CA ASN M 91 54.35 0.79 61.66
C ASN M 91 54.76 1.50 62.94
N ALA M 92 54.19 1.06 64.07
CA ALA M 92 54.66 1.58 65.35
C ALA M 92 56.08 1.09 65.68
N ILE M 93 56.89 1.96 66.23
CA ILE M 93 58.21 1.52 66.65
C ILE M 93 58.38 1.66 68.18
N SER M 94 57.28 1.94 68.87
CA SER M 94 57.29 1.90 70.34
C SER M 94 55.97 1.29 70.78
N LYS M 95 55.97 0.72 71.97
CA LYS M 95 54.72 0.21 72.56
C LYS M 95 53.81 1.39 72.82
N PRO M 96 52.49 1.18 72.70
CA PRO M 96 51.55 2.28 72.89
C PRO M 96 51.52 2.65 74.35
N GLU M 97 51.84 3.88 74.65
CA GLU M 97 51.73 4.38 76.03
C GLU M 97 50.32 4.95 76.23
N VAL M 98 49.48 4.24 76.98
CA VAL M 98 48.11 4.69 77.27
C VAL M 98 48.14 5.76 78.38
N LEU M 99 47.63 6.95 78.09
CA LEU M 99 47.75 8.06 79.06
C LEU M 99 46.57 8.17 80.00
N THR M 100 45.47 7.50 79.68
CA THR M 100 44.19 7.71 80.38
C THR M 100 43.75 6.47 81.16
N PRO M 101 42.82 6.64 82.11
CA PRO M 101 42.20 5.48 82.79
C PRO M 101 41.65 4.48 81.77
N GLN M 102 41.95 3.20 81.96
CA GLN M 102 41.58 2.15 81.02
C GLN M 102 40.16 1.61 81.24
N LEU M 103 39.19 2.47 80.95
CA LEU M 103 37.78 2.17 81.15
C LEU M 103 37.06 2.37 79.83
N ALA M 104 36.16 1.44 79.50
CA ALA M 104 35.32 1.56 78.33
C ALA M 104 33.94 1.93 78.80
N ARG M 105 33.18 2.56 77.93
CA ARG M 105 31.79 2.90 78.19
C ARG M 105 30.91 1.86 77.52
N VAL M 106 30.02 1.24 78.28
CA VAL M 106 29.20 0.15 77.75
C VAL M 106 27.75 0.56 77.85
N VAL M 107 27.05 0.51 76.70
CA VAL M 107 25.61 0.86 76.64
C VAL M 107 24.81 -0.42 76.81
N SER M 108 23.59 -0.32 77.34
CA SER M 108 22.77 -1.48 77.67
C SER M 108 22.43 -2.41 76.49
N ASP M 109 22.51 -1.94 75.26
CA ASP M 109 22.35 -2.81 74.09
C ASP M 109 23.64 -3.57 73.70
N GLY M 110 24.73 -3.33 74.43
CA GLY M 110 25.98 -4.02 74.19
C GLY M 110 26.97 -3.23 73.34
N GLU M 111 26.63 -2.00 72.99
CA GLU M 111 27.60 -1.14 72.30
C GLU M 111 28.72 -0.73 73.24
N VAL M 112 29.95 -0.79 72.76
CA VAL M 112 31.08 -0.41 73.57
C VAL M 112 31.86 0.75 72.91
N LEU M 113 32.24 1.74 73.71
CA LEU M 113 33.19 2.74 73.27
C LEU M 113 34.45 2.75 74.17
N TYR M 114 35.60 2.45 73.56
CA TYR M 114 36.85 2.52 74.26
C TYR M 114 37.69 3.56 73.54
N MET M 115 38.05 4.62 74.25
CA MET M 115 38.78 5.75 73.68
C MET M 115 40.01 6.19 74.53
N PRO M 116 41.09 5.41 74.51
CA PRO M 116 42.27 5.77 75.27
C PRO M 116 43.06 6.89 74.56
N SER M 117 43.72 7.74 75.32
CA SER M 117 44.70 8.65 74.76
C SER M 117 46.01 7.88 74.71
N ILE M 118 46.67 7.87 73.57
CA ILE M 118 47.84 7.05 73.38
C ILE M 118 48.97 7.91 72.88
N ARG M 119 50.16 7.72 73.44
CA ARG M 119 51.38 8.27 72.90
C ARG M 119 52.20 7.14 72.29
N GLN M 120 52.66 7.32 71.07
CA GLN M 120 53.29 6.22 70.34
C GLN M 120 54.15 6.80 69.23
N ARG M 121 55.26 6.14 68.91
CA ARG M 121 56.14 6.62 67.83
C ARG M 121 55.96 5.72 66.62
N PHE M 122 56.08 6.31 65.43
CA PHE M 122 55.85 5.62 64.17
C PHE M 122 56.94 5.86 63.15
N SER M 123 57.09 4.87 62.28
CA SER M 123 57.99 4.97 61.17
C SER M 123 57.09 5.32 60.00
N CYS M 124 57.35 6.48 59.38
CA CYS M 124 56.52 6.93 58.27
C CYS M 124 57.19 8.06 57.53
N ASP M 125 56.56 8.51 56.45
CA ASP M 125 57.14 9.51 55.54
C ASP M 125 57.07 10.92 56.14
N VAL M 126 58.19 11.36 56.69
CA VAL M 126 58.27 12.71 57.25
C VAL M 126 58.73 13.78 56.21
N SER M 127 59.09 13.36 54.99
CA SER M 127 59.56 14.31 53.98
C SER M 127 58.52 15.41 53.68
N GLY M 128 59.01 16.62 53.50
CA GLY M 128 58.16 17.78 53.22
C GLY M 128 57.47 18.40 54.43
N VAL M 129 57.77 17.93 55.63
CA VAL M 129 57.18 18.46 56.86
C VAL M 129 57.31 19.96 57.04
N ASP M 130 58.43 20.56 56.65
CA ASP M 130 58.62 21.99 56.80
C ASP M 130 58.43 22.78 55.48
N THR M 131 57.47 22.35 54.65
CA THR M 131 57.09 23.01 53.39
C THR M 131 55.59 23.18 53.45
N GLU M 132 55.04 23.98 52.55
CA GLU M 132 53.60 24.30 52.53
C GLU M 132 52.70 23.07 52.33
N SER M 133 53.12 22.15 51.47
CA SER M 133 52.38 20.92 51.17
C SER M 133 52.35 19.97 52.36
N GLY M 134 53.37 20.08 53.20
CA GLY M 134 53.53 19.29 54.39
C GLY M 134 53.93 17.86 54.14
N ALA M 135 54.03 17.07 55.22
CA ALA M 135 54.32 15.67 55.14
C ALA M 135 53.05 14.86 55.28
N THR M 136 53.08 13.63 54.77
CA THR M 136 51.95 12.71 54.94
C THR M 136 52.41 11.45 55.62
N CYS M 137 52.07 11.31 56.90
CA CYS M 137 52.40 10.14 57.68
C CYS M 137 51.23 9.18 57.64
N ARG M 138 51.48 7.94 57.22
CA ARG M 138 50.40 6.97 57.16
C ARG M 138 50.53 5.94 58.29
N ILE M 139 49.47 5.80 59.08
CA ILE M 139 49.42 4.84 60.18
C ILE M 139 48.45 3.71 59.84
N LYS M 140 48.93 2.47 59.96
CA LYS M 140 48.18 1.29 59.55
C LYS M 140 47.76 0.51 60.81
N ILE M 141 46.45 0.42 61.05
CA ILE M 141 45.87 -0.22 62.26
C ILE M 141 44.97 -1.38 61.85
N GLY M 142 45.15 -2.53 62.47
CA GLY M 142 44.25 -3.66 62.24
C GLY M 142 44.35 -4.68 63.35
N SER M 143 43.51 -5.69 63.30
CA SER M 143 43.59 -6.76 64.27
C SER M 143 44.87 -7.52 64.03
N TRP M 144 45.60 -7.78 65.12
CA TRP M 144 46.84 -8.53 65.02
C TRP M 144 46.64 -10.01 64.65
N THR M 145 45.63 -10.66 65.23
CA THR M 145 45.48 -12.10 65.06
C THR M 145 44.11 -12.55 64.56
N HIS M 146 43.22 -11.63 64.27
CA HIS M 146 41.91 -11.95 63.77
C HIS M 146 41.72 -11.54 62.31
N HIS M 147 41.44 -12.54 61.47
CA HIS M 147 41.29 -12.32 60.04
C HIS M 147 39.91 -11.78 59.64
N SER M 148 39.70 -11.51 58.33
CA SER M 148 38.49 -10.78 57.87
C SER M 148 37.18 -11.44 58.23
N ARG M 149 37.18 -12.74 58.53
CA ARG M 149 35.92 -13.39 58.92
C ARG M 149 35.60 -13.23 60.41
N GLU M 150 36.56 -12.71 61.14
CA GLU M 150 36.41 -12.55 62.60
C GLU M 150 36.32 -11.11 63.01
N ILE M 151 37.16 -10.25 62.44
CA ILE M 151 37.08 -8.82 62.69
C ILE M 151 37.16 -8.05 61.37
N SER M 152 36.20 -7.15 61.15
CA SER M 152 36.35 -6.17 60.11
C SER M 152 36.62 -4.81 60.74
N VAL M 153 37.48 -4.02 60.13
CA VAL M 153 37.77 -2.69 60.62
C VAL M 153 37.25 -1.63 59.62
N ASP M 154 36.46 -0.69 60.10
CA ASP M 154 36.05 0.43 59.24
C ASP M 154 36.36 1.75 59.93
N PRO M 155 36.58 2.78 59.14
CA PRO M 155 36.64 4.13 59.69
C PRO M 155 35.29 4.48 60.33
N THR M 156 35.35 5.18 61.46
CA THR M 156 34.18 5.71 62.15
C THR M 156 33.23 6.42 61.20
N THR M 157 31.95 6.41 61.60
CA THR M 157 30.84 6.96 60.83
C THR M 157 30.85 8.50 60.79
N GLU M 158 30.96 9.12 61.97
CA GLU M 158 30.89 10.57 62.12
C GLU M 158 32.14 11.28 61.55
N ASN M 159 31.99 12.54 61.13
CA ASN M 159 33.08 13.29 60.49
C ASN M 159 33.17 14.77 60.92
N SER M 160 34.09 15.05 61.86
CA SER M 160 34.30 16.41 62.36
C SER M 160 35.63 17.03 61.88
N ASP M 161 35.85 18.29 62.25
CA ASP M 161 37.13 18.95 62.00
C ASP M 161 38.31 18.07 62.49
N ASP M 162 39.33 17.92 61.65
CA ASP M 162 40.56 17.17 61.99
C ASP M 162 41.21 17.64 63.30
N SER M 163 41.41 18.95 63.39
CA SER M 163 42.06 19.61 64.53
C SER M 163 41.11 19.99 65.71
N GLU M 164 39.97 19.31 65.82
CA GLU M 164 38.98 19.72 66.83
C GLU M 164 39.55 19.58 68.21
N TYR M 165 40.46 18.62 68.36
CA TYR M 165 41.14 18.43 69.63
C TYR M 165 42.65 18.59 69.54
N PHE M 166 43.15 18.99 68.36
CA PHE M 166 44.60 19.15 68.18
C PHE M 166 45.06 20.37 68.96
N SER M 167 46.14 20.21 69.72
CA SER M 167 46.69 21.31 70.51
C SER M 167 47.07 22.55 69.68
N GLN M 168 46.59 23.72 70.12
CA GLN M 168 46.98 25.00 69.53
C GLN M 168 48.42 25.40 69.89
N TYR M 169 49.04 24.66 70.81
CA TYR M 169 50.41 24.95 71.25
C TYR M 169 51.46 24.03 70.62
N SER M 170 51.01 23.04 69.85
CA SER M 170 51.92 22.29 69.00
C SER M 170 52.75 23.18 68.07
N ARG M 171 53.93 22.69 67.72
CA ARG M 171 54.80 23.31 66.74
C ARG M 171 54.31 22.98 65.33
N PHE M 172 53.35 22.07 65.26
CA PHE M 172 52.84 21.54 63.99
C PHE M 172 51.39 21.87 63.84
N GLU M 173 50.92 21.88 62.60
CA GLU M 173 49.49 22.06 62.30
C GLU M 173 49.06 20.95 61.35
N ILE M 174 47.81 20.52 61.48
CA ILE M 174 47.27 19.44 60.66
C ILE M 174 46.52 20.05 59.47
N LEU M 175 46.86 19.56 58.28
CA LEU M 175 46.28 20.08 57.07
C LEU M 175 45.06 19.22 56.71
N ASP M 176 45.22 17.92 56.85
CA ASP M 176 44.19 16.94 56.49
C ASP M 176 44.38 15.58 57.15
N VAL M 177 43.29 14.93 57.48
CA VAL M 177 43.31 13.54 57.90
C VAL M 177 42.35 12.76 56.99
N THR M 178 42.84 11.70 56.34
CA THR M 178 42.00 10.81 55.54
C THR M 178 42.20 9.37 55.94
N GLN M 179 41.14 8.59 55.79
CA GLN M 179 41.18 7.17 56.13
C GLN M 179 40.94 6.35 54.88
N LYS M 180 41.64 5.22 54.78
CA LYS M 180 41.39 4.27 53.69
C LYS M 180 41.43 2.83 54.22
N LYS M 181 40.52 1.99 53.74
CA LYS M 181 40.45 0.63 54.25
C LYS M 181 41.14 -0.35 53.29
N ASN M 182 41.95 -1.27 53.81
CA ASN M 182 42.62 -2.30 52.99
C ASN M 182 42.41 -3.68 53.59
N SER M 183 42.80 -4.67 52.83
CA SER M 183 42.68 -6.06 53.19
C SER M 183 43.85 -6.75 52.56
N VAL M 184 44.62 -7.44 53.39
CA VAL M 184 45.97 -7.80 53.07
C VAL M 184 46.33 -9.17 53.65
N THR M 185 47.32 -9.81 53.07
CA THR M 185 47.64 -11.17 53.39
C THR M 185 49.09 -11.20 53.86
N TYR M 186 49.46 -12.18 54.66
CA TYR M 186 50.85 -12.27 55.14
C TYR M 186 51.34 -13.68 54.92
N SER M 187 52.63 -13.85 54.65
CA SER M 187 53.21 -15.18 54.35
C SER M 187 52.98 -16.21 55.46
N CYS M 188 52.77 -15.71 56.67
CA CYS M 188 52.58 -16.54 57.84
C CYS M 188 51.26 -17.33 57.80
N CYS M 189 50.26 -16.79 57.09
CA CYS M 189 48.89 -17.26 57.27
C CYS M 189 48.09 -17.23 55.94
N PRO M 190 47.13 -18.15 55.75
CA PRO M 190 46.34 -18.24 54.50
C PRO M 190 45.26 -17.16 54.27
N GLU M 191 44.79 -16.47 55.31
CA GLU M 191 43.61 -15.57 55.16
C GLU M 191 43.93 -14.09 55.13
N ALA M 192 42.96 -13.26 54.73
CA ALA M 192 43.11 -11.80 54.69
C ALA M 192 42.81 -11.13 56.02
N TYR M 193 43.59 -10.11 56.33
CA TYR M 193 43.43 -9.31 57.57
C TYR M 193 43.09 -7.90 57.16
N GLU M 194 42.05 -7.34 57.77
CA GLU M 194 41.69 -5.96 57.47
C GLU M 194 42.48 -4.91 58.28
N ASP M 195 42.72 -3.77 57.64
CA ASP M 195 43.33 -2.65 58.31
C ASP M 195 42.70 -1.33 57.89
N VAL M 196 42.85 -0.33 58.74
CA VAL M 196 42.58 1.04 58.33
C VAL M 196 43.91 1.79 58.25
N GLU M 197 44.15 2.44 57.12
CA GLU M 197 45.27 3.36 56.96
C GLU M 197 44.84 4.80 57.19
N VAL M 198 45.47 5.43 58.19
CA VAL M 198 45.17 6.80 58.53
C VAL M 198 46.31 7.69 58.04
N SER M 199 45.99 8.62 57.13
CA SER M 199 46.98 9.47 56.52
C SER M 199 46.91 10.85 57.16
N LEU M 200 47.95 11.20 57.89
CA LEU M 200 48.02 12.46 58.60
C LEU M 200 48.88 13.41 57.77
N ASN M 201 48.23 14.39 57.14
CA ASN M 201 48.92 15.47 56.40
C ASN M 201 49.17 16.65 57.34
N PHE M 202 50.43 16.93 57.64
CA PHE M 202 50.76 17.96 58.64
C PHE M 202 52.02 18.70 58.25
N ARG M 203 52.19 19.89 58.83
CA ARG M 203 53.39 20.66 58.61
C ARG M 203 53.82 21.46 59.84
N LYS M 204 55.09 21.84 59.92
CA LYS M 204 55.57 22.75 60.98
C LYS M 204 54.80 24.04 60.81
N LYS M 205 54.39 24.67 61.89
CA LYS M 205 53.91 26.03 61.85
C LYS M 205 55.07 26.90 61.42
N GLY M 206 54.82 28.13 61.01
CA GLY M 206 55.91 29.04 60.79
C GLY M 206 56.69 29.23 62.09
N ARG M 207 58.00 29.38 62.00
CA ARG M 207 58.79 29.49 63.23
C ARG M 207 58.51 30.76 64.09
N SER M 208 57.97 31.81 63.48
CA SER M 208 57.61 33.03 64.20
C SER M 208 56.22 33.00 64.87
N GLU N 1 29.77 -30.43 68.95
CA GLU N 1 29.79 -28.93 68.75
C GLU N 1 30.25 -28.09 69.96
N PHE N 2 31.32 -27.31 69.76
CA PHE N 2 31.80 -26.29 70.69
C PHE N 2 31.75 -24.92 70.02
N ASP N 3 31.46 -23.88 70.78
CA ASP N 3 31.64 -22.54 70.26
C ASP N 3 32.97 -22.01 70.76
N ARG N 4 33.30 -20.78 70.35
CA ARG N 4 34.57 -20.19 70.73
C ARG N 4 34.73 -20.13 72.23
N ALA N 5 33.66 -19.77 72.94
CA ALA N 5 33.65 -19.66 74.39
C ALA N 5 34.04 -20.98 75.06
N ASP N 6 33.49 -22.07 74.55
CA ASP N 6 33.78 -23.42 75.04
C ASP N 6 35.23 -23.81 74.78
N ILE N 7 35.71 -23.55 73.57
CA ILE N 7 37.08 -23.92 73.23
C ILE N 7 38.06 -23.16 74.11
N LEU N 8 37.81 -21.86 74.30
CA LEU N 8 38.68 -21.03 75.12
C LEU N 8 38.64 -21.35 76.62
N TYR N 9 37.45 -21.67 77.13
CA TYR N 9 37.26 -22.11 78.49
C TYR N 9 38.06 -23.41 78.71
N ASN N 10 37.89 -24.37 77.81
CA ASN N 10 38.56 -25.65 77.96
C ASN N 10 40.08 -25.52 77.96
N ILE N 11 40.59 -24.69 77.02
CA ILE N 11 42.00 -24.38 77.00
C ILE N 11 42.41 -23.69 78.30
N ARG N 12 41.67 -22.63 78.66
CA ARG N 12 41.94 -21.89 79.86
C ARG N 12 41.92 -22.85 81.07
N GLN N 13 40.91 -23.71 81.19
CA GLN N 13 40.82 -24.58 82.35
C GLN N 13 41.88 -25.69 82.45
N THR N 14 42.45 -26.12 81.34
CA THR N 14 43.31 -27.30 81.37
C THR N 14 44.73 -26.92 81.01
N SER N 15 44.89 -25.65 80.60
CA SER N 15 46.16 -25.06 80.25
C SER N 15 47.17 -25.47 81.30
N ARG N 16 48.31 -25.98 80.83
CA ARG N 16 49.47 -26.16 81.67
C ARG N 16 50.62 -25.32 81.09
N PRO N 17 50.60 -24.02 81.35
CA PRO N 17 51.52 -23.05 80.73
C PRO N 17 53.02 -23.39 80.98
N ASP N 18 53.23 -24.07 82.11
CA ASP N 18 54.57 -24.38 82.61
C ASP N 18 55.10 -25.76 82.11
N VAL N 19 54.31 -26.46 81.29
CA VAL N 19 54.67 -27.82 80.84
C VAL N 19 54.96 -27.90 79.36
N ILE N 20 56.22 -28.16 79.03
CA ILE N 20 56.62 -28.40 77.63
C ILE N 20 55.84 -29.58 77.01
N PRO N 21 55.17 -29.36 75.87
CA PRO N 21 54.30 -30.39 75.25
C PRO N 21 55.06 -31.48 74.54
N THR N 22 55.99 -32.08 75.26
CA THR N 22 56.79 -33.16 74.76
C THR N 22 55.86 -34.36 74.50
N GLN N 23 55.93 -34.94 73.31
CA GLN N 23 55.17 -36.16 72.98
C GLN N 23 56.16 -37.27 72.68
N ARG N 24 55.83 -38.50 73.09
CA ARG N 24 56.55 -39.69 72.60
C ARG N 24 58.08 -39.60 72.70
N ASP N 25 58.56 -39.04 73.82
CA ASP N 25 60.00 -38.70 74.07
C ASP N 25 60.80 -37.96 72.97
N ARG N 26 60.07 -37.30 72.07
CA ARG N 26 60.65 -36.48 71.02
C ARG N 26 60.77 -35.03 71.51
N PRO N 27 61.75 -34.30 70.98
CA PRO N 27 61.83 -32.85 71.23
C PRO N 27 60.61 -32.14 70.60
N VAL N 28 60.19 -31.03 71.18
CA VAL N 28 59.20 -30.16 70.55
C VAL N 28 59.89 -29.43 69.41
N ALA N 29 59.43 -29.68 68.19
CA ALA N 29 59.94 -28.97 67.03
C ALA N 29 59.36 -27.56 66.95
N VAL N 30 60.22 -26.58 67.12
CA VAL N 30 59.87 -25.17 67.02
C VAL N 30 60.46 -24.58 65.72
N SER N 31 59.67 -23.77 65.06
CA SER N 31 60.14 -23.10 63.85
C SER N 31 60.16 -21.63 64.14
N VAL N 32 61.25 -20.98 63.77
CA VAL N 32 61.40 -19.57 64.01
C VAL N 32 61.85 -18.90 62.76
N SER N 33 61.36 -17.69 62.57
CA SER N 33 61.71 -16.93 61.40
C SER N 33 61.48 -15.50 61.83
N LEU N 34 62.41 -14.62 61.46
CA LEU N 34 62.31 -13.19 61.79
C LEU N 34 61.97 -12.46 60.53
N LYS N 35 60.88 -11.69 60.57
CA LYS N 35 60.50 -10.84 59.44
C LYS N 35 60.85 -9.43 59.85
N PHE N 36 61.89 -8.90 59.23
CA PHE N 36 62.36 -7.57 59.57
C PHE N 36 61.45 -6.46 59.04
N ILE N 37 61.08 -5.56 59.95
CA ILE N 37 60.18 -4.47 59.62
C ILE N 37 60.93 -3.15 59.51
N ASN N 38 61.88 -2.94 60.42
CA ASN N 38 62.61 -1.69 60.45
C ASN N 38 63.96 -1.83 61.12
N ILE N 39 64.91 -1.02 60.66
CA ILE N 39 66.20 -0.89 61.34
C ILE N 39 66.28 0.56 61.79
N LEU N 40 66.22 0.80 63.09
CA LEU N 40 65.98 2.16 63.58
C LEU N 40 67.27 2.93 63.90
N GLU N 41 68.28 2.18 64.28
CA GLU N 41 69.52 2.81 64.67
C GLU N 41 70.64 1.81 64.44
N VAL N 42 71.75 2.33 63.96
CA VAL N 42 72.94 1.53 63.72
C VAL N 42 74.14 2.35 64.24
N ASN N 43 75.09 1.67 64.85
CA ASN N 43 76.27 2.35 65.35
C ASN N 43 77.48 1.52 64.95
N GLU N 44 78.23 2.06 64.01
CA GLU N 44 79.39 1.35 63.48
C GLU N 44 80.60 1.39 64.42
N ILE N 45 80.63 2.36 65.33
CA ILE N 45 81.66 2.40 66.38
C ILE N 45 81.41 1.31 67.44
N THR N 46 80.20 1.23 67.97
CA THR N 46 79.89 0.30 69.06
C THR N 46 79.48 -1.07 68.58
N ASN N 47 79.22 -1.21 67.27
CA ASN N 47 78.70 -2.46 66.69
C ASN N 47 77.35 -2.88 67.29
N GLU N 48 76.41 -1.93 67.32
CA GLU N 48 75.10 -2.16 67.93
C GLU N 48 74.05 -1.74 66.91
N VAL N 49 72.93 -2.47 66.87
CA VAL N 49 71.80 -2.16 66.02
C VAL N 49 70.51 -2.29 66.81
N ASP N 50 69.55 -1.43 66.47
CA ASP N 50 68.22 -1.39 67.08
C ASP N 50 67.24 -1.77 65.93
N VAL N 51 66.47 -2.85 66.12
CA VAL N 51 65.69 -3.45 65.03
C VAL N 51 64.26 -3.77 65.49
N VAL N 52 63.31 -3.67 64.55
CA VAL N 52 61.95 -4.16 64.73
C VAL N 52 61.67 -5.30 63.76
N PHE N 53 61.26 -6.44 64.30
CA PHE N 53 61.01 -7.66 63.54
C PHE N 53 59.76 -8.32 64.10
N TRP N 54 59.10 -9.12 63.26
CA TRP N 54 58.06 -10.06 63.67
C TRP N 54 58.71 -11.41 63.85
N GLN N 55 58.63 -11.97 65.04
CA GLN N 55 59.24 -13.25 65.35
C GLN N 55 58.23 -14.36 65.14
N GLN N 56 58.09 -14.83 63.89
CA GLN N 56 57.14 -15.87 63.58
C GLN N 56 57.58 -17.17 64.25
N THR N 57 56.77 -17.66 65.18
CA THR N 57 57.12 -18.85 65.97
C THR N 57 56.01 -19.86 65.98
N THR N 58 56.37 -21.10 65.76
CA THR N 58 55.42 -22.11 65.39
C THR N 58 55.81 -23.39 66.11
N TRP N 59 54.81 -24.12 66.60
CA TRP N 59 55.03 -25.42 67.22
C TRP N 59 53.70 -26.12 67.42
N SER N 60 53.80 -27.37 67.85
CA SER N 60 52.61 -28.17 68.06
C SER N 60 52.42 -28.52 69.54
N ASP N 61 51.18 -28.42 70.01
CA ASP N 61 50.85 -28.81 71.39
C ASP N 61 49.54 -29.57 71.36
N ARG N 62 49.65 -30.88 71.43
CA ARG N 62 48.54 -31.80 71.25
C ARG N 62 47.53 -31.81 72.40
N THR N 63 47.94 -31.27 73.56
CA THR N 63 47.03 -31.10 74.68
C THR N 63 46.00 -30.01 74.42
N LEU N 64 46.24 -29.14 73.42
CA LEU N 64 45.34 -28.04 73.09
C LEU N 64 44.24 -28.47 72.12
N ALA N 65 44.45 -29.60 71.45
CA ALA N 65 43.60 -30.06 70.35
C ALA N 65 42.15 -30.29 70.75
N TRP N 66 41.24 -29.99 69.84
CA TRP N 66 39.83 -30.30 70.05
C TRP N 66 39.24 -30.81 68.74
N ASN N 67 38.14 -31.55 68.84
CA ASN N 67 37.38 -32.02 67.68
C ASN N 67 36.64 -30.87 66.99
N SER N 68 37.21 -30.40 65.87
CA SER N 68 36.62 -29.30 65.10
C SER N 68 35.78 -29.74 63.88
N SER N 69 35.26 -30.96 63.90
CA SER N 69 34.39 -31.42 62.82
C SER N 69 33.17 -30.49 62.64
N HIS N 70 32.62 -30.01 63.75
CA HIS N 70 31.45 -29.14 63.75
C HIS N 70 31.61 -27.85 64.60
N SER N 71 32.84 -27.36 64.76
CA SER N 71 33.20 -26.21 65.60
C SER N 71 34.20 -25.33 64.87
N PRO N 72 34.38 -24.08 65.31
CA PRO N 72 35.47 -23.24 64.79
C PRO N 72 36.78 -24.02 64.88
N ASP N 73 37.65 -23.90 63.88
CA ASP N 73 38.86 -24.69 63.94
C ASP N 73 40.11 -23.94 64.38
N GLN N 74 39.97 -22.64 64.65
CA GLN N 74 41.07 -21.78 65.16
C GLN N 74 40.54 -20.76 66.17
N VAL N 75 41.36 -20.42 67.15
CA VAL N 75 41.04 -19.36 68.08
C VAL N 75 42.31 -18.57 68.44
N SER N 76 42.13 -17.31 68.86
CA SER N 76 43.21 -16.52 69.45
C SER N 76 43.23 -16.73 70.98
N VAL N 77 44.41 -16.99 71.53
CA VAL N 77 44.58 -17.30 72.96
C VAL N 77 45.68 -16.44 73.63
N PRO N 78 45.41 -15.86 74.80
CA PRO N 78 46.48 -15.15 75.53
C PRO N 78 47.63 -16.11 75.79
N ILE N 79 48.86 -15.68 75.55
CA ILE N 79 50.00 -16.59 75.72
C ILE N 79 50.16 -17.01 77.17
N SER N 80 49.58 -16.22 78.10
CA SER N 80 49.58 -16.64 79.49
C SER N 80 48.84 -17.95 79.73
N SER N 81 47.97 -18.33 78.79
CA SER N 81 47.22 -19.59 78.90
C SER N 81 47.86 -20.75 78.12
N LEU N 82 49.01 -20.52 77.52
CA LEU N 82 49.67 -21.51 76.70
C LEU N 82 51.09 -21.72 77.14
N TRP N 83 51.62 -22.92 76.92
CA TRP N 83 53.09 -23.05 76.98
C TRP N 83 53.64 -22.39 75.71
N VAL N 84 54.74 -21.65 75.86
CA VAL N 84 55.42 -20.94 74.80
C VAL N 84 56.92 -21.23 74.92
N PRO N 85 57.61 -21.49 73.81
CA PRO N 85 59.03 -21.84 73.91
C PRO N 85 59.83 -20.68 74.53
N ASP N 86 60.78 -21.03 75.39
CA ASP N 86 61.56 -20.04 76.13
C ASP N 86 62.74 -19.51 75.28
N LEU N 87 62.43 -18.90 74.13
CA LEU N 87 63.44 -18.47 73.16
C LEU N 87 64.08 -17.18 73.62
N ALA N 88 65.37 -17.07 73.40
CA ALA N 88 66.08 -15.84 73.67
C ALA N 88 67.08 -15.56 72.56
N ALA N 89 67.29 -14.29 72.25
CA ALA N 89 68.38 -13.88 71.36
C ALA N 89 69.70 -13.74 72.15
N TYR N 90 70.71 -14.57 71.82
CA TYR N 90 71.95 -14.63 72.62
C TYR N 90 72.81 -13.38 72.57
N ASN N 91 72.68 -12.60 71.51
CA ASN N 91 73.43 -11.37 71.37
C ASN N 91 72.62 -10.11 71.59
N ALA N 92 71.43 -10.25 72.16
CA ALA N 92 70.58 -9.13 72.52
C ALA N 92 71.18 -8.38 73.69
N ILE N 93 71.04 -7.06 73.64
CA ILE N 93 71.63 -6.20 74.68
C ILE N 93 70.55 -5.34 75.33
N SER N 94 69.32 -5.60 74.97
CA SER N 94 68.17 -4.99 75.62
C SER N 94 67.12 -6.07 75.77
N LYS N 95 66.17 -5.84 76.69
CA LYS N 95 65.08 -6.80 76.84
C LYS N 95 64.12 -6.62 75.67
N PRO N 96 63.49 -7.70 75.24
CA PRO N 96 62.69 -7.62 74.03
C PRO N 96 61.51 -6.74 74.41
N GLU N 97 61.24 -5.70 73.61
CA GLU N 97 60.06 -4.89 73.77
C GLU N 97 58.97 -5.41 72.78
N VAL N 98 57.90 -6.02 73.32
CA VAL N 98 56.82 -6.58 72.51
C VAL N 98 55.85 -5.46 72.18
N LEU N 99 55.63 -5.23 70.89
CA LEU N 99 54.82 -4.09 70.46
C LEU N 99 53.36 -4.40 70.24
N THR N 100 53.00 -5.69 70.19
CA THR N 100 51.66 -6.12 69.76
C THR N 100 50.92 -6.86 70.88
N PRO N 101 49.59 -7.04 70.74
CA PRO N 101 48.82 -7.88 71.67
C PRO N 101 49.43 -9.27 71.81
N GLN N 102 49.52 -9.76 73.06
CA GLN N 102 50.21 -11.04 73.27
C GLN N 102 49.24 -12.22 73.13
N LEU N 103 48.80 -12.46 71.88
CA LEU N 103 47.88 -13.54 71.62
C LEU N 103 48.49 -14.46 70.61
N ALA N 104 48.20 -15.76 70.75
CA ALA N 104 48.69 -16.77 69.81
C ALA N 104 47.48 -17.29 69.09
N ARG N 105 47.69 -17.75 67.87
CA ARG N 105 46.66 -18.40 67.13
C ARG N 105 46.82 -19.91 67.32
N VAL N 106 45.75 -20.58 67.75
CA VAL N 106 45.79 -22.02 68.04
C VAL N 106 44.77 -22.73 67.14
N VAL N 107 45.24 -23.72 66.37
CA VAL N 107 44.43 -24.49 65.43
C VAL N 107 43.95 -25.75 66.14
N SER N 108 42.80 -26.29 65.75
CA SER N 108 42.20 -27.43 66.45
C SER N 108 43.07 -28.68 66.57
N ASP N 109 44.08 -28.83 65.71
CA ASP N 109 44.97 -29.98 65.78
C ASP N 109 46.15 -29.73 66.72
N GLY N 110 46.19 -28.54 67.34
CA GLY N 110 47.20 -28.24 68.31
C GLY N 110 48.39 -27.44 67.79
N GLU N 111 48.35 -27.05 66.53
CA GLU N 111 49.35 -26.17 65.96
C GLU N 111 49.18 -24.76 66.52
N VAL N 112 50.29 -24.17 66.95
CA VAL N 112 50.28 -22.81 67.46
C VAL N 112 51.13 -21.89 66.60
N LEU N 113 50.68 -20.67 66.40
CA LEU N 113 51.46 -19.61 65.81
C LEU N 113 51.46 -18.44 66.78
N TYR N 114 52.65 -18.04 67.17
CA TYR N 114 52.79 -16.85 67.97
C TYR N 114 53.77 -15.94 67.22
N MET N 115 53.35 -14.71 66.91
CA MET N 115 54.11 -13.85 66.03
C MET N 115 54.08 -12.41 66.54
N PRO N 116 54.76 -12.17 67.66
CA PRO N 116 54.84 -10.81 68.24
C PRO N 116 55.76 -9.88 67.40
N SER N 117 55.41 -8.59 67.32
CA SER N 117 56.34 -7.62 66.77
C SER N 117 57.28 -7.21 67.94
N ILE N 118 58.58 -7.28 67.70
CA ILE N 118 59.55 -7.07 68.78
C ILE N 118 60.50 -5.96 68.40
N ARG N 119 60.72 -5.03 69.33
CA ARG N 119 61.80 -4.09 69.18
C ARG N 119 62.93 -4.43 70.14
N GLN N 120 64.13 -4.63 69.61
CA GLN N 120 65.26 -5.09 70.44
C GLN N 120 66.57 -4.57 69.86
N ARG N 121 67.57 -4.39 70.73
CA ARG N 121 68.92 -3.95 70.36
C ARG N 121 69.88 -5.11 70.42
N PHE N 122 70.83 -5.17 69.49
CA PHE N 122 71.71 -6.32 69.38
C PHE N 122 73.14 -5.84 69.21
N SER N 123 74.06 -6.69 69.63
CA SER N 123 75.49 -6.54 69.42
C SER N 123 75.84 -7.43 68.23
N CYS N 124 76.37 -6.83 67.18
CA CYS N 124 76.71 -7.58 65.98
C CYS N 124 77.55 -6.75 65.03
N ASP N 125 78.04 -7.39 63.97
CA ASP N 125 78.93 -6.75 63.02
C ASP N 125 78.24 -5.68 62.17
N VAL N 126 78.51 -4.41 62.46
CA VAL N 126 77.90 -3.30 61.73
C VAL N 126 78.89 -2.76 60.65
N SER N 127 80.08 -3.33 60.60
CA SER N 127 81.07 -2.87 59.63
C SER N 127 80.62 -3.05 58.18
N GLY N 128 80.89 -2.05 57.36
CA GLY N 128 80.44 -2.06 55.97
C GLY N 128 79.01 -1.61 55.71
N VAL N 129 78.31 -1.13 56.74
CA VAL N 129 76.92 -0.71 56.57
C VAL N 129 76.79 0.35 55.45
N ASP N 130 77.91 1.02 55.20
CA ASP N 130 78.00 2.13 54.29
C ASP N 130 78.43 1.75 52.85
N THR N 131 78.48 0.46 52.54
CA THR N 131 78.94 0.04 51.23
C THR N 131 77.83 -0.60 50.38
N GLU N 132 78.19 -0.91 49.15
CA GLU N 132 77.37 -1.69 48.23
C GLU N 132 77.23 -3.10 48.77
N SER N 133 78.27 -3.56 49.45
CA SER N 133 78.23 -4.91 50.00
C SER N 133 77.40 -4.96 51.29
N GLY N 134 77.35 -3.84 52.00
CA GLY N 134 76.57 -3.74 53.23
C GLY N 134 77.18 -4.46 54.44
N ALA N 135 76.50 -4.35 55.59
CA ALA N 135 76.89 -5.06 56.79
C ALA N 135 76.15 -6.37 56.87
N THR N 136 76.69 -7.33 57.62
CA THR N 136 75.95 -8.56 57.97
C THR N 136 75.90 -8.73 59.48
N CYS N 137 74.70 -8.53 60.03
CA CYS N 137 74.44 -8.68 61.46
C CYS N 137 73.80 -10.04 61.69
N ARG N 138 74.44 -10.85 62.53
CA ARG N 138 73.94 -12.18 62.83
C ARG N 138 73.19 -12.18 64.16
N ILE N 139 71.92 -12.63 64.15
CA ILE N 139 71.15 -12.78 65.37
C ILE N 139 70.95 -14.26 65.70
N LYS N 140 71.37 -14.64 66.91
CA LYS N 140 71.33 -16.02 67.37
C LYS N 140 70.16 -16.25 68.34
N ILE N 141 69.25 -17.14 67.95
CA ILE N 141 68.05 -17.40 68.74
C ILE N 141 67.92 -18.88 69.10
N GLY N 142 67.67 -19.17 70.37
CA GLY N 142 67.49 -20.57 70.76
C GLY N 142 66.75 -20.69 72.07
N SER N 143 66.33 -21.90 72.44
CA SER N 143 65.75 -22.06 73.76
C SER N 143 66.83 -21.73 74.82
N TRP N 144 66.49 -20.90 75.79
CA TRP N 144 67.41 -20.62 76.92
C TRP N 144 67.72 -21.84 77.80
N THR N 145 66.71 -22.66 78.12
CA THR N 145 66.88 -23.71 79.14
C THR N 145 66.51 -25.13 78.70
N HIS N 146 66.08 -25.30 77.43
CA HIS N 146 65.77 -26.65 76.93
C HIS N 146 66.82 -27.12 75.92
N HIS N 147 67.47 -28.24 76.21
CA HIS N 147 68.49 -28.80 75.31
C HIS N 147 67.84 -29.52 74.11
N SER N 148 68.68 -30.10 73.24
CA SER N 148 68.20 -30.58 71.93
C SER N 148 67.23 -31.77 72.00
N ARG N 149 67.21 -32.50 73.10
CA ARG N 149 66.24 -33.58 73.23
C ARG N 149 64.87 -33.07 73.66
N GLU N 150 64.78 -31.80 74.01
CA GLU N 150 63.53 -31.23 74.47
C GLU N 150 62.98 -30.21 73.47
N ILE N 151 63.85 -29.36 72.93
CA ILE N 151 63.40 -28.37 71.95
C ILE N 151 64.41 -28.35 70.80
N SER N 152 63.93 -28.57 69.57
CA SER N 152 64.72 -28.30 68.37
C SER N 152 64.21 -27.03 67.75
N VAL N 153 65.12 -26.26 67.16
CA VAL N 153 64.75 -25.05 66.48
C VAL N 153 65.14 -25.16 65.01
N ASP N 154 64.13 -24.98 64.15
CA ASP N 154 64.34 -24.99 62.71
C ASP N 154 63.90 -23.62 62.19
N PRO N 155 64.51 -23.13 61.11
CA PRO N 155 63.95 -21.98 60.38
C PRO N 155 62.61 -22.37 59.75
N THR N 156 61.61 -21.49 59.84
CA THR N 156 60.27 -21.65 59.20
C THR N 156 60.16 -22.63 58.02
N THR N 157 59.19 -23.56 58.15
CA THR N 157 58.97 -24.72 57.23
C THR N 157 59.12 -24.39 55.74
N GLU N 158 58.60 -23.22 55.33
CA GLU N 158 58.96 -22.64 54.04
C GLU N 158 59.69 -21.30 54.27
N ASN N 159 60.95 -21.25 53.84
CA ASN N 159 61.86 -20.14 54.11
C ASN N 159 61.75 -19.01 53.07
N SER N 160 61.38 -17.80 53.52
CA SER N 160 60.88 -16.75 52.60
C SER N 160 61.73 -15.47 52.36
N ASP N 161 61.20 -14.59 51.51
CA ASP N 161 61.96 -13.59 50.72
C ASP N 161 62.48 -12.28 51.37
N ASP N 162 63.47 -12.41 52.27
CA ASP N 162 64.17 -11.27 52.91
C ASP N 162 63.37 -9.95 53.15
N SER N 163 63.40 -9.04 52.16
CA SER N 163 62.67 -7.77 52.22
C SER N 163 61.24 -7.96 51.74
N GLU N 164 60.29 -7.87 52.69
CA GLU N 164 58.87 -8.14 52.38
C GLU N 164 57.82 -7.25 53.06
N TYR N 165 57.96 -7.09 54.37
CA TYR N 165 57.20 -6.07 55.09
C TYR N 165 58.14 -4.99 55.57
N PHE N 166 59.39 -5.04 55.10
CA PHE N 166 60.36 -4.04 55.52
C PHE N 166 59.86 -2.67 55.11
N SER N 167 59.93 -1.74 56.05
CA SER N 167 59.50 -0.35 55.80
C SER N 167 60.24 0.33 54.65
N GLN N 168 59.49 0.92 53.71
CA GLN N 168 60.09 1.66 52.58
C GLN N 168 60.60 3.02 53.04
N TYR N 169 60.36 3.36 54.30
CA TYR N 169 60.72 4.67 54.83
C TYR N 169 61.96 4.60 55.70
N SER N 170 62.43 3.40 55.95
CA SER N 170 63.69 3.19 56.62
C SER N 170 64.86 3.86 55.88
N ARG N 171 65.90 4.18 56.64
CA ARG N 171 67.10 4.77 56.08
C ARG N 171 67.97 3.68 55.46
N PHE N 172 67.65 2.45 55.84
CA PHE N 172 68.38 1.26 55.43
C PHE N 172 67.56 0.39 54.49
N GLU N 173 68.24 -0.43 53.69
CA GLU N 173 67.58 -1.43 52.86
C GLU N 173 68.17 -2.80 53.18
N ILE N 174 67.37 -3.84 52.98
CA ILE N 174 67.82 -5.21 53.19
C ILE N 174 68.25 -5.84 51.89
N LEU N 175 69.47 -6.38 51.87
CA LEU N 175 70.01 -7.00 50.69
C LEU N 175 69.67 -8.48 50.69
N ASP N 176 69.76 -9.10 51.86
CA ASP N 176 69.57 -10.53 51.98
C ASP N 176 69.36 -10.93 53.44
N VAL N 177 68.55 -11.96 53.64
CA VAL N 177 68.38 -12.62 54.93
C VAL N 177 68.59 -14.13 54.74
N THR N 178 69.58 -14.70 55.43
CA THR N 178 69.78 -16.15 55.45
C THR N 178 69.73 -16.67 56.88
N GLN N 179 69.34 -17.94 57.05
CA GLN N 179 69.44 -18.54 58.36
C GLN N 179 70.14 -19.87 58.37
N LYS N 180 70.92 -20.06 59.43
CA LYS N 180 71.73 -21.26 59.61
C LYS N 180 71.25 -21.90 60.92
N LYS N 181 71.35 -23.21 61.02
CA LYS N 181 70.96 -23.86 62.24
C LYS N 181 72.19 -24.50 62.91
N ASN N 182 72.34 -24.28 64.22
CA ASN N 182 73.48 -24.79 64.99
C ASN N 182 73.10 -25.55 66.26
N SER N 183 74.05 -26.30 66.80
CA SER N 183 73.89 -27.04 68.06
C SER N 183 75.11 -26.78 68.96
N VAL N 184 74.92 -25.98 70.02
CA VAL N 184 76.04 -25.54 70.86
C VAL N 184 76.01 -26.15 72.27
N THR N 185 77.19 -26.48 72.75
CA THR N 185 77.38 -26.95 74.13
C THR N 185 77.99 -25.80 74.94
N TYR N 186 77.48 -25.60 76.16
CA TYR N 186 77.95 -24.54 77.05
C TYR N 186 78.65 -25.13 78.28
N SER N 187 79.49 -24.31 78.94
CA SER N 187 80.23 -24.70 80.16
C SER N 187 79.34 -25.14 81.30
N CYS N 188 78.24 -24.41 81.47
CA CYS N 188 77.26 -24.66 82.53
C CYS N 188 76.73 -26.09 82.53
N CYS N 189 76.34 -26.56 81.34
CA CYS N 189 75.49 -27.75 81.19
C CYS N 189 76.07 -28.83 80.26
N PRO N 190 75.84 -30.11 80.56
CA PRO N 190 76.39 -31.20 79.75
C PRO N 190 75.78 -31.37 78.35
N GLU N 191 74.65 -30.74 78.06
CA GLU N 191 73.86 -31.03 76.85
C GLU N 191 74.01 -30.00 75.71
N ALA N 192 73.72 -30.41 74.48
CA ALA N 192 73.73 -29.49 73.33
C ALA N 192 72.42 -28.72 73.25
N TYR N 193 72.51 -27.44 72.90
CA TYR N 193 71.33 -26.56 72.75
C TYR N 193 71.25 -26.03 71.31
N GLU N 194 70.06 -26.09 70.74
CA GLU N 194 69.91 -25.70 69.36
C GLU N 194 69.63 -24.22 69.20
N ASP N 195 70.16 -23.63 68.13
CA ASP N 195 69.88 -22.24 67.83
C ASP N 195 69.70 -22.03 66.34
N VAL N 196 69.03 -20.96 65.99
CA VAL N 196 69.02 -20.51 64.60
C VAL N 196 69.80 -19.19 64.54
N GLU N 197 70.73 -19.07 63.63
CA GLU N 197 71.42 -17.82 63.38
C GLU N 197 70.77 -17.18 62.15
N VAL N 198 70.27 -15.97 62.34
CA VAL N 198 69.67 -15.20 61.25
C VAL N 198 70.62 -14.06 60.83
N SER N 199 71.11 -14.13 59.61
CA SER N 199 72.07 -13.16 59.08
C SER N 199 71.34 -12.13 58.23
N LEU N 200 71.32 -10.91 58.75
CA LEU N 200 70.68 -9.81 58.08
C LEU N 200 71.76 -9.01 57.34
N ASN N 201 71.72 -9.05 56.00
CA ASN N 201 72.63 -8.28 55.16
C ASN N 201 71.88 -7.00 54.77
N PHE N 202 72.40 -5.86 55.21
CA PHE N 202 71.71 -4.60 54.99
C PHE N 202 72.70 -3.48 54.79
N ARG N 203 72.21 -2.33 54.34
CA ARG N 203 73.06 -1.19 54.12
C ARG N 203 72.26 0.09 54.27
N LYS N 204 72.98 1.19 54.41
CA LYS N 204 72.41 2.52 54.39
C LYS N 204 72.05 2.90 52.96
N LYS N 205 70.85 3.44 52.77
CA LYS N 205 70.51 3.95 51.45
C LYS N 205 71.24 5.24 51.19
N GLY N 206 71.77 5.37 49.98
CA GLY N 206 72.34 6.63 49.58
C GLY N 206 71.16 7.56 49.36
N ARG N 207 71.41 8.88 49.48
CA ARG N 207 70.36 9.85 49.27
C ARG N 207 69.81 9.67 47.83
N SER N 208 68.77 8.84 47.73
CA SER N 208 68.08 8.44 46.48
C SER N 208 66.85 7.51 46.71
N GLU O 1 56.63 -43.35 88.62
CA GLU O 1 56.20 -43.10 87.19
C GLU O 1 55.64 -41.69 86.90
N PHE O 2 56.48 -40.66 87.00
CA PHE O 2 56.01 -39.29 86.80
C PHE O 2 56.36 -38.83 85.41
N ASP O 3 55.46 -38.06 84.79
CA ASP O 3 55.83 -37.31 83.61
C ASP O 3 56.13 -35.86 83.99
N ARG O 4 56.53 -35.05 83.00
CA ARG O 4 56.91 -33.68 83.26
C ARG O 4 55.80 -32.93 83.96
N ALA O 5 54.58 -33.13 83.47
CA ALA O 5 53.42 -32.46 84.04
C ALA O 5 53.30 -32.74 85.55
N ASP O 6 53.46 -33.99 85.95
CA ASP O 6 53.34 -34.40 87.35
C ASP O 6 54.43 -33.75 88.19
N ILE O 7 55.67 -33.72 87.67
CA ILE O 7 56.83 -33.17 88.38
C ILE O 7 56.58 -31.71 88.64
N LEU O 8 56.11 -31.01 87.61
CA LEU O 8 55.91 -29.57 87.68
C LEU O 8 54.73 -29.21 88.54
N TYR O 9 53.66 -29.99 88.44
CA TYR O 9 52.53 -29.88 89.36
C TYR O 9 52.97 -30.01 90.82
N ASN O 10 53.68 -31.10 91.13
CA ASN O 10 54.12 -31.35 92.48
C ASN O 10 55.01 -30.22 92.98
N ILE O 11 55.90 -29.74 92.11
CA ILE O 11 56.75 -28.60 92.48
C ILE O 11 55.91 -27.34 92.78
N ARG O 12 55.01 -27.01 91.86
CA ARG O 12 54.13 -25.85 92.02
C ARG O 12 53.23 -25.92 93.28
N GLN O 13 52.62 -27.09 93.51
CA GLN O 13 51.64 -27.24 94.58
C GLN O 13 52.29 -27.18 95.96
N THR O 14 53.57 -27.55 96.06
CA THR O 14 54.25 -27.67 97.36
C THR O 14 55.41 -26.68 97.38
N SER O 15 55.32 -25.68 96.49
CA SER O 15 56.38 -24.67 96.30
C SER O 15 56.39 -23.77 97.50
N ARG O 16 57.50 -23.81 98.24
CA ARG O 16 57.66 -22.88 99.33
C ARG O 16 58.78 -21.92 98.94
N PRO O 17 58.46 -20.97 98.06
CA PRO O 17 59.48 -20.10 97.46
C PRO O 17 60.07 -19.06 98.41
N ASP O 18 59.44 -18.91 99.56
CA ASP O 18 59.84 -17.91 100.51
C ASP O 18 60.72 -18.54 101.57
N VAL O 19 60.92 -19.84 101.46
CA VAL O 19 61.60 -20.58 102.54
C VAL O 19 62.97 -21.01 102.06
N ILE O 20 64.00 -20.47 102.69
CA ILE O 20 65.37 -20.84 102.35
C ILE O 20 65.57 -22.33 102.66
N PRO O 21 66.03 -23.12 101.68
CA PRO O 21 66.14 -24.58 101.82
C PRO O 21 67.33 -25.01 102.67
N THR O 22 67.37 -24.46 103.86
CA THR O 22 68.37 -24.78 104.85
C THR O 22 68.23 -26.24 105.27
N GLN O 23 69.34 -26.97 105.15
CA GLN O 23 69.38 -28.43 105.33
C GLN O 23 70.20 -28.79 106.57
N ARG O 24 69.51 -29.20 107.65
CA ARG O 24 70.19 -29.67 108.89
C ARG O 24 71.00 -28.58 109.61
N ASP O 25 70.47 -27.35 109.60
CA ASP O 25 71.07 -26.21 110.32
C ASP O 25 72.39 -25.71 109.63
N ARG O 26 72.50 -25.95 108.33
CA ARG O 26 73.72 -25.58 107.59
C ARG O 26 73.42 -24.53 106.52
N PRO O 27 74.38 -23.65 106.21
CA PRO O 27 74.12 -22.63 105.21
C PRO O 27 73.85 -23.29 103.84
N VAL O 28 72.95 -22.70 103.08
CA VAL O 28 72.75 -23.06 101.68
C VAL O 28 73.97 -22.58 100.91
N ALA O 29 74.71 -23.52 100.33
CA ALA O 29 75.93 -23.21 99.58
C ALA O 29 75.53 -22.78 98.16
N VAL O 30 75.70 -21.50 97.85
CA VAL O 30 75.35 -20.97 96.55
C VAL O 30 76.63 -20.71 95.76
N SER O 31 76.65 -21.13 94.48
CA SER O 31 77.78 -20.87 93.60
C SER O 31 77.35 -19.85 92.57
N VAL O 32 78.22 -18.86 92.37
CA VAL O 32 77.98 -17.76 91.45
C VAL O 32 79.20 -17.58 90.59
N SER O 33 78.93 -17.23 89.34
CA SER O 33 79.94 -17.07 88.32
C SER O 33 79.32 -16.17 87.28
N LEU O 34 80.04 -15.14 86.86
CA LEU O 34 79.53 -14.21 85.86
C LEU O 34 80.20 -14.53 84.54
N LYS O 35 79.42 -14.79 83.49
CA LYS O 35 80.00 -14.98 82.17
C LYS O 35 79.73 -13.73 81.37
N PHE O 36 80.78 -12.94 81.17
CA PHE O 36 80.60 -11.65 80.50
C PHE O 36 80.34 -11.83 79.01
N ILE O 37 79.34 -11.11 78.52
CA ILE O 37 78.94 -11.21 77.12
C ILE O 37 79.28 -9.94 76.36
N ASN O 38 79.06 -8.81 77.01
CA ASN O 38 79.28 -7.51 76.40
C ASN O 38 79.51 -6.41 77.40
N ILE O 39 80.28 -5.42 76.97
CA ILE O 39 80.51 -4.21 77.73
C ILE O 39 80.07 -3.11 76.80
N LEU O 40 79.00 -2.42 77.19
CA LEU O 40 78.23 -1.59 76.27
C LEU O 40 78.58 -0.14 76.33
N GLU O 41 79.00 0.29 77.50
CA GLU O 41 79.36 1.68 77.72
C GLU O 41 80.28 1.74 78.93
N VAL O 42 81.26 2.62 78.83
CA VAL O 42 82.28 2.78 79.83
C VAL O 42 82.50 4.29 79.90
N ASN O 43 82.62 4.81 81.11
CA ASN O 43 82.87 6.24 81.30
C ASN O 43 84.00 6.43 82.30
N GLU O 44 85.15 6.84 81.79
CA GLU O 44 86.33 6.98 82.62
C GLU O 44 86.24 8.17 83.59
N ILE O 45 85.43 9.17 83.23
CA ILE O 45 85.22 10.34 84.09
C ILE O 45 84.36 9.97 85.31
N THR O 46 83.23 9.30 85.07
CA THR O 46 82.29 8.98 86.15
C THR O 46 82.57 7.65 86.84
N ASN O 47 83.49 6.86 86.28
CA ASN O 47 83.80 5.50 86.76
C ASN O 47 82.57 4.61 86.77
N GLU O 48 81.92 4.53 85.62
CA GLU O 48 80.69 3.76 85.48
C GLU O 48 80.79 2.88 84.25
N VAL O 49 80.25 1.66 84.36
CA VAL O 49 80.25 0.70 83.25
C VAL O 49 78.88 0.04 83.09
N ASP O 50 78.49 -0.21 81.84
CA ASP O 50 77.21 -0.84 81.51
C ASP O 50 77.57 -2.21 80.91
N VAL O 51 77.11 -3.30 81.53
CA VAL O 51 77.62 -4.63 81.18
C VAL O 51 76.46 -5.60 80.97
N VAL O 52 76.66 -6.59 80.09
CA VAL O 52 75.77 -7.73 79.99
C VAL O 52 76.52 -9.00 80.33
N PHE O 53 75.94 -9.79 81.23
CA PHE O 53 76.55 -11.01 81.72
C PHE O 53 75.50 -12.09 82.01
N TRP O 54 75.88 -13.35 81.83
CA TRP O 54 75.07 -14.46 82.32
C TRP O 54 75.48 -14.76 83.79
N GLN O 55 74.52 -14.66 84.70
CA GLN O 55 74.81 -14.88 86.12
C GLN O 55 74.50 -16.32 86.50
N GLN O 56 75.49 -17.19 86.27
CA GLN O 56 75.35 -18.61 86.55
C GLN O 56 75.27 -18.85 88.05
N THR O 57 74.09 -19.28 88.50
CA THR O 57 73.79 -19.44 89.90
C THR O 57 73.28 -20.84 90.18
N THR O 58 73.89 -21.46 91.17
CA THR O 58 73.73 -22.87 91.44
C THR O 58 73.56 -23.07 92.94
N TRP O 59 72.60 -23.92 93.31
CA TRP O 59 72.37 -24.34 94.70
C TRP O 59 71.52 -25.58 94.74
N SER O 60 71.41 -26.14 95.93
CA SER O 60 70.67 -27.34 96.15
C SER O 60 69.39 -27.10 96.99
N ASP O 61 68.27 -27.61 96.52
CA ASP O 61 67.03 -27.57 97.28
C ASP O 61 66.37 -28.93 97.29
N ARG O 62 66.53 -29.63 98.41
CA ARG O 62 66.09 -31.01 98.43
C ARG O 62 64.59 -31.21 98.55
N THR O 63 63.87 -30.15 98.92
CA THR O 63 62.42 -30.21 98.94
C THR O 63 61.87 -30.33 97.49
N LEU O 64 62.72 -30.04 96.50
CA LEU O 64 62.31 -30.17 95.09
C LEU O 64 62.52 -31.56 94.55
N ALA O 65 63.31 -32.38 95.25
CA ALA O 65 63.73 -33.69 94.76
C ALA O 65 62.58 -34.64 94.49
N TRP O 66 62.74 -35.48 93.48
CA TRP O 66 61.77 -36.53 93.18
C TRP O 66 62.53 -37.80 92.73
N ASN O 67 61.86 -38.95 92.85
CA ASN O 67 62.39 -40.21 92.39
C ASN O 67 62.29 -40.24 90.87
N SER O 68 63.43 -39.97 90.26
CA SER O 68 63.58 -40.03 88.81
C SER O 68 64.23 -41.37 88.41
N SER O 69 63.94 -42.43 89.17
CA SER O 69 64.39 -43.77 88.79
C SER O 69 63.49 -44.32 87.68
N HIS O 70 62.30 -43.74 87.52
CA HIS O 70 61.42 -44.01 86.36
C HIS O 70 60.76 -42.73 85.80
N SER O 71 61.54 -41.69 85.50
CA SER O 71 60.98 -40.38 85.11
C SER O 71 62.04 -39.45 84.53
N PRO O 72 61.63 -38.38 83.83
CA PRO O 72 62.58 -37.35 83.42
C PRO O 72 63.34 -36.88 84.66
N ASP O 73 64.63 -36.62 84.51
CA ASP O 73 65.43 -36.29 85.67
C ASP O 73 65.75 -34.80 85.80
N GLN O 74 65.22 -34.01 84.85
CA GLN O 74 65.34 -32.55 84.84
C GLN O 74 64.10 -31.89 84.24
N VAL O 75 63.72 -30.74 84.79
CA VAL O 75 62.66 -29.91 84.24
C VAL O 75 63.06 -28.42 84.30
N SER O 76 62.40 -27.60 83.49
CA SER O 76 62.49 -26.13 83.58
C SER O 76 61.32 -25.62 84.41
N VAL O 77 61.61 -24.72 85.34
CA VAL O 77 60.63 -24.29 86.34
C VAL O 77 60.69 -22.78 86.44
N PRO O 78 59.56 -22.08 86.31
CA PRO O 78 59.53 -20.61 86.46
C PRO O 78 60.11 -20.28 87.85
N ILE O 79 60.96 -19.26 87.98
CA ILE O 79 61.56 -19.00 89.30
C ILE O 79 60.53 -18.57 90.38
N SER O 80 59.34 -18.12 89.94
CA SER O 80 58.27 -17.77 90.87
C SER O 80 57.79 -19.01 91.65
N SER O 81 58.03 -20.21 91.15
CA SER O 81 57.72 -21.40 91.90
C SER O 81 58.86 -21.90 92.80
N LEU O 82 60.00 -21.23 92.80
CA LEU O 82 61.17 -21.74 93.49
C LEU O 82 61.69 -20.70 94.48
N TRP O 83 62.30 -21.16 95.57
CA TRP O 83 63.18 -20.26 96.34
C TRP O 83 64.42 -19.99 95.55
N VAL O 84 64.83 -18.75 95.54
CA VAL O 84 65.99 -18.30 94.76
C VAL O 84 66.81 -17.42 95.67
N PRO O 85 68.14 -17.52 95.66
CA PRO O 85 68.97 -16.72 96.58
C PRO O 85 68.80 -15.21 96.31
N ASP O 86 68.72 -14.41 97.37
CA ASP O 86 68.48 -12.99 97.27
C ASP O 86 69.79 -12.24 96.98
N LEU O 87 70.47 -12.64 95.89
CA LEU O 87 71.74 -12.02 95.52
C LEU O 87 71.60 -10.57 95.06
N ALA O 88 72.54 -9.72 95.49
CA ALA O 88 72.59 -8.36 94.94
C ALA O 88 74.01 -7.98 94.61
N ALA O 89 74.19 -7.12 93.61
CA ALA O 89 75.50 -6.55 93.35
C ALA O 89 75.58 -5.28 94.14
N TYR O 90 76.48 -5.23 95.11
CA TYR O 90 76.63 -4.08 96.02
C TYR O 90 77.04 -2.76 95.36
N ASN O 91 77.76 -2.82 94.23
CA ASN O 91 78.15 -1.59 93.53
C ASN O 91 77.32 -1.35 92.23
N ALA O 92 76.17 -2.02 92.13
CA ALA O 92 75.23 -1.72 91.04
C ALA O 92 74.60 -0.37 91.22
N ILE O 93 74.45 0.35 90.13
CA ILE O 93 73.80 1.66 90.18
C ILE O 93 72.54 1.67 89.31
N SER O 94 72.16 0.49 88.81
CA SER O 94 70.86 0.36 88.15
C SER O 94 70.26 -0.95 88.60
N LYS O 95 68.93 -1.08 88.52
CA LYS O 95 68.27 -2.36 88.89
C LYS O 95 68.62 -3.42 87.83
N PRO O 96 68.92 -4.68 88.22
CA PRO O 96 69.37 -5.66 87.22
C PRO O 96 68.27 -5.85 86.18
N GLU O 97 68.54 -5.66 84.89
CA GLU O 97 67.60 -5.90 83.76
C GLU O 97 67.82 -7.36 83.28
N VAL O 98 66.87 -8.23 83.57
CA VAL O 98 66.90 -9.61 83.11
C VAL O 98 66.43 -9.71 81.64
N LEU O 99 67.30 -10.18 80.75
CA LEU O 99 66.98 -10.21 79.32
C LEU O 99 66.32 -11.54 78.85
N THR O 100 66.34 -12.56 79.68
CA THR O 100 66.00 -13.91 79.27
C THR O 100 64.78 -14.44 80.01
N PRO O 101 64.15 -15.49 79.49
CA PRO O 101 63.01 -16.12 80.21
C PRO O 101 63.42 -16.55 81.65
N GLN O 102 62.59 -16.23 82.62
CA GLN O 102 62.93 -16.45 84.01
C GLN O 102 62.60 -17.88 84.46
N LEU O 103 63.36 -18.82 83.96
CA LEU O 103 63.18 -20.25 84.24
C LEU O 103 64.50 -20.80 84.77
N ALA O 104 64.39 -21.66 85.76
CA ALA O 104 65.53 -22.36 86.30
C ALA O 104 65.46 -23.82 85.86
N ARG O 105 66.62 -24.43 85.73
CA ARG O 105 66.71 -25.87 85.49
C ARG O 105 66.85 -26.63 86.81
N VAL O 106 65.93 -27.58 87.07
CA VAL O 106 65.93 -28.34 88.32
C VAL O 106 66.19 -29.81 88.03
N VAL O 107 67.21 -30.37 88.68
CA VAL O 107 67.55 -31.80 88.59
C VAL O 107 66.78 -32.61 89.66
N SER O 108 66.48 -33.88 89.37
CA SER O 108 65.70 -34.67 90.31
C SER O 108 66.31 -34.84 91.73
N ASP O 109 67.59 -34.55 91.89
CA ASP O 109 68.18 -34.63 93.22
C ASP O 109 68.05 -33.32 94.00
N GLY O 110 67.48 -32.30 93.34
CA GLY O 110 67.24 -31.00 93.94
C GLY O 110 68.22 -29.94 93.52
N GLU O 111 69.15 -30.28 92.62
CA GLU O 111 70.10 -29.27 92.17
C GLU O 111 69.38 -28.31 91.22
N VAL O 112 69.65 -27.04 91.44
CA VAL O 112 69.07 -25.98 90.66
C VAL O 112 70.16 -25.20 89.91
N LEU O 113 69.88 -24.85 88.65
CA LEU O 113 70.71 -23.92 87.90
C LEU O 113 69.80 -22.82 87.35
N TYR O 114 70.05 -21.60 87.80
CA TYR O 114 69.39 -20.41 87.29
C TYR O 114 70.47 -19.52 86.66
N MET O 115 70.34 -19.24 85.37
CA MET O 115 71.38 -18.50 84.63
C MET O 115 70.75 -17.43 83.73
N PRO O 116 70.24 -16.35 84.32
CA PRO O 116 69.66 -15.27 83.53
C PRO O 116 70.77 -14.43 82.81
N SER O 117 70.44 -13.89 81.65
CA SER O 117 71.29 -12.85 81.08
C SER O 117 70.88 -11.54 81.69
N ILE O 118 71.84 -10.79 82.23
CA ILE O 118 71.53 -9.56 82.93
C ILE O 118 72.26 -8.38 82.32
N ARG O 119 71.51 -7.30 82.07
CA ARG O 119 72.15 -6.02 81.78
C ARG O 119 72.11 -5.14 83.04
N GLN O 120 73.26 -4.64 83.46
CA GLN O 120 73.30 -3.80 84.67
C GLN O 120 74.44 -2.79 84.60
N ARG O 121 74.26 -1.66 85.24
CA ARG O 121 75.28 -0.59 85.32
C ARG O 121 75.97 -0.64 86.71
N PHE O 122 77.30 -0.46 86.74
CA PHE O 122 78.10 -0.59 87.97
C PHE O 122 79.02 0.62 88.15
N SER O 123 79.25 1.00 89.40
CA SER O 123 80.26 1.97 89.79
C SER O 123 81.50 1.18 90.11
N CYS O 124 82.59 1.46 89.40
CA CYS O 124 83.86 0.76 89.59
C CYS O 124 85.01 1.48 88.91
N ASP O 125 86.22 0.97 89.10
CA ASP O 125 87.43 1.60 88.59
C ASP O 125 87.56 1.41 87.08
N VAL O 126 87.30 2.48 86.33
CA VAL O 126 87.44 2.45 84.88
C VAL O 126 88.79 3.02 84.41
N SER O 127 89.61 3.51 85.35
CA SER O 127 90.93 4.06 84.99
C SER O 127 91.81 3.04 84.28
N GLY O 128 92.45 3.48 83.20
CA GLY O 128 93.34 2.61 82.44
C GLY O 128 92.69 1.82 81.34
N VAL O 129 91.40 2.04 81.13
CA VAL O 129 90.65 1.29 80.13
C VAL O 129 91.22 1.39 78.69
N ASP O 130 91.71 2.55 78.24
CA ASP O 130 92.37 2.59 76.94
C ASP O 130 93.89 2.54 77.05
N THR O 131 94.37 1.63 77.90
CA THR O 131 95.77 1.28 77.92
C THR O 131 95.95 -0.22 77.72
N GLU O 132 97.20 -0.61 77.53
CA GLU O 132 97.66 -1.98 77.39
C GLU O 132 97.29 -2.87 78.58
N SER O 133 97.48 -2.36 79.78
CA SER O 133 97.18 -3.11 80.99
C SER O 133 95.67 -3.13 81.32
N GLY O 134 94.95 -2.16 80.74
CA GLY O 134 93.50 -2.08 80.83
C GLY O 134 92.97 -1.60 82.17
N ALA O 135 91.64 -1.60 82.28
CA ALA O 135 90.97 -1.28 83.53
C ALA O 135 90.61 -2.57 84.31
N THR O 136 90.43 -2.43 85.62
CA THR O 136 89.94 -3.54 86.44
C THR O 136 88.72 -3.13 87.25
N CYS O 137 87.55 -3.57 86.79
CA CYS O 137 86.28 -3.29 87.42
C CYS O 137 85.95 -4.45 88.36
N ARG O 138 85.68 -4.14 89.64
CA ARG O 138 85.34 -5.18 90.60
C ARG O 138 83.85 -5.17 90.88
N ILE O 139 83.20 -6.31 90.68
CA ILE O 139 81.78 -6.42 90.98
C ILE O 139 81.57 -7.32 92.18
N LYS O 140 80.90 -6.81 93.20
CA LYS O 140 80.75 -7.56 94.45
C LYS O 140 79.31 -8.05 94.57
N ILE O 141 79.14 -9.36 94.74
CA ILE O 141 77.84 -9.99 94.80
C ILE O 141 77.70 -10.87 96.01
N GLY O 142 76.60 -10.70 96.76
CA GLY O 142 76.33 -11.56 97.90
C GLY O 142 74.86 -11.52 98.28
N SER O 143 74.45 -12.34 99.24
CA SER O 143 73.07 -12.32 99.70
C SER O 143 72.81 -10.98 100.36
N TRP O 144 71.67 -10.37 100.09
CA TRP O 144 71.34 -9.11 100.70
C TRP O 144 70.93 -9.26 102.15
N THR O 145 70.22 -10.32 102.50
CA THR O 145 69.67 -10.46 103.83
C THR O 145 70.05 -11.71 104.62
N HIS O 146 70.80 -12.61 104.02
CA HIS O 146 71.12 -13.86 104.71
C HIS O 146 72.62 -13.88 105.06
N HIS O 147 72.90 -13.99 106.34
CA HIS O 147 74.30 -13.95 106.76
C HIS O 147 74.94 -15.35 106.55
N SER O 148 76.21 -15.49 106.97
CA SER O 148 77.05 -16.61 106.63
C SER O 148 76.55 -17.96 107.15
N ARG O 149 75.68 -17.96 108.16
CA ARG O 149 75.15 -19.22 108.66
C ARG O 149 73.94 -19.71 107.87
N GLU O 150 73.45 -18.89 106.94
CA GLU O 150 72.25 -19.18 106.13
C GLU O 150 72.61 -19.36 104.66
N ILE O 151 73.44 -18.46 104.13
CA ILE O 151 73.98 -18.55 102.77
C ILE O 151 75.49 -18.35 102.71
N SER O 152 76.18 -19.31 102.10
CA SER O 152 77.56 -19.10 101.69
C SER O 152 77.62 -18.89 100.18
N VAL O 153 78.51 -18.02 99.76
CA VAL O 153 78.64 -17.78 98.35
C VAL O 153 80.04 -18.12 97.91
N ASP O 154 80.10 -18.95 96.86
CA ASP O 154 81.36 -19.36 96.28
C ASP O 154 81.37 -19.26 94.77
N PRO O 155 82.54 -18.94 94.22
CA PRO O 155 82.79 -19.09 92.78
C PRO O 155 82.65 -20.55 92.33
N THR O 156 81.99 -20.79 91.19
CA THR O 156 82.05 -22.07 90.49
C THR O 156 83.48 -22.60 90.33
N THR O 157 83.63 -23.90 90.08
CA THR O 157 84.93 -24.48 89.66
C THR O 157 85.38 -23.96 88.28
N GLU O 158 86.53 -23.29 88.23
CA GLU O 158 86.94 -22.51 87.03
C GLU O 158 87.58 -23.25 85.82
N ASN O 159 86.93 -24.32 85.34
CA ASN O 159 87.36 -24.97 84.08
C ASN O 159 86.98 -24.18 82.82
N SER O 160 85.90 -23.39 82.92
CA SER O 160 85.42 -22.52 81.84
C SER O 160 86.28 -21.26 81.64
N ASP O 161 86.55 -20.93 80.38
CA ASP O 161 87.37 -19.77 79.96
C ASP O 161 86.82 -18.41 80.40
N ASP O 162 87.64 -17.36 80.16
CA ASP O 162 87.32 -16.00 80.62
C ASP O 162 86.39 -15.21 79.68
N SER O 163 86.93 -14.73 78.56
CA SER O 163 86.10 -14.18 77.49
C SER O 163 85.47 -15.30 76.66
N GLU O 164 84.98 -16.34 77.34
CA GLU O 164 84.52 -17.54 76.65
C GLU O 164 83.33 -17.23 75.73
N TYR O 165 82.34 -16.50 76.25
CA TYR O 165 81.18 -16.12 75.45
C TYR O 165 81.09 -14.62 75.17
N PHE O 166 82.18 -13.92 75.41
CA PHE O 166 82.24 -12.49 75.15
C PHE O 166 82.12 -12.16 73.65
N SER O 167 81.38 -11.08 73.34
CA SER O 167 81.11 -10.72 71.95
C SER O 167 82.40 -10.31 71.23
N GLN O 168 82.64 -10.90 70.06
CA GLN O 168 83.73 -10.46 69.18
C GLN O 168 83.48 -9.09 68.55
N TYR O 169 82.28 -8.55 68.72
CA TYR O 169 81.91 -7.28 68.08
C TYR O 169 82.02 -6.10 69.04
N SER O 170 82.19 -6.42 70.32
CA SER O 170 82.43 -5.40 71.32
C SER O 170 83.62 -4.50 70.96
N ARG O 171 83.54 -3.26 71.41
CA ARG O 171 84.63 -2.29 71.32
C ARG O 171 85.75 -2.66 72.30
N PHE O 172 85.46 -3.63 73.16
CA PHE O 172 86.36 -3.94 74.26
C PHE O 172 86.77 -5.40 74.17
N GLU O 173 87.84 -5.74 74.86
CA GLU O 173 88.27 -7.11 74.97
C GLU O 173 88.59 -7.40 76.44
N ILE O 174 88.33 -8.63 76.84
CA ILE O 174 88.61 -9.06 78.21
C ILE O 174 90.02 -9.66 78.30
N LEU O 175 90.80 -9.14 79.23
CA LEU O 175 92.15 -9.65 79.44
C LEU O 175 92.14 -10.78 80.45
N ASP O 176 91.31 -10.62 81.49
CA ASP O 176 91.28 -11.56 82.61
C ASP O 176 90.06 -11.37 83.48
N VAL O 177 89.57 -12.46 84.04
CA VAL O 177 88.51 -12.45 85.04
C VAL O 177 88.97 -13.29 86.23
N THR O 178 89.01 -12.69 87.43
CA THR O 178 89.34 -13.42 88.64
C THR O 178 88.28 -13.21 89.69
N GLN O 179 88.15 -14.20 90.57
CA GLN O 179 87.21 -14.14 91.68
C GLN O 179 87.96 -14.23 92.99
N LYS O 180 87.35 -13.61 94.00
CA LYS O 180 87.82 -13.61 95.39
C LYS O 180 86.53 -13.79 96.17
N LYS O 181 86.60 -14.39 97.34
CA LYS O 181 85.42 -14.35 98.19
C LYS O 181 85.76 -13.63 99.47
N ASN O 182 84.81 -12.85 99.98
CA ASN O 182 85.00 -12.15 101.23
C ASN O 182 83.85 -12.46 102.15
N SER O 183 84.03 -12.11 103.41
CA SER O 183 82.96 -12.18 104.37
C SER O 183 83.13 -11.03 105.35
N VAL O 184 82.07 -10.25 105.49
CA VAL O 184 82.15 -8.92 106.05
C VAL O 184 81.01 -8.72 107.01
N THR O 185 81.28 -7.96 108.06
CA THR O 185 80.29 -7.53 109.04
C THR O 185 79.89 -6.06 108.74
N TYR O 186 78.59 -5.79 108.70
CA TYR O 186 78.09 -4.44 108.40
C TYR O 186 77.61 -3.78 109.67
N SER O 187 77.52 -2.45 109.65
CA SER O 187 77.19 -1.64 110.82
C SER O 187 75.82 -1.96 111.36
N CYS O 188 74.97 -2.45 110.46
CA CYS O 188 73.55 -2.65 110.72
C CYS O 188 73.29 -3.88 111.59
N CYS O 189 74.14 -4.89 111.45
CA CYS O 189 73.82 -6.24 111.90
C CYS O 189 75.06 -6.94 112.45
N PRO O 190 74.93 -7.87 113.40
CA PRO O 190 76.11 -8.42 114.09
C PRO O 190 76.84 -9.52 113.30
N GLU O 191 76.12 -10.19 112.41
CA GLU O 191 76.63 -11.36 111.72
C GLU O 191 77.43 -10.95 110.50
N ALA O 192 78.26 -11.86 109.98
CA ALA O 192 79.02 -11.64 108.77
C ALA O 192 78.26 -12.13 107.52
N TYR O 193 78.38 -11.40 106.42
CA TYR O 193 77.74 -11.69 105.13
C TYR O 193 78.76 -12.01 104.05
N GLU O 194 78.53 -13.09 103.33
CA GLU O 194 79.51 -13.50 102.35
C GLU O 194 79.27 -12.84 101.00
N ASP O 195 80.37 -12.57 100.29
CA ASP O 195 80.25 -12.06 98.94
C ASP O 195 81.31 -12.68 98.04
N VAL O 196 81.01 -12.69 96.73
CA VAL O 196 82.07 -12.91 95.77
C VAL O 196 82.41 -11.57 95.11
N GLU O 197 83.70 -11.29 95.02
CA GLU O 197 84.19 -10.17 94.22
C GLU O 197 84.75 -10.69 92.91
N VAL O 198 84.14 -10.22 91.81
CA VAL O 198 84.55 -10.58 90.46
C VAL O 198 85.33 -9.41 89.88
N SER O 199 86.60 -9.67 89.58
CA SER O 199 87.43 -8.65 88.95
C SER O 199 87.50 -8.83 87.42
N LEU O 200 86.96 -7.87 86.70
CA LEU O 200 86.95 -7.90 85.24
C LEU O 200 88.06 -6.97 84.73
N ASN O 201 89.10 -7.55 84.13
CA ASN O 201 90.25 -6.81 83.58
C ASN O 201 90.01 -6.73 82.07
N PHE O 202 89.81 -5.52 81.58
CA PHE O 202 89.38 -5.30 80.20
C PHE O 202 89.96 -4.00 79.63
N ARG O 203 90.08 -3.92 78.30
CA ARG O 203 90.51 -2.70 77.63
C ARG O 203 89.79 -2.45 76.29
N LYS O 204 89.84 -1.21 75.83
CA LYS O 204 89.39 -0.86 74.49
C LYS O 204 90.40 -1.40 73.46
N LYS O 205 89.94 -2.11 72.43
CA LYS O 205 90.81 -2.44 71.30
C LYS O 205 91.29 -1.19 70.57
N GLY O 206 92.42 -1.29 69.89
CA GLY O 206 92.99 -0.18 69.13
C GLY O 206 93.85 -0.62 67.95
N GLU P 1 -102.47 23.53 -48.86
CA GLU P 1 -101.04 23.97 -48.68
C GLU P 1 -99.95 23.01 -49.21
N PHE P 2 -99.29 23.51 -50.23
CA PHE P 2 -98.19 22.81 -50.86
C PHE P 2 -96.95 23.57 -50.51
N ASP P 3 -95.86 22.86 -50.24
CA ASP P 3 -94.59 23.52 -50.17
C ASP P 3 -93.89 23.45 -51.52
N ARG P 4 -92.77 24.15 -51.65
CA ARG P 4 -92.02 24.22 -52.89
C ARG P 4 -91.70 22.85 -53.44
N ALA P 5 -91.30 21.93 -52.57
CA ALA P 5 -91.04 20.55 -52.98
C ALA P 5 -92.25 19.89 -53.69
N ASP P 6 -93.44 20.07 -53.11
CA ASP P 6 -94.68 19.51 -53.65
C ASP P 6 -95.00 20.13 -55.00
N ILE P 7 -94.93 21.46 -55.07
CA ILE P 7 -95.16 22.14 -56.35
C ILE P 7 -94.21 21.60 -57.42
N LEU P 8 -92.93 21.52 -57.07
CA LEU P 8 -91.94 21.13 -58.08
C LEU P 8 -92.08 19.66 -58.50
N TYR P 9 -92.43 18.81 -57.55
CA TYR P 9 -92.72 17.42 -57.81
C TYR P 9 -93.93 17.30 -58.74
N ASN P 10 -95.01 18.03 -58.42
CA ASN P 10 -96.20 17.95 -59.29
C ASN P 10 -95.93 18.39 -60.69
N ILE P 11 -95.20 19.50 -60.83
CA ILE P 11 -94.79 19.97 -62.14
C ILE P 11 -93.88 18.95 -62.92
N ARG P 12 -92.82 18.48 -62.26
CA ARG P 12 -91.88 17.54 -62.88
C ARG P 12 -92.61 16.26 -63.29
N GLN P 13 -93.40 15.74 -62.33
CA GLN P 13 -94.07 14.45 -62.46
C GLN P 13 -95.10 14.45 -63.58
N THR P 14 -95.78 15.58 -63.78
CA THR P 14 -96.73 15.69 -64.89
C THR P 14 -96.20 16.55 -66.03
N SER P 15 -94.90 16.88 -66.01
CA SER P 15 -94.32 17.71 -67.09
C SER P 15 -94.58 17.07 -68.46
N ARG P 16 -95.13 17.86 -69.40
CA ARG P 16 -95.22 17.45 -70.82
C ARG P 16 -94.53 18.50 -71.71
N PRO P 17 -93.20 18.49 -71.70
CA PRO P 17 -92.46 19.59 -72.33
C PRO P 17 -92.58 19.63 -73.83
N ASP P 18 -93.20 18.61 -74.41
CA ASP P 18 -93.26 18.43 -75.86
C ASP P 18 -94.62 18.98 -76.31
N VAL P 19 -95.47 19.38 -75.36
CA VAL P 19 -96.87 19.67 -75.70
C VAL P 19 -97.16 21.16 -75.57
N ILE P 20 -97.41 21.82 -76.72
CA ILE P 20 -97.73 23.25 -76.74
C ILE P 20 -99.03 23.49 -75.93
N PRO P 21 -99.00 24.38 -74.92
CA PRO P 21 -100.14 24.57 -74.01
C PRO P 21 -101.23 25.40 -74.67
N THR P 22 -101.69 24.90 -75.80
CA THR P 22 -102.80 25.49 -76.52
C THR P 22 -104.09 25.39 -75.69
N GLN P 23 -104.81 26.51 -75.55
CA GLN P 23 -106.14 26.57 -74.89
C GLN P 23 -107.33 26.98 -75.83
N ARG P 24 -108.27 26.05 -76.02
CA ARG P 24 -109.49 26.23 -76.87
C ARG P 24 -109.20 26.63 -78.35
N ASP P 25 -108.07 26.12 -78.86
CA ASP P 25 -107.61 26.36 -80.22
C ASP P 25 -107.06 27.77 -80.50
N ARG P 26 -107.02 28.62 -79.46
CA ARG P 26 -106.30 29.89 -79.50
C ARG P 26 -104.82 29.61 -79.61
N PRO P 27 -104.10 30.42 -80.35
CA PRO P 27 -102.63 30.35 -80.33
C PRO P 27 -102.11 30.67 -78.91
N VAL P 28 -101.00 30.06 -78.52
CA VAL P 28 -100.24 30.51 -77.33
C VAL P 28 -99.64 31.88 -77.62
N ALA P 29 -100.06 32.88 -76.84
CA ALA P 29 -99.50 34.23 -76.96
C ALA P 29 -98.14 34.28 -76.22
N VAL P 30 -97.08 34.47 -76.98
CA VAL P 30 -95.73 34.59 -76.47
C VAL P 30 -95.23 36.02 -76.65
N SER P 31 -94.77 36.63 -75.55
CA SER P 31 -94.16 37.94 -75.59
C SER P 31 -92.64 37.76 -75.58
N VAL P 32 -91.98 38.58 -76.38
CA VAL P 32 -90.52 38.53 -76.46
C VAL P 32 -90.00 39.93 -76.47
N SER P 33 -88.89 40.12 -75.78
CA SER P 33 -88.26 41.42 -75.66
C SER P 33 -86.80 41.16 -75.45
N LEU P 34 -85.94 41.90 -76.17
CA LEU P 34 -84.50 41.72 -76.04
C LEU P 34 -83.95 42.88 -75.22
N LYS P 35 -83.27 42.60 -74.12
CA LYS P 35 -82.61 43.65 -73.37
C LYS P 35 -81.13 43.55 -73.65
N PHE P 36 -80.60 44.48 -74.41
CA PHE P 36 -79.24 44.38 -74.87
C PHE P 36 -78.27 44.72 -73.77
N ILE P 37 -77.28 43.84 -73.56
CA ILE P 37 -76.32 44.04 -72.47
C ILE P 37 -74.98 44.50 -73.03
N ASN P 38 -74.62 43.99 -74.20
CA ASN P 38 -73.32 44.28 -74.78
C ASN P 38 -73.24 43.98 -76.23
N ILE P 39 -72.40 44.74 -76.92
CA ILE P 39 -72.10 44.50 -78.31
C ILE P 39 -70.63 44.29 -78.29
N LEU P 40 -70.19 43.08 -78.64
CA LEU P 40 -68.82 42.67 -78.42
C LEU P 40 -67.92 42.82 -79.63
N GLU P 41 -68.51 42.69 -80.79
CA GLU P 41 -67.75 42.75 -82.04
C GLU P 41 -68.70 43.15 -83.15
N VAL P 42 -68.20 44.01 -84.02
CA VAL P 42 -68.93 44.54 -85.14
C VAL P 42 -67.96 44.50 -86.33
N ASN P 43 -68.45 44.08 -87.49
CA ASN P 43 -67.62 44.05 -88.70
C ASN P 43 -68.38 44.65 -89.85
N GLU P 44 -67.94 45.84 -90.28
CA GLU P 44 -68.67 46.62 -91.27
C GLU P 44 -68.46 46.05 -92.68
N ILE P 45 -67.36 45.32 -92.86
CA ILE P 45 -67.10 44.65 -94.13
C ILE P 45 -68.02 43.44 -94.34
N THR P 46 -68.10 42.57 -93.33
CA THR P 46 -68.91 41.35 -93.46
C THR P 46 -70.37 41.53 -93.07
N ASN P 47 -70.71 42.69 -92.50
CA ASN P 47 -72.03 42.92 -91.92
C ASN P 47 -72.43 41.86 -90.87
N GLU P 48 -71.58 41.69 -89.87
CA GLU P 48 -71.82 40.73 -88.82
C GLU P 48 -71.64 41.41 -87.47
N VAL P 49 -72.44 41.01 -86.48
CA VAL P 49 -72.39 41.54 -85.13
C VAL P 49 -72.45 40.43 -84.08
N ASP P 50 -71.72 40.61 -83.00
CA ASP P 50 -71.67 39.66 -81.90
C ASP P 50 -72.28 40.41 -80.70
N VAL P 51 -73.35 39.87 -80.12
CA VAL P 51 -74.17 40.58 -79.15
C VAL P 51 -74.51 39.70 -77.93
N VAL P 52 -74.72 40.32 -76.78
CA VAL P 52 -75.22 39.66 -75.59
C VAL P 52 -76.52 40.37 -75.22
N PHE P 53 -77.56 39.57 -74.94
CA PHE P 53 -78.84 40.11 -74.61
C PHE P 53 -79.61 39.15 -73.68
N TRP P 54 -80.47 39.75 -72.84
CA TRP P 54 -81.43 38.99 -72.11
C TRP P 54 -82.69 38.83 -72.97
N GLN P 55 -83.05 37.59 -73.24
CA GLN P 55 -84.22 37.32 -74.07
C GLN P 55 -85.42 37.10 -73.16
N GLN P 56 -86.04 38.20 -72.75
CA GLN P 56 -87.23 38.13 -71.93
C GLN P 56 -88.42 37.47 -72.64
N THR P 57 -88.79 36.29 -72.18
CA THR P 57 -89.82 35.47 -72.81
C THR P 57 -90.90 35.07 -71.85
N THR P 58 -92.12 35.33 -72.27
CA THR P 58 -93.27 35.24 -71.40
C THR P 58 -94.38 34.51 -72.14
N TRP P 59 -95.03 33.58 -71.44
CA TRP P 59 -96.24 32.92 -71.95
C TRP P 59 -97.01 32.26 -70.81
N SER P 60 -98.18 31.77 -71.12
CA SER P 60 -99.02 31.13 -70.14
C SER P 60 -99.17 29.63 -70.42
N ASP P 61 -99.06 28.83 -69.37
CA ASP P 61 -99.35 27.39 -69.47
C ASP P 61 -100.20 26.98 -68.28
N ARG P 62 -101.49 26.82 -68.50
CA ARG P 62 -102.41 26.57 -67.41
C ARG P 62 -102.34 25.15 -66.85
N THR P 63 -101.68 24.23 -67.54
CA THR P 63 -101.42 22.91 -66.97
C THR P 63 -100.41 22.97 -65.79
N LEU P 64 -99.71 24.09 -65.62
CA LEU P 64 -98.74 24.23 -64.54
C LEU P 64 -99.38 24.76 -63.27
N ALA P 65 -100.59 25.33 -63.41
CA ALA P 65 -101.22 26.12 -62.37
C ALA P 65 -101.46 25.29 -61.10
N TRP P 66 -101.46 25.96 -59.95
CA TRP P 66 -101.79 25.32 -58.69
C TRP P 66 -102.46 26.32 -57.76
N ASN P 67 -103.25 25.81 -56.84
CA ASN P 67 -103.91 26.64 -55.84
C ASN P 67 -102.89 27.11 -54.80
N SER P 68 -102.73 28.42 -54.65
CA SER P 68 -101.65 28.95 -53.83
C SER P 68 -102.10 30.06 -52.85
N SER P 69 -103.27 29.91 -52.23
CA SER P 69 -103.70 30.87 -51.24
C SER P 69 -103.05 30.63 -49.86
N HIS P 70 -102.48 29.44 -49.67
CA HIS P 70 -101.66 29.13 -48.49
C HIS P 70 -100.35 28.43 -48.89
N SER P 71 -99.93 28.65 -50.14
CA SER P 71 -98.70 28.07 -50.67
C SER P 71 -97.89 29.18 -51.35
N PRO P 72 -96.59 28.95 -51.54
CA PRO P 72 -95.78 29.80 -52.42
C PRO P 72 -96.46 30.00 -53.78
N ASP P 73 -96.39 31.21 -54.30
CA ASP P 73 -97.11 31.45 -55.55
C ASP P 73 -96.23 31.52 -56.78
N GLN P 74 -94.92 31.30 -56.58
CA GLN P 74 -93.95 31.25 -57.65
C GLN P 74 -92.83 30.27 -57.27
N VAL P 75 -92.31 29.61 -58.30
CA VAL P 75 -91.13 28.76 -58.17
C VAL P 75 -90.17 28.89 -59.37
N SER P 76 -88.92 28.49 -59.16
CA SER P 76 -87.99 28.35 -60.26
C SER P 76 -87.99 26.91 -60.78
N VAL P 77 -88.09 26.72 -62.10
CA VAL P 77 -88.23 25.39 -62.69
C VAL P 77 -87.22 25.24 -63.83
N PRO P 78 -86.50 24.13 -63.85
CA PRO P 78 -85.60 23.85 -64.98
C PRO P 78 -86.44 23.81 -66.25
N ILE P 79 -85.98 24.45 -67.32
CA ILE P 79 -86.74 24.48 -68.56
C ILE P 79 -86.98 23.10 -69.18
N SER P 80 -86.12 22.13 -68.86
CA SER P 80 -86.32 20.73 -69.27
C SER P 80 -87.63 20.14 -68.74
N SER P 81 -88.20 20.71 -67.68
CA SER P 81 -89.46 20.24 -67.16
C SER P 81 -90.66 21.03 -67.71
N LEU P 82 -90.41 21.98 -68.58
CA LEU P 82 -91.47 22.84 -69.12
C LEU P 82 -91.54 22.78 -70.66
N TRP P 83 -92.72 23.02 -71.22
CA TRP P 83 -92.75 23.41 -72.62
C TRP P 83 -92.21 24.82 -72.75
N VAL P 84 -91.43 25.05 -73.78
CA VAL P 84 -90.82 26.36 -74.02
C VAL P 84 -91.04 26.68 -75.51
N PRO P 85 -91.38 27.91 -75.87
CA PRO P 85 -91.57 28.23 -77.29
C PRO P 85 -90.29 28.00 -78.10
N ASP P 86 -90.45 27.44 -79.29
CA ASP P 86 -89.31 27.07 -80.12
C ASP P 86 -88.82 28.28 -80.94
N LEU P 87 -88.37 29.31 -80.23
CA LEU P 87 -88.01 30.55 -80.87
C LEU P 87 -86.63 30.45 -81.51
N ALA P 88 -86.48 31.08 -82.66
CA ALA P 88 -85.18 31.16 -83.29
C ALA P 88 -84.97 32.54 -83.89
N ALA P 89 -83.73 32.99 -83.91
CA ALA P 89 -83.41 34.22 -84.61
C ALA P 89 -83.05 33.84 -86.05
N TYR P 90 -83.81 34.34 -87.02
CA TYR P 90 -83.71 33.96 -88.42
C TYR P 90 -82.43 34.45 -89.10
N ASN P 91 -81.88 35.55 -88.62
CA ASN P 91 -80.61 36.02 -89.17
C ASN P 91 -79.39 35.70 -88.29
N ALA P 92 -79.53 34.71 -87.41
CA ALA P 92 -78.41 34.32 -86.55
C ALA P 92 -77.48 33.47 -87.40
N ILE P 93 -76.19 33.63 -87.17
CA ILE P 93 -75.16 32.86 -87.87
C ILE P 93 -74.30 32.07 -86.86
N SER P 94 -74.72 32.06 -85.61
CA SER P 94 -74.13 31.15 -84.65
C SER P 94 -75.24 30.58 -83.79
N LYS P 95 -74.95 29.47 -83.12
CA LYS P 95 -76.01 28.89 -82.33
C LYS P 95 -76.05 29.76 -81.06
N PRO P 96 -77.21 29.90 -80.44
CA PRO P 96 -77.31 30.84 -79.32
C PRO P 96 -76.59 30.23 -78.12
N GLU P 97 -75.65 30.98 -77.56
CA GLU P 97 -74.88 30.59 -76.35
C GLU P 97 -75.61 31.14 -75.10
N VAL P 98 -76.21 30.26 -74.30
CA VAL P 98 -76.91 30.62 -73.07
C VAL P 98 -75.94 30.77 -71.92
N LEU P 99 -75.88 31.96 -71.36
CA LEU P 99 -74.84 32.23 -70.39
C LEU P 99 -75.32 31.99 -68.98
N THR P 100 -76.63 31.80 -68.80
CA THR P 100 -77.24 31.77 -67.47
C THR P 100 -77.88 30.42 -67.11
N PRO P 101 -78.10 30.16 -65.81
CA PRO P 101 -78.79 28.92 -65.42
C PRO P 101 -80.13 28.82 -66.16
N GLN P 102 -80.44 27.63 -66.65
CA GLN P 102 -81.57 27.46 -67.52
C GLN P 102 -82.87 27.19 -66.73
N LEU P 103 -83.26 28.18 -65.91
CA LEU P 103 -84.44 28.08 -65.03
C LEU P 103 -85.47 29.11 -65.42
N ALA P 104 -86.74 28.74 -65.38
CA ALA P 104 -87.81 29.68 -65.69
C ALA P 104 -88.51 29.92 -64.36
N ARG P 105 -89.17 31.06 -64.26
CA ARG P 105 -89.97 31.39 -63.10
C ARG P 105 -91.43 31.10 -63.48
N VAL P 106 -92.12 30.34 -62.64
CA VAL P 106 -93.50 29.92 -62.94
C VAL P 106 -94.40 30.39 -61.79
N VAL P 107 -95.43 31.15 -62.13
CA VAL P 107 -96.41 31.69 -61.19
C VAL P 107 -97.56 30.70 -61.04
N SER P 108 -98.26 30.71 -59.91
CA SER P 108 -99.30 29.71 -59.65
C SER P 108 -100.49 29.74 -60.60
N ASP P 109 -100.66 30.84 -61.34
CA ASP P 109 -101.73 30.88 -62.34
C ASP P 109 -101.26 30.31 -63.68
N GLY P 110 -99.97 29.94 -63.77
CA GLY P 110 -99.45 29.32 -64.98
C GLY P 110 -98.67 30.26 -65.86
N GLU P 111 -98.49 31.50 -65.43
CA GLU P 111 -97.59 32.42 -66.16
C GLU P 111 -96.14 31.96 -66.01
N VAL P 112 -95.42 32.00 -67.13
CA VAL P 112 -94.02 31.62 -67.12
C VAL P 112 -93.17 32.77 -67.65
N LEU P 113 -92.06 33.05 -66.95
CA LEU P 113 -91.04 33.96 -67.41
C LEU P 113 -89.72 33.21 -67.56
N TYR P 114 -89.18 33.18 -68.76
CA TYR P 114 -87.89 32.59 -69.03
C TYR P 114 -87.05 33.73 -69.63
N MET P 115 -85.94 34.05 -68.97
CA MET P 115 -85.08 35.16 -69.37
C MET P 115 -83.59 34.80 -69.40
N PRO P 116 -83.16 34.00 -70.37
CA PRO P 116 -81.73 33.64 -70.46
C PRO P 116 -80.91 34.82 -71.00
N SER P 117 -79.64 34.90 -70.56
CA SER P 117 -78.67 35.79 -71.17
C SER P 117 -78.07 35.00 -72.30
N ILE P 118 -78.08 35.59 -73.50
CA ILE P 118 -77.66 34.89 -74.71
C ILE P 118 -76.58 35.68 -75.41
N ARG P 119 -75.50 34.97 -75.78
CA ARG P 119 -74.52 35.52 -76.71
C ARG P 119 -74.73 34.86 -78.06
N GLN P 120 -74.84 35.66 -79.11
CA GLN P 120 -75.11 35.14 -80.44
C GLN P 120 -74.57 36.12 -81.51
N ARG P 121 -74.18 35.56 -82.66
CA ARG P 121 -73.74 36.34 -83.83
C ARG P 121 -74.86 36.49 -84.86
N PHE P 122 -74.93 37.64 -85.51
CA PHE P 122 -76.01 37.96 -86.45
C PHE P 122 -75.47 38.52 -87.78
N SER P 123 -76.24 38.28 -88.82
CA SER P 123 -75.97 38.93 -90.09
C SER P 123 -76.95 40.09 -90.18
N CYS P 124 -76.44 41.29 -90.28
CA CYS P 124 -77.30 42.47 -90.37
C CYS P 124 -76.59 43.71 -90.87
N ASP P 125 -77.31 44.81 -90.98
CA ASP P 125 -76.76 46.04 -91.53
C ASP P 125 -75.88 46.75 -90.48
N VAL P 126 -74.57 46.69 -90.70
CA VAL P 126 -73.61 47.34 -89.82
C VAL P 126 -73.16 48.71 -90.40
N SER P 127 -73.59 49.03 -91.62
CA SER P 127 -73.20 50.30 -92.24
C SER P 127 -73.64 51.49 -91.38
N GLY P 128 -72.75 52.50 -91.31
CA GLY P 128 -72.96 53.70 -90.54
C GLY P 128 -72.64 53.60 -89.06
N VAL P 129 -72.08 52.47 -88.62
CA VAL P 129 -71.78 52.25 -87.21
C VAL P 129 -70.89 53.34 -86.55
N ASP P 130 -69.97 53.96 -87.29
CA ASP P 130 -69.19 55.08 -86.77
C ASP P 130 -69.56 56.42 -87.44
N THR P 131 -70.85 56.73 -87.45
CA THR P 131 -71.37 58.03 -87.91
C THR P 131 -72.38 58.48 -86.86
N GLU P 132 -72.84 59.73 -86.94
CA GLU P 132 -73.74 60.29 -85.93
C GLU P 132 -75.06 59.55 -85.81
N SER P 133 -75.51 58.99 -86.92
CA SER P 133 -76.81 58.37 -86.98
C SER P 133 -76.74 56.87 -86.66
N GLY P 134 -75.54 56.31 -86.70
CA GLY P 134 -75.30 54.94 -86.30
C GLY P 134 -75.80 53.89 -87.30
N ALA P 135 -75.60 52.62 -86.92
CA ALA P 135 -76.06 51.48 -87.68
C ALA P 135 -77.41 51.05 -87.14
N THR P 136 -78.21 50.39 -87.97
CA THR P 136 -79.43 49.75 -87.50
C THR P 136 -79.44 48.27 -87.87
N CYS P 137 -79.17 47.43 -86.86
CA CYS P 137 -79.17 45.98 -86.98
C CYS P 137 -80.56 45.44 -86.61
N ARG P 138 -81.15 44.69 -87.53
CA ARG P 138 -82.48 44.15 -87.32
C ARG P 138 -82.40 42.66 -87.00
N ILE P 139 -83.01 42.29 -85.90
CA ILE P 139 -83.00 40.89 -85.47
C ILE P 139 -84.40 40.33 -85.52
N LYS P 140 -84.58 39.29 -86.31
CA LYS P 140 -85.91 38.71 -86.53
C LYS P 140 -86.07 37.43 -85.69
N ILE P 141 -87.06 37.39 -84.82
CA ILE P 141 -87.27 36.25 -83.95
C ILE P 141 -88.70 35.74 -84.02
N GLY P 142 -88.85 34.42 -84.18
CA GLY P 142 -90.19 33.82 -84.19
C GLY P 142 -90.17 32.33 -83.99
N SER P 143 -91.34 31.71 -83.82
CA SER P 143 -91.40 30.24 -83.71
C SER P 143 -90.80 29.63 -84.97
N TRP P 144 -89.99 28.60 -84.80
CA TRP P 144 -89.44 27.91 -85.95
C TRP P 144 -90.46 27.01 -86.67
N THR P 145 -91.31 26.31 -85.90
CA THR P 145 -92.22 25.33 -86.46
C THR P 145 -93.73 25.58 -86.20
N HIS P 146 -94.09 26.62 -85.45
CA HIS P 146 -95.47 26.83 -85.06
C HIS P 146 -96.02 28.04 -85.80
N HIS P 147 -97.00 27.80 -86.62
CA HIS P 147 -97.57 28.90 -87.37
C HIS P 147 -98.53 29.74 -86.51
N SER P 148 -99.12 30.75 -87.12
CA SER P 148 -99.84 31.80 -86.41
C SER P 148 -101.10 31.35 -85.66
N ARG P 149 -101.67 30.22 -86.02
CA ARG P 149 -102.78 29.66 -85.22
C ARG P 149 -102.28 28.92 -83.97
N GLU P 150 -100.98 28.73 -83.86
CA GLU P 150 -100.45 27.94 -82.75
C GLU P 150 -99.58 28.82 -81.83
N ILE P 151 -98.72 29.66 -82.40
CA ILE P 151 -98.01 30.66 -81.63
C ILE P 151 -98.15 32.07 -82.25
N SER P 152 -98.57 33.03 -81.45
CA SER P 152 -98.40 34.41 -81.81
C SER P 152 -97.23 35.04 -81.00
N VAL P 153 -96.48 35.93 -81.64
CA VAL P 153 -95.37 36.58 -80.97
C VAL P 153 -95.69 38.08 -80.95
N ASP P 154 -95.70 38.67 -79.76
CA ASP P 154 -95.87 40.12 -79.58
C ASP P 154 -94.66 40.66 -78.81
N PRO P 155 -94.34 41.93 -79.01
CA PRO P 155 -93.29 42.55 -78.20
C PRO P 155 -93.82 42.89 -76.81
N THR P 156 -93.07 42.53 -75.76
CA THR P 156 -93.19 43.20 -74.45
C THR P 156 -92.67 44.64 -74.68
N THR P 157 -93.55 45.59 -74.97
CA THR P 157 -93.04 46.94 -75.27
C THR P 157 -92.80 47.71 -73.95
N GLU P 158 -91.95 47.06 -73.12
CA GLU P 158 -91.42 47.57 -71.87
C GLU P 158 -90.56 48.79 -72.19
N ASN P 159 -91.17 49.97 -72.14
CA ASN P 159 -90.41 51.16 -72.47
C ASN P 159 -89.60 51.65 -71.27
N SER P 160 -88.77 50.74 -70.77
CA SER P 160 -87.59 51.11 -70.01
C SER P 160 -86.56 51.49 -71.07
N ASP P 161 -85.51 52.18 -70.62
CA ASP P 161 -84.43 52.63 -71.49
C ASP P 161 -83.93 51.50 -72.37
N ASP P 162 -83.49 51.86 -73.55
CA ASP P 162 -82.96 50.87 -74.48
C ASP P 162 -81.57 50.49 -73.97
N SER P 163 -80.76 51.52 -73.71
CA SER P 163 -79.52 51.38 -72.94
C SER P 163 -79.84 51.09 -71.46
N GLU P 164 -80.88 50.31 -71.22
CA GLU P 164 -81.14 49.87 -69.87
C GLU P 164 -80.51 48.50 -69.77
N TYR P 165 -79.65 48.35 -68.77
CA TYR P 165 -78.80 47.17 -68.61
C TYR P 165 -77.62 47.10 -69.56
N PHE P 166 -77.58 47.96 -70.58
CA PHE P 166 -76.44 47.99 -71.49
C PHE P 166 -75.20 48.43 -70.76
N SER P 167 -74.11 47.68 -70.97
CA SER P 167 -72.84 47.98 -70.29
C SER P 167 -72.28 49.36 -70.61
N GLN P 168 -71.90 50.10 -69.56
CA GLN P 168 -71.26 51.40 -69.68
C GLN P 168 -69.80 51.27 -70.17
N TYR P 169 -69.31 50.03 -70.27
CA TYR P 169 -67.92 49.75 -70.65
C TYR P 169 -67.77 49.30 -72.10
N SER P 170 -68.88 48.94 -72.73
CA SER P 170 -68.92 48.75 -74.17
C SER P 170 -68.26 49.87 -74.97
N ARG P 171 -67.75 49.49 -76.14
CA ARG P 171 -67.18 50.45 -77.10
C ARG P 171 -68.32 51.17 -77.82
N PHE P 172 -69.53 50.65 -77.65
CA PHE P 172 -70.71 51.13 -78.37
C PHE P 172 -71.68 51.77 -77.43
N GLU P 173 -72.55 52.58 -77.99
CA GLU P 173 -73.72 53.04 -77.25
C GLU P 173 -74.99 52.76 -78.06
N ILE P 174 -76.11 52.60 -77.36
CA ILE P 174 -77.38 52.33 -78.02
C ILE P 174 -78.15 53.62 -78.18
N LEU P 175 -78.56 53.89 -79.41
CA LEU P 175 -79.32 55.10 -79.68
C LEU P 175 -80.80 54.86 -79.49
N ASP P 176 -81.27 53.69 -79.94
CA ASP P 176 -82.68 53.35 -79.95
C ASP P 176 -82.91 51.87 -80.21
N VAL P 177 -83.97 51.35 -79.61
CA VAL P 177 -84.46 50.00 -79.88
C VAL P 177 -85.95 50.10 -80.21
N THR P 178 -86.34 49.65 -81.40
CA THR P 178 -87.76 49.53 -81.75
C THR P 178 -88.11 48.09 -82.16
N GLN P 179 -89.37 47.68 -81.91
CA GLN P 179 -89.87 46.38 -82.38
C GLN P 179 -90.91 46.54 -83.50
N LYS P 180 -91.11 45.48 -84.28
CA LYS P 180 -92.14 45.42 -85.34
C LYS P 180 -92.66 43.98 -85.50
N LYS P 181 -93.98 43.80 -85.43
CA LYS P 181 -94.64 42.55 -85.69
C LYS P 181 -94.76 42.29 -87.18
N ASN P 182 -94.41 41.09 -87.61
CA ASN P 182 -94.67 40.65 -88.99
C ASN P 182 -95.30 39.32 -88.97
N SER P 183 -95.97 38.98 -90.06
CA SER P 183 -96.47 37.64 -90.32
C SER P 183 -95.87 37.29 -91.67
N VAL P 184 -95.17 36.16 -91.75
CA VAL P 184 -94.46 35.77 -92.97
C VAL P 184 -94.71 34.28 -93.42
N THR P 185 -94.76 34.09 -94.71
CA THR P 185 -94.95 32.78 -95.31
C THR P 185 -93.62 32.24 -95.91
N TYR P 186 -93.49 30.92 -96.03
CA TYR P 186 -92.30 30.33 -96.64
C TYR P 186 -92.72 29.27 -97.58
N SER P 187 -91.96 29.09 -98.65
CA SER P 187 -92.25 28.08 -99.67
C SER P 187 -92.65 26.72 -99.14
N CYS P 188 -92.11 26.32 -98.01
CA CYS P 188 -92.31 24.96 -97.54
C CYS P 188 -93.75 24.71 -97.09
N CYS P 189 -94.45 25.79 -96.80
CA CYS P 189 -95.58 25.60 -95.91
C CYS P 189 -96.72 26.54 -96.23
N PRO P 190 -97.95 26.09 -96.00
CA PRO P 190 -99.11 26.90 -96.44
C PRO P 190 -99.44 28.08 -95.51
N GLU P 191 -98.95 28.06 -94.27
CA GLU P 191 -99.44 29.07 -93.34
C GLU P 191 -98.41 30.11 -92.95
N ALA P 192 -98.95 31.16 -92.39
CA ALA P 192 -98.14 32.28 -91.96
C ALA P 192 -97.56 32.03 -90.58
N TYR P 193 -96.31 32.48 -90.42
CA TYR P 193 -95.55 32.38 -89.17
C TYR P 193 -95.28 33.79 -88.63
N GLU P 194 -95.45 33.97 -87.33
CA GLU P 194 -95.26 35.29 -86.72
C GLU P 194 -93.82 35.50 -86.27
N ASP P 195 -93.36 36.73 -86.46
CA ASP P 195 -92.07 37.12 -85.98
C ASP P 195 -92.11 38.50 -85.32
N VAL P 196 -91.18 38.75 -84.41
CA VAL P 196 -90.87 40.11 -84.01
C VAL P 196 -89.52 40.52 -84.59
N GLU P 197 -89.46 41.70 -85.17
CA GLU P 197 -88.23 42.28 -85.68
C GLU P 197 -87.77 43.33 -84.68
N VAL P 198 -86.58 43.14 -84.14
CA VAL P 198 -86.00 44.08 -83.17
C VAL P 198 -84.89 44.88 -83.87
N SER P 199 -85.07 46.18 -83.97
CA SER P 199 -84.12 47.05 -84.63
C SER P 199 -83.26 47.79 -83.59
N LEU P 200 -81.98 47.42 -83.57
CA LEU P 200 -81.03 47.99 -82.66
C LEU P 200 -80.26 49.09 -83.36
N ASN P 201 -80.50 50.34 -82.97
CA ASN P 201 -79.81 51.49 -83.54
C ASN P 201 -78.65 51.83 -82.62
N PHE P 202 -77.41 51.71 -83.09
CA PHE P 202 -76.23 51.82 -82.21
C PHE P 202 -75.04 52.41 -82.94
N ARG P 203 -74.03 52.92 -82.19
CA ARG P 203 -72.81 53.47 -82.82
C ARG P 203 -71.62 53.35 -81.90
N LYS P 204 -70.40 53.57 -82.41
CA LYS P 204 -69.19 53.68 -81.58
C LYS P 204 -69.22 54.94 -80.73
N LYS P 205 -68.94 54.80 -79.43
CA LYS P 205 -68.77 55.94 -78.52
C LYS P 205 -67.78 56.89 -79.10
N GLY P 206 -68.02 58.20 -78.92
CA GLY P 206 -67.20 59.22 -79.54
C GLY P 206 -65.75 59.19 -79.06
N GLU Q 1 -111.46 11.25 -81.74
CA GLU Q 1 -110.90 12.60 -81.39
C GLU Q 1 -109.72 12.58 -80.38
N PHE Q 2 -108.55 13.03 -80.82
CA PHE Q 2 -107.31 13.14 -80.04
C PHE Q 2 -106.97 14.61 -79.87
N ASP Q 3 -106.37 14.98 -78.75
CA ASP Q 3 -105.77 16.31 -78.66
C ASP Q 3 -104.27 16.20 -78.92
N ARG Q 4 -103.59 17.34 -78.97
CA ARG Q 4 -102.14 17.34 -79.25
C ARG Q 4 -101.38 16.48 -78.27
N ALA Q 5 -101.75 16.56 -77.00
CA ALA Q 5 -101.11 15.72 -75.97
C ALA Q 5 -101.17 14.23 -76.32
N ASP Q 6 -102.36 13.77 -76.72
CA ASP Q 6 -102.56 12.37 -77.11
C ASP Q 6 -101.72 12.00 -78.33
N ILE Q 7 -101.74 12.85 -79.34
CA ILE Q 7 -100.97 12.56 -80.56
C ILE Q 7 -99.49 12.41 -80.24
N LEU Q 8 -98.98 13.32 -79.42
CA LEU Q 8 -97.55 13.36 -79.11
C LEU Q 8 -97.15 12.20 -78.19
N TYR Q 9 -98.02 11.87 -77.22
CA TYR Q 9 -97.87 10.67 -76.42
C TYR Q 9 -97.79 9.40 -77.30
N ASN Q 10 -98.77 9.21 -78.17
CA ASN Q 10 -98.79 8.02 -79.01
C ASN Q 10 -97.54 7.89 -79.88
N ILE Q 11 -97.13 9.00 -80.49
CA ILE Q 11 -95.87 9.05 -81.25
C ILE Q 11 -94.65 8.72 -80.39
N ARG Q 12 -94.54 9.36 -79.22
CA ARG Q 12 -93.37 9.11 -78.40
C ARG Q 12 -93.32 7.65 -77.97
N GLN Q 13 -94.46 7.08 -77.57
CA GLN Q 13 -94.53 5.70 -77.04
C GLN Q 13 -94.22 4.62 -78.09
N THR Q 14 -94.45 4.94 -79.35
CA THR Q 14 -94.36 3.90 -80.38
C THR Q 14 -93.31 4.25 -81.40
N SER Q 15 -92.62 5.38 -81.14
CA SER Q 15 -91.49 5.81 -81.97
C SER Q 15 -90.47 4.70 -81.99
N ARG Q 16 -90.19 4.25 -83.22
CA ARG Q 16 -89.03 3.43 -83.51
C ARG Q 16 -88.08 4.31 -84.37
N PRO Q 17 -87.36 5.22 -83.72
CA PRO Q 17 -86.48 6.15 -84.42
C PRO Q 17 -85.26 5.47 -85.07
N ASP Q 18 -84.94 4.24 -84.70
CA ASP Q 18 -83.86 3.51 -85.36
C ASP Q 18 -84.38 2.69 -86.54
N VAL Q 19 -85.69 2.70 -86.79
CA VAL Q 19 -86.27 1.88 -87.85
C VAL Q 19 -86.67 2.68 -89.05
N ILE Q 20 -85.97 2.46 -90.16
CA ILE Q 20 -86.32 3.13 -91.41
C ILE Q 20 -87.75 2.72 -91.86
N PRO Q 21 -88.64 3.70 -92.13
CA PRO Q 21 -90.07 3.43 -92.39
C PRO Q 21 -90.30 2.95 -93.81
N THR Q 22 -89.61 1.87 -94.13
CA THR Q 22 -89.70 1.23 -95.42
C THR Q 22 -91.08 0.58 -95.55
N GLN Q 23 -91.63 0.64 -96.76
CA GLN Q 23 -92.93 0.05 -97.05
C GLN Q 23 -92.88 -0.73 -98.37
N ARG Q 24 -93.38 -1.96 -98.40
CA ARG Q 24 -93.43 -2.75 -99.64
C ARG Q 24 -92.06 -2.89 -100.35
N ASP Q 25 -91.00 -3.08 -99.57
CA ASP Q 25 -89.60 -3.05 -100.08
C ASP Q 25 -89.23 -1.83 -100.97
N ARG Q 26 -90.17 -0.88 -101.13
CA ARG Q 26 -89.91 0.41 -101.77
C ARG Q 26 -88.99 1.21 -100.88
N PRO Q 27 -88.02 1.89 -101.50
CA PRO Q 27 -87.14 2.80 -100.78
C PRO Q 27 -87.95 3.96 -100.19
N VAL Q 28 -87.49 4.50 -99.06
CA VAL Q 28 -88.07 5.71 -98.49
C VAL Q 28 -87.64 6.87 -99.39
N ALA Q 29 -88.61 7.51 -100.05
CA ALA Q 29 -88.34 8.65 -100.92
C ALA Q 29 -88.12 9.94 -100.08
N VAL Q 30 -86.90 10.44 -100.10
CA VAL Q 30 -86.56 11.60 -99.31
C VAL Q 30 -86.32 12.77 -100.25
N SER Q 31 -86.97 13.90 -100.01
CA SER Q 31 -86.72 15.09 -100.79
C SER Q 31 -85.83 16.02 -99.99
N VAL Q 32 -84.79 16.55 -100.63
CA VAL Q 32 -83.88 17.50 -100.01
C VAL Q 32 -83.73 18.73 -100.90
N SER Q 33 -83.69 19.87 -100.27
CA SER Q 33 -83.50 21.14 -100.94
C SER Q 33 -82.80 22.04 -99.94
N LEU Q 34 -81.76 22.73 -100.39
CA LEU Q 34 -81.02 23.67 -99.52
C LEU Q 34 -81.44 25.11 -99.84
N LYS Q 35 -81.91 25.83 -98.81
CA LYS Q 35 -82.24 27.23 -99.00
C LYS Q 35 -81.11 28.03 -98.36
N PHE Q 36 -80.32 28.67 -99.20
CA PHE Q 36 -79.15 29.39 -98.74
C PHE Q 36 -79.54 30.69 -98.10
N ILE Q 37 -79.02 30.92 -96.90
CA ILE Q 37 -79.33 32.11 -96.12
C ILE Q 37 -78.14 33.06 -96.12
N ASN Q 38 -76.94 32.51 -95.97
CA ASN Q 38 -75.72 33.32 -95.91
C ASN Q 38 -74.48 32.58 -96.36
N ILE Q 39 -73.52 33.34 -96.83
CA ILE Q 39 -72.19 32.82 -97.13
C ILE Q 39 -71.26 33.67 -96.29
N LEU Q 40 -70.66 33.04 -95.29
CA LEU Q 40 -69.95 33.79 -94.26
C LEU Q 40 -68.48 34.00 -94.52
N GLU Q 41 -67.87 33.03 -95.19
CA GLU Q 41 -66.44 33.10 -95.44
C GLU Q 41 -66.16 32.26 -96.66
N VAL Q 42 -65.26 32.76 -97.47
CA VAL Q 42 -64.84 32.11 -98.69
C VAL Q 42 -63.32 32.24 -98.75
N ASN Q 43 -62.65 31.17 -99.17
CA ASN Q 43 -61.20 31.21 -99.31
C ASN Q 43 -60.83 30.63 -100.66
N GLU Q 44 -60.37 31.49 -101.56
CA GLU Q 44 -60.04 31.05 -102.91
C GLU Q 44 -58.71 30.28 -102.97
N ILE Q 45 -57.86 30.48 -101.97
CA ILE Q 45 -56.60 29.74 -101.88
C ILE Q 45 -56.86 28.29 -101.47
N THR Q 46 -57.60 28.11 -100.38
CA THR Q 46 -57.88 26.77 -99.85
C THR Q 46 -59.07 26.05 -100.49
N ASN Q 47 -59.87 26.77 -101.27
CA ASN Q 47 -61.11 26.26 -101.84
C ASN Q 47 -62.09 25.80 -100.75
N GLU Q 48 -62.36 26.69 -99.81
CA GLU Q 48 -63.22 26.39 -98.68
C GLU Q 48 -64.28 27.48 -98.54
N VAL Q 49 -65.49 27.05 -98.21
CA VAL Q 49 -66.58 28.00 -97.94
C VAL Q 49 -67.34 27.66 -96.65
N ASP Q 50 -67.77 28.71 -95.95
CA ASP Q 50 -68.54 28.60 -94.72
C ASP Q 50 -69.95 29.15 -95.05
N VAL Q 51 -70.98 28.33 -94.87
CA VAL Q 51 -72.32 28.66 -95.38
C VAL Q 51 -73.41 28.38 -94.33
N VAL Q 52 -74.51 29.13 -94.43
CA VAL Q 52 -75.69 28.84 -93.65
C VAL Q 52 -76.85 28.56 -94.59
N PHE Q 53 -77.49 27.40 -94.44
CA PHE Q 53 -78.66 27.08 -95.23
C PHE Q 53 -79.78 26.45 -94.37
N TRP Q 54 -81.01 26.56 -94.82
CA TRP Q 54 -82.09 25.71 -94.35
C TRP Q 54 -82.12 24.42 -95.16
N GLN Q 55 -81.93 23.28 -94.50
CA GLN Q 55 -81.96 21.98 -95.15
C GLN Q 55 -83.38 21.39 -95.12
N GLN Q 56 -84.17 21.76 -96.12
CA GLN Q 56 -85.55 21.33 -96.19
C GLN Q 56 -85.62 19.86 -96.54
N THR Q 57 -86.07 19.05 -95.58
CA THR Q 57 -86.07 17.59 -95.72
C THR Q 57 -87.44 17.01 -95.49
N THR Q 58 -87.83 16.13 -96.39
CA THR Q 58 -89.21 15.72 -96.47
C THR Q 58 -89.27 14.22 -96.79
N TRP Q 59 -90.14 13.50 -96.09
CA TRP Q 59 -90.35 12.07 -96.32
C TRP Q 59 -91.63 11.66 -95.62
N SER Q 60 -92.02 10.45 -95.87
CA SER Q 60 -93.24 9.90 -95.35
C SER Q 60 -92.94 8.74 -94.38
N ASP Q 61 -93.64 8.73 -93.25
CA ASP Q 61 -93.52 7.63 -92.30
C ASP Q 61 -94.89 7.29 -91.81
N ARG Q 62 -95.48 6.29 -92.44
CA ARG Q 62 -96.85 5.90 -92.16
C ARG Q 62 -97.13 5.26 -90.78
N THR Q 63 -96.08 4.86 -90.06
CA THR Q 63 -96.27 4.50 -88.65
C THR Q 63 -96.61 5.70 -87.76
N LEU Q 64 -96.48 6.91 -88.28
CA LEU Q 64 -96.77 8.10 -87.47
C LEU Q 64 -98.23 8.51 -87.63
N ALA Q 65 -98.88 7.98 -88.67
CA ALA Q 65 -100.20 8.46 -89.06
C ALA Q 65 -101.26 8.26 -87.99
N TRP Q 66 -102.18 9.22 -87.89
CA TRP Q 66 -103.34 9.11 -87.02
C TRP Q 66 -104.56 9.64 -87.73
N ASN Q 67 -105.73 9.18 -87.27
CA ASN Q 67 -107.01 9.65 -87.79
C ASN Q 67 -107.30 11.06 -87.33
N SER Q 68 -107.48 11.94 -88.31
CA SER Q 68 -107.43 13.37 -88.11
C SER Q 68 -108.78 14.09 -88.28
N SER Q 69 -109.80 13.34 -88.72
CA SER Q 69 -111.15 13.89 -88.96
C SER Q 69 -111.72 14.78 -87.85
N HIS Q 70 -111.31 14.55 -86.60
CA HIS Q 70 -111.77 15.33 -85.44
C HIS Q 70 -110.62 15.73 -84.49
N SER Q 71 -109.43 15.86 -85.06
CA SER Q 71 -108.23 16.11 -84.28
C SER Q 71 -107.33 17.08 -85.05
N PRO Q 72 -106.40 17.74 -84.38
CA PRO Q 72 -105.35 18.50 -85.07
C PRO Q 72 -104.68 17.61 -86.10
N ASP Q 73 -104.36 18.17 -87.25
CA ASP Q 73 -103.80 17.33 -88.30
C ASP Q 73 -102.29 17.49 -88.50
N GLN Q 74 -101.66 18.32 -87.68
CA GLN Q 74 -100.20 18.47 -87.67
C GLN Q 74 -99.73 18.73 -86.27
N VAL Q 75 -98.51 18.26 -85.96
CA VAL Q 75 -97.85 18.58 -84.68
C VAL Q 75 -96.37 18.79 -84.90
N SER Q 76 -95.74 19.53 -84.00
CA SER Q 76 -94.27 19.56 -83.91
C SER Q 76 -93.72 18.49 -82.97
N VAL Q 77 -92.71 17.76 -83.40
CA VAL Q 77 -92.20 16.60 -82.71
C VAL Q 77 -90.68 16.69 -82.63
N PRO Q 78 -90.11 16.46 -81.43
CA PRO Q 78 -88.64 16.41 -81.27
C PRO Q 78 -88.12 15.34 -82.21
N ILE Q 79 -87.05 15.57 -82.96
CA ILE Q 79 -86.52 14.55 -83.87
C ILE Q 79 -86.00 13.30 -83.17
N SER Q 80 -85.69 13.42 -81.88
CA SER Q 80 -85.30 12.25 -81.09
C SER Q 80 -86.45 11.23 -81.03
N SER Q 81 -87.68 11.67 -81.28
CA SER Q 81 -88.80 10.75 -81.24
C SER Q 81 -89.13 10.19 -82.63
N LEU Q 82 -88.33 10.54 -83.64
CA LEU Q 82 -88.67 10.17 -85.02
C LEU Q 82 -87.50 9.50 -85.70
N TRP Q 83 -87.77 8.57 -86.59
CA TRP Q 83 -86.70 8.23 -87.54
C TRP Q 83 -86.48 9.42 -88.49
N VAL Q 84 -85.22 9.72 -88.76
CA VAL Q 84 -84.77 10.81 -89.60
C VAL Q 84 -83.71 10.25 -90.57
N PRO Q 85 -83.75 10.62 -91.84
CA PRO Q 85 -82.75 10.12 -92.79
C PRO Q 85 -81.33 10.49 -92.38
N ASP Q 86 -80.39 9.56 -92.53
CA ASP Q 86 -79.01 9.74 -92.16
C ASP Q 86 -78.23 10.50 -93.23
N LEU Q 87 -78.76 11.65 -93.63
CA LEU Q 87 -78.09 12.46 -94.64
C LEU Q 87 -76.75 13.00 -94.21
N ALA Q 88 -75.80 13.01 -95.15
CA ALA Q 88 -74.53 13.68 -94.89
C ALA Q 88 -74.08 14.41 -96.14
N ALA Q 89 -73.39 15.53 -95.94
CA ALA Q 89 -72.76 16.22 -97.06
C ALA Q 89 -71.36 15.64 -97.19
N TYR Q 90 -71.09 15.05 -98.33
CA TYR Q 90 -69.83 14.32 -98.63
C TYR Q 90 -68.59 15.18 -98.73
N ASN Q 91 -68.77 16.45 -99.09
CA ASN Q 91 -67.64 17.37 -99.13
C ASN Q 91 -67.61 18.38 -97.95
N ALA Q 92 -68.32 18.04 -96.88
CA ALA Q 92 -68.29 18.85 -95.65
C ALA Q 92 -66.97 18.65 -94.93
N ILE Q 93 -66.44 19.73 -94.37
CA ILE Q 93 -65.14 19.65 -93.67
C ILE Q 93 -65.31 20.13 -92.22
N SER Q 94 -66.55 20.34 -91.80
CA SER Q 94 -66.88 20.56 -90.38
C SER Q 94 -68.17 19.79 -90.07
N LYS Q 95 -68.46 19.56 -88.79
CA LYS Q 95 -69.79 18.99 -88.46
C LYS Q 95 -70.90 20.00 -88.73
N PRO Q 96 -72.08 19.52 -89.14
CA PRO Q 96 -73.22 20.43 -89.33
C PRO Q 96 -73.56 21.03 -87.95
N GLU Q 97 -73.40 22.35 -87.79
CA GLU Q 97 -73.90 23.10 -86.66
C GLU Q 97 -75.38 23.45 -86.90
N VAL Q 98 -76.25 22.86 -86.09
CA VAL Q 98 -77.71 23.10 -86.19
C VAL Q 98 -78.06 24.31 -85.33
N LEU Q 99 -78.64 25.35 -85.94
CA LEU Q 99 -78.83 26.63 -85.29
C LEU Q 99 -80.21 26.78 -84.69
N THR Q 100 -81.14 25.90 -85.05
CA THR Q 100 -82.56 26.03 -84.70
C THR Q 100 -83.03 24.89 -83.81
N PRO Q 101 -84.19 25.05 -83.19
CA PRO Q 101 -84.78 23.96 -82.40
C PRO Q 101 -85.01 22.68 -83.23
N GLN Q 102 -84.69 21.53 -82.64
CA GLN Q 102 -84.63 20.28 -83.42
C GLN Q 102 -86.00 19.60 -83.42
N LEU Q 103 -86.97 20.28 -84.03
CA LEU Q 103 -88.33 19.80 -84.12
C LEU Q 103 -88.73 19.60 -85.59
N ALA Q 104 -89.42 18.51 -85.85
CA ALA Q 104 -89.95 18.22 -87.18
C ALA Q 104 -91.45 18.47 -87.12
N ARG Q 105 -92.01 18.82 -88.27
CA ARG Q 105 -93.46 18.96 -88.41
C ARG Q 105 -94.03 17.67 -88.98
N VAL Q 106 -94.99 17.06 -88.27
CA VAL Q 106 -95.55 15.80 -88.68
C VAL Q 106 -97.03 15.95 -89.00
N VAL Q 107 -97.40 15.55 -90.22
CA VAL Q 107 -98.81 15.62 -90.67
C VAL Q 107 -99.52 14.30 -90.37
N SER Q 108 -100.82 14.35 -90.11
CA SER Q 108 -101.58 13.13 -89.75
C SER Q 108 -101.53 11.94 -90.74
N ASP Q 109 -101.12 12.19 -92.00
CA ASP Q 109 -100.99 11.10 -92.93
C ASP Q 109 -99.61 10.46 -92.87
N GLY Q 110 -98.74 11.00 -92.03
CA GLY Q 110 -97.37 10.50 -91.89
C GLY Q 110 -96.30 11.29 -92.61
N GLU Q 111 -96.66 12.39 -93.26
CA GLU Q 111 -95.68 13.23 -93.93
C GLU Q 111 -94.91 14.00 -92.89
N VAL Q 112 -93.60 14.06 -93.09
CA VAL Q 112 -92.73 14.78 -92.16
C VAL Q 112 -91.96 15.88 -92.90
N LEU Q 113 -91.82 17.02 -92.27
CA LEU Q 113 -90.94 18.08 -92.75
C LEU Q 113 -89.97 18.43 -91.61
N TYR Q 114 -88.67 18.26 -91.86
CA TYR Q 114 -87.63 18.66 -90.94
C TYR Q 114 -86.75 19.64 -91.68
N MET Q 115 -86.63 20.85 -91.14
CA MET Q 115 -85.93 21.92 -91.85
C MET Q 115 -85.07 22.70 -90.87
N PRO Q 116 -83.95 22.12 -90.49
CA PRO Q 116 -83.00 22.82 -89.61
C PRO Q 116 -82.22 23.92 -90.33
N SER Q 117 -81.92 25.05 -89.66
CA SER Q 117 -80.90 25.95 -90.17
C SER Q 117 -79.52 25.37 -89.77
N ILE Q 118 -78.62 25.27 -90.74
CA ILE Q 118 -77.33 24.61 -90.57
C ILE Q 118 -76.20 25.55 -90.99
N ARG Q 119 -75.17 25.64 -90.15
CA ARG Q 119 -73.95 26.29 -90.53
C ARG Q 119 -72.89 25.19 -90.69
N GLN Q 120 -72.18 25.22 -91.82
CA GLN Q 120 -71.25 24.13 -92.13
C GLN Q 120 -70.25 24.65 -93.13
N ARG Q 121 -69.07 24.01 -93.14
CA ARG Q 121 -67.94 24.37 -93.99
C ARG Q 121 -67.75 23.30 -95.08
N PHE Q 122 -67.30 23.72 -96.25
CA PHE Q 122 -67.26 22.81 -97.40
C PHE Q 122 -66.04 23.00 -98.25
N SER Q 123 -65.51 21.89 -98.72
CA SER Q 123 -64.46 21.91 -99.68
C SER Q 123 -65.09 21.90 -101.08
N CYS Q 124 -64.80 22.93 -101.88
CA CYS Q 124 -65.42 23.07 -103.21
C CYS Q 124 -64.76 24.15 -104.02
N ASP Q 125 -65.13 24.22 -105.29
CA ASP Q 125 -64.54 25.16 -106.24
C ASP Q 125 -64.90 26.61 -105.93
N VAL Q 126 -63.95 27.35 -105.39
CA VAL Q 126 -64.15 28.76 -105.07
C VAL Q 126 -63.58 29.70 -106.18
N SER Q 127 -62.89 29.11 -107.17
CA SER Q 127 -62.31 29.91 -108.25
C SER Q 127 -63.38 30.69 -109.00
N GLY Q 128 -63.05 31.94 -109.33
CA GLY Q 128 -63.98 32.82 -110.03
C GLY Q 128 -64.94 33.61 -109.15
N VAL Q 129 -64.85 33.48 -107.83
CA VAL Q 129 -65.76 34.12 -106.92
C VAL Q 129 -65.81 35.67 -107.07
N ASP Q 130 -64.68 36.29 -107.43
CA ASP Q 130 -64.64 37.74 -107.57
C ASP Q 130 -64.76 38.16 -109.05
N THR Q 131 -65.36 37.31 -109.87
CA THR Q 131 -65.72 37.71 -111.22
C THR Q 131 -67.24 37.87 -111.38
N GLU Q 132 -67.66 38.29 -112.58
CA GLU Q 132 -69.08 38.38 -112.92
C GLU Q 132 -69.75 37.01 -113.13
N SER Q 133 -68.99 36.02 -113.62
CA SER Q 133 -69.52 34.67 -113.82
C SER Q 133 -69.63 33.97 -112.47
N GLY Q 134 -68.82 34.41 -111.51
CA GLY Q 134 -68.87 33.86 -110.17
C GLY Q 134 -68.26 32.48 -110.02
N ALA Q 135 -68.27 31.98 -108.79
CA ALA Q 135 -67.80 30.63 -108.49
C ALA Q 135 -68.99 29.68 -108.49
N THR Q 136 -68.72 28.39 -108.70
CA THR Q 136 -69.73 27.35 -108.59
C THR Q 136 -69.29 26.30 -107.56
N CYS Q 137 -69.91 26.34 -106.39
CA CYS Q 137 -69.64 25.40 -105.31
C CYS Q 137 -70.68 24.28 -105.34
N ARG Q 138 -70.21 23.04 -105.44
CA ARG Q 138 -71.07 21.88 -105.51
C ARG Q 138 -71.14 21.21 -104.13
N ILE Q 139 -72.33 21.06 -103.57
CA ILE Q 139 -72.49 20.35 -102.32
C ILE Q 139 -73.24 19.04 -102.56
N LYS Q 140 -72.64 17.91 -102.18
CA LYS Q 140 -73.21 16.58 -102.46
C LYS Q 140 -73.80 15.97 -101.15
N ILE Q 141 -75.10 15.65 -101.19
CA ILE Q 141 -75.78 15.16 -100.00
C ILE Q 141 -76.46 13.86 -100.29
N GLY Q 142 -76.27 12.88 -99.40
CA GLY Q 142 -76.91 11.60 -99.58
C GLY Q 142 -77.00 10.85 -98.30
N SER Q 143 -77.76 9.73 -98.31
CA SER Q 143 -77.76 8.86 -97.16
C SER Q 143 -76.38 8.27 -96.97
N TRP Q 144 -75.86 8.34 -95.74
CA TRP Q 144 -74.52 7.81 -95.44
C TRP Q 144 -74.50 6.29 -95.44
N THR Q 145 -75.57 5.64 -94.97
CA THR Q 145 -75.53 4.17 -94.84
C THR Q 145 -76.65 3.43 -95.53
N HIS Q 146 -77.61 4.12 -96.18
CA HIS Q 146 -78.70 3.40 -96.86
C HIS Q 146 -78.57 3.48 -98.37
N HIS Q 147 -78.47 2.34 -99.00
CA HIS Q 147 -78.32 2.32 -100.45
C HIS Q 147 -79.66 2.56 -101.17
N SER Q 148 -79.63 2.60 -102.51
CA SER Q 148 -80.79 3.07 -103.27
C SER Q 148 -82.06 2.26 -103.13
N ARG Q 149 -81.97 1.01 -102.67
CA ARG Q 149 -83.20 0.25 -102.44
C ARG Q 149 -83.86 0.60 -101.12
N GLU Q 150 -83.16 1.37 -100.28
CA GLU Q 150 -83.64 1.75 -98.95
C GLU Q 150 -84.00 3.23 -98.86
N ILE Q 151 -83.10 4.09 -99.34
CA ILE Q 151 -83.43 5.50 -99.46
C ILE Q 151 -83.13 6.02 -100.84
N SER Q 152 -84.09 6.74 -101.43
CA SER Q 152 -83.83 7.53 -102.62
C SER Q 152 -83.87 9.01 -102.25
N VAL Q 153 -83.01 9.81 -102.88
CA VAL Q 153 -83.01 11.26 -102.64
C VAL Q 153 -83.31 11.99 -103.93
N ASP Q 154 -84.24 12.93 -103.88
CA ASP Q 154 -84.60 13.78 -105.03
C ASP Q 154 -84.63 15.25 -104.54
N PRO Q 155 -84.43 16.20 -105.46
CA PRO Q 155 -84.71 17.62 -105.15
C PRO Q 155 -86.19 17.81 -104.83
N THR Q 156 -86.52 18.74 -103.94
CA THR Q 156 -87.91 19.18 -103.72
C THR Q 156 -88.57 19.63 -105.03
N THR Q 157 -89.70 19.01 -105.36
CA THR Q 157 -90.32 19.24 -106.69
C THR Q 157 -90.39 20.70 -107.13
N GLU Q 158 -91.02 21.56 -106.31
CA GLU Q 158 -91.55 22.84 -106.80
C GLU Q 158 -90.48 23.78 -107.35
N ASN Q 159 -90.95 24.76 -108.12
CA ASN Q 159 -90.11 25.79 -108.71
C ASN Q 159 -89.33 26.64 -107.68
N SER Q 160 -88.37 26.00 -107.00
CA SER Q 160 -87.61 26.59 -105.88
C SER Q 160 -86.78 27.85 -106.23
N ASP Q 161 -87.29 29.01 -105.82
CA ASP Q 161 -86.62 30.33 -106.02
C ASP Q 161 -85.18 30.35 -105.48
N ASP Q 162 -84.32 31.11 -106.16
CA ASP Q 162 -82.85 31.07 -106.00
C ASP Q 162 -82.33 31.49 -104.58
N SER Q 163 -81.81 32.72 -104.49
CA SER Q 163 -81.53 33.35 -103.19
C SER Q 163 -82.81 33.82 -102.49
N GLU Q 164 -83.83 32.96 -102.42
CA GLU Q 164 -85.17 33.38 -101.96
C GLU Q 164 -85.19 34.05 -100.55
N TYR Q 165 -84.51 33.43 -99.59
CA TYR Q 165 -84.32 34.06 -98.27
C TYR Q 165 -82.85 34.41 -97.99
N PHE Q 166 -82.03 34.51 -99.03
CA PHE Q 166 -80.62 34.86 -98.85
C PHE Q 166 -80.46 36.26 -98.28
N SER Q 167 -79.54 36.42 -97.34
CA SER Q 167 -79.35 37.73 -96.68
C SER Q 167 -78.93 38.82 -97.66
N GLN Q 168 -79.63 39.96 -97.60
CA GLN Q 168 -79.28 41.16 -98.35
C GLN Q 168 -78.03 41.86 -97.81
N TYR Q 169 -77.53 41.39 -96.66
CA TYR Q 169 -76.37 42.01 -96.00
C TYR Q 169 -75.10 41.21 -96.22
N SER Q 170 -75.23 40.02 -96.75
CA SER Q 170 -74.08 39.28 -97.22
C SER Q 170 -73.17 40.08 -98.16
N ARG Q 171 -71.89 39.71 -98.16
CA ARG Q 171 -70.90 40.30 -99.05
C ARG Q 171 -71.04 39.66 -100.44
N PHE Q 172 -71.83 38.58 -100.51
CA PHE Q 172 -71.94 37.80 -101.72
C PHE Q 172 -73.36 37.87 -102.19
N GLU Q 173 -73.54 37.53 -103.46
CA GLU Q 173 -74.88 37.38 -104.03
C GLU Q 173 -74.94 36.05 -104.77
N ILE Q 174 -76.13 35.49 -104.83
CA ILE Q 174 -76.34 34.19 -105.48
C ILE Q 174 -76.87 34.42 -106.90
N LEU Q 175 -76.20 33.83 -107.86
CA LEU Q 175 -76.56 33.99 -109.27
C LEU Q 175 -77.54 32.90 -109.66
N ASP Q 176 -77.34 31.70 -109.12
CA ASP Q 176 -78.10 30.53 -109.51
C ASP Q 176 -77.88 29.37 -108.55
N VAL Q 177 -78.93 28.58 -108.34
CA VAL Q 177 -78.85 27.30 -107.64
C VAL Q 177 -79.49 26.22 -108.52
N THR Q 178 -78.73 25.16 -108.83
CA THR Q 178 -79.29 24.03 -109.58
C THR Q 178 -79.01 22.74 -108.80
N GLN Q 179 -79.83 21.73 -109.00
CA GLN Q 179 -79.52 20.44 -108.43
C GLN Q 179 -79.74 19.28 -109.39
N LYS Q 180 -78.82 18.33 -109.31
CA LYS Q 180 -78.78 17.17 -110.16
C LYS Q 180 -78.68 15.93 -109.23
N LYS Q 181 -79.23 14.83 -109.70
CA LYS Q 181 -79.19 13.66 -108.87
C LYS Q 181 -78.33 12.54 -109.50
N ASN Q 182 -77.67 11.78 -108.64
CA ASN Q 182 -76.71 10.77 -109.08
C ASN Q 182 -76.92 9.46 -108.35
N SER Q 183 -76.34 8.40 -108.94
CA SER Q 183 -76.27 7.10 -108.29
C SER Q 183 -74.80 6.68 -108.24
N VAL Q 184 -74.27 6.42 -107.05
CA VAL Q 184 -72.84 6.09 -106.97
C VAL Q 184 -72.51 4.82 -106.19
N THR Q 185 -71.62 4.02 -106.74
CA THR Q 185 -71.13 2.82 -106.06
C THR Q 185 -69.76 3.08 -105.46
N TYR Q 186 -69.58 2.77 -104.19
CA TYR Q 186 -68.29 2.98 -103.52
C TYR Q 186 -67.57 1.68 -103.36
N SER Q 187 -66.25 1.77 -103.28
CA SER Q 187 -65.40 0.60 -103.21
C SER Q 187 -65.64 -0.25 -101.97
N CYS Q 188 -66.17 0.37 -100.93
CA CYS Q 188 -66.50 -0.28 -99.67
C CYS Q 188 -67.62 -1.29 -99.75
N CYS Q 189 -68.58 -1.02 -100.64
CA CYS Q 189 -69.89 -1.72 -100.62
C CYS Q 189 -70.38 -2.05 -102.06
N PRO Q 190 -71.17 -3.12 -102.24
CA PRO Q 190 -71.57 -3.55 -103.60
C PRO Q 190 -72.73 -2.74 -104.21
N GLU Q 191 -73.52 -2.04 -103.39
CA GLU Q 191 -74.74 -1.35 -103.84
C GLU Q 191 -74.56 0.13 -104.11
N ALA Q 192 -75.41 0.68 -104.98
CA ALA Q 192 -75.41 2.11 -105.32
C ALA Q 192 -76.11 2.93 -104.27
N TYR Q 193 -75.55 4.09 -103.97
CA TYR Q 193 -76.08 5.08 -103.04
C TYR Q 193 -76.48 6.35 -103.80
N GLU Q 194 -77.66 6.89 -103.50
CA GLU Q 194 -78.12 8.09 -104.20
C GLU Q 194 -77.69 9.35 -103.49
N ASP Q 195 -77.42 10.39 -104.29
CA ASP Q 195 -77.11 11.69 -103.75
C ASP Q 195 -77.77 12.80 -104.57
N VAL Q 196 -77.90 13.95 -103.93
CA VAL Q 196 -78.21 15.16 -104.65
C VAL Q 196 -76.98 16.07 -104.66
N GLU Q 197 -76.58 16.52 -105.84
CA GLU Q 197 -75.58 17.58 -105.95
C GLU Q 197 -76.25 18.95 -106.09
N VAL Q 198 -75.96 19.84 -105.15
CA VAL Q 198 -76.50 21.18 -105.20
C VAL Q 198 -75.38 22.13 -105.63
N SER Q 199 -75.58 22.76 -106.77
CA SER Q 199 -74.62 23.69 -107.30
C SER Q 199 -75.01 25.14 -107.00
N LEU Q 200 -74.24 25.74 -106.09
CA LEU Q 200 -74.38 27.15 -105.73
C LEU Q 200 -73.45 28.04 -106.59
N ASN Q 201 -74.04 28.80 -107.51
CA ASN Q 201 -73.31 29.78 -108.33
C ASN Q 201 -73.44 31.17 -107.65
N PHE Q 202 -72.31 31.71 -107.18
CA PHE Q 202 -72.31 32.93 -106.38
C PHE Q 202 -71.06 33.78 -106.63
N ARG Q 203 -71.11 35.05 -106.22
CA ARG Q 203 -69.98 35.94 -106.41
C ARG Q 203 -69.92 37.06 -105.37
N LYS Q 204 -68.73 37.63 -105.21
CA LYS Q 204 -68.56 38.84 -104.41
C LYS Q 204 -69.38 39.94 -105.06
N LYS Q 205 -70.18 40.61 -104.25
CA LYS Q 205 -70.98 41.74 -104.71
C LYS Q 205 -70.07 42.83 -105.26
N GLY Q 206 -70.53 43.54 -106.29
CA GLY Q 206 -69.76 44.61 -106.89
C GLY Q 206 -70.20 45.91 -106.25
N GLU R 1 -88.88 -15.78 -90.01
CA GLU R 1 -89.08 -14.40 -90.63
C GLU R 1 -89.13 -13.16 -89.68
N PHE R 2 -88.28 -12.18 -89.95
CA PHE R 2 -88.20 -10.94 -89.18
C PHE R 2 -88.27 -9.78 -90.14
N ASP R 3 -88.88 -8.67 -89.73
CA ASP R 3 -88.71 -7.42 -90.48
C ASP R 3 -87.63 -6.57 -89.84
N ARG R 4 -87.30 -5.42 -90.44
CA ARG R 4 -86.23 -4.57 -89.95
C ARG R 4 -86.45 -4.15 -88.51
N ALA R 5 -87.69 -3.81 -88.17
CA ALA R 5 -88.07 -3.47 -86.80
C ALA R 5 -87.71 -4.55 -85.81
N ASP R 6 -87.99 -5.82 -86.14
CA ASP R 6 -87.73 -6.96 -85.27
C ASP R 6 -86.22 -7.16 -85.10
N ILE R 7 -85.49 -7.09 -86.21
CA ILE R 7 -84.03 -7.20 -86.20
C ILE R 7 -83.40 -6.16 -85.30
N LEU R 8 -83.81 -4.91 -85.48
CA LEU R 8 -83.25 -3.80 -84.72
C LEU R 8 -83.67 -3.88 -83.24
N TYR R 9 -84.92 -4.24 -82.98
CA TYR R 9 -85.39 -4.49 -81.61
C TYR R 9 -84.50 -5.53 -80.95
N ASN R 10 -84.34 -6.68 -81.61
CA ASN R 10 -83.55 -7.77 -81.02
C ASN R 10 -82.10 -7.38 -80.74
N ILE R 11 -81.50 -6.66 -81.68
CA ILE R 11 -80.17 -6.13 -81.48
C ILE R 11 -80.15 -5.12 -80.33
N ARG R 12 -81.09 -4.17 -80.31
CA ARG R 12 -81.04 -3.18 -79.24
C ARG R 12 -81.12 -3.90 -77.90
N GLN R 13 -82.01 -4.89 -77.80
CA GLN R 13 -82.24 -5.65 -76.55
C GLN R 13 -81.15 -6.64 -76.13
N THR R 14 -80.33 -7.10 -77.06
CA THR R 14 -79.33 -8.13 -76.73
C THR R 14 -77.87 -7.73 -76.97
N SER R 15 -77.70 -6.64 -77.74
CA SER R 15 -76.48 -5.84 -77.83
C SER R 15 -75.77 -5.75 -76.49
N ARG R 16 -74.62 -6.37 -76.38
CA ARG R 16 -73.81 -6.11 -75.23
C ARG R 16 -72.65 -5.22 -75.69
N PRO R 17 -72.93 -3.94 -75.86
CA PRO R 17 -71.96 -3.01 -76.46
C PRO R 17 -70.65 -2.83 -75.64
N ASP R 18 -70.68 -3.19 -74.36
CA ASP R 18 -69.54 -3.10 -73.43
C ASP R 18 -68.63 -4.34 -73.53
N VAL R 19 -69.13 -5.33 -74.28
CA VAL R 19 -68.52 -6.66 -74.29
C VAL R 19 -67.83 -6.99 -75.61
N ILE R 20 -66.50 -7.16 -75.57
CA ILE R 20 -65.76 -7.44 -76.78
C ILE R 20 -66.19 -8.83 -77.32
N PRO R 21 -66.58 -8.94 -78.59
CA PRO R 21 -67.16 -10.19 -79.10
C PRO R 21 -66.08 -11.23 -79.39
N THR R 22 -65.32 -11.51 -78.37
CA THR R 22 -64.31 -12.51 -78.43
C THR R 22 -64.96 -13.88 -78.61
N GLN R 23 -64.39 -14.69 -79.51
CA GLN R 23 -64.93 -16.03 -79.82
C GLN R 23 -63.91 -17.16 -79.57
N ARG R 24 -63.95 -17.71 -78.35
CA ARG R 24 -63.04 -18.79 -77.94
C ARG R 24 -61.79 -18.29 -77.22
N ASP R 25 -61.73 -16.99 -76.93
CA ASP R 25 -60.49 -16.32 -76.48
C ASP R 25 -59.44 -16.24 -77.61
N ARG R 26 -59.94 -16.08 -78.83
CA ARG R 26 -59.12 -15.71 -79.98
C ARG R 26 -59.40 -14.23 -80.16
N PRO R 27 -58.41 -13.47 -80.62
CA PRO R 27 -58.61 -12.01 -80.74
C PRO R 27 -59.72 -11.68 -81.74
N VAL R 28 -60.42 -10.57 -81.54
CA VAL R 28 -61.33 -10.03 -82.55
C VAL R 28 -60.47 -9.43 -83.69
N ALA R 29 -60.59 -9.99 -84.87
CA ALA R 29 -59.90 -9.47 -86.04
C ALA R 29 -60.57 -8.19 -86.57
N VAL R 30 -59.89 -7.07 -86.39
CA VAL R 30 -60.38 -5.79 -86.87
C VAL R 30 -59.58 -5.31 -88.10
N SER R 31 -60.28 -4.93 -89.18
CA SER R 31 -59.63 -4.36 -90.35
C SER R 31 -59.88 -2.87 -90.34
N VAL R 32 -58.84 -2.11 -90.65
CA VAL R 32 -58.94 -0.65 -90.70
C VAL R 32 -58.23 -0.18 -91.94
N SER R 33 -58.79 0.86 -92.54
CA SER R 33 -58.32 1.42 -93.78
C SER R 33 -58.77 2.87 -93.76
N LEU R 34 -57.88 3.78 -94.11
CA LEU R 34 -58.23 5.20 -94.14
C LEU R 34 -58.36 5.60 -95.59
N LYS R 35 -59.51 6.18 -95.95
CA LYS R 35 -59.71 6.69 -97.32
C LYS R 35 -59.64 8.19 -97.23
N PHE R 36 -58.57 8.75 -97.76
CA PHE R 36 -58.34 10.18 -97.60
C PHE R 36 -59.23 10.99 -98.52
N ILE R 37 -59.91 11.96 -97.93
CA ILE R 37 -60.84 12.83 -98.64
C ILE R 37 -60.24 14.21 -98.88
N ASN R 38 -59.59 14.76 -97.87
CA ASN R 38 -59.02 16.08 -97.95
C ASN R 38 -57.88 16.30 -96.99
N ILE R 39 -56.97 17.18 -97.40
CA ILE R 39 -55.93 17.69 -96.54
C ILE R 39 -56.18 19.19 -96.46
N LEU R 40 -56.56 19.65 -95.28
CA LEU R 40 -57.06 21.00 -95.10
C LEU R 40 -56.00 22.01 -94.72
N GLU R 41 -54.98 21.56 -94.01
CA GLU R 41 -53.95 22.47 -93.52
C GLU R 41 -52.71 21.67 -93.21
N VAL R 42 -51.58 22.24 -93.55
CA VAL R 42 -50.31 21.60 -93.36
C VAL R 42 -49.38 22.68 -92.81
N ASN R 43 -48.52 22.30 -91.87
CA ASN R 43 -47.59 23.26 -91.28
C ASN R 43 -46.23 22.61 -91.19
N GLU R 44 -45.31 23.09 -92.03
CA GLU R 44 -43.98 22.50 -92.15
C GLU R 44 -43.07 22.92 -90.99
N ILE R 45 -43.41 24.02 -90.35
CA ILE R 45 -42.67 24.46 -89.18
C ILE R 45 -43.01 23.57 -87.99
N THR R 46 -44.32 23.37 -87.72
CA THR R 46 -44.75 22.65 -86.52
C THR R 46 -44.85 21.15 -86.74
N ASN R 47 -44.79 20.71 -88.02
CA ASN R 47 -45.00 19.31 -88.40
C ASN R 47 -46.39 18.84 -87.97
N GLU R 48 -47.41 19.56 -88.43
CA GLU R 48 -48.80 19.27 -88.10
C GLU R 48 -49.62 19.29 -89.38
N VAL R 49 -50.57 18.35 -89.47
CA VAL R 49 -51.50 18.27 -90.57
C VAL R 49 -52.95 18.12 -90.08
N ASP R 50 -53.88 18.69 -90.83
CA ASP R 50 -55.32 18.64 -90.56
C ASP R 50 -55.92 17.87 -91.74
N VAL R 51 -56.59 16.75 -91.48
CA VAL R 51 -56.99 15.82 -92.53
C VAL R 51 -58.46 15.37 -92.35
N VAL R 52 -59.12 15.04 -93.46
CA VAL R 52 -60.42 14.40 -93.46
C VAL R 52 -60.32 13.05 -94.21
N PHE R 53 -60.79 11.97 -93.57
CA PHE R 53 -60.73 10.64 -94.11
C PHE R 53 -61.94 9.83 -93.67
N TRP R 54 -62.27 8.79 -94.44
CA TRP R 54 -63.22 7.79 -94.03
C TRP R 54 -62.44 6.65 -93.34
N GLN R 55 -62.78 6.36 -92.10
CA GLN R 55 -62.09 5.34 -91.37
C GLN R 55 -62.88 4.06 -91.52
N GLN R 56 -62.60 3.33 -92.57
CA GLN R 56 -63.34 2.10 -92.87
C GLN R 56 -62.94 1.05 -91.86
N THR R 57 -63.88 0.61 -91.03
CA THR R 57 -63.63 -0.34 -89.94
C THR R 57 -64.58 -1.48 -90.02
N THR R 58 -64.03 -2.69 -89.86
CA THR R 58 -64.71 -3.91 -90.18
C THR R 58 -64.34 -4.95 -89.12
N TRP R 59 -65.34 -5.70 -88.68
CA TRP R 59 -65.14 -6.78 -87.73
C TRP R 59 -66.36 -7.66 -87.68
N SER R 60 -66.24 -8.74 -86.94
CA SER R 60 -67.32 -9.70 -86.81
C SER R 60 -67.81 -9.78 -85.36
N ASP R 61 -69.12 -9.72 -85.18
CA ASP R 61 -69.75 -9.96 -83.88
C ASP R 61 -70.94 -10.89 -84.03
N ARG R 62 -70.72 -12.14 -83.70
CA ARG R 62 -71.67 -13.19 -84.00
C ARG R 62 -72.92 -13.17 -83.09
N THR R 63 -72.82 -12.45 -81.96
CA THR R 63 -73.98 -12.20 -81.09
C THR R 63 -75.02 -11.33 -81.78
N LEU R 64 -74.65 -10.69 -82.88
CA LEU R 64 -75.57 -9.86 -83.66
C LEU R 64 -76.33 -10.66 -84.72
N ALA R 65 -75.82 -11.85 -85.03
CA ALA R 65 -76.33 -12.63 -86.14
C ALA R 65 -77.79 -13.01 -86.00
N TRP R 66 -78.47 -13.10 -87.14
CA TRP R 66 -79.84 -13.57 -87.17
C TRP R 66 -80.09 -14.39 -88.44
N ASN R 67 -81.10 -15.23 -88.40
CA ASN R 67 -81.45 -16.04 -89.54
C ASN R 67 -82.15 -15.17 -90.57
N SER R 68 -81.54 -14.98 -91.73
CA SER R 68 -82.09 -14.09 -92.74
C SER R 68 -82.67 -14.81 -93.96
N SER R 69 -83.11 -16.05 -93.75
CA SER R 69 -83.60 -16.88 -94.87
C SER R 69 -84.78 -16.23 -95.56
N HIS R 70 -85.61 -15.55 -94.78
CA HIS R 70 -86.81 -14.93 -95.28
C HIS R 70 -86.91 -13.52 -94.74
N SER R 71 -85.74 -12.92 -94.43
CA SER R 71 -85.62 -11.59 -93.78
C SER R 71 -84.59 -10.71 -94.49
N PRO R 72 -84.68 -9.39 -94.33
CA PRO R 72 -83.57 -8.50 -94.74
C PRO R 72 -82.26 -9.03 -94.16
N ASP R 73 -81.21 -9.01 -94.96
CA ASP R 73 -79.95 -9.55 -94.49
C ASP R 73 -78.95 -8.48 -94.02
N GLN R 74 -79.33 -7.19 -94.04
CA GLN R 74 -78.51 -6.09 -93.52
C GLN R 74 -79.38 -5.01 -92.88
N VAL R 75 -78.86 -4.34 -91.87
CA VAL R 75 -79.51 -3.19 -91.26
C VAL R 75 -78.48 -2.10 -90.84
N SER R 76 -78.93 -0.85 -90.81
CA SER R 76 -78.17 0.22 -90.17
C SER R 76 -78.47 0.32 -88.67
N VAL R 77 -77.42 0.37 -87.84
CA VAL R 77 -77.56 0.31 -86.40
C VAL R 77 -76.76 1.46 -85.74
N PRO R 78 -77.36 2.21 -84.83
CA PRO R 78 -76.62 3.26 -84.10
C PRO R 78 -75.47 2.61 -83.34
N ILE R 79 -74.26 3.14 -83.40
CA ILE R 79 -73.12 2.46 -82.79
C ILE R 79 -73.28 2.35 -81.28
N SER R 80 -74.13 3.18 -80.67
CA SER R 80 -74.41 3.05 -79.22
C SER R 80 -75.06 1.68 -78.87
N SER R 81 -75.65 1.01 -79.87
CA SER R 81 -76.23 -0.29 -79.65
C SER R 81 -75.28 -1.45 -79.99
N LEU R 82 -74.03 -1.14 -80.34
CA LEU R 82 -73.07 -2.16 -80.75
C LEU R 82 -71.77 -1.99 -79.97
N TRP R 83 -71.07 -3.09 -79.74
CA TRP R 83 -69.65 -2.98 -79.40
C TRP R 83 -68.91 -2.49 -80.63
N VAL R 84 -67.97 -1.58 -80.39
CA VAL R 84 -67.14 -0.98 -81.44
C VAL R 84 -65.72 -1.01 -80.93
N PRO R 85 -64.74 -1.33 -81.78
CA PRO R 85 -63.35 -1.39 -81.32
C PRO R 85 -62.90 -0.03 -80.80
N ASP R 86 -62.08 -0.03 -79.75
CA ASP R 86 -61.65 1.21 -79.09
C ASP R 86 -60.39 1.75 -79.80
N LEU R 87 -60.50 2.00 -81.11
CA LEU R 87 -59.33 2.48 -81.88
C LEU R 87 -58.96 3.91 -81.58
N ALA R 88 -57.67 4.18 -81.58
CA ALA R 88 -57.22 5.55 -81.41
C ALA R 88 -56.01 5.82 -82.29
N ALA R 89 -55.86 7.06 -82.76
CA ALA R 89 -54.66 7.42 -83.51
C ALA R 89 -53.65 7.91 -82.49
N TYR R 90 -52.51 7.23 -82.37
CA TYR R 90 -51.48 7.57 -81.36
C TYR R 90 -50.78 8.91 -81.57
N ASN R 91 -50.75 9.40 -82.81
CA ASN R 91 -50.15 10.72 -83.07
C ASN R 91 -51.19 11.81 -83.34
N ALA R 92 -52.46 11.57 -82.98
CA ALA R 92 -53.49 12.62 -83.06
C ALA R 92 -53.25 13.68 -81.99
N ILE R 93 -53.42 14.93 -82.37
CA ILE R 93 -53.27 16.05 -81.46
C ILE R 93 -54.60 16.83 -81.36
N SER R 94 -55.68 16.25 -81.87
CA SER R 94 -56.99 16.78 -81.61
C SER R 94 -57.91 15.57 -81.50
N LYS R 95 -59.04 15.77 -80.85
CA LYS R 95 -60.05 14.72 -80.80
C LYS R 95 -60.66 14.49 -82.18
N PRO R 96 -60.97 13.24 -82.48
CA PRO R 96 -61.61 12.91 -83.75
C PRO R 96 -62.94 13.67 -83.84
N GLU R 97 -63.07 14.48 -84.88
CA GLU R 97 -64.36 15.09 -85.19
C GLU R 97 -65.08 14.20 -86.23
N VAL R 98 -66.15 13.53 -85.79
CA VAL R 98 -66.97 12.70 -86.65
C VAL R 98 -67.96 13.56 -87.43
N LEU R 99 -67.87 13.51 -88.75
CA LEU R 99 -68.69 14.37 -89.59
C LEU R 99 -69.99 13.72 -90.02
N THR R 100 -70.14 12.42 -89.82
CA THR R 100 -71.26 11.69 -90.43
C THR R 100 -72.17 11.07 -89.39
N PRO R 101 -73.41 10.66 -89.78
CA PRO R 101 -74.29 9.93 -88.85
C PRO R 101 -73.59 8.69 -88.30
N GLN R 102 -73.68 8.50 -86.98
CA GLN R 102 -72.95 7.42 -86.32
C GLN R 102 -73.71 6.09 -86.36
N LEU R 103 -73.76 5.51 -87.56
CA LEU R 103 -74.49 4.27 -87.83
C LEU R 103 -73.55 3.27 -88.45
N ALA R 104 -73.70 2.02 -88.04
CA ALA R 104 -72.88 0.96 -88.59
C ALA R 104 -73.82 0.06 -89.46
N ARG R 105 -73.25 -0.55 -90.46
CA ARG R 105 -74.01 -1.48 -91.23
C ARG R 105 -73.70 -2.88 -90.70
N VAL R 106 -74.74 -3.66 -90.38
CA VAL R 106 -74.64 -4.99 -89.81
C VAL R 106 -75.26 -5.99 -90.76
N VAL R 107 -74.49 -6.99 -91.15
CA VAL R 107 -74.95 -8.11 -91.96
C VAL R 107 -75.45 -9.26 -91.07
N SER R 108 -76.38 -10.03 -91.60
CA SER R 108 -77.05 -11.08 -90.80
C SER R 108 -76.11 -12.16 -90.25
N ASP R 109 -74.90 -12.29 -90.79
CA ASP R 109 -73.91 -13.22 -90.23
C ASP R 109 -73.07 -12.58 -89.10
N GLY R 110 -73.33 -11.31 -88.79
CA GLY R 110 -72.61 -10.66 -87.71
C GLY R 110 -71.43 -9.79 -88.16
N GLU R 111 -71.22 -9.67 -89.48
CA GLU R 111 -70.20 -8.75 -90.01
C GLU R 111 -70.68 -7.33 -89.82
N VAL R 112 -69.77 -6.47 -89.41
CA VAL R 112 -70.13 -5.06 -89.16
C VAL R 112 -69.20 -4.16 -89.98
N LEU R 113 -69.78 -3.13 -90.59
CA LEU R 113 -69.00 -2.09 -91.24
C LEU R 113 -69.36 -0.76 -90.60
N TYR R 114 -68.39 -0.12 -89.96
CA TYR R 114 -68.55 1.21 -89.46
C TYR R 114 -67.53 2.08 -90.21
N MET R 115 -67.98 3.20 -90.78
CA MET R 115 -67.14 3.98 -91.70
C MET R 115 -67.46 5.44 -91.56
N PRO R 116 -67.09 6.02 -90.40
CA PRO R 116 -67.32 7.46 -90.16
C PRO R 116 -66.36 8.32 -90.98
N SER R 117 -66.80 9.52 -91.35
CA SER R 117 -65.89 10.53 -91.90
C SER R 117 -65.33 11.29 -90.70
N ILE R 118 -64.02 11.42 -90.65
CA ILE R 118 -63.39 12.01 -89.50
C ILE R 118 -62.50 13.14 -89.95
N ARG R 119 -62.63 14.27 -89.27
CA ARG R 119 -61.64 15.34 -89.33
C ARG R 119 -60.75 15.35 -88.09
N GLN R 120 -59.44 15.32 -88.28
CA GLN R 120 -58.53 15.22 -87.14
C GLN R 120 -57.17 15.81 -87.49
N ARG R 121 -56.45 16.30 -86.47
CA ARG R 121 -55.13 16.88 -86.68
C ARG R 121 -54.09 15.89 -86.16
N PHE R 122 -52.92 15.83 -86.80
CA PHE R 122 -51.86 14.93 -86.45
C PHE R 122 -50.48 15.56 -86.42
N SER R 123 -49.63 14.99 -85.59
CA SER R 123 -48.25 15.37 -85.56
C SER R 123 -47.53 14.31 -86.37
N CYS R 124 -46.82 14.78 -87.40
CA CYS R 124 -46.12 13.92 -88.33
C CYS R 124 -45.17 14.69 -89.22
N ASP R 125 -44.40 13.96 -90.02
CA ASP R 125 -43.37 14.52 -90.86
C ASP R 125 -43.92 15.24 -92.09
N VAL R 126 -43.92 16.56 -92.01
CA VAL R 126 -44.44 17.40 -93.08
C VAL R 126 -43.29 17.86 -94.01
N SER R 127 -42.05 17.52 -93.68
CA SER R 127 -40.92 17.93 -94.49
C SER R 127 -40.98 17.39 -95.92
N GLY R 128 -40.63 18.25 -96.88
CA GLY R 128 -40.68 17.94 -98.28
C GLY R 128 -42.07 18.08 -98.93
N VAL R 129 -43.07 18.61 -98.23
CA VAL R 129 -44.43 18.72 -98.78
C VAL R 129 -44.51 19.54 -100.09
N ASP R 130 -43.57 20.47 -100.27
CA ASP R 130 -43.55 21.36 -101.44
C ASP R 130 -42.49 20.95 -102.54
N THR R 131 -42.05 19.70 -102.49
CA THR R 131 -41.08 19.14 -103.45
C THR R 131 -41.76 18.02 -104.20
N GLU R 132 -41.17 17.61 -105.32
CA GLU R 132 -41.77 16.58 -106.14
C GLU R 132 -41.97 15.22 -105.47
N SER R 133 -41.05 14.82 -104.58
CA SER R 133 -41.22 13.56 -103.86
C SER R 133 -42.19 13.67 -102.69
N GLY R 134 -42.50 14.89 -102.28
CA GLY R 134 -43.56 15.13 -101.30
C GLY R 134 -43.18 14.77 -99.87
N ALA R 135 -44.14 14.95 -98.97
CA ALA R 135 -43.99 14.60 -97.58
C ALA R 135 -44.59 13.22 -97.36
N THR R 136 -44.14 12.54 -96.31
CA THR R 136 -44.76 11.29 -95.88
C THR R 136 -45.18 11.37 -94.41
N CYS R 137 -46.48 11.49 -94.21
CA CYS R 137 -47.08 11.62 -92.88
C CYS R 137 -47.59 10.24 -92.47
N ARG R 138 -47.13 9.78 -91.32
CA ARG R 138 -47.48 8.47 -90.84
C ARG R 138 -48.54 8.57 -89.77
N ILE R 139 -49.65 7.84 -89.94
CA ILE R 139 -50.70 7.82 -88.91
C ILE R 139 -50.79 6.44 -88.25
N LYS R 140 -50.64 6.40 -86.92
CA LYS R 140 -50.60 5.12 -86.23
C LYS R 140 -51.93 4.87 -85.52
N ILE R 141 -52.59 3.74 -85.80
CA ILE R 141 -53.91 3.46 -85.25
C ILE R 141 -53.96 2.06 -84.64
N GLY R 142 -54.46 1.96 -83.42
CA GLY R 142 -54.62 0.65 -82.79
C GLY R 142 -55.63 0.69 -81.65
N SER R 143 -55.96 -0.46 -81.11
CA SER R 143 -56.80 -0.48 -79.94
C SER R 143 -56.06 0.21 -78.78
N TRP R 144 -56.74 1.14 -78.13
CA TRP R 144 -56.20 1.81 -76.97
C TRP R 144 -55.99 0.89 -75.74
N THR R 145 -56.92 -0.04 -75.49
CA THR R 145 -56.87 -0.84 -74.29
C THR R 145 -56.87 -2.35 -74.47
N HIS R 146 -56.96 -2.86 -75.69
CA HIS R 146 -57.01 -4.30 -75.90
C HIS R 146 -55.73 -4.78 -76.56
N HIS R 147 -55.01 -5.65 -75.88
CA HIS R 147 -53.76 -6.17 -76.40
C HIS R 147 -53.97 -7.23 -77.48
N SER R 148 -52.86 -7.75 -78.00
CA SER R 148 -52.87 -8.60 -79.19
C SER R 148 -53.66 -9.92 -79.09
N ARG R 149 -53.89 -10.43 -77.89
CA ARG R 149 -54.76 -11.60 -77.73
C ARG R 149 -56.24 -11.28 -77.67
N GLU R 150 -56.58 -10.01 -77.77
CA GLU R 150 -57.95 -9.57 -77.64
C GLU R 150 -58.41 -8.91 -78.94
N ILE R 151 -57.54 -8.07 -79.52
CA ILE R 151 -57.80 -7.36 -80.78
C ILE R 151 -56.55 -7.44 -81.64
N SER R 152 -56.73 -7.89 -82.86
CA SER R 152 -55.69 -7.73 -83.86
C SER R 152 -56.19 -6.71 -84.87
N VAL R 153 -55.28 -5.90 -85.39
CA VAL R 153 -55.62 -4.92 -86.40
C VAL R 153 -54.83 -5.22 -87.64
N ASP R 154 -55.54 -5.20 -88.75
CA ASP R 154 -54.96 -5.54 -90.03
C ASP R 154 -55.42 -4.48 -91.01
N PRO R 155 -54.61 -4.16 -92.00
CA PRO R 155 -55.10 -3.31 -93.10
C PRO R 155 -56.18 -4.09 -93.90
N THR R 156 -57.25 -3.42 -94.31
CA THR R 156 -58.29 -3.96 -95.23
C THR R 156 -57.66 -4.67 -96.43
N THR R 157 -58.25 -5.79 -96.86
CA THR R 157 -57.64 -6.66 -97.90
C THR R 157 -57.67 -6.09 -99.33
N GLU R 158 -58.78 -5.45 -99.70
CA GLU R 158 -59.01 -5.01 -101.09
C GLU R 158 -58.62 -3.55 -101.37
N ASN R 159 -57.44 -3.37 -101.97
CA ASN R 159 -56.92 -2.03 -102.26
C ASN R 159 -57.34 -1.51 -103.62
N SER R 160 -58.04 -0.37 -103.60
CA SER R 160 -58.30 0.38 -104.84
C SER R 160 -57.69 1.80 -104.76
N ASP R 161 -57.73 2.54 -105.88
CA ASP R 161 -57.06 3.85 -106.03
C ASP R 161 -56.92 4.67 -104.73
N ASP R 162 -55.70 5.08 -104.41
CA ASP R 162 -55.41 5.84 -103.19
C ASP R 162 -56.14 7.20 -103.13
N SER R 163 -56.34 7.81 -104.29
CA SER R 163 -57.02 9.10 -104.37
C SER R 163 -58.44 8.98 -105.00
N GLU R 164 -59.01 7.78 -104.90
CA GLU R 164 -60.36 7.50 -105.39
C GLU R 164 -61.42 8.50 -104.89
N TYR R 165 -61.32 8.84 -103.61
CA TYR R 165 -62.32 9.71 -103.00
C TYR R 165 -61.74 11.05 -102.62
N PHE R 166 -60.44 11.24 -102.92
CA PHE R 166 -59.74 12.48 -102.57
C PHE R 166 -60.26 13.64 -103.39
N SER R 167 -60.54 14.74 -102.72
CA SER R 167 -61.03 15.94 -103.39
C SER R 167 -60.12 16.53 -104.49
N GLN R 168 -60.69 16.72 -105.67
CA GLN R 168 -59.99 17.36 -106.77
C GLN R 168 -59.79 18.85 -106.52
N TYR R 169 -60.44 19.38 -105.47
CA TYR R 169 -60.31 20.80 -105.14
C TYR R 169 -59.31 21.12 -104.04
N SER R 170 -58.77 20.08 -103.40
CA SER R 170 -57.65 20.23 -102.47
C SER R 170 -56.47 20.93 -103.10
N ARG R 171 -55.68 21.57 -102.24
CA ARG R 171 -54.42 22.24 -102.64
C ARG R 171 -53.29 21.20 -102.74
N PHE R 172 -53.56 19.99 -102.30
CA PHE R 172 -52.57 18.93 -102.27
C PHE R 172 -52.99 17.79 -103.18
N GLU R 173 -52.09 16.89 -103.47
CA GLU R 173 -52.40 15.68 -104.19
C GLU R 173 -51.71 14.53 -103.50
N ILE R 174 -52.31 13.34 -103.62
CA ILE R 174 -51.79 12.16 -102.96
C ILE R 174 -50.96 11.35 -103.93
N LEU R 175 -49.72 11.08 -103.54
CA LEU R 175 -48.83 10.32 -104.41
C LEU R 175 -48.98 8.82 -104.15
N ASP R 176 -49.12 8.46 -102.88
CA ASP R 176 -49.14 7.08 -102.47
C ASP R 176 -49.65 6.91 -101.03
N VAL R 177 -50.35 5.82 -100.80
CA VAL R 177 -50.77 5.42 -99.45
C VAL R 177 -50.31 3.95 -99.24
N THR R 178 -49.50 3.72 -98.21
CA THR R 178 -49.12 2.36 -97.82
C THR R 178 -49.44 2.09 -96.36
N GLN R 179 -49.61 0.80 -96.02
CA GLN R 179 -49.90 0.38 -94.64
C GLN R 179 -48.84 -0.60 -94.06
N LYS R 180 -48.82 -0.74 -92.74
CA LYS R 180 -47.79 -1.57 -92.07
C LYS R 180 -48.34 -2.04 -90.72
N LYS R 181 -48.20 -3.32 -90.37
CA LYS R 181 -48.64 -3.79 -89.06
C LYS R 181 -47.50 -3.71 -88.08
N ASN R 182 -47.77 -3.23 -86.86
CA ASN R 182 -46.75 -3.35 -85.79
C ASN R 182 -47.29 -3.93 -84.50
N SER R 183 -46.43 -4.58 -83.74
CA SER R 183 -46.82 -5.01 -82.42
C SER R 183 -45.88 -4.35 -81.45
N VAL R 184 -46.45 -3.53 -80.57
CA VAL R 184 -45.66 -2.72 -79.67
C VAL R 184 -46.00 -2.97 -78.16
N THR R 185 -44.95 -3.16 -77.39
CA THR R 185 -45.04 -3.16 -75.95
C THR R 185 -44.68 -1.80 -75.34
N TYR R 186 -45.57 -1.28 -74.50
CA TYR R 186 -45.45 0.04 -73.88
C TYR R 186 -45.04 -0.16 -72.44
N SER R 187 -44.29 0.79 -71.89
CA SER R 187 -43.80 0.71 -70.52
C SER R 187 -44.88 0.56 -69.44
N CYS R 188 -46.13 0.86 -69.79
CA CYS R 188 -47.27 0.81 -68.85
C CYS R 188 -47.72 -0.59 -68.46
N CYS R 189 -47.37 -1.57 -69.28
CA CYS R 189 -48.08 -2.88 -69.33
C CYS R 189 -47.22 -3.97 -69.96
N PRO R 190 -47.36 -5.22 -69.55
CA PRO R 190 -46.48 -6.30 -70.04
C PRO R 190 -46.81 -6.77 -71.47
N GLU R 191 -48.05 -6.55 -71.92
CA GLU R 191 -48.56 -7.11 -73.20
C GLU R 191 -48.26 -6.30 -74.46
N ALA R 192 -48.27 -6.97 -75.63
CA ALA R 192 -48.10 -6.32 -76.92
C ALA R 192 -49.45 -5.82 -77.49
N TYR R 193 -49.43 -4.64 -78.10
CA TYR R 193 -50.62 -4.02 -78.69
C TYR R 193 -50.39 -3.85 -80.16
N GLU R 194 -51.40 -4.18 -80.98
CA GLU R 194 -51.23 -4.12 -82.42
C GLU R 194 -51.63 -2.75 -82.93
N ASP R 195 -50.94 -2.30 -83.96
CA ASP R 195 -51.31 -1.08 -84.65
C ASP R 195 -51.17 -1.19 -86.18
N VAL R 196 -51.93 -0.40 -86.89
CA VAL R 196 -51.60 -0.19 -88.29
C VAL R 196 -51.02 1.20 -88.46
N GLU R 197 -49.90 1.27 -89.15
CA GLU R 197 -49.32 2.54 -89.56
C GLU R 197 -49.72 2.87 -91.00
N VAL R 198 -50.42 3.96 -91.19
CA VAL R 198 -50.79 4.39 -92.53
C VAL R 198 -49.90 5.53 -93.00
N SER R 199 -49.13 5.29 -94.05
CA SER R 199 -48.21 6.30 -94.57
C SER R 199 -48.80 7.03 -95.77
N LEU R 200 -49.13 8.29 -95.56
CA LEU R 200 -49.67 9.17 -96.59
C LEU R 200 -48.55 9.99 -97.27
N ASN R 201 -48.21 9.62 -98.49
CA ASN R 201 -47.23 10.38 -99.29
C ASN R 201 -47.98 11.38 -100.14
N PHE R 202 -47.76 12.67 -99.86
CA PHE R 202 -48.55 13.73 -100.49
C PHE R 202 -47.68 14.95 -100.75
N ARG R 203 -48.14 15.80 -101.67
CA ARG R 203 -47.41 17.01 -101.95
C ARG R 203 -48.37 18.13 -102.27
N LYS R 204 -47.87 19.37 -102.20
CA LYS R 204 -48.61 20.58 -102.58
C LYS R 204 -48.68 20.58 -104.12
N LYS R 205 -49.82 20.93 -104.71
CA LYS R 205 -49.92 21.03 -106.17
C LYS R 205 -49.04 22.15 -106.75
N GLY R 206 -48.56 21.95 -107.98
CA GLY R 206 -47.78 22.96 -108.67
C GLY R 206 -48.49 24.31 -108.78
N ARG R 207 -47.69 25.38 -108.88
CA ARG R 207 -48.25 26.73 -108.94
C ARG R 207 -49.32 26.89 -110.07
N SER R 208 -49.11 26.17 -111.18
CA SER R 208 -50.13 26.04 -112.23
C SER R 208 -51.28 25.11 -111.82
N GLU S 1 -66.59 -20.05 -62.54
CA GLU S 1 -66.16 -19.64 -63.92
C GLU S 1 -67.05 -18.55 -64.58
N PHE S 2 -66.43 -17.48 -65.10
CA PHE S 2 -67.11 -16.34 -65.73
C PHE S 2 -66.50 -16.09 -67.11
N ASP S 3 -67.33 -15.66 -68.05
CA ASP S 3 -66.77 -15.08 -69.27
C ASP S 3 -66.82 -13.57 -69.16
N ARG S 4 -66.25 -12.90 -70.16
CA ARG S 4 -66.12 -11.45 -70.18
C ARG S 4 -67.45 -10.80 -69.97
N ALA S 5 -68.47 -11.29 -70.67
CA ALA S 5 -69.84 -10.79 -70.51
C ALA S 5 -70.32 -10.76 -69.06
N ASP S 6 -70.10 -11.86 -68.33
CA ASP S 6 -70.49 -11.99 -66.92
C ASP S 6 -69.70 -11.02 -66.04
N ILE S 7 -68.39 -10.97 -66.24
CA ILE S 7 -67.58 -10.02 -65.51
C ILE S 7 -68.10 -8.59 -65.70
N LEU S 8 -68.37 -8.22 -66.96
CA LEU S 8 -68.78 -6.85 -67.25
C LEU S 8 -70.20 -6.55 -66.77
N TYR S 9 -71.08 -7.52 -66.87
CA TYR S 9 -72.43 -7.41 -66.32
C TYR S 9 -72.34 -7.21 -64.79
N ASN S 10 -71.54 -8.02 -64.12
CA ASN S 10 -71.45 -7.91 -62.66
C ASN S 10 -70.91 -6.56 -62.23
N ILE S 11 -69.87 -6.07 -62.91
CA ILE S 11 -69.31 -4.76 -62.63
C ILE S 11 -70.33 -3.70 -62.88
N ARG S 12 -70.98 -3.76 -64.03
CA ARG S 12 -72.01 -2.79 -64.35
C ARG S 12 -73.15 -2.75 -63.33
N GLN S 13 -73.57 -3.92 -62.83
CA GLN S 13 -74.71 -3.98 -61.90
C GLN S 13 -74.35 -3.54 -60.47
N THR S 14 -73.08 -3.63 -60.11
CA THR S 14 -72.70 -3.37 -58.71
C THR S 14 -71.71 -2.20 -58.61
N SER S 15 -71.48 -1.59 -59.77
CA SER S 15 -70.75 -0.34 -59.93
C SER S 15 -71.41 0.70 -59.05
N ARG S 16 -70.63 1.27 -58.15
CA ARG S 16 -71.02 2.44 -57.40
C ARG S 16 -70.02 3.56 -57.80
N PRO S 17 -70.11 4.01 -59.05
CA PRO S 17 -69.22 5.04 -59.60
C PRO S 17 -69.07 6.33 -58.77
N ASP S 18 -70.04 6.61 -57.91
CA ASP S 18 -69.98 7.79 -57.06
C ASP S 18 -69.31 7.49 -55.72
N VAL S 19 -68.90 6.24 -55.49
CA VAL S 19 -68.37 5.89 -54.17
C VAL S 19 -66.87 5.63 -54.19
N ILE S 20 -66.11 6.48 -53.50
CA ILE S 20 -64.66 6.30 -53.36
C ILE S 20 -64.40 4.97 -52.65
N PRO S 21 -63.58 4.09 -53.24
CA PRO S 21 -63.36 2.73 -52.75
C PRO S 21 -62.39 2.70 -51.60
N THR S 22 -62.71 3.50 -50.60
CA THR S 22 -61.96 3.55 -49.36
C THR S 22 -62.04 2.21 -48.64
N GLN S 23 -60.88 1.69 -48.25
CA GLN S 23 -60.79 0.55 -47.33
C GLN S 23 -60.62 1.12 -45.92
N ARG S 24 -61.47 0.69 -45.00
CA ARG S 24 -61.52 1.21 -43.63
C ARG S 24 -60.80 2.55 -43.32
N ASP S 25 -59.62 2.50 -42.70
CA ASP S 25 -58.95 3.73 -42.21
C ASP S 25 -57.93 4.27 -43.25
N ARG S 26 -58.16 4.00 -44.53
CA ARG S 26 -57.10 4.26 -45.49
C ARG S 26 -57.48 5.12 -46.69
N PRO S 27 -56.62 6.07 -47.01
CA PRO S 27 -56.78 6.80 -48.26
C PRO S 27 -56.64 5.83 -49.45
N VAL S 28 -57.43 6.03 -50.48
CA VAL S 28 -57.17 5.37 -51.77
C VAL S 28 -55.84 5.86 -52.36
N ALA S 29 -54.89 4.95 -52.57
CA ALA S 29 -53.60 5.35 -53.10
C ALA S 29 -53.69 5.43 -54.62
N VAL S 30 -53.54 6.64 -55.17
CA VAL S 30 -53.63 6.87 -56.58
C VAL S 30 -52.26 7.23 -57.11
N SER S 31 -51.82 6.53 -58.14
CA SER S 31 -50.57 6.84 -58.81
C SER S 31 -50.87 7.60 -60.11
N VAL S 32 -50.07 8.64 -60.37
CA VAL S 32 -50.26 9.48 -61.56
C VAL S 32 -48.93 9.74 -62.17
N SER S 33 -48.94 9.73 -63.49
CA SER S 33 -47.71 9.94 -64.24
C SER S 33 -48.09 10.45 -65.59
N LEU S 34 -47.37 11.46 -66.07
CA LEU S 34 -47.70 12.09 -67.34
C LEU S 34 -46.67 11.68 -68.37
N LYS S 35 -47.14 11.07 -69.46
CA LYS S 35 -46.22 10.70 -70.53
C LYS S 35 -46.44 11.70 -71.64
N PHE S 36 -45.47 12.55 -71.86
CA PHE S 36 -45.66 13.65 -72.78
C PHE S 36 -45.48 13.16 -74.19
N ILE S 37 -46.43 13.51 -75.04
CA ILE S 37 -46.43 13.06 -76.43
C ILE S 37 -46.08 14.22 -77.37
N ASN S 38 -46.60 15.40 -77.08
CA ASN S 38 -46.38 16.59 -77.90
C ASN S 38 -46.57 17.89 -77.16
N ILE S 39 -45.84 18.89 -77.60
CA ILE S 39 -46.01 20.25 -77.16
C ILE S 39 -46.40 21.02 -78.43
N LEU S 40 -47.60 21.57 -78.44
CA LEU S 40 -48.18 22.07 -79.68
C LEU S 40 -48.06 23.55 -79.87
N GLU S 41 -48.00 24.25 -78.75
CA GLU S 41 -47.91 25.69 -78.77
C GLU S 41 -47.35 26.21 -77.46
N VAL S 42 -46.45 27.16 -77.59
CA VAL S 42 -45.79 27.74 -76.48
C VAL S 42 -45.83 29.27 -76.73
N ASN S 43 -46.12 30.03 -75.69
CA ASN S 43 -46.13 31.48 -75.80
C ASN S 43 -45.35 32.06 -74.66
N GLU S 44 -44.17 32.63 -74.97
CA GLU S 44 -43.25 33.13 -73.94
C GLU S 44 -43.73 34.46 -73.36
N ILE S 45 -44.58 35.15 -74.11
CA ILE S 45 -45.18 36.40 -73.63
C ILE S 45 -46.27 36.14 -72.59
N THR S 46 -47.19 35.23 -72.91
CA THR S 46 -48.30 34.94 -71.99
C THR S 46 -48.05 33.85 -70.97
N ASN S 47 -46.91 33.14 -71.10
CA ASN S 47 -46.56 32.02 -70.23
C ASN S 47 -47.67 30.95 -70.30
N GLU S 48 -47.97 30.53 -71.53
CA GLU S 48 -48.97 29.51 -71.77
C GLU S 48 -48.43 28.42 -72.70
N VAL S 49 -48.79 27.18 -72.41
CA VAL S 49 -48.35 26.02 -73.21
C VAL S 49 -49.55 25.11 -73.50
N ASP S 50 -49.55 24.54 -74.70
CA ASP S 50 -50.58 23.63 -75.16
C ASP S 50 -49.88 22.30 -75.31
N VAL S 51 -50.38 21.24 -74.66
CA VAL S 51 -49.65 19.98 -74.53
C VAL S 51 -50.57 18.76 -74.67
N VAL S 52 -50.00 17.67 -75.19
CA VAL S 52 -50.66 16.38 -75.27
C VAL S 52 -49.86 15.36 -74.50
N PHE S 53 -50.55 14.66 -73.60
CA PHE S 53 -49.92 13.74 -72.71
C PHE S 53 -50.86 12.54 -72.42
N TRP S 54 -50.26 11.40 -72.10
CA TRP S 54 -51.01 10.29 -71.56
C TRP S 54 -50.98 10.40 -70.03
N GLN S 55 -52.15 10.42 -69.40
CA GLN S 55 -52.20 10.57 -67.96
C GLN S 55 -52.41 9.21 -67.37
N GLN S 56 -51.29 8.53 -67.09
CA GLN S 56 -51.32 7.18 -66.57
C GLN S 56 -51.78 7.21 -65.09
N THR S 57 -52.97 6.64 -64.84
CA THR S 57 -53.60 6.70 -63.55
C THR S 57 -53.97 5.33 -63.12
N THR S 58 -53.64 5.05 -61.87
CA THR S 58 -53.67 3.72 -61.31
C THR S 58 -54.19 3.80 -59.88
N TRP S 59 -55.04 2.83 -59.52
CA TRP S 59 -55.56 2.72 -58.17
C TRP S 59 -56.22 1.38 -58.04
N SER S 60 -56.59 1.08 -56.80
CA SER S 60 -57.18 -0.21 -56.49
C SER S 60 -58.61 -0.01 -56.00
N ASP S 61 -59.53 -0.81 -56.52
CA ASP S 61 -60.91 -0.84 -56.07
C ASP S 61 -61.38 -2.28 -55.97
N ARG S 62 -61.36 -2.77 -54.74
CA ARG S 62 -61.58 -4.16 -54.47
C ARG S 62 -63.02 -4.59 -54.68
N THR S 63 -63.97 -3.67 -54.61
CA THR S 63 -65.36 -3.99 -54.97
C THR S 63 -65.47 -4.49 -56.43
N LEU S 64 -64.43 -4.26 -57.24
CA LEU S 64 -64.46 -4.71 -58.65
C LEU S 64 -63.95 -6.15 -58.82
N ALA S 65 -63.22 -6.62 -57.81
CA ALA S 65 -62.54 -7.92 -57.84
C ALA S 65 -63.48 -9.08 -58.14
N TRP S 66 -62.95 -10.07 -58.86
CA TRP S 66 -63.65 -11.32 -59.06
C TRP S 66 -62.63 -12.45 -59.04
N ASN S 67 -63.11 -13.67 -58.80
CA ASN S 67 -62.31 -14.88 -58.85
C ASN S 67 -62.02 -15.28 -60.29
N SER S 68 -60.76 -15.21 -60.68
CA SER S 68 -60.36 -15.55 -62.03
C SER S 68 -59.50 -16.82 -62.14
N SER S 69 -59.72 -17.78 -61.23
CA SER S 69 -59.03 -19.08 -61.32
C SER S 69 -59.35 -19.73 -62.64
N HIS S 70 -60.58 -19.56 -63.11
CA HIS S 70 -61.01 -20.13 -64.38
C HIS S 70 -61.71 -19.10 -65.25
N SER S 71 -61.20 -17.86 -65.24
CA SER S 71 -61.81 -16.77 -65.99
C SER S 71 -60.76 -15.80 -66.52
N PRO S 72 -61.11 -14.99 -67.51
CA PRO S 72 -60.24 -13.88 -67.91
C PRO S 72 -59.86 -13.07 -66.69
N ASP S 73 -58.62 -12.63 -66.59
CA ASP S 73 -58.24 -11.90 -65.41
C ASP S 73 -58.19 -10.36 -65.58
N GLN S 74 -58.57 -9.85 -66.76
CA GLN S 74 -58.58 -8.42 -67.08
C GLN S 74 -59.69 -8.13 -68.04
N VAL S 75 -60.31 -6.96 -67.88
CA VAL S 75 -61.31 -6.48 -68.85
C VAL S 75 -61.18 -4.96 -69.07
N SER S 76 -61.69 -4.49 -70.23
CA SER S 76 -61.83 -3.05 -70.47
C SER S 76 -63.24 -2.62 -70.06
N VAL S 77 -63.34 -1.55 -69.27
CA VAL S 77 -64.61 -1.10 -68.71
C VAL S 77 -64.78 0.40 -68.97
N PRO S 78 -65.96 0.81 -69.46
CA PRO S 78 -66.21 2.26 -69.65
C PRO S 78 -66.04 2.92 -68.32
N ILE S 79 -65.41 4.09 -68.24
CA ILE S 79 -65.21 4.77 -66.94
C ILE S 79 -66.51 5.19 -66.27
N SER S 80 -67.58 5.33 -67.06
CA SER S 80 -68.90 5.64 -66.51
C SER S 80 -69.39 4.53 -65.56
N SER S 81 -68.85 3.32 -65.68
CA SER S 81 -69.24 2.23 -64.78
C SER S 81 -68.30 2.09 -63.58
N LEU S 82 -67.33 2.99 -63.44
CA LEU S 82 -66.28 2.84 -62.42
C LEU S 82 -66.18 4.14 -61.60
N TRP S 83 -65.86 4.04 -60.32
CA TRP S 83 -65.34 5.23 -59.66
C TRP S 83 -63.95 5.54 -60.26
N VAL S 84 -63.71 6.82 -60.49
CA VAL S 84 -62.46 7.34 -61.04
C VAL S 84 -62.05 8.53 -60.14
N PRO S 85 -60.75 8.68 -59.82
CA PRO S 85 -60.31 9.79 -58.96
C PRO S 85 -60.66 11.14 -59.60
N ASP S 86 -61.13 12.10 -58.82
CA ASP S 86 -61.48 13.43 -59.32
C ASP S 86 -60.23 14.33 -59.46
N LEU S 87 -59.28 13.89 -60.30
CA LEU S 87 -58.03 14.62 -60.47
C LEU S 87 -58.23 15.84 -61.30
N ALA S 88 -57.56 16.92 -60.93
CA ALA S 88 -57.54 18.13 -61.74
C ALA S 88 -56.17 18.76 -61.76
N ALA S 89 -55.85 19.40 -62.90
CA ALA S 89 -54.61 20.18 -63.00
C ALA S 89 -54.89 21.59 -62.53
N TYR S 90 -54.22 21.99 -61.45
CA TYR S 90 -54.45 23.29 -60.80
C TYR S 90 -54.06 24.52 -61.63
N ASN S 91 -53.06 24.38 -62.49
CA ASN S 91 -52.75 25.47 -63.39
C ASN S 91 -53.30 25.30 -64.85
N ALA S 92 -54.28 24.43 -65.05
CA ALA S 92 -54.88 24.29 -66.37
C ALA S 92 -55.69 25.54 -66.66
N ILE S 93 -55.66 25.98 -67.90
CA ILE S 93 -56.46 27.13 -68.29
C ILE S 93 -57.50 26.73 -69.36
N SER S 94 -57.57 25.42 -69.63
CA SER S 94 -58.61 24.86 -70.52
C SER S 94 -59.10 23.57 -69.88
N LYS S 95 -60.32 23.12 -70.21
CA LYS S 95 -60.78 21.79 -69.76
C LYS S 95 -59.94 20.70 -70.47
N PRO S 96 -59.67 19.58 -69.80
CA PRO S 96 -58.89 18.52 -70.45
C PRO S 96 -59.69 18.06 -71.68
N GLU S 97 -59.07 17.97 -72.84
CA GLU S 97 -59.70 17.36 -74.02
C GLU S 97 -59.20 15.90 -74.05
N VAL S 98 -60.10 14.96 -73.81
CA VAL S 98 -59.75 13.55 -73.89
C VAL S 98 -59.78 13.06 -75.34
N LEU S 99 -58.64 12.57 -75.82
CA LEU S 99 -58.52 12.22 -77.25
C LEU S 99 -58.80 10.72 -77.55
N THR S 100 -58.86 9.90 -76.51
CA THR S 100 -58.96 8.45 -76.64
C THR S 100 -60.26 7.90 -76.10
N PRO S 101 -60.61 6.66 -76.46
CA PRO S 101 -61.79 5.99 -75.85
C PRO S 101 -61.71 5.98 -74.33
N GLN S 102 -62.83 6.25 -73.70
CA GLN S 102 -62.85 6.41 -72.26
C GLN S 102 -63.04 5.08 -71.48
N LEU S 103 -62.06 4.18 -71.65
CA LEU S 103 -62.12 2.84 -71.11
C LEU S 103 -60.97 2.67 -70.14
N ALA S 104 -61.22 1.98 -69.02
CA ALA S 104 -60.18 1.63 -68.09
C ALA S 104 -59.96 0.13 -68.16
N ARG S 105 -58.76 -0.29 -67.87
CA ARG S 105 -58.41 -1.68 -67.80
C ARG S 105 -58.51 -2.08 -66.33
N VAL S 106 -59.24 -3.17 -66.04
CA VAL S 106 -59.52 -3.62 -64.71
C VAL S 106 -58.99 -5.02 -64.55
N VAL S 107 -58.14 -5.23 -63.55
CA VAL S 107 -57.62 -6.56 -63.25
C VAL S 107 -58.53 -7.22 -62.20
N SER S 108 -58.53 -8.53 -62.14
CA SER S 108 -59.45 -9.29 -61.29
C SER S 108 -59.20 -9.07 -59.81
N ASP S 109 -58.02 -8.58 -59.43
CA ASP S 109 -57.80 -8.27 -58.02
C ASP S 109 -58.32 -6.87 -57.63
N GLY S 110 -58.90 -6.15 -58.60
CA GLY S 110 -59.38 -4.80 -58.37
C GLY S 110 -58.47 -3.65 -58.79
N GLU S 111 -57.29 -3.95 -59.33
CA GLU S 111 -56.40 -2.89 -59.82
C GLU S 111 -56.98 -2.30 -61.11
N VAL S 112 -56.95 -0.97 -61.18
CA VAL S 112 -57.46 -0.27 -62.34
C VAL S 112 -56.34 0.58 -62.95
N LEU S 113 -56.23 0.53 -64.26
CA LEU S 113 -55.37 1.44 -65.03
C LEU S 113 -56.24 2.21 -66.02
N TYR S 114 -56.33 3.53 -65.83
CA TYR S 114 -56.97 4.46 -66.73
C TYR S 114 -55.88 5.39 -67.27
N MET S 115 -55.71 5.42 -68.60
CA MET S 115 -54.65 6.16 -69.24
C MET S 115 -55.16 6.92 -70.52
N PRO S 116 -55.95 7.98 -70.34
CA PRO S 116 -56.45 8.77 -71.49
C PRO S 116 -55.30 9.62 -72.12
N SER S 117 -55.36 9.84 -73.43
CA SER S 117 -54.55 10.89 -74.02
C SER S 117 -55.29 12.23 -73.86
N ILE S 118 -54.60 13.22 -73.33
CA ILE S 118 -55.25 14.46 -73.00
C ILE S 118 -54.57 15.60 -73.68
N ARG S 119 -55.37 16.48 -74.28
CA ARG S 119 -54.84 17.76 -74.72
C ARG S 119 -55.35 18.86 -73.77
N GLN S 120 -54.44 19.67 -73.28
CA GLN S 120 -54.81 20.71 -72.31
C GLN S 120 -53.81 21.88 -72.32
N ARG S 121 -54.30 23.08 -72.08
CA ARG S 121 -53.45 24.27 -71.99
C ARG S 121 -53.18 24.61 -70.53
N PHE S 122 -51.93 25.03 -70.24
CA PHE S 122 -51.52 25.34 -68.86
C PHE S 122 -50.90 26.73 -68.81
N SER S 123 -50.98 27.33 -67.63
CA SER S 123 -50.25 28.55 -67.30
C SER S 123 -49.02 28.10 -66.53
N CYS S 124 -47.84 28.41 -67.06
CA CYS S 124 -46.60 28.06 -66.41
C CYS S 124 -45.40 28.82 -66.97
N ASP S 125 -44.24 28.62 -66.36
CA ASP S 125 -43.00 29.31 -66.73
C ASP S 125 -42.46 28.87 -68.10
N VAL S 126 -42.64 29.72 -69.10
CA VAL S 126 -42.15 29.41 -70.43
C VAL S 126 -40.80 30.09 -70.71
N SER S 127 -40.32 30.93 -69.80
CA SER S 127 -39.05 31.62 -69.99
C SER S 127 -37.91 30.65 -70.19
N GLY S 128 -36.99 31.02 -71.08
CA GLY S 128 -35.86 30.18 -71.44
C GLY S 128 -36.13 29.07 -72.45
N VAL S 129 -37.35 28.97 -72.98
CA VAL S 129 -37.69 27.91 -73.95
C VAL S 129 -36.73 27.84 -75.15
N ASP S 130 -36.10 28.95 -75.50
CA ASP S 130 -35.23 28.97 -76.67
C ASP S 130 -33.75 29.15 -76.28
N THR S 131 -33.43 28.83 -75.03
CA THR S 131 -32.04 28.74 -74.57
C THR S 131 -31.62 27.28 -74.57
N GLU S 132 -30.40 26.99 -74.15
CA GLU S 132 -29.86 25.63 -74.11
C GLU S 132 -30.41 24.89 -72.90
N SER S 133 -30.63 25.65 -71.83
CA SER S 133 -31.09 25.12 -70.56
C SER S 133 -32.58 24.84 -70.62
N GLY S 134 -33.29 25.50 -71.54
CA GLY S 134 -34.71 25.31 -71.75
C GLY S 134 -35.61 25.94 -70.71
N ALA S 135 -36.92 25.80 -70.92
CA ALA S 135 -37.91 26.23 -69.96
C ALA S 135 -38.27 25.05 -69.06
N THR S 136 -38.79 25.35 -67.86
CA THR S 136 -39.39 24.32 -67.02
C THR S 136 -40.80 24.72 -66.65
N CYS S 137 -41.75 24.00 -67.22
CA CYS S 137 -43.15 24.12 -66.98
C CYS S 137 -43.59 23.11 -65.89
N ARG S 138 -44.20 23.60 -64.82
CA ARG S 138 -44.64 22.79 -63.69
C ARG S 138 -46.15 22.56 -63.78
N ILE S 139 -46.56 21.29 -63.75
CA ILE S 139 -47.99 20.98 -63.79
C ILE S 139 -48.36 20.33 -62.46
N LYS S 140 -49.39 20.89 -61.83
CA LYS S 140 -49.82 20.48 -60.50
C LYS S 140 -51.12 19.70 -60.59
N ILE S 141 -51.09 18.42 -60.23
CA ILE S 141 -52.30 17.59 -60.31
C ILE S 141 -52.65 16.94 -58.97
N GLY S 142 -53.92 17.02 -58.59
CA GLY S 142 -54.37 16.46 -57.32
C GLY S 142 -55.86 16.20 -57.28
N SER S 143 -56.33 15.49 -56.26
CA SER S 143 -57.78 15.36 -56.13
C SER S 143 -58.37 16.73 -55.82
N TRP S 144 -59.46 17.06 -56.50
CA TRP S 144 -60.12 18.34 -56.28
C TRP S 144 -60.89 18.45 -54.97
N THR S 145 -61.59 17.38 -54.60
CA THR S 145 -62.40 17.43 -53.41
C THR S 145 -62.02 16.44 -52.31
N HIS S 146 -61.07 15.52 -52.52
CA HIS S 146 -60.76 14.51 -51.51
C HIS S 146 -59.42 14.82 -50.84
N HIS S 147 -59.48 15.08 -49.56
CA HIS S 147 -58.27 15.41 -48.78
C HIS S 147 -57.34 14.17 -48.56
N SER S 148 -56.19 14.39 -47.92
CA SER S 148 -55.17 13.35 -47.75
C SER S 148 -55.61 12.08 -47.03
N ARG S 149 -56.62 12.14 -46.16
CA ARG S 149 -57.16 10.93 -45.55
C ARG S 149 -58.04 10.08 -46.51
N GLU S 150 -58.40 10.65 -47.65
CA GLU S 150 -59.28 9.93 -48.58
C GLU S 150 -58.55 9.57 -49.86
N ILE S 151 -57.78 10.52 -50.42
CA ILE S 151 -56.94 10.22 -51.54
C ILE S 151 -55.49 10.65 -51.27
N SER S 152 -54.56 9.76 -51.52
CA SER S 152 -53.15 10.13 -51.63
C SER S 152 -52.73 10.02 -53.09
N VAL S 153 -51.92 10.96 -53.57
CA VAL S 153 -51.38 10.89 -54.91
C VAL S 153 -49.90 10.66 -54.87
N ASP S 154 -49.45 9.75 -55.71
CA ASP S 154 -48.03 9.43 -55.79
C ASP S 154 -47.53 9.28 -57.21
N PRO S 155 -46.29 9.69 -57.47
CA PRO S 155 -45.64 9.43 -58.75
C PRO S 155 -44.99 8.09 -58.59
N THR S 156 -45.73 7.00 -58.80
CA THR S 156 -45.27 5.66 -58.36
C THR S 156 -44.32 4.92 -59.33
N THR S 157 -43.79 3.81 -58.79
CA THR S 157 -42.64 3.06 -59.29
C THR S 157 -42.55 2.84 -60.80
N GLU S 158 -41.51 3.43 -61.40
CA GLU S 158 -41.17 3.17 -62.80
C GLU S 158 -39.73 3.56 -63.13
N ASN S 159 -39.10 2.74 -63.97
CA ASN S 159 -37.82 3.09 -64.59
C ASN S 159 -38.12 3.99 -65.82
N SER S 160 -39.26 4.70 -65.73
CA SER S 160 -39.84 5.50 -66.81
C SER S 160 -38.90 6.38 -67.64
N ASP S 161 -38.67 5.96 -68.89
CA ASP S 161 -37.91 6.75 -69.87
C ASP S 161 -38.62 8.10 -70.15
N ASP S 162 -37.82 9.16 -70.37
CA ASP S 162 -38.24 10.57 -70.30
C ASP S 162 -39.29 11.03 -71.32
N SER S 163 -38.78 11.52 -72.45
CA SER S 163 -39.56 11.78 -73.65
C SER S 163 -39.67 10.49 -74.47
N GLU S 164 -39.90 9.37 -73.78
CA GLU S 164 -39.84 8.05 -74.42
C GLU S 164 -40.86 7.97 -75.56
N TYR S 165 -42.07 8.52 -75.31
CA TYR S 165 -43.20 8.51 -76.23
C TYR S 165 -43.39 9.86 -76.94
N PHE S 166 -42.44 10.75 -76.77
CA PHE S 166 -42.59 12.11 -77.28
C PHE S 166 -42.36 12.14 -78.77
N SER S 167 -43.18 12.88 -79.50
CA SER S 167 -43.07 12.94 -80.96
C SER S 167 -41.70 13.44 -81.43
N GLN S 168 -41.10 12.70 -82.35
CA GLN S 168 -39.87 13.14 -83.03
C GLN S 168 -40.11 14.32 -83.97
N TYR S 169 -41.37 14.65 -84.24
CA TYR S 169 -41.72 15.65 -85.24
C TYR S 169 -42.04 17.00 -84.61
N SER S 170 -42.21 16.98 -83.29
CA SER S 170 -42.35 18.21 -82.53
C SER S 170 -41.25 19.22 -82.82
N ARG S 171 -41.59 20.50 -82.66
CA ARG S 171 -40.64 21.59 -82.78
C ARG S 171 -39.74 21.66 -81.54
N PHE S 172 -40.13 20.93 -80.51
CA PHE S 172 -39.48 20.95 -79.20
C PHE S 172 -38.85 19.61 -78.93
N GLU S 173 -38.01 19.61 -77.90
CA GLU S 173 -37.46 18.40 -77.35
C GLU S 173 -37.50 18.46 -75.83
N ILE S 174 -37.62 17.29 -75.21
CA ILE S 174 -37.72 17.23 -73.77
C ILE S 174 -36.33 16.92 -73.23
N LEU S 175 -35.89 17.76 -72.30
CA LEU S 175 -34.62 17.57 -71.63
C LEU S 175 -34.74 16.67 -70.39
N ASP S 176 -35.79 16.87 -69.63
CA ASP S 176 -36.01 16.17 -68.38
C ASP S 176 -37.47 16.27 -67.91
N VAL S 177 -37.93 15.23 -67.24
CA VAL S 177 -39.20 15.25 -66.53
C VAL S 177 -38.93 14.78 -65.10
N THR S 178 -39.27 15.62 -64.12
CA THR S 178 -39.22 15.22 -62.71
C THR S 178 -40.58 15.39 -62.07
N GLN S 179 -40.85 14.56 -61.08
CA GLN S 179 -42.13 14.47 -60.42
C GLN S 179 -41.96 14.62 -58.90
N LYS S 180 -42.87 15.34 -58.25
CA LYS S 180 -42.66 15.74 -56.87
C LYS S 180 -44.02 15.89 -56.17
N LYS S 181 -44.18 15.28 -54.99
CA LYS S 181 -45.47 15.24 -54.30
C LYS S 181 -45.49 16.30 -53.22
N ASN S 182 -46.69 16.76 -52.88
CA ASN S 182 -46.89 17.85 -51.90
C ASN S 182 -48.20 17.63 -51.21
N SER S 183 -48.29 18.23 -50.02
CA SER S 183 -49.44 18.14 -49.15
C SER S 183 -49.79 19.57 -48.75
N VAL S 184 -50.84 20.13 -49.35
CA VAL S 184 -51.15 21.56 -49.20
C VAL S 184 -52.46 21.82 -48.47
N THR S 185 -52.44 22.80 -47.57
CA THR S 185 -53.63 23.19 -46.81
C THR S 185 -54.17 24.51 -47.39
N TYR S 186 -55.40 24.44 -47.93
CA TYR S 186 -56.07 25.62 -48.50
C TYR S 186 -56.94 26.40 -47.54
N SER S 187 -57.14 27.67 -47.87
CA SER S 187 -57.93 28.59 -47.06
C SER S 187 -59.39 28.18 -46.88
N CYS S 188 -59.97 27.54 -47.89
CA CYS S 188 -61.33 27.00 -47.86
C CYS S 188 -61.57 26.01 -46.73
N CYS S 189 -60.61 25.10 -46.54
CA CYS S 189 -60.84 23.86 -45.80
C CYS S 189 -59.71 23.55 -44.77
N PRO S 190 -60.04 22.84 -43.70
CA PRO S 190 -59.03 22.58 -42.66
C PRO S 190 -58.04 21.47 -43.04
N GLU S 191 -58.44 20.52 -43.89
CA GLU S 191 -57.57 19.38 -44.21
C GLU S 191 -56.59 19.66 -45.32
N ALA S 192 -55.55 18.85 -45.39
CA ALA S 192 -54.53 18.94 -46.42
C ALA S 192 -54.90 18.12 -47.63
N TYR S 193 -54.56 18.63 -48.81
CA TYR S 193 -54.84 17.97 -50.09
C TYR S 193 -53.54 17.65 -50.78
N GLU S 194 -53.43 16.43 -51.32
CA GLU S 194 -52.17 16.02 -51.93
C GLU S 194 -52.17 16.30 -53.42
N ASP S 195 -50.99 16.63 -53.93
CA ASP S 195 -50.79 16.86 -55.33
C ASP S 195 -49.47 16.29 -55.78
N VAL S 196 -49.38 16.01 -57.08
CA VAL S 196 -48.10 15.76 -57.69
C VAL S 196 -47.76 16.95 -58.59
N GLU S 197 -46.53 17.44 -58.48
CA GLU S 197 -46.00 18.46 -59.38
C GLU S 197 -45.05 17.84 -60.39
N VAL S 198 -45.43 17.92 -61.66
CA VAL S 198 -44.64 17.37 -62.75
C VAL S 198 -43.90 18.49 -63.45
N SER S 199 -42.58 18.45 -63.38
CA SER S 199 -41.76 19.51 -63.96
C SER S 199 -41.26 19.04 -65.32
N LEU S 200 -41.71 19.71 -66.37
CA LEU S 200 -41.32 19.43 -67.74
C LEU S 200 -40.24 20.43 -68.18
N ASN S 201 -39.00 19.95 -68.32
CA ASN S 201 -37.89 20.74 -68.81
C ASN S 201 -37.73 20.48 -70.31
N PHE S 202 -37.96 21.51 -71.12
CA PHE S 202 -38.03 21.35 -72.57
C PHE S 202 -37.50 22.59 -73.28
N ARG S 203 -37.14 22.44 -74.55
CA ARG S 203 -36.66 23.57 -75.34
C ARG S 203 -36.92 23.41 -76.82
N LYS S 204 -36.86 24.54 -77.53
CA LYS S 204 -36.93 24.55 -78.97
C LYS S 204 -35.69 23.86 -79.51
N LYS S 205 -35.88 22.90 -80.41
CA LYS S 205 -34.78 22.30 -81.17
C LYS S 205 -34.06 23.43 -81.89
N GLY S 206 -32.73 23.47 -81.74
CA GLY S 206 -31.94 24.60 -82.19
C GLY S 206 -31.19 24.27 -83.46
N GLU T 1 -74.51 3.50 -37.65
CA GLU T 1 -73.33 3.33 -38.58
C GLU T 1 -73.66 3.21 -40.08
N PHE T 2 -73.33 4.27 -40.82
CA PHE T 2 -73.44 4.29 -42.27
C PHE T 2 -72.03 4.29 -42.83
N ASP T 3 -71.81 3.63 -43.97
CA ASP T 3 -70.57 3.87 -44.68
C ASP T 3 -70.78 4.87 -45.80
N ARG T 4 -69.72 5.21 -46.52
CA ARG T 4 -69.82 6.19 -47.62
C ARG T 4 -70.86 5.78 -48.66
N ALA T 5 -70.86 4.52 -49.02
CA ALA T 5 -71.85 3.99 -49.95
C ALA T 5 -73.30 4.25 -49.52
N ASP T 6 -73.62 3.96 -48.25
CA ASP T 6 -74.93 4.26 -47.68
C ASP T 6 -75.25 5.74 -47.71
N ILE T 7 -74.30 6.58 -47.30
CA ILE T 7 -74.56 8.04 -47.26
C ILE T 7 -74.92 8.55 -48.66
N LEU T 8 -74.14 8.11 -49.63
CA LEU T 8 -74.28 8.58 -51.00
C LEU T 8 -75.51 8.00 -51.69
N TYR T 9 -75.84 6.76 -51.37
CA TYR T 9 -77.10 6.15 -51.80
C TYR T 9 -78.26 6.94 -51.27
N ASN T 10 -78.28 7.19 -49.96
CA ASN T 10 -79.38 7.92 -49.35
C ASN T 10 -79.54 9.31 -49.95
N ILE T 11 -78.44 10.01 -50.19
CA ILE T 11 -78.49 11.32 -50.81
C ILE T 11 -79.05 11.25 -52.23
N ARG T 12 -78.58 10.27 -53.04
CA ARG T 12 -79.03 10.13 -54.43
C ARG T 12 -80.54 9.85 -54.52
N GLN T 13 -81.00 8.91 -53.71
CA GLN T 13 -82.41 8.53 -53.66
C GLN T 13 -83.36 9.64 -53.16
N THR T 14 -82.91 10.52 -52.29
CA THR T 14 -83.85 11.44 -51.62
C THR T 14 -83.62 12.94 -51.86
N SER T 15 -82.57 13.25 -52.61
CA SER T 15 -82.21 14.65 -52.82
C SER T 15 -83.08 15.13 -53.96
N ARG T 16 -83.47 16.37 -53.83
CA ARG T 16 -84.40 17.00 -54.72
C ARG T 16 -83.59 18.15 -55.31
N PRO T 17 -82.90 17.89 -56.42
CA PRO T 17 -81.91 18.85 -56.98
C PRO T 17 -82.55 20.16 -57.40
N ASP T 18 -83.84 20.11 -57.71
CA ASP T 18 -84.56 21.29 -58.18
C ASP T 18 -85.27 22.06 -57.05
N VAL T 19 -85.13 21.57 -55.81
CA VAL T 19 -85.84 22.16 -54.67
C VAL T 19 -84.94 23.02 -53.77
N ILE T 20 -85.18 24.32 -53.79
CA ILE T 20 -84.36 25.22 -52.98
C ILE T 20 -84.56 24.86 -51.49
N PRO T 21 -83.49 24.59 -50.75
CA PRO T 21 -83.61 24.11 -49.36
C PRO T 21 -83.96 25.19 -48.36
N THR T 22 -85.07 25.84 -48.62
CA THR T 22 -85.58 26.91 -47.80
C THR T 22 -86.02 26.35 -46.45
N GLN T 23 -85.55 26.97 -45.34
CA GLN T 23 -85.98 26.66 -43.96
C GLN T 23 -86.78 27.78 -43.30
N ARG T 24 -87.97 27.42 -42.82
CA ARG T 24 -88.80 28.32 -42.04
C ARG T 24 -89.15 29.61 -42.78
N ASP T 25 -89.41 29.52 -44.09
CA ASP T 25 -89.72 30.72 -44.91
C ASP T 25 -88.56 31.78 -44.93
N ARG T 26 -87.36 31.38 -44.49
CA ARG T 26 -86.16 32.25 -44.54
C ARG T 26 -85.47 32.02 -45.89
N PRO T 27 -84.73 33.01 -46.36
CA PRO T 27 -83.85 32.83 -47.52
C PRO T 27 -82.72 31.84 -47.23
N VAL T 28 -82.31 31.10 -48.25
CA VAL T 28 -81.09 30.29 -48.20
C VAL T 28 -79.89 31.25 -48.24
N ALA T 29 -79.06 31.25 -47.20
CA ALA T 29 -77.90 32.10 -47.12
C ALA T 29 -76.77 31.44 -47.87
N VAL T 30 -76.35 32.07 -48.96
CA VAL T 30 -75.28 31.57 -49.77
C VAL T 30 -74.10 32.47 -49.64
N SER T 31 -72.93 31.90 -49.42
CA SER T 31 -71.70 32.70 -49.41
C SER T 31 -70.94 32.43 -50.68
N VAL T 32 -70.41 33.49 -51.28
CA VAL T 32 -69.62 33.40 -52.49
C VAL T 32 -68.36 34.22 -52.33
N SER T 33 -67.27 33.66 -52.84
CA SER T 33 -65.99 34.31 -52.81
C SER T 33 -65.23 33.80 -54.04
N LEU T 34 -64.65 34.72 -54.80
CA LEU T 34 -63.85 34.35 -55.97
C LEU T 34 -62.40 34.36 -55.60
N LYS T 35 -61.70 33.25 -55.85
CA LYS T 35 -60.25 33.20 -55.62
C LYS T 35 -59.61 33.21 -56.97
N PHE T 36 -59.03 34.35 -57.34
CA PHE T 36 -58.42 34.56 -58.64
C PHE T 36 -57.16 33.75 -58.83
N ILE T 37 -57.09 33.05 -59.95
CA ILE T 37 -55.96 32.15 -60.27
C ILE T 37 -55.08 32.74 -61.35
N ASN T 38 -55.74 33.26 -62.37
CA ASN T 38 -55.06 33.80 -63.52
C ASN T 38 -55.90 34.81 -64.28
N ILE T 39 -55.20 35.74 -64.92
CA ILE T 39 -55.83 36.67 -65.83
C ILE T 39 -55.16 36.39 -67.16
N LEU T 40 -55.91 35.89 -68.14
CA LEU T 40 -55.30 35.35 -69.35
C LEU T 40 -55.24 36.33 -70.50
N GLU T 41 -56.19 37.24 -70.53
CA GLU T 41 -56.29 38.19 -71.62
C GLU T 41 -57.05 39.41 -71.18
N VAL T 42 -56.59 40.56 -71.60
CA VAL T 42 -57.16 41.81 -71.21
C VAL T 42 -57.17 42.61 -72.48
N ASN T 43 -58.23 43.38 -72.70
CA ASN T 43 -58.28 44.23 -73.88
C ASN T 43 -58.77 45.61 -73.47
N GLU T 44 -57.86 46.58 -73.49
CA GLU T 44 -58.21 47.92 -73.02
C GLU T 44 -59.13 48.67 -73.98
N ILE T 45 -59.11 48.27 -75.26
CA ILE T 45 -60.00 48.88 -76.26
C ILE T 45 -61.44 48.40 -76.08
N THR T 46 -61.63 47.09 -75.98
CA THR T 46 -62.99 46.56 -75.87
C THR T 46 -63.53 46.50 -74.42
N ASN T 47 -62.63 46.68 -73.45
CA ASN T 47 -62.96 46.56 -72.02
C ASN T 47 -63.42 45.16 -71.69
N GLU T 48 -62.60 44.18 -72.05
CA GLU T 48 -62.93 42.79 -71.85
C GLU T 48 -61.74 42.09 -71.19
N VAL T 49 -62.05 41.14 -70.32
CA VAL T 49 -61.02 40.35 -69.61
C VAL T 49 -61.41 38.89 -69.56
N ASP T 50 -60.41 38.02 -69.65
CA ASP T 50 -60.58 36.58 -69.63
C ASP T 50 -59.89 36.14 -68.32
N VAL T 51 -60.60 35.43 -67.45
CA VAL T 51 -60.11 35.19 -66.08
C VAL T 51 -60.38 33.74 -65.65
N VAL T 52 -59.52 33.22 -64.78
CA VAL T 52 -59.73 31.94 -64.14
C VAL T 52 -59.79 32.18 -62.63
N PHE T 53 -60.85 31.68 -62.00
CA PHE T 53 -61.09 31.85 -60.58
C PHE T 53 -61.71 30.58 -60.01
N TRP T 54 -61.52 30.39 -58.71
CA TRP T 54 -62.23 29.36 -57.97
C TRP T 54 -63.44 30.06 -57.38
N GLN T 55 -64.63 29.60 -57.76
CA GLN T 55 -65.84 30.17 -57.19
C GLN T 55 -66.29 29.42 -55.95
N GLN T 56 -65.74 29.81 -54.80
CA GLN T 56 -66.02 29.17 -53.54
C GLN T 56 -67.44 29.50 -53.09
N THR T 57 -68.28 28.48 -53.02
CA THR T 57 -69.73 28.62 -52.76
C THR T 57 -70.21 27.70 -51.65
N THR T 58 -70.95 28.28 -50.73
CA THR T 58 -71.23 27.68 -49.46
C THR T 58 -72.66 27.97 -49.08
N TRP T 59 -73.35 26.95 -48.58
CA TRP T 59 -74.72 27.07 -48.15
C TRP T 59 -75.07 25.84 -47.34
N SER T 60 -76.25 25.89 -46.76
CA SER T 60 -76.72 24.82 -45.93
C SER T 60 -77.96 24.18 -46.49
N ASP T 61 -77.98 22.85 -46.48
CA ASP T 61 -79.15 22.07 -46.91
C ASP T 61 -79.41 20.92 -45.90
N ARG T 62 -80.35 21.13 -45.01
CA ARG T 62 -80.56 20.18 -43.92
C ARG T 62 -81.21 18.87 -44.40
N THR T 63 -81.79 18.85 -45.58
CA THR T 63 -82.30 17.58 -46.10
C THR T 63 -81.17 16.61 -46.42
N LEU T 64 -79.93 17.08 -46.47
CA LEU T 64 -78.82 16.22 -46.77
C LEU T 64 -78.21 15.61 -45.51
N ALA T 65 -78.61 16.13 -44.34
CA ALA T 65 -77.98 15.78 -43.06
C ALA T 65 -78.13 14.30 -42.70
N TRP T 66 -77.12 13.76 -42.03
CA TRP T 66 -77.19 12.41 -41.51
C TRP T 66 -76.46 12.34 -40.17
N ASN T 67 -76.82 11.35 -39.36
CA ASN T 67 -76.18 11.13 -38.08
C ASN T 67 -74.79 10.52 -38.32
N SER T 68 -73.71 11.24 -37.99
CA SER T 68 -72.33 10.74 -38.20
C SER T 68 -71.56 10.31 -36.92
N SER T 69 -72.31 9.98 -35.87
CA SER T 69 -71.67 9.52 -34.62
C SER T 69 -70.72 8.33 -34.85
N HIS T 70 -71.10 7.40 -35.73
CA HIS T 70 -70.23 6.29 -36.09
C HIS T 70 -70.08 6.18 -37.59
N SER T 71 -70.12 7.33 -38.24
CA SER T 71 -69.99 7.35 -39.68
C SER T 71 -69.06 8.48 -40.13
N PRO T 72 -68.55 8.38 -41.36
CA PRO T 72 -67.85 9.51 -42.00
C PRO T 72 -68.71 10.72 -41.90
N ASP T 73 -68.10 11.87 -41.68
CA ASP T 73 -68.89 13.06 -41.47
C ASP T 73 -68.88 14.01 -42.65
N GLN T 74 -68.21 13.60 -43.75
CA GLN T 74 -68.17 14.32 -45.03
C GLN T 74 -68.11 13.38 -46.22
N VAL T 75 -68.77 13.76 -47.31
CA VAL T 75 -68.61 13.03 -48.59
C VAL T 75 -68.54 14.01 -49.76
N SER T 76 -67.96 13.54 -50.88
CA SER T 76 -68.03 14.24 -52.15
C SER T 76 -69.25 13.73 -52.92
N VAL T 77 -70.03 14.66 -53.47
CA VAL T 77 -71.28 14.34 -54.14
C VAL T 77 -71.35 15.05 -55.50
N PRO T 78 -71.70 14.33 -56.57
CA PRO T 78 -71.92 14.99 -57.87
C PRO T 78 -72.97 16.09 -57.69
N ILE T 79 -72.73 17.31 -58.19
CA ILE T 79 -73.73 18.39 -58.07
C ILE T 79 -75.08 18.06 -58.75
N SER T 80 -75.09 17.12 -59.69
CA SER T 80 -76.35 16.68 -60.28
C SER T 80 -77.25 16.02 -59.21
N SER T 81 -76.67 15.54 -58.11
CA SER T 81 -77.47 14.98 -57.02
C SER T 81 -77.91 16.01 -55.96
N LEU T 82 -77.53 17.25 -56.14
CA LEU T 82 -77.71 18.27 -55.12
C LEU T 82 -78.41 19.47 -55.70
N TRP T 83 -79.13 20.22 -54.87
CA TRP T 83 -79.58 21.55 -55.27
C TRP T 83 -78.33 22.43 -55.18
N VAL T 84 -78.17 23.29 -56.16
CA VAL T 84 -77.08 24.22 -56.20
C VAL T 84 -77.65 25.61 -56.52
N PRO T 85 -77.14 26.66 -55.89
CA PRO T 85 -77.67 28.01 -56.18
C PRO T 85 -77.51 28.43 -57.65
N ASP T 86 -78.52 29.08 -58.21
CA ASP T 86 -78.49 29.36 -59.66
C ASP T 86 -77.70 30.69 -59.91
N LEU T 87 -76.43 30.73 -59.47
CA LEU T 87 -75.63 31.96 -59.56
C LEU T 87 -75.20 32.27 -60.97
N ALA T 88 -75.17 33.55 -61.29
CA ALA T 88 -74.70 33.98 -62.57
C ALA T 88 -73.88 35.23 -62.41
N ALA T 89 -72.91 35.41 -63.30
CA ALA T 89 -72.20 36.69 -63.34
C ALA T 89 -72.93 37.60 -64.35
N TYR T 90 -73.43 38.74 -63.87
CA TYR T 90 -74.25 39.64 -64.68
C TYR T 90 -73.53 40.31 -65.84
N ASN T 91 -72.23 40.51 -65.71
CA ASN T 91 -71.41 41.10 -66.80
C ASN T 91 -70.53 40.07 -67.54
N ALA T 92 -70.83 38.79 -67.37
CA ALA T 92 -70.13 37.76 -68.13
C ALA T 92 -70.56 37.87 -69.62
N ILE T 93 -69.60 37.67 -70.52
CA ILE T 93 -69.88 37.70 -71.95
C ILE T 93 -69.49 36.34 -72.56
N SER T 94 -69.18 35.37 -71.70
CA SER T 94 -69.03 33.99 -72.21
C SER T 94 -69.65 33.08 -71.21
N LYS T 95 -69.87 31.85 -71.64
CA LYS T 95 -70.47 30.85 -70.74
C LYS T 95 -69.39 30.43 -69.79
N PRO T 96 -69.73 30.21 -68.53
CA PRO T 96 -68.70 29.80 -67.55
C PRO T 96 -68.14 28.44 -67.95
N GLU T 97 -66.86 28.37 -68.21
CA GLU T 97 -66.19 27.09 -68.49
C GLU T 97 -65.66 26.49 -67.18
N VAL T 98 -66.27 25.40 -66.73
CA VAL T 98 -65.89 24.72 -65.48
C VAL T 98 -64.72 23.77 -65.78
N LEU T 99 -63.58 24.03 -65.13
CA LEU T 99 -62.37 23.30 -65.43
C LEU T 99 -62.15 22.05 -64.59
N THR T 100 -62.95 21.88 -63.53
CA THR T 100 -62.69 20.85 -62.51
C THR T 100 -63.83 19.84 -62.43
N PRO T 101 -63.60 18.67 -61.82
CA PRO T 101 -64.69 17.73 -61.50
C PRO T 101 -65.84 18.39 -60.78
N GLN T 102 -67.06 18.09 -61.21
CA GLN T 102 -68.23 18.81 -60.68
C GLN T 102 -68.79 18.08 -59.48
N LEU T 103 -68.06 18.21 -58.37
CA LEU T 103 -68.37 17.53 -57.12
C LEU T 103 -68.42 18.58 -56.02
N ALA T 104 -69.45 18.49 -55.18
CA ALA T 104 -69.49 19.28 -53.98
C ALA T 104 -69.07 18.45 -52.76
N ARG T 105 -68.63 19.14 -51.74
CA ARG T 105 -68.32 18.50 -50.47
C ARG T 105 -69.47 18.74 -49.48
N VAL T 106 -69.98 17.64 -48.92
CA VAL T 106 -71.18 17.74 -48.12
C VAL T 106 -70.84 17.25 -46.72
N VAL T 107 -71.14 18.07 -45.72
CA VAL T 107 -70.83 17.70 -44.30
C VAL T 107 -72.11 17.12 -43.70
N SER T 108 -71.97 16.25 -42.71
CA SER T 108 -73.15 15.56 -42.13
C SER T 108 -74.23 16.45 -41.47
N ASP T 109 -73.90 17.70 -41.15
CA ASP T 109 -74.93 18.65 -40.70
C ASP T 109 -75.68 19.34 -41.88
N GLY T 110 -75.33 19.00 -43.12
CA GLY T 110 -75.96 19.61 -44.28
C GLY T 110 -75.20 20.79 -44.91
N GLU T 111 -74.00 21.12 -44.38
CA GLU T 111 -73.21 22.20 -45.00
C GLU T 111 -72.62 21.71 -46.30
N VAL T 112 -72.74 22.54 -47.33
CA VAL T 112 -72.22 22.20 -48.64
C VAL T 112 -71.12 23.20 -49.01
N LEU T 113 -70.03 22.69 -49.58
CA LEU T 113 -69.03 23.52 -50.24
C LEU T 113 -68.87 23.08 -51.70
N TYR T 114 -69.16 23.98 -52.63
CA TYR T 114 -68.93 23.71 -54.04
C TYR T 114 -67.97 24.77 -54.53
N MET T 115 -66.82 24.36 -55.04
CA MET T 115 -65.77 25.30 -55.44
C MET T 115 -65.14 24.89 -56.79
N PRO T 116 -65.86 25.13 -57.87
CA PRO T 116 -65.34 24.87 -59.23
C PRO T 116 -64.28 25.90 -59.64
N SER T 117 -63.30 25.49 -60.43
CA SER T 117 -62.43 26.44 -61.09
C SER T 117 -63.15 26.79 -62.40
N ILE T 118 -63.25 28.08 -62.68
CA ILE T 118 -64.05 28.60 -63.77
C ILE T 118 -63.18 29.52 -64.60
N ARG T 119 -63.20 29.32 -65.91
CA ARG T 119 -62.66 30.29 -66.85
C ARG T 119 -63.85 30.98 -67.49
N GLN T 120 -63.82 32.31 -67.52
CA GLN T 120 -64.95 33.08 -68.04
C GLN T 120 -64.46 34.47 -68.47
N ARG T 121 -65.16 35.05 -69.44
CA ARG T 121 -64.87 36.39 -69.94
C ARG T 121 -65.90 37.38 -69.45
N PHE T 122 -65.47 38.61 -69.22
CA PHE T 122 -66.27 39.65 -68.58
C PHE T 122 -66.02 40.95 -69.29
N SER T 123 -67.08 41.73 -69.32
CA SER T 123 -67.06 43.10 -69.74
C SER T 123 -66.92 43.97 -68.51
N CYS T 124 -65.87 44.75 -68.44
CA CYS T 124 -65.61 45.58 -67.28
C CYS T 124 -64.56 46.65 -67.59
N ASP T 125 -64.33 47.53 -66.64
CA ASP T 125 -63.39 48.64 -66.81
C ASP T 125 -61.94 48.16 -66.80
N VAL T 126 -61.30 48.17 -67.97
CA VAL T 126 -59.91 47.74 -68.12
C VAL T 126 -58.95 48.96 -68.14
N SER T 127 -59.51 50.15 -68.10
CA SER T 127 -58.68 51.35 -68.17
C SER T 127 -57.69 51.41 -67.00
N GLY T 128 -56.47 51.83 -67.31
CA GLY T 128 -55.40 51.93 -66.33
C GLY T 128 -54.64 50.64 -66.03
N VAL T 129 -54.96 49.56 -66.72
CA VAL T 129 -54.32 48.27 -66.49
C VAL T 129 -52.77 48.31 -66.58
N ASP T 130 -52.24 49.19 -67.41
CA ASP T 130 -50.83 49.35 -67.67
C ASP T 130 -50.25 50.56 -66.89
N THR T 131 -51.02 51.16 -65.99
CA THR T 131 -50.49 52.11 -65.02
C THR T 131 -50.23 51.40 -63.69
N GLU T 132 -49.59 52.12 -62.78
CA GLU T 132 -49.24 51.67 -61.43
C GLU T 132 -50.46 51.40 -60.55
N SER T 133 -51.44 52.29 -60.63
CA SER T 133 -52.69 52.22 -59.87
C SER T 133 -53.55 51.08 -60.39
N GLY T 134 -53.27 50.68 -61.64
CA GLY T 134 -53.93 49.54 -62.26
C GLY T 134 -55.38 49.76 -62.67
N ALA T 135 -56.01 48.70 -63.18
CA ALA T 135 -57.42 48.71 -63.54
C ALA T 135 -58.25 48.10 -62.41
N THR T 136 -59.55 48.43 -62.41
CA THR T 136 -60.46 47.81 -61.45
C THR T 136 -61.65 47.23 -62.17
N CYS T 137 -61.67 45.91 -62.21
CA CYS T 137 -62.67 45.15 -62.93
C CYS T 137 -63.70 44.65 -61.90
N ARG T 138 -64.95 45.03 -62.07
CA ARG T 138 -66.02 44.64 -61.15
C ARG T 138 -66.76 43.44 -61.70
N ILE T 139 -66.86 42.36 -60.92
CA ILE T 139 -67.71 41.24 -61.33
C ILE T 139 -68.89 41.15 -60.39
N LYS T 140 -70.09 41.07 -60.97
CA LYS T 140 -71.33 41.07 -60.22
C LYS T 140 -71.96 39.66 -60.25
N ILE T 141 -72.13 39.05 -59.08
CA ILE T 141 -72.69 37.69 -59.02
C ILE T 141 -73.88 37.66 -58.14
N GLY T 142 -74.95 37.03 -58.63
CA GLY T 142 -76.16 36.85 -57.82
C GLY T 142 -77.03 35.72 -58.34
N SER T 143 -78.09 35.37 -57.61
CA SER T 143 -78.98 34.34 -58.12
C SER T 143 -79.72 34.93 -59.30
N TRP T 144 -79.84 34.15 -60.35
CA TRP T 144 -80.51 34.61 -61.54
C TRP T 144 -82.04 34.66 -61.42
N THR T 145 -82.65 33.76 -60.63
CA THR T 145 -84.10 33.70 -60.52
C THR T 145 -84.67 33.75 -59.12
N HIS T 146 -83.85 33.73 -58.11
CA HIS T 146 -84.36 33.82 -56.75
C HIS T 146 -84.14 35.17 -56.18
N HIS T 147 -85.21 35.82 -55.75
CA HIS T 147 -85.13 37.12 -55.08
C HIS T 147 -84.69 37.00 -53.62
N SER T 148 -84.72 38.13 -52.93
CA SER T 148 -84.07 38.30 -51.64
C SER T 148 -84.73 37.50 -50.51
N ARG T 149 -85.99 37.15 -50.68
CA ARG T 149 -86.68 36.31 -49.71
C ARG T 149 -86.33 34.84 -49.86
N GLU T 150 -85.65 34.52 -50.96
CA GLU T 150 -85.37 33.12 -51.27
C GLU T 150 -83.90 32.81 -51.19
N ILE T 151 -83.08 33.72 -51.70
CA ILE T 151 -81.61 33.57 -51.63
C ILE T 151 -80.98 34.91 -51.21
N SER T 152 -80.18 34.89 -50.15
CA SER T 152 -79.29 36.00 -49.89
C SER T 152 -77.85 35.58 -50.27
N VAL T 153 -77.08 36.53 -50.80
CA VAL T 153 -75.70 36.29 -51.14
C VAL T 153 -74.86 37.24 -50.28
N ASP T 154 -73.85 36.67 -49.62
CA ASP T 154 -72.89 37.43 -48.83
C ASP T 154 -71.49 36.95 -49.20
N PRO T 155 -70.48 37.80 -49.02
CA PRO T 155 -69.12 37.33 -49.23
C PRO T 155 -68.73 36.44 -48.06
N THR T 156 -67.81 35.49 -48.28
CA THR T 156 -67.20 34.64 -47.25
C THR T 156 -66.42 35.51 -46.26
N THR T 157 -66.81 35.53 -44.98
CA THR T 157 -66.00 36.26 -43.96
C THR T 157 -64.59 35.62 -43.91
N GLU T 158 -63.56 36.34 -44.34
CA GLU T 158 -62.25 35.71 -44.56
C GLU T 158 -60.92 36.51 -44.37
N ASN T 159 -60.07 35.96 -43.49
CA ASN T 159 -58.66 36.33 -43.33
C ASN T 159 -57.82 36.14 -44.63
N SER T 160 -58.43 35.47 -45.62
CA SER T 160 -57.76 35.02 -46.86
C SER T 160 -57.17 36.10 -47.78
N ASP T 161 -55.83 36.10 -47.87
CA ASP T 161 -55.05 36.98 -48.75
C ASP T 161 -55.50 36.93 -50.22
N ASP T 162 -55.36 38.05 -50.92
CA ASP T 162 -56.00 38.26 -52.23
C ASP T 162 -55.47 37.40 -53.38
N SER T 163 -54.35 37.83 -53.96
CA SER T 163 -53.61 37.03 -54.93
C SER T 163 -53.12 35.67 -54.35
N GLU T 164 -53.86 35.11 -53.39
CA GLU T 164 -53.29 34.09 -52.50
C GLU T 164 -53.03 32.79 -53.23
N TYR T 165 -53.84 32.54 -54.25
CA TYR T 165 -53.65 31.40 -55.14
C TYR T 165 -53.34 31.85 -56.55
N PHE T 166 -53.07 33.14 -56.75
CA PHE T 166 -52.84 33.71 -58.07
C PHE T 166 -51.51 33.28 -58.65
N SER T 167 -51.52 32.89 -59.93
CA SER T 167 -50.32 32.39 -60.59
C SER T 167 -49.19 33.42 -60.62
N GLN T 168 -47.99 32.99 -60.19
CA GLN T 168 -46.78 33.81 -60.28
C GLN T 168 -46.30 33.99 -61.73
N TYR T 169 -46.93 33.25 -62.66
CA TYR T 169 -46.48 33.22 -64.05
C TYR T 169 -47.34 34.04 -64.95
N SER T 170 -48.46 34.51 -64.41
CA SER T 170 -49.25 35.53 -65.06
C SER T 170 -48.47 36.77 -65.45
N ARG T 171 -48.93 37.41 -66.51
CA ARG T 171 -48.42 38.69 -66.98
C ARG T 171 -49.00 39.81 -66.13
N PHE T 172 -49.99 39.47 -65.31
CA PHE T 172 -50.64 40.47 -64.46
C PHE T 172 -50.37 40.18 -62.98
N GLU T 173 -50.46 41.20 -62.14
CA GLU T 173 -50.42 41.04 -60.69
C GLU T 173 -51.68 41.67 -60.07
N ILE T 174 -52.14 41.09 -58.97
CA ILE T 174 -53.31 41.58 -58.26
C ILE T 174 -52.86 42.54 -57.16
N LEU T 175 -53.45 43.73 -57.15
CA LEU T 175 -53.15 44.72 -56.14
C LEU T 175 -54.10 44.61 -54.97
N ASP T 176 -55.37 44.32 -55.26
CA ASP T 176 -56.43 44.28 -54.25
C ASP T 176 -57.69 43.62 -54.76
N VAL T 177 -58.39 42.94 -53.85
CA VAL T 177 -59.70 42.39 -54.12
C VAL T 177 -60.64 42.85 -52.98
N THR T 178 -61.71 43.55 -53.31
CA THR T 178 -62.72 43.89 -52.32
C THR T 178 -64.07 43.41 -52.80
N GLN T 179 -64.99 43.32 -51.87
CA GLN T 179 -66.36 43.01 -52.22
C GLN T 179 -67.36 43.86 -51.49
N LYS T 180 -68.53 43.95 -52.12
CA LYS T 180 -69.63 44.76 -51.67
C LYS T 180 -70.88 43.93 -51.98
N LYS T 181 -71.79 43.80 -51.02
CA LYS T 181 -73.12 43.27 -51.35
C LYS T 181 -74.09 44.40 -51.76
N ASN T 182 -74.99 44.07 -52.71
CA ASN T 182 -76.09 44.94 -53.13
C ASN T 182 -77.38 44.13 -53.19
N SER T 183 -78.49 44.87 -53.19
CA SER T 183 -79.86 44.40 -53.30
C SER T 183 -80.49 45.25 -54.43
N VAL T 184 -80.68 44.66 -55.62
CA VAL T 184 -81.12 45.43 -56.79
C VAL T 184 -82.54 45.04 -57.23
N THR T 185 -83.37 46.05 -57.46
CA THR T 185 -84.67 45.88 -58.14
C THR T 185 -84.56 46.23 -59.65
N TYR T 186 -84.92 45.27 -60.51
CA TYR T 186 -84.85 45.38 -61.98
C TYR T 186 -86.24 45.69 -62.55
N SER T 187 -86.24 46.20 -63.78
CA SER T 187 -87.47 46.61 -64.47
C SER T 187 -88.44 45.45 -64.68
N CYS T 188 -87.93 44.31 -65.11
CA CYS T 188 -88.79 43.15 -65.35
C CYS T 188 -89.72 42.85 -64.19
N CYS T 189 -89.27 43.15 -62.97
CA CYS T 189 -89.80 42.45 -61.80
C CYS T 189 -90.00 43.32 -60.52
N PRO T 190 -90.93 42.89 -59.66
CA PRO T 190 -91.22 43.65 -58.46
C PRO T 190 -90.23 43.43 -57.32
N GLU T 191 -89.51 42.32 -57.26
CA GLU T 191 -88.71 42.07 -56.07
C GLU T 191 -87.23 42.48 -56.15
N ALA T 192 -86.57 42.46 -55.02
CA ALA T 192 -85.15 42.76 -55.00
C ALA T 192 -84.32 41.47 -55.07
N TYR T 193 -83.22 41.54 -55.80
CA TYR T 193 -82.35 40.39 -56.03
C TYR T 193 -80.97 40.73 -55.48
N GLU T 194 -80.40 39.84 -54.68
CA GLU T 194 -79.13 40.17 -54.05
C GLU T 194 -77.94 39.80 -54.94
N ASP T 195 -76.89 40.61 -54.87
CA ASP T 195 -75.67 40.28 -55.57
C ASP T 195 -74.46 40.63 -54.73
N VAL T 196 -73.32 40.01 -55.06
CA VAL T 196 -72.04 40.44 -54.56
C VAL T 196 -71.24 40.98 -55.74
N GLU T 197 -70.70 42.20 -55.57
CA GLU T 197 -69.79 42.78 -56.55
C GLU T 197 -68.36 42.58 -56.05
N VAL T 198 -67.59 41.90 -56.88
CA VAL T 198 -66.20 41.63 -56.60
C VAL T 198 -65.34 42.57 -57.47
N SER T 199 -64.54 43.39 -56.78
CA SER T 199 -63.69 44.35 -57.46
C SER T 199 -62.28 43.87 -57.47
N LEU T 200 -61.81 43.53 -58.66
CA LEU T 200 -60.45 43.07 -58.89
C LEU T 200 -59.56 44.21 -59.38
N ASN T 201 -58.68 44.67 -58.51
CA ASN T 201 -57.70 45.72 -58.82
C ASN T 201 -56.40 45.02 -59.23
N PHE T 202 -56.03 45.19 -60.49
CA PHE T 202 -54.90 44.46 -61.05
C PHE T 202 -54.15 45.29 -62.09
N ARG T 203 -52.97 44.80 -62.46
CA ARG T 203 -52.17 45.49 -63.46
C ARG T 203 -51.28 44.54 -64.23
N LYS T 204 -50.87 45.01 -65.39
CA LYS T 204 -50.05 44.29 -66.29
C LYS T 204 -48.62 44.44 -65.75
N LYS T 205 -47.87 43.33 -65.64
CA LYS T 205 -46.43 43.32 -65.32
C LYS T 205 -45.59 43.76 -66.50
N GLY T 206 -44.39 44.28 -66.25
CA GLY T 206 -43.47 44.57 -67.32
C GLY T 206 -43.01 43.25 -67.95
N ARG T 207 -42.60 43.26 -69.22
CA ARG T 207 -42.15 42.02 -69.84
C ARG T 207 -40.84 41.49 -69.23
N SER T 208 -40.02 42.37 -68.65
CA SER T 208 -38.78 42.00 -67.94
C SER T 208 -38.95 41.13 -66.68
#